data_2G2B
#
_entry.id   2G2B
#
_entity_poly.entity_id   1
_entity_poly.type   'polypeptide(L)'
_entity_poly.pdbx_seq_one_letter_code
;GPLESQTRDLQGGKAFGLLKAQQEERLDEINKQFLDDPKYSSDEDLPSKLEGFKEKYMEFDLNGNGDIDIMSLKRMLEKL
GVPKTHLELKKLIGEVSSGSGETFSYPDFLRMMLGKRSAILKMILMYEEKAREKEKPTGPPAKKAISELP
;
_entity_poly.pdbx_strand_id   A
#
# COMPACT_ATOMS: atom_id res chain seq x y z
N GLY A 1 -17.17 10.22 8.54
CA GLY A 1 -17.51 10.95 9.75
C GLY A 1 -16.82 12.29 9.78
N PRO A 2 -16.45 12.80 10.96
CA PRO A 2 -15.80 14.07 11.09
C PRO A 2 -14.26 13.95 11.02
N LEU A 3 -13.72 14.28 9.85
CA LEU A 3 -12.29 14.34 9.59
C LEU A 3 -12.04 15.35 8.49
N GLU A 4 -11.60 16.51 8.88
CA GLU A 4 -11.31 17.56 7.94
C GLU A 4 -9.99 18.26 8.32
N SER A 5 -9.83 18.51 9.60
CA SER A 5 -8.67 19.17 10.11
C SER A 5 -7.54 18.20 10.37
N GLN A 6 -6.34 18.65 10.10
CA GLN A 6 -5.16 17.84 10.30
C GLN A 6 -4.64 18.01 11.69
N THR A 7 -4.89 17.04 12.52
CA THR A 7 -4.37 17.01 13.84
C THR A 7 -2.94 16.47 13.76
N ARG A 8 -1.98 17.29 14.09
CA ARG A 8 -0.61 16.88 14.01
C ARG A 8 -0.15 16.18 15.26
N ASP A 9 -0.48 14.93 15.33
CA ASP A 9 -0.05 14.09 16.43
C ASP A 9 1.33 13.58 16.10
N LEU A 10 2.22 13.65 17.06
CA LEU A 10 3.58 13.28 16.84
C LEU A 10 3.99 12.12 17.72
N GLN A 11 4.53 11.11 17.09
CA GLN A 11 5.01 9.95 17.77
C GLN A 11 6.46 10.16 18.15
N GLY A 12 6.98 9.26 18.93
CA GLY A 12 8.34 9.38 19.36
C GLY A 12 8.65 8.42 20.45
N GLY A 13 9.18 7.29 20.08
CA GLY A 13 9.51 6.28 21.04
C GLY A 13 10.55 5.35 20.50
N LYS A 14 10.16 4.13 20.20
CA LYS A 14 11.08 3.16 19.70
C LYS A 14 10.48 2.32 18.57
N ALA A 15 9.28 1.79 18.77
CA ALA A 15 8.73 0.89 17.76
C ALA A 15 7.27 1.18 17.38
N PHE A 16 6.39 1.32 18.38
CA PHE A 16 4.94 1.49 18.15
C PHE A 16 4.60 2.63 17.19
N GLY A 17 4.97 3.83 17.55
CA GLY A 17 4.66 4.97 16.73
C GLY A 17 5.57 5.09 15.52
N LEU A 18 6.56 4.25 15.47
CA LEU A 18 7.52 4.26 14.40
C LEU A 18 7.15 3.27 13.31
N LEU A 19 5.93 2.73 13.37
CA LEU A 19 5.43 1.82 12.32
C LEU A 19 5.54 2.46 10.95
N LYS A 20 4.96 3.63 10.82
CA LYS A 20 4.94 4.38 9.55
C LYS A 20 6.37 4.60 9.00
N ALA A 21 7.31 4.76 9.90
CA ALA A 21 8.71 4.97 9.55
C ALA A 21 9.41 3.66 9.16
N GLN A 22 9.31 2.65 10.02
CA GLN A 22 10.03 1.37 9.84
C GLN A 22 9.54 0.60 8.60
N GLN A 23 8.26 0.79 8.28
CA GLN A 23 7.65 0.07 7.18
C GLN A 23 8.17 0.47 5.83
N GLU A 24 8.78 1.66 5.71
CA GLU A 24 9.29 2.12 4.41
C GLU A 24 10.23 1.10 3.81
N GLU A 25 11.13 0.58 4.65
CA GLU A 25 12.10 -0.43 4.24
C GLU A 25 11.36 -1.61 3.62
N ARG A 26 10.35 -2.08 4.31
CA ARG A 26 9.50 -3.18 3.86
C ARG A 26 8.79 -2.84 2.56
N LEU A 27 8.30 -1.63 2.44
CA LEU A 27 7.60 -1.21 1.25
C LEU A 27 8.54 -1.22 0.07
N ASP A 28 9.76 -0.72 0.28
CA ASP A 28 10.77 -0.73 -0.76
C ASP A 28 11.18 -2.16 -1.11
N GLU A 29 11.21 -3.07 -0.10
CA GLU A 29 11.54 -4.49 -0.36
C GLU A 29 10.51 -5.07 -1.31
N ILE A 30 9.25 -4.86 -0.96
CA ILE A 30 8.15 -5.41 -1.70
C ILE A 30 8.09 -4.85 -3.12
N ASN A 31 8.35 -3.55 -3.27
CA ASN A 31 8.39 -2.97 -4.61
C ASN A 31 9.50 -3.58 -5.41
N LYS A 32 10.68 -3.61 -4.84
CA LYS A 32 11.85 -4.17 -5.51
C LYS A 32 11.68 -5.62 -5.91
N GLN A 33 11.13 -6.44 -5.02
CA GLN A 33 10.98 -7.85 -5.32
C GLN A 33 10.00 -8.08 -6.49
N PHE A 34 8.94 -7.30 -6.56
CA PHE A 34 8.03 -7.34 -7.70
C PHE A 34 8.65 -6.70 -8.93
N LEU A 35 9.35 -5.58 -8.74
CA LEU A 35 9.98 -4.84 -9.83
C LEU A 35 11.00 -5.73 -10.53
N ASP A 36 11.82 -6.42 -9.76
CA ASP A 36 12.85 -7.30 -10.30
C ASP A 36 12.37 -8.72 -10.51
N ASP A 37 11.07 -8.92 -10.42
CA ASP A 37 10.50 -10.21 -10.76
C ASP A 37 10.43 -10.24 -12.28
N PRO A 38 10.96 -11.30 -12.92
CA PRO A 38 11.06 -11.40 -14.39
C PRO A 38 9.76 -11.13 -15.15
N LYS A 39 8.61 -11.31 -14.49
CA LYS A 39 7.33 -11.05 -15.13
C LYS A 39 7.09 -9.56 -15.25
N TYR A 40 7.45 -8.85 -14.23
CA TYR A 40 7.16 -7.43 -14.16
C TYR A 40 8.33 -6.59 -14.64
N SER A 41 9.51 -7.19 -14.74
CA SER A 41 10.67 -6.50 -15.25
C SER A 41 10.54 -6.33 -16.77
N SER A 42 9.65 -5.45 -17.17
CA SER A 42 9.38 -5.18 -18.55
C SER A 42 8.70 -3.84 -18.71
N ASP A 43 7.83 -3.47 -17.77
CA ASP A 43 7.07 -2.27 -17.94
C ASP A 43 7.74 -1.12 -17.23
N GLU A 44 7.71 0.03 -17.85
CA GLU A 44 8.35 1.21 -17.30
C GLU A 44 7.41 1.87 -16.31
N ASP A 45 6.15 1.61 -16.48
CA ASP A 45 5.12 2.15 -15.61
C ASP A 45 5.04 1.30 -14.34
N LEU A 46 5.59 0.10 -14.44
CA LEU A 46 5.62 -0.88 -13.38
C LEU A 46 6.27 -0.32 -12.09
N PRO A 47 7.57 0.12 -12.12
CA PRO A 47 8.22 0.69 -10.93
C PRO A 47 7.54 1.98 -10.47
N SER A 48 6.91 2.67 -11.41
CA SER A 48 6.24 3.92 -11.14
C SER A 48 5.05 3.69 -10.20
N LYS A 49 4.18 2.76 -10.58
CA LYS A 49 3.04 2.43 -9.75
C LYS A 49 3.42 1.81 -8.43
N LEU A 50 4.48 1.02 -8.43
CA LEU A 50 5.03 0.50 -7.18
C LEU A 50 5.32 1.64 -6.20
N GLU A 51 6.03 2.68 -6.67
CA GLU A 51 6.31 3.86 -5.83
C GLU A 51 5.08 4.71 -5.57
N GLY A 52 4.18 4.78 -6.54
CA GLY A 52 2.94 5.54 -6.36
C GLY A 52 2.08 4.91 -5.28
N PHE A 53 1.94 3.61 -5.35
CA PHE A 53 1.22 2.85 -4.36
C PHE A 53 1.93 2.93 -3.00
N LYS A 54 3.23 2.84 -3.04
CA LYS A 54 4.09 2.99 -1.86
C LYS A 54 3.81 4.33 -1.16
N GLU A 55 3.74 5.38 -1.93
CA GLU A 55 3.43 6.72 -1.45
C GLU A 55 2.06 6.73 -0.78
N LYS A 56 1.10 6.16 -1.46
CA LYS A 56 -0.29 6.13 -0.99
C LYS A 56 -0.54 5.17 0.16
N TYR A 57 0.15 4.05 0.17
CA TYR A 57 -0.08 3.04 1.19
C TYR A 57 0.29 3.62 2.55
N MET A 58 1.41 4.30 2.60
CA MET A 58 1.86 4.95 3.82
C MET A 58 1.03 6.17 4.22
N GLU A 59 0.11 6.60 3.35
CA GLU A 59 -0.77 7.71 3.70
C GLU A 59 -1.88 7.27 4.64
N PHE A 60 -2.08 5.97 4.72
CA PHE A 60 -3.03 5.41 5.65
C PHE A 60 -2.36 5.31 7.02
N ASP A 61 -3.01 4.71 7.99
CA ASP A 61 -2.40 4.65 9.32
C ASP A 61 -1.28 3.62 9.42
N LEU A 62 -1.50 2.47 8.78
CA LEU A 62 -0.58 1.31 8.80
C LEU A 62 -0.54 0.71 10.20
N ASN A 63 -1.20 -0.41 10.36
CA ASN A 63 -1.28 -1.07 11.68
C ASN A 63 0.04 -1.76 12.03
N GLY A 64 0.02 -2.51 13.13
CA GLY A 64 1.22 -3.18 13.65
C GLY A 64 1.91 -4.13 12.67
N ASN A 65 1.18 -4.64 11.70
CA ASN A 65 1.76 -5.55 10.73
C ASN A 65 1.99 -4.81 9.41
N GLY A 66 1.68 -3.53 9.41
CA GLY A 66 1.75 -2.74 8.22
C GLY A 66 0.58 -3.01 7.34
N ASP A 67 -0.53 -3.20 7.96
CA ASP A 67 -1.74 -3.60 7.31
C ASP A 67 -2.78 -2.51 7.40
N ILE A 68 -3.75 -2.59 6.53
CA ILE A 68 -4.79 -1.58 6.43
C ILE A 68 -6.15 -2.28 6.40
N ASP A 69 -7.03 -1.90 7.32
CA ASP A 69 -8.35 -2.48 7.35
C ASP A 69 -9.28 -1.58 6.58
N ILE A 70 -10.52 -2.04 6.41
CA ILE A 70 -11.57 -1.25 5.77
C ILE A 70 -11.80 0.06 6.51
N MET A 71 -11.43 0.08 7.80
CA MET A 71 -11.54 1.27 8.64
C MET A 71 -10.50 2.31 8.26
N SER A 72 -9.23 1.93 8.25
CA SER A 72 -8.14 2.84 7.93
C SER A 72 -8.25 3.34 6.48
N LEU A 73 -8.71 2.47 5.60
CA LEU A 73 -8.89 2.82 4.20
C LEU A 73 -9.99 3.89 4.07
N LYS A 74 -11.07 3.72 4.82
CA LYS A 74 -12.16 4.68 4.76
C LYS A 74 -11.82 5.99 5.43
N ARG A 75 -10.90 5.96 6.38
CA ARG A 75 -10.39 7.17 7.05
C ARG A 75 -9.90 8.18 6.00
N MET A 76 -9.39 7.64 4.90
CA MET A 76 -8.90 8.43 3.81
C MET A 76 -10.06 9.18 3.15
N LEU A 77 -11.06 8.42 2.72
CA LEU A 77 -12.19 8.97 1.98
C LEU A 77 -13.00 9.97 2.79
N GLU A 78 -13.18 9.71 4.07
CA GLU A 78 -13.94 10.63 4.91
C GLU A 78 -13.16 11.91 5.17
N LYS A 79 -11.85 11.81 5.18
CA LYS A 79 -10.98 12.94 5.38
C LYS A 79 -10.94 13.80 4.12
N LEU A 80 -11.01 13.13 2.98
CA LEU A 80 -10.95 13.79 1.68
C LEU A 80 -12.32 14.32 1.27
N GLY A 81 -13.36 13.89 1.97
CA GLY A 81 -14.69 14.41 1.72
C GLY A 81 -15.53 13.52 0.84
N VAL A 82 -14.94 12.47 0.31
CA VAL A 82 -15.66 11.58 -0.59
C VAL A 82 -16.31 10.40 0.17
N PRO A 83 -17.65 10.35 0.21
CA PRO A 83 -18.38 9.34 0.96
C PRO A 83 -18.63 8.04 0.19
N LYS A 84 -18.55 6.93 0.90
CA LYS A 84 -18.82 5.59 0.39
C LYS A 84 -19.44 4.75 1.49
N THR A 85 -20.02 3.63 1.15
CA THR A 85 -20.62 2.78 2.14
C THR A 85 -19.60 1.73 2.54
N HIS A 86 -19.68 1.27 3.78
CA HIS A 86 -18.74 0.28 4.32
C HIS A 86 -18.79 -1.00 3.53
N LEU A 87 -19.95 -1.27 2.97
CA LEU A 87 -20.16 -2.44 2.16
C LEU A 87 -19.29 -2.40 0.91
N GLU A 88 -19.02 -1.19 0.42
CA GLU A 88 -18.22 -1.04 -0.77
C GLU A 88 -16.74 -1.30 -0.44
N LEU A 89 -16.27 -0.70 0.66
CA LEU A 89 -14.87 -0.87 1.12
C LEU A 89 -14.58 -2.34 1.39
N LYS A 90 -15.49 -2.99 2.09
CA LYS A 90 -15.34 -4.39 2.42
C LYS A 90 -15.33 -5.28 1.17
N LYS A 91 -16.07 -4.86 0.15
CA LYS A 91 -16.14 -5.59 -1.12
C LYS A 91 -14.76 -5.46 -1.81
N LEU A 92 -14.27 -4.22 -1.87
CA LEU A 92 -12.97 -3.92 -2.49
C LEU A 92 -11.82 -4.66 -1.80
N ILE A 93 -11.77 -4.56 -0.48
CA ILE A 93 -10.72 -5.23 0.28
C ILE A 93 -10.91 -6.73 0.29
N GLY A 94 -12.16 -7.18 0.30
CA GLY A 94 -12.46 -8.59 0.26
C GLY A 94 -12.06 -9.22 -1.06
N GLU A 95 -11.85 -8.39 -2.03
CA GLU A 95 -11.39 -8.82 -3.31
C GLU A 95 -9.89 -9.10 -3.22
N VAL A 96 -9.16 -8.13 -2.69
CA VAL A 96 -7.71 -8.22 -2.54
C VAL A 96 -7.30 -9.30 -1.54
N SER A 97 -7.93 -9.31 -0.39
CA SER A 97 -7.60 -10.26 0.65
C SER A 97 -8.24 -11.62 0.41
N SER A 98 -9.26 -11.62 -0.44
CA SER A 98 -10.00 -12.81 -0.86
C SER A 98 -10.80 -13.46 0.30
N GLY A 99 -10.11 -14.02 1.28
CA GLY A 99 -10.77 -14.70 2.37
C GLY A 99 -10.92 -13.84 3.62
N SER A 100 -9.96 -12.96 3.86
CA SER A 100 -9.99 -12.11 5.05
C SER A 100 -11.21 -11.16 4.98
N GLY A 101 -11.25 -10.30 3.97
CA GLY A 101 -12.42 -9.47 3.78
C GLY A 101 -12.31 -8.06 4.33
N GLU A 102 -11.58 -7.87 5.41
CA GLU A 102 -11.56 -6.58 6.06
C GLU A 102 -10.18 -5.95 6.13
N THR A 103 -9.16 -6.71 5.83
CA THR A 103 -7.81 -6.20 5.91
C THR A 103 -7.02 -6.70 4.69
N PHE A 104 -6.28 -5.82 4.03
CA PHE A 104 -5.47 -6.23 2.88
C PHE A 104 -4.00 -6.05 3.17
N SER A 105 -3.18 -6.63 2.34
CA SER A 105 -1.76 -6.52 2.49
C SER A 105 -1.16 -5.86 1.24
N TYR A 106 -0.03 -5.21 1.41
CA TYR A 106 0.70 -4.50 0.36
C TYR A 106 0.96 -5.41 -0.89
N PRO A 107 1.53 -6.67 -0.73
CA PRO A 107 1.79 -7.53 -1.89
C PRO A 107 0.52 -7.94 -2.63
N ASP A 108 -0.57 -8.13 -1.88
CA ASP A 108 -1.86 -8.54 -2.47
C ASP A 108 -2.45 -7.48 -3.33
N PHE A 109 -2.25 -6.26 -2.93
CA PHE A 109 -2.75 -5.13 -3.69
C PHE A 109 -2.00 -5.10 -5.03
N LEU A 110 -0.70 -5.41 -4.97
CA LEU A 110 0.12 -5.48 -6.16
C LEU A 110 -0.26 -6.69 -7.01
N ARG A 111 -0.60 -7.82 -6.37
CA ARG A 111 -1.06 -9.03 -7.11
C ARG A 111 -2.24 -8.65 -7.99
N MET A 112 -3.13 -7.87 -7.41
CA MET A 112 -4.34 -7.46 -8.06
C MET A 112 -4.08 -6.44 -9.18
N MET A 113 -3.24 -5.43 -8.95
CA MET A 113 -2.98 -4.43 -9.99
C MET A 113 -2.09 -4.98 -11.09
N LEU A 114 -1.08 -5.72 -10.69
CA LEU A 114 -0.09 -6.28 -11.59
C LEU A 114 -0.62 -7.49 -12.34
N GLY A 115 -1.64 -8.11 -11.78
CA GLY A 115 -2.30 -9.21 -12.46
C GLY A 115 -3.06 -8.70 -13.65
N LYS A 116 -4.04 -7.85 -13.38
CA LYS A 116 -4.83 -7.13 -14.38
C LYS A 116 -5.74 -6.12 -13.70
N ARG A 117 -6.70 -6.63 -12.96
CA ARG A 117 -7.66 -5.86 -12.20
C ARG A 117 -8.68 -6.80 -11.59
N SER A 118 -9.02 -6.56 -10.37
CA SER A 118 -10.04 -7.35 -9.70
C SER A 118 -10.79 -6.45 -8.74
N ALA A 119 -10.05 -5.57 -8.10
CA ALA A 119 -10.62 -4.64 -7.18
C ALA A 119 -10.69 -3.27 -7.81
N ILE A 120 -11.86 -2.65 -7.72
CA ILE A 120 -12.15 -1.33 -8.31
C ILE A 120 -11.20 -0.27 -7.74
N LEU A 121 -10.68 -0.53 -6.55
CA LEU A 121 -9.73 0.37 -5.93
C LEU A 121 -8.47 0.65 -6.79
N LYS A 122 -8.13 -0.27 -7.72
CA LYS A 122 -7.01 -0.02 -8.65
C LYS A 122 -7.31 1.25 -9.45
N MET A 123 -8.57 1.40 -9.82
CA MET A 123 -9.01 2.50 -10.65
C MET A 123 -8.75 3.84 -9.99
N ILE A 124 -9.14 3.96 -8.72
CA ILE A 124 -8.92 5.20 -8.00
C ILE A 124 -7.46 5.42 -7.65
N LEU A 125 -6.73 4.32 -7.48
CA LEU A 125 -5.33 4.37 -7.15
C LEU A 125 -4.54 4.86 -8.36
N MET A 126 -4.83 4.29 -9.52
CA MET A 126 -4.10 4.65 -10.73
C MET A 126 -4.68 5.90 -11.38
N TYR A 127 -5.80 6.41 -10.85
CA TYR A 127 -6.37 7.65 -11.35
C TYR A 127 -5.44 8.78 -11.02
N GLU A 128 -4.98 8.79 -9.79
CA GLU A 128 -4.02 9.76 -9.37
C GLU A 128 -2.67 9.08 -9.41
N GLU A 129 -2.14 8.95 -10.60
CA GLU A 129 -0.89 8.27 -10.75
C GLU A 129 0.29 9.21 -10.54
N LYS A 130 0.66 9.35 -9.30
CA LYS A 130 1.79 10.14 -8.90
C LYS A 130 2.84 9.20 -8.38
N ALA A 131 4.06 9.39 -8.77
CA ALA A 131 5.11 8.51 -8.35
C ALA A 131 6.34 9.29 -7.94
N ARG A 132 7.34 8.58 -7.55
CA ARG A 132 8.60 9.11 -7.15
C ARG A 132 9.59 8.04 -7.46
N GLU A 133 10.81 8.26 -7.14
CA GLU A 133 11.82 7.27 -7.27
C GLU A 133 12.70 7.25 -6.08
N LYS A 134 12.29 6.48 -5.13
CA LYS A 134 13.02 6.35 -3.90
C LYS A 134 13.55 4.97 -3.76
N GLU A 135 14.47 4.82 -2.88
CA GLU A 135 15.05 3.58 -2.60
C GLU A 135 15.49 3.57 -1.16
N LYS A 136 15.26 2.50 -0.50
CA LYS A 136 15.75 2.31 0.81
C LYS A 136 16.22 0.88 0.93
N PRO A 137 17.49 0.67 1.35
CA PRO A 137 18.08 -0.67 1.44
C PRO A 137 17.24 -1.63 2.26
N THR A 138 17.06 -2.83 1.72
CA THR A 138 16.32 -3.89 2.35
C THR A 138 16.81 -4.17 3.78
N GLY A 139 16.04 -3.74 4.74
CA GLY A 139 16.32 -3.99 6.13
C GLY A 139 15.20 -4.80 6.72
N PRO A 140 15.25 -6.12 6.62
CA PRO A 140 14.20 -6.98 7.08
C PRO A 140 14.41 -7.48 8.51
N PRO A 141 13.53 -7.11 9.44
CA PRO A 141 13.56 -7.67 10.77
C PRO A 141 12.99 -9.07 10.73
N ALA A 142 13.85 -10.07 10.85
CA ALA A 142 13.43 -11.44 10.79
C ALA A 142 12.47 -11.75 11.91
N LYS A 143 12.97 -11.68 13.15
CA LYS A 143 12.17 -11.86 14.36
C LYS A 143 11.43 -13.23 14.31
N LYS A 144 12.10 -14.23 13.78
CA LYS A 144 11.53 -15.57 13.71
C LYS A 144 11.43 -16.14 15.10
N ALA A 145 10.22 -16.35 15.54
CA ALA A 145 9.95 -16.86 16.86
C ALA A 145 8.76 -17.78 16.81
N ILE A 146 8.71 -18.72 17.70
CA ILE A 146 7.62 -19.64 17.76
C ILE A 146 6.53 -19.12 18.68
N SER A 147 5.50 -18.62 18.09
CA SER A 147 4.41 -18.10 18.84
C SER A 147 3.35 -19.17 18.97
N GLU A 148 3.31 -19.79 20.12
CA GLU A 148 2.36 -20.84 20.40
C GLU A 148 1.07 -20.25 20.91
N LEU A 149 -0.03 -20.71 20.41
CA LEU A 149 -1.31 -20.20 20.80
C LEU A 149 -1.85 -21.03 21.95
N PRO A 150 -2.21 -20.41 23.07
CA PRO A 150 -2.78 -21.10 24.22
C PRO A 150 -4.14 -21.73 23.90
N GLY A 1 27.48 5.63 -7.61
CA GLY A 1 26.34 5.87 -8.49
C GLY A 1 25.45 6.95 -7.95
N PRO A 2 24.23 7.09 -8.46
CA PRO A 2 23.28 8.13 -8.04
C PRO A 2 22.66 7.84 -6.66
N LEU A 3 22.97 6.69 -6.11
CA LEU A 3 22.43 6.33 -4.83
C LEU A 3 23.34 6.82 -3.73
N GLU A 4 23.04 7.99 -3.22
CA GLU A 4 23.78 8.52 -2.10
C GLU A 4 23.05 8.07 -0.85
N SER A 5 23.45 6.87 -0.38
CA SER A 5 22.78 6.17 0.70
C SER A 5 21.42 5.68 0.22
N GLN A 6 21.23 4.37 0.22
CA GLN A 6 19.95 3.84 -0.15
C GLN A 6 19.01 4.09 1.02
N THR A 7 19.61 4.15 2.21
CA THR A 7 18.95 4.51 3.45
C THR A 7 18.04 3.41 3.97
N ARG A 8 18.57 2.66 4.92
CA ARG A 8 17.85 1.61 5.57
C ARG A 8 18.56 1.23 6.87
N ASP A 9 18.15 1.83 7.95
CA ASP A 9 18.67 1.49 9.27
C ASP A 9 17.78 2.06 10.35
N LEU A 10 16.78 1.30 10.70
CA LEU A 10 15.84 1.63 11.74
C LEU A 10 14.93 0.45 11.88
N GLN A 11 15.07 -0.25 12.94
CA GLN A 11 14.25 -1.40 13.20
C GLN A 11 14.20 -1.61 14.69
N GLY A 12 13.08 -2.06 15.17
CA GLY A 12 12.94 -2.25 16.58
C GLY A 12 11.92 -3.29 16.88
N GLY A 13 12.24 -4.19 17.79
CA GLY A 13 11.32 -5.22 18.18
C GLY A 13 10.20 -4.65 18.98
N LYS A 14 10.53 -3.75 19.88
CA LYS A 14 9.55 -3.05 20.68
C LYS A 14 9.29 -1.70 20.04
N ALA A 15 8.27 -1.65 19.24
CA ALA A 15 7.96 -0.45 18.53
C ALA A 15 6.48 -0.31 18.33
N PHE A 16 5.93 0.71 18.90
CA PHE A 16 4.54 1.04 18.70
C PHE A 16 4.45 2.14 17.66
N GLY A 17 5.41 3.04 17.72
CA GLY A 17 5.46 4.15 16.80
C GLY A 17 6.49 3.94 15.72
N LEU A 18 7.66 3.39 16.09
CA LEU A 18 8.76 3.16 15.13
C LEU A 18 8.43 2.14 14.04
N LEU A 19 7.24 1.55 14.11
CA LEU A 19 6.77 0.68 13.04
C LEU A 19 6.65 1.50 11.78
N LYS A 20 5.94 2.62 11.90
CA LYS A 20 5.69 3.56 10.81
C LYS A 20 6.99 3.89 10.07
N ALA A 21 8.02 4.17 10.84
CA ALA A 21 9.30 4.57 10.31
C ALA A 21 10.07 3.40 9.67
N GLN A 22 10.06 2.24 10.29
CA GLN A 22 10.82 1.08 9.77
C GLN A 22 10.13 0.49 8.54
N GLN A 23 8.81 0.64 8.50
CA GLN A 23 8.00 0.16 7.40
C GLN A 23 8.27 0.92 6.13
N GLU A 24 8.80 2.14 6.25
CA GLU A 24 9.07 2.95 5.08
C GLU A 24 9.99 2.17 4.15
N GLU A 25 11.11 1.68 4.71
CA GLU A 25 12.04 0.86 3.95
C GLU A 25 11.37 -0.41 3.47
N ARG A 26 10.60 -1.06 4.35
CA ARG A 26 9.94 -2.35 4.04
C ARG A 26 9.09 -2.25 2.79
N LEU A 27 8.36 -1.18 2.67
CA LEU A 27 7.49 -0.98 1.54
C LEU A 27 8.30 -0.81 0.25
N ASP A 28 9.40 -0.07 0.33
CA ASP A 28 10.30 0.09 -0.83
C ASP A 28 10.95 -1.24 -1.17
N GLU A 29 11.27 -2.02 -0.14
CA GLU A 29 11.88 -3.34 -0.30
C GLU A 29 11.01 -4.25 -1.12
N ILE A 30 9.72 -4.27 -0.81
CA ILE A 30 8.79 -5.13 -1.52
C ILE A 30 8.74 -4.77 -3.00
N ASN A 31 8.72 -3.47 -3.31
CA ASN A 31 8.67 -2.99 -4.69
C ASN A 31 9.83 -3.52 -5.49
N LYS A 32 10.99 -3.50 -4.88
CA LYS A 32 12.25 -3.94 -5.48
C LYS A 32 12.17 -5.37 -6.03
N GLN A 33 11.47 -6.27 -5.34
CA GLN A 33 11.30 -7.65 -5.83
C GLN A 33 10.48 -7.67 -7.09
N PHE A 34 9.38 -6.95 -7.08
CA PHE A 34 8.47 -6.88 -8.21
C PHE A 34 9.08 -6.09 -9.37
N LEU A 35 9.94 -5.17 -9.03
CA LEU A 35 10.56 -4.28 -9.98
C LEU A 35 11.53 -5.07 -10.87
N ASP A 36 12.36 -5.88 -10.24
CA ASP A 36 13.35 -6.69 -10.98
C ASP A 36 12.86 -8.08 -11.32
N ASP A 37 11.61 -8.36 -11.01
CA ASP A 37 11.07 -9.71 -11.30
C ASP A 37 10.92 -9.93 -12.80
N PRO A 38 11.49 -11.04 -13.33
CA PRO A 38 11.51 -11.37 -14.78
C PRO A 38 10.19 -11.19 -15.52
N LYS A 39 9.07 -11.42 -14.85
CA LYS A 39 7.75 -11.34 -15.49
C LYS A 39 7.48 -9.89 -15.92
N TYR A 40 8.02 -8.96 -15.17
CA TYR A 40 7.82 -7.55 -15.41
C TYR A 40 8.92 -7.05 -16.32
N SER A 41 10.10 -7.66 -16.18
CA SER A 41 11.28 -7.36 -17.01
C SER A 41 11.77 -5.91 -16.81
N SER A 42 11.33 -5.29 -15.71
CA SER A 42 11.62 -3.89 -15.39
C SER A 42 11.17 -2.94 -16.51
N ASP A 43 9.92 -2.58 -16.48
CA ASP A 43 9.38 -1.66 -17.47
C ASP A 43 9.41 -0.26 -16.90
N GLU A 44 9.50 0.74 -17.76
CA GLU A 44 9.58 2.14 -17.31
C GLU A 44 8.30 2.62 -16.61
N ASP A 45 7.16 2.09 -17.00
CA ASP A 45 5.87 2.53 -16.45
C ASP A 45 5.48 1.69 -15.22
N LEU A 46 6.29 0.69 -14.97
CA LEU A 46 6.07 -0.24 -13.88
C LEU A 46 6.35 0.38 -12.47
N PRO A 47 7.55 1.03 -12.22
CA PRO A 47 7.88 1.65 -10.91
C PRO A 47 6.85 2.69 -10.49
N SER A 48 6.16 3.25 -11.47
CA SER A 48 5.17 4.28 -11.24
C SER A 48 4.02 3.72 -10.36
N LYS A 49 3.67 2.46 -10.59
CA LYS A 49 2.64 1.80 -9.81
C LYS A 49 3.13 1.44 -8.44
N LEU A 50 4.31 0.85 -8.37
CA LEU A 50 4.92 0.45 -7.10
C LEU A 50 5.13 1.63 -6.18
N GLU A 51 5.77 2.66 -6.69
CA GLU A 51 6.05 3.85 -5.88
C GLU A 51 4.78 4.59 -5.49
N GLY A 52 3.83 4.68 -6.41
CA GLY A 52 2.57 5.31 -6.12
C GLY A 52 1.82 4.58 -5.05
N PHE A 53 1.77 3.26 -5.19
CA PHE A 53 1.13 2.41 -4.22
C PHE A 53 1.86 2.41 -2.88
N LYS A 54 3.17 2.36 -2.92
CA LYS A 54 4.02 2.43 -1.72
C LYS A 54 3.70 3.66 -0.90
N GLU A 55 3.48 4.77 -1.58
CA GLU A 55 3.10 5.99 -0.91
C GLU A 55 1.70 5.83 -0.31
N LYS A 56 0.76 5.41 -1.16
CA LYS A 56 -0.62 5.22 -0.74
C LYS A 56 -0.77 4.26 0.44
N TYR A 57 -0.08 3.10 0.40
CA TYR A 57 -0.25 2.06 1.40
C TYR A 57 0.07 2.59 2.80
N MET A 58 1.17 3.30 2.90
CA MET A 58 1.58 3.86 4.17
C MET A 58 0.68 5.00 4.64
N GLU A 59 -0.03 5.64 3.70
CA GLU A 59 -0.85 6.79 4.06
C GLU A 59 -2.18 6.42 4.71
N PHE A 60 -2.64 5.19 4.50
CA PHE A 60 -3.90 4.78 5.11
C PHE A 60 -3.75 4.64 6.62
N ASP A 61 -3.14 3.57 7.04
CA ASP A 61 -2.90 3.30 8.46
C ASP A 61 -2.13 2.04 8.54
N LEU A 62 -1.02 2.08 9.19
CA LEU A 62 -0.23 0.91 9.36
C LEU A 62 -0.21 0.53 10.83
N ASN A 63 -1.05 -0.44 11.20
CA ASN A 63 -1.09 -0.90 12.59
C ASN A 63 0.10 -1.78 12.92
N GLY A 64 0.07 -2.43 14.09
CA GLY A 64 1.16 -3.28 14.57
C GLY A 64 1.61 -4.35 13.58
N ASN A 65 0.70 -4.81 12.74
CA ASN A 65 1.03 -5.84 11.77
C ASN A 65 1.38 -5.22 10.42
N GLY A 66 1.42 -3.90 10.36
CA GLY A 66 1.63 -3.20 9.09
C GLY A 66 0.46 -3.45 8.20
N ASP A 67 -0.68 -3.43 8.80
CA ASP A 67 -1.93 -3.83 8.21
C ASP A 67 -2.90 -2.66 8.11
N ILE A 68 -3.84 -2.77 7.18
CA ILE A 68 -4.85 -1.75 6.90
C ILE A 68 -6.23 -2.38 6.96
N ASP A 69 -7.09 -1.92 7.86
CA ASP A 69 -8.45 -2.45 7.96
C ASP A 69 -9.34 -1.65 7.02
N ILE A 70 -10.65 -1.99 6.94
CA ILE A 70 -11.54 -1.22 6.08
C ILE A 70 -11.68 0.16 6.65
N MET A 71 -11.63 0.23 7.99
CA MET A 71 -11.76 1.42 8.74
C MET A 71 -10.67 2.38 8.36
N SER A 72 -9.46 1.86 8.29
CA SER A 72 -8.29 2.63 7.92
C SER A 72 -8.42 3.16 6.50
N LEU A 73 -8.96 2.34 5.62
CA LEU A 73 -9.17 2.70 4.24
C LEU A 73 -10.24 3.79 4.17
N LYS A 74 -11.38 3.54 4.84
CA LYS A 74 -12.52 4.43 4.88
C LYS A 74 -12.14 5.85 5.35
N ARG A 75 -11.24 5.93 6.32
CA ARG A 75 -10.79 7.21 6.88
C ARG A 75 -10.21 8.17 5.84
N MET A 76 -9.59 7.64 4.81
CA MET A 76 -9.01 8.49 3.78
C MET A 76 -10.09 9.05 2.87
N LEU A 77 -11.04 8.20 2.47
CA LEU A 77 -12.14 8.60 1.58
C LEU A 77 -13.00 9.69 2.19
N GLU A 78 -13.07 9.71 3.52
CA GLU A 78 -13.83 10.73 4.25
C GLU A 78 -13.29 12.10 3.87
N LYS A 79 -11.99 12.21 3.90
CA LYS A 79 -11.30 13.47 3.65
C LYS A 79 -11.32 13.80 2.18
N LEU A 80 -11.20 12.78 1.37
CA LEU A 80 -11.13 12.92 -0.06
C LEU A 80 -12.51 13.05 -0.69
N GLY A 81 -12.54 13.11 -2.01
CA GLY A 81 -13.78 13.26 -2.73
C GLY A 81 -14.35 11.94 -3.16
N VAL A 82 -13.57 10.89 -3.01
CA VAL A 82 -14.01 9.55 -3.35
C VAL A 82 -15.05 9.05 -2.32
N PRO A 83 -16.31 8.86 -2.73
CA PRO A 83 -17.35 8.42 -1.85
C PRO A 83 -17.63 6.91 -1.93
N LYS A 84 -17.31 6.20 -0.89
CA LYS A 84 -17.67 4.81 -0.79
C LYS A 84 -18.42 4.53 0.49
N THR A 85 -19.57 3.91 0.36
CA THR A 85 -20.38 3.52 1.50
C THR A 85 -19.64 2.38 2.24
N HIS A 86 -19.94 2.19 3.53
CA HIS A 86 -19.22 1.24 4.41
C HIS A 86 -19.00 -0.18 3.77
N LEU A 87 -20.01 -0.70 3.07
CA LEU A 87 -19.88 -2.01 2.41
C LEU A 87 -18.83 -1.95 1.29
N GLU A 88 -18.84 -0.85 0.52
CA GLU A 88 -17.92 -0.63 -0.61
C GLU A 88 -16.46 -0.77 -0.17
N LEU A 89 -16.14 -0.24 1.01
CA LEU A 89 -14.79 -0.33 1.56
C LEU A 89 -14.37 -1.76 1.74
N LYS A 90 -15.24 -2.53 2.34
CA LYS A 90 -14.95 -3.90 2.63
C LYS A 90 -15.00 -4.73 1.33
N LYS A 91 -15.82 -4.26 0.38
CA LYS A 91 -15.95 -4.87 -0.94
C LYS A 91 -14.60 -4.88 -1.63
N LEU A 92 -13.90 -3.77 -1.50
CA LEU A 92 -12.62 -3.62 -2.11
C LEU A 92 -11.61 -4.56 -1.50
N ILE A 93 -11.65 -4.72 -0.18
CA ILE A 93 -10.72 -5.58 0.49
C ILE A 93 -11.05 -7.04 0.22
N GLY A 94 -12.32 -7.33 0.10
CA GLY A 94 -12.76 -8.68 -0.19
C GLY A 94 -12.23 -9.17 -1.51
N GLU A 95 -12.25 -8.30 -2.47
CA GLU A 95 -11.77 -8.59 -3.80
C GLU A 95 -10.24 -8.80 -3.76
N VAL A 96 -9.55 -7.94 -3.02
CA VAL A 96 -8.10 -8.02 -2.89
C VAL A 96 -7.64 -9.26 -2.11
N SER A 97 -8.26 -9.50 -0.97
CA SER A 97 -7.87 -10.58 -0.08
C SER A 97 -8.03 -11.98 -0.72
N SER A 98 -9.21 -12.57 -0.57
CA SER A 98 -9.54 -13.89 -1.10
C SER A 98 -11.05 -14.10 -1.03
N GLY A 99 -11.77 -13.01 -0.93
CA GLY A 99 -13.19 -13.07 -0.74
C GLY A 99 -13.53 -12.70 0.67
N SER A 100 -14.21 -11.59 0.84
CA SER A 100 -14.60 -11.04 2.14
C SER A 100 -13.42 -10.86 3.12
N GLY A 101 -12.72 -9.76 2.98
CA GLY A 101 -11.65 -9.43 3.86
C GLY A 101 -11.88 -8.07 4.42
N GLU A 102 -11.37 -7.80 5.57
CA GLU A 102 -11.58 -6.53 6.22
C GLU A 102 -10.22 -5.86 6.50
N THR A 103 -9.16 -6.62 6.28
CA THR A 103 -7.80 -6.14 6.40
C THR A 103 -6.98 -6.46 5.13
N PHE A 104 -5.99 -5.65 4.83
CA PHE A 104 -5.18 -5.78 3.60
C PHE A 104 -3.79 -6.30 3.85
N SER A 105 -3.15 -6.63 2.75
CA SER A 105 -1.77 -6.97 2.74
C SER A 105 -1.15 -6.28 1.52
N TYR A 106 0.08 -5.81 1.67
CA TYR A 106 0.78 -5.06 0.61
C TYR A 106 0.89 -5.86 -0.71
N PRO A 107 1.37 -7.16 -0.70
CA PRO A 107 1.46 -7.96 -1.92
C PRO A 107 0.08 -8.24 -2.52
N ASP A 108 -0.96 -8.23 -1.67
CA ASP A 108 -2.31 -8.50 -2.12
C ASP A 108 -2.85 -7.41 -3.02
N PHE A 109 -2.60 -6.14 -2.64
CA PHE A 109 -2.92 -5.03 -3.55
C PHE A 109 -2.22 -5.24 -4.88
N LEU A 110 -0.94 -5.55 -4.81
CA LEU A 110 -0.16 -5.76 -5.98
C LEU A 110 -0.72 -6.88 -6.84
N ARG A 111 -1.26 -7.92 -6.21
CA ARG A 111 -1.91 -9.01 -6.95
C ARG A 111 -3.01 -8.46 -7.87
N MET A 112 -3.85 -7.55 -7.34
CA MET A 112 -4.92 -6.97 -8.15
C MET A 112 -4.38 -5.92 -9.15
N MET A 113 -3.33 -5.23 -8.75
CA MET A 113 -2.73 -4.14 -9.53
C MET A 113 -2.00 -4.65 -10.76
N LEU A 114 -1.06 -5.51 -10.55
CA LEU A 114 -0.21 -5.96 -11.62
C LEU A 114 -0.61 -7.34 -12.13
N GLY A 115 -1.74 -7.82 -11.65
CA GLY A 115 -2.22 -9.12 -12.04
C GLY A 115 -3.16 -9.08 -13.21
N LYS A 116 -4.42 -8.83 -12.96
CA LYS A 116 -5.44 -8.86 -14.00
C LYS A 116 -6.47 -7.74 -13.81
N ARG A 117 -6.48 -7.14 -12.60
CA ARG A 117 -7.46 -6.09 -12.23
C ARG A 117 -8.78 -6.70 -11.82
N SER A 118 -9.12 -6.51 -10.58
CA SER A 118 -10.36 -6.96 -10.04
C SER A 118 -10.95 -5.90 -9.12
N ALA A 119 -10.19 -5.54 -8.10
CA ALA A 119 -10.57 -4.52 -7.15
C ALA A 119 -10.77 -3.17 -7.81
N ILE A 120 -11.91 -2.57 -7.51
CA ILE A 120 -12.31 -1.27 -8.06
C ILE A 120 -11.29 -0.18 -7.69
N LEU A 121 -10.63 -0.36 -6.55
CA LEU A 121 -9.61 0.58 -6.12
C LEU A 121 -8.44 0.74 -7.10
N LYS A 122 -8.18 -0.28 -7.94
CA LYS A 122 -7.12 -0.15 -8.94
C LYS A 122 -7.48 0.95 -9.92
N MET A 123 -8.78 1.15 -10.14
CA MET A 123 -9.23 2.14 -11.09
C MET A 123 -8.81 3.52 -10.62
N ILE A 124 -8.87 3.72 -9.31
CA ILE A 124 -8.44 4.97 -8.70
C ILE A 124 -6.94 5.19 -8.91
N LEU A 125 -6.13 4.19 -8.58
CA LEU A 125 -4.68 4.31 -8.73
C LEU A 125 -4.24 4.27 -10.20
N MET A 126 -5.12 3.79 -11.07
CA MET A 126 -4.83 3.77 -12.49
C MET A 126 -4.95 5.19 -13.04
N TYR A 127 -5.87 5.94 -12.47
CA TYR A 127 -6.05 7.33 -12.82
C TYR A 127 -5.08 8.19 -12.07
N GLU A 128 -5.00 8.01 -10.78
CA GLU A 128 -4.12 8.79 -9.97
C GLU A 128 -2.83 8.08 -9.68
N GLU A 129 -2.06 7.82 -10.71
CA GLU A 129 -0.75 7.30 -10.50
C GLU A 129 0.20 8.46 -10.22
N LYS A 130 0.22 8.82 -8.97
CA LYS A 130 0.95 9.97 -8.48
C LYS A 130 2.45 9.89 -8.75
N ALA A 131 3.01 8.73 -8.63
CA ALA A 131 4.42 8.56 -8.88
C ALA A 131 4.65 8.12 -10.31
N ARG A 132 5.79 8.47 -10.84
CA ARG A 132 6.16 8.08 -12.19
C ARG A 132 7.64 7.89 -12.23
N GLU A 133 8.36 9.01 -12.36
CA GLU A 133 9.80 9.09 -12.31
C GLU A 133 10.49 8.21 -13.34
N LYS A 134 11.78 8.27 -13.31
CA LYS A 134 12.62 7.51 -14.20
C LYS A 134 13.65 6.77 -13.37
N GLU A 135 13.42 6.74 -12.09
CA GLU A 135 14.32 6.14 -11.13
C GLU A 135 14.00 4.66 -10.97
N LYS A 136 15.03 3.83 -10.91
CA LYS A 136 14.85 2.42 -10.76
C LYS A 136 15.40 1.90 -9.44
N PRO A 137 14.53 1.32 -8.60
CA PRO A 137 14.97 0.56 -7.42
C PRO A 137 15.74 -0.68 -7.91
N THR A 138 16.96 -0.88 -7.45
CA THR A 138 17.78 -1.93 -7.99
C THR A 138 18.17 -3.01 -6.97
N GLY A 139 17.96 -4.25 -7.35
CA GLY A 139 18.45 -5.35 -6.55
C GLY A 139 17.50 -5.79 -5.47
N PRO A 140 16.72 -6.84 -5.71
CA PRO A 140 15.84 -7.41 -4.71
C PRO A 140 16.64 -8.13 -3.63
N PRO A 141 16.57 -7.68 -2.38
CA PRO A 141 17.25 -8.35 -1.30
C PRO A 141 16.49 -9.60 -0.88
N ALA A 142 17.06 -10.73 -1.20
CA ALA A 142 16.46 -11.98 -0.84
C ALA A 142 16.72 -12.25 0.62
N LYS A 143 15.67 -12.19 1.43
CA LYS A 143 15.80 -12.40 2.85
C LYS A 143 16.19 -13.85 3.10
N LYS A 144 17.38 -14.04 3.63
CA LYS A 144 17.87 -15.37 3.85
C LYS A 144 17.44 -15.86 5.22
N ALA A 145 16.27 -16.43 5.25
CA ALA A 145 15.68 -16.98 6.45
C ALA A 145 14.49 -17.81 6.05
N ILE A 146 14.61 -19.09 6.19
CA ILE A 146 13.53 -19.98 5.82
C ILE A 146 12.50 -20.04 6.95
N SER A 147 11.32 -19.58 6.65
CA SER A 147 10.29 -19.52 7.63
C SER A 147 9.28 -20.65 7.48
N GLU A 148 9.54 -21.75 8.14
CA GLU A 148 8.57 -22.84 8.18
C GLU A 148 7.72 -22.60 9.40
N LEU A 149 8.38 -22.30 10.47
CA LEU A 149 7.76 -21.84 11.69
C LEU A 149 7.86 -20.33 11.65
N PRO A 150 6.75 -19.59 11.82
CA PRO A 150 6.76 -18.11 11.76
C PRO A 150 7.72 -17.46 12.77
N GLY A 1 5.58 11.15 -15.62
CA GLY A 1 6.37 10.61 -14.53
C GLY A 1 7.59 11.46 -14.26
N PRO A 2 7.50 12.44 -13.34
CA PRO A 2 8.62 13.31 -12.99
C PRO A 2 9.55 12.68 -11.93
N LEU A 3 9.39 11.37 -11.73
CA LEU A 3 10.13 10.57 -10.75
C LEU A 3 9.87 11.05 -9.31
N GLU A 4 10.53 12.13 -8.89
CA GLU A 4 10.29 12.67 -7.57
C GLU A 4 8.98 13.43 -7.49
N SER A 5 7.96 12.68 -7.34
CA SER A 5 6.64 13.12 -7.08
C SER A 5 6.14 12.19 -6.03
N GLN A 6 6.32 10.91 -6.31
CA GLN A 6 6.11 9.88 -5.34
C GLN A 6 7.42 9.78 -4.59
N THR A 7 7.55 10.58 -3.58
CA THR A 7 8.78 10.70 -2.87
C THR A 7 8.81 9.81 -1.65
N ARG A 8 9.89 9.92 -0.91
CA ARG A 8 10.04 9.15 0.27
C ARG A 8 9.48 9.93 1.43
N ASP A 9 8.34 9.48 1.90
CA ASP A 9 7.61 10.10 2.99
C ASP A 9 8.41 10.00 4.28
N LEU A 10 8.04 10.80 5.29
CA LEU A 10 8.76 10.82 6.56
C LEU A 10 8.97 9.43 7.16
N GLN A 11 10.21 9.06 7.29
CA GLN A 11 10.55 7.75 7.72
C GLN A 11 10.85 7.75 9.20
N GLY A 12 9.87 7.46 9.97
CA GLY A 12 10.03 7.42 11.38
C GLY A 12 9.27 8.51 12.03
N GLY A 13 9.19 8.47 13.31
CA GLY A 13 8.48 9.45 14.04
C GLY A 13 8.71 9.27 15.49
N LYS A 14 7.94 9.94 16.29
CA LYS A 14 8.06 9.84 17.71
C LYS A 14 7.20 8.69 18.19
N ALA A 15 5.94 8.72 17.79
CA ALA A 15 4.99 7.71 18.16
C ALA A 15 4.01 7.42 17.02
N PHE A 16 3.42 8.47 16.50
CA PHE A 16 2.37 8.37 15.49
C PHE A 16 2.89 7.79 14.16
N GLY A 17 4.13 8.06 13.85
CA GLY A 17 4.72 7.56 12.62
C GLY A 17 5.90 6.66 12.89
N LEU A 18 5.88 6.03 14.04
CA LEU A 18 6.99 5.18 14.49
C LEU A 18 7.11 3.97 13.53
N LEU A 19 5.96 3.46 13.11
CA LEU A 19 5.89 2.32 12.20
C LEU A 19 6.59 2.58 10.87
N LYS A 20 6.65 3.84 10.44
CA LYS A 20 7.29 4.17 9.17
C LYS A 20 8.74 3.71 9.13
N ALA A 21 9.45 3.87 10.24
CA ALA A 21 10.87 3.52 10.30
C ALA A 21 11.05 2.02 10.21
N GLN A 22 10.09 1.32 10.74
CA GLN A 22 10.09 -0.13 10.73
C GLN A 22 9.71 -0.68 9.36
N GLN A 23 8.63 -0.16 8.82
CA GLN A 23 8.02 -0.70 7.62
C GLN A 23 8.59 -0.19 6.29
N GLU A 24 8.97 1.08 6.22
CA GLU A 24 9.29 1.71 4.92
C GLU A 24 10.42 1.01 4.15
N GLU A 25 11.42 0.53 4.87
CA GLU A 25 12.54 -0.19 4.28
C GLU A 25 12.00 -1.43 3.55
N ARG A 26 11.06 -2.11 4.21
CA ARG A 26 10.43 -3.29 3.66
C ARG A 26 9.45 -2.90 2.55
N LEU A 27 8.75 -1.80 2.73
CA LEU A 27 7.80 -1.32 1.73
C LEU A 27 8.50 -1.06 0.41
N ASP A 28 9.64 -0.46 0.49
CA ASP A 28 10.35 -0.06 -0.69
C ASP A 28 11.11 -1.25 -1.32
N GLU A 29 11.39 -2.32 -0.52
CA GLU A 29 12.10 -3.49 -1.09
C GLU A 29 11.16 -4.28 -1.96
N ILE A 30 9.90 -4.29 -1.56
CA ILE A 30 8.85 -5.01 -2.23
C ILE A 30 8.71 -4.53 -3.68
N ASN A 31 8.80 -3.23 -3.88
CA ASN A 31 8.72 -2.62 -5.22
C ASN A 31 9.84 -3.15 -6.10
N LYS A 32 11.04 -3.12 -5.55
CA LYS A 32 12.26 -3.56 -6.24
C LYS A 32 12.15 -5.03 -6.62
N GLN A 33 11.67 -5.81 -5.69
CA GLN A 33 11.50 -7.23 -5.87
C GLN A 33 10.45 -7.56 -6.94
N PHE A 34 9.42 -6.73 -7.05
CA PHE A 34 8.49 -6.85 -8.16
C PHE A 34 9.10 -6.38 -9.49
N LEU A 35 9.97 -5.39 -9.42
CA LEU A 35 10.62 -4.84 -10.61
C LEU A 35 11.56 -5.86 -11.27
N ASP A 36 12.39 -6.49 -10.44
CA ASP A 36 13.37 -7.50 -10.90
C ASP A 36 12.72 -8.80 -11.28
N ASP A 37 11.48 -8.93 -10.92
CA ASP A 37 10.74 -10.17 -11.18
C ASP A 37 10.55 -10.35 -12.69
N PRO A 38 10.94 -11.52 -13.22
CA PRO A 38 10.95 -11.80 -14.67
C PRO A 38 9.58 -11.68 -15.38
N LYS A 39 8.48 -11.71 -14.62
CA LYS A 39 7.16 -11.59 -15.22
C LYS A 39 6.92 -10.16 -15.67
N TYR A 40 7.47 -9.25 -14.91
CA TYR A 40 7.33 -7.84 -15.20
C TYR A 40 8.53 -7.41 -16.03
N SER A 41 9.65 -8.10 -15.77
CA SER A 41 10.88 -7.99 -16.55
C SER A 41 11.44 -6.56 -16.55
N SER A 42 11.17 -5.83 -15.47
CA SER A 42 11.59 -4.45 -15.35
C SER A 42 10.96 -3.60 -16.47
N ASP A 43 9.72 -3.22 -16.25
CA ASP A 43 8.96 -2.42 -17.17
C ASP A 43 9.11 -0.93 -16.85
N GLU A 44 8.86 -0.07 -17.82
CA GLU A 44 9.06 1.37 -17.66
C GLU A 44 8.15 2.01 -16.62
N ASP A 45 6.85 1.73 -16.67
CA ASP A 45 5.93 2.40 -15.74
C ASP A 45 5.63 1.50 -14.55
N LEU A 46 6.28 0.36 -14.52
CA LEU A 46 6.15 -0.59 -13.43
C LEU A 46 6.62 0.03 -12.10
N PRO A 47 7.87 0.59 -11.99
CA PRO A 47 8.33 1.22 -10.74
C PRO A 47 7.45 2.41 -10.35
N SER A 48 6.89 3.08 -11.35
CA SER A 48 6.05 4.23 -11.13
C SER A 48 4.71 3.76 -10.50
N LYS A 49 4.24 2.62 -10.97
CA LYS A 49 3.03 1.99 -10.47
C LYS A 49 3.26 1.55 -9.01
N LEU A 50 4.38 0.89 -8.78
CA LEU A 50 4.78 0.41 -7.45
C LEU A 50 5.03 1.55 -6.48
N GLU A 51 5.78 2.56 -6.89
CA GLU A 51 6.06 3.67 -6.02
C GLU A 51 4.84 4.54 -5.78
N GLY A 52 3.96 4.59 -6.78
CA GLY A 52 2.70 5.29 -6.60
C GLY A 52 1.88 4.62 -5.53
N PHE A 53 1.93 3.32 -5.51
CA PHE A 53 1.29 2.52 -4.50
C PHE A 53 2.00 2.66 -3.14
N LYS A 54 3.31 2.58 -3.17
CA LYS A 54 4.19 2.79 -1.98
C LYS A 54 3.87 4.10 -1.29
N GLU A 55 3.80 5.15 -2.08
CA GLU A 55 3.46 6.49 -1.62
C GLU A 55 2.13 6.47 -0.87
N LYS A 56 1.16 5.89 -1.50
CA LYS A 56 -0.18 5.89 -1.02
C LYS A 56 -0.44 4.93 0.12
N TYR A 57 0.18 3.73 0.11
CA TYR A 57 -0.08 2.71 1.09
C TYR A 57 0.26 3.21 2.47
N MET A 58 1.38 3.89 2.56
CA MET A 58 1.83 4.47 3.81
C MET A 58 1.00 5.67 4.27
N GLU A 59 0.07 6.16 3.45
CA GLU A 59 -0.80 7.26 3.87
C GLU A 59 -1.92 6.73 4.72
N PHE A 60 -2.30 5.50 4.46
CA PHE A 60 -3.34 4.83 5.21
C PHE A 60 -2.79 4.53 6.59
N ASP A 61 -3.65 4.35 7.57
CA ASP A 61 -3.17 4.01 8.90
C ASP A 61 -2.67 2.59 8.90
N LEU A 62 -1.37 2.47 8.92
CA LEU A 62 -0.71 1.20 8.92
C LEU A 62 -0.83 0.60 10.31
N ASN A 63 -1.42 -0.58 10.40
CA ASN A 63 -1.55 -1.29 11.69
C ASN A 63 -0.26 -2.01 12.03
N GLY A 64 -0.34 -2.94 12.98
CA GLY A 64 0.84 -3.66 13.48
C GLY A 64 1.65 -4.38 12.40
N ASN A 65 1.00 -4.83 11.35
CA ASN A 65 1.69 -5.54 10.25
C ASN A 65 1.90 -4.57 9.09
N GLY A 66 1.42 -3.37 9.29
CA GLY A 66 1.45 -2.38 8.25
C GLY A 66 0.30 -2.59 7.34
N ASP A 67 -0.71 -3.14 7.88
CA ASP A 67 -1.91 -3.54 7.19
C ASP A 67 -3.00 -2.49 7.32
N ILE A 68 -3.94 -2.49 6.38
CA ILE A 68 -5.02 -1.50 6.39
C ILE A 68 -6.38 -2.20 6.38
N ASP A 69 -7.25 -1.81 7.30
CA ASP A 69 -8.58 -2.38 7.44
C ASP A 69 -9.66 -1.50 6.79
N ILE A 70 -10.87 -2.06 6.68
CA ILE A 70 -12.04 -1.41 6.05
C ILE A 70 -12.48 -0.12 6.78
N MET A 71 -12.17 0.00 8.07
CA MET A 71 -12.53 1.19 8.85
C MET A 71 -11.53 2.28 8.47
N SER A 72 -10.23 1.95 8.60
CA SER A 72 -9.14 2.87 8.26
C SER A 72 -9.27 3.36 6.82
N LEU A 73 -9.53 2.44 5.91
CA LEU A 73 -9.71 2.74 4.50
C LEU A 73 -10.88 3.69 4.30
N LYS A 74 -11.99 3.43 4.97
CA LYS A 74 -13.21 4.20 4.79
C LYS A 74 -12.98 5.67 5.16
N ARG A 75 -12.23 5.90 6.23
CA ARG A 75 -11.92 7.23 6.69
C ARG A 75 -11.05 7.98 5.64
N MET A 76 -10.24 7.22 4.92
CA MET A 76 -9.37 7.75 3.87
C MET A 76 -10.20 8.35 2.76
N LEU A 77 -11.14 7.55 2.23
CA LEU A 77 -12.02 8.00 1.15
C LEU A 77 -12.80 9.25 1.54
N GLU A 78 -13.20 9.33 2.79
CA GLU A 78 -13.91 10.50 3.29
C GLU A 78 -13.00 11.73 3.30
N LYS A 79 -11.76 11.54 3.74
CA LYS A 79 -10.78 12.63 3.77
C LYS A 79 -10.45 13.09 2.34
N LEU A 80 -10.44 12.14 1.43
CA LEU A 80 -10.16 12.40 0.04
C LEU A 80 -11.31 13.10 -0.66
N GLY A 81 -12.50 12.99 -0.11
CA GLY A 81 -13.65 13.66 -0.67
C GLY A 81 -14.47 12.75 -1.57
N VAL A 82 -14.23 11.47 -1.48
CA VAL A 82 -14.94 10.50 -2.28
C VAL A 82 -15.75 9.53 -1.40
N PRO A 83 -17.07 9.70 -1.35
CA PRO A 83 -17.94 8.91 -0.49
C PRO A 83 -18.35 7.54 -1.07
N LYS A 84 -17.86 6.50 -0.44
CA LYS A 84 -18.24 5.14 -0.79
C LYS A 84 -19.12 4.59 0.34
N THR A 85 -19.97 3.63 0.04
CA THR A 85 -20.83 3.07 1.04
C THR A 85 -20.04 2.04 1.85
N HIS A 86 -20.38 1.86 3.12
CA HIS A 86 -19.61 0.99 4.04
C HIS A 86 -19.38 -0.42 3.49
N LEU A 87 -20.36 -0.95 2.77
CA LEU A 87 -20.22 -2.28 2.17
C LEU A 87 -19.20 -2.29 1.03
N GLU A 88 -19.08 -1.18 0.33
CA GLU A 88 -18.20 -1.11 -0.83
C GLU A 88 -16.73 -1.13 -0.42
N LEU A 89 -16.42 -0.52 0.72
CA LEU A 89 -15.05 -0.55 1.29
C LEU A 89 -14.62 -2.00 1.52
N LYS A 90 -15.55 -2.78 2.03
CA LYS A 90 -15.33 -4.17 2.33
C LYS A 90 -15.20 -4.97 1.06
N LYS A 91 -15.98 -4.60 0.07
CA LYS A 91 -15.91 -5.25 -1.28
C LYS A 91 -14.53 -5.09 -1.86
N LEU A 92 -13.95 -3.93 -1.66
CA LEU A 92 -12.65 -3.60 -2.18
C LEU A 92 -11.59 -4.47 -1.54
N ILE A 93 -11.60 -4.50 -0.22
CA ILE A 93 -10.63 -5.27 0.50
C ILE A 93 -10.87 -6.77 0.33
N GLY A 94 -12.11 -7.17 0.18
CA GLY A 94 -12.43 -8.57 -0.07
C GLY A 94 -11.82 -9.05 -1.36
N GLU A 95 -11.86 -8.23 -2.37
CA GLU A 95 -11.29 -8.54 -3.68
C GLU A 95 -9.74 -8.67 -3.57
N VAL A 96 -9.16 -7.84 -2.72
CA VAL A 96 -7.72 -7.82 -2.47
C VAL A 96 -7.25 -8.99 -1.59
N SER A 97 -7.92 -9.21 -0.50
CA SER A 97 -7.49 -10.20 0.47
C SER A 97 -8.15 -11.56 0.22
N SER A 98 -8.96 -11.62 -0.83
CA SER A 98 -9.69 -12.81 -1.26
C SER A 98 -10.70 -13.36 -0.22
N GLY A 99 -10.22 -13.95 0.87
CA GLY A 99 -11.11 -14.52 1.83
C GLY A 99 -11.21 -13.72 3.13
N SER A 100 -10.20 -12.91 3.42
CA SER A 100 -10.18 -12.12 4.65
C SER A 100 -11.34 -11.10 4.68
N GLY A 101 -11.30 -10.15 3.75
CA GLY A 101 -12.44 -9.25 3.57
C GLY A 101 -12.43 -7.98 4.40
N GLU A 102 -11.58 -7.87 5.41
CA GLU A 102 -11.61 -6.68 6.26
C GLU A 102 -10.28 -5.96 6.36
N THR A 103 -9.20 -6.65 6.13
CA THR A 103 -7.89 -6.02 6.16
C THR A 103 -7.01 -6.55 5.00
N PHE A 104 -6.26 -5.65 4.36
CA PHE A 104 -5.38 -6.04 3.27
C PHE A 104 -3.93 -5.76 3.61
N SER A 105 -3.02 -6.27 2.80
CA SER A 105 -1.62 -6.04 2.97
C SER A 105 -1.00 -5.58 1.64
N TYR A 106 0.24 -5.10 1.71
CA TYR A 106 0.95 -4.50 0.58
C TYR A 106 1.05 -5.46 -0.64
N PRO A 107 1.59 -6.72 -0.49
CA PRO A 107 1.66 -7.66 -1.60
C PRO A 107 0.26 -8.11 -2.07
N ASP A 108 -0.69 -8.14 -1.14
CA ASP A 108 -2.07 -8.54 -1.42
C ASP A 108 -2.75 -7.51 -2.30
N PHE A 109 -2.49 -6.26 -2.05
CA PHE A 109 -3.06 -5.19 -2.84
C PHE A 109 -2.45 -5.27 -4.24
N LEU A 110 -1.16 -5.58 -4.29
CA LEU A 110 -0.48 -5.77 -5.54
C LEU A 110 -1.03 -6.96 -6.30
N ARG A 111 -1.38 -8.05 -5.58
CA ARG A 111 -2.01 -9.23 -6.21
C ARG A 111 -3.24 -8.82 -7.01
N MET A 112 -3.92 -7.84 -6.49
CA MET A 112 -5.08 -7.28 -7.12
C MET A 112 -4.67 -6.38 -8.32
N MET A 113 -3.68 -5.51 -8.10
CA MET A 113 -3.22 -4.57 -9.14
C MET A 113 -2.54 -5.27 -10.30
N LEU A 114 -1.51 -6.00 -9.99
CA LEU A 114 -0.66 -6.63 -11.00
C LEU A 114 -1.06 -8.06 -11.30
N GLY A 115 -2.05 -8.54 -10.59
CA GLY A 115 -2.52 -9.88 -10.82
C GLY A 115 -3.86 -9.88 -11.51
N LYS A 116 -4.33 -8.67 -11.82
CA LYS A 116 -5.61 -8.44 -12.49
C LYS A 116 -6.81 -8.93 -11.65
N ARG A 117 -7.35 -8.04 -10.85
CA ARG A 117 -8.51 -8.32 -10.02
C ARG A 117 -9.41 -7.10 -10.03
N SER A 118 -10.70 -7.32 -10.05
CA SER A 118 -11.64 -6.24 -10.16
C SER A 118 -11.95 -5.57 -8.81
N ALA A 119 -11.04 -4.72 -8.37
CA ALA A 119 -11.25 -3.93 -7.18
C ALA A 119 -11.35 -2.48 -7.59
N ILE A 120 -12.42 -1.86 -7.20
CA ILE A 120 -12.75 -0.49 -7.60
C ILE A 120 -11.65 0.52 -7.11
N LEU A 121 -10.95 0.15 -6.06
CA LEU A 121 -9.85 0.96 -5.56
C LEU A 121 -8.65 1.02 -6.54
N LYS A 122 -8.52 0.02 -7.41
CA LYS A 122 -7.45 0.00 -8.40
C LYS A 122 -7.62 1.17 -9.36
N MET A 123 -8.88 1.55 -9.58
CA MET A 123 -9.22 2.64 -10.49
C MET A 123 -8.61 3.94 -9.98
N ILE A 124 -8.91 4.25 -8.72
CA ILE A 124 -8.47 5.49 -8.11
C ILE A 124 -6.98 5.50 -7.77
N LEU A 125 -6.42 4.32 -7.47
CA LEU A 125 -5.00 4.20 -7.12
C LEU A 125 -4.17 4.77 -8.26
N MET A 126 -4.61 4.54 -9.48
CA MET A 126 -3.92 5.02 -10.65
C MET A 126 -4.52 6.34 -11.14
N TYR A 127 -5.54 6.84 -10.45
CA TYR A 127 -6.19 8.08 -10.86
C TYR A 127 -5.68 9.25 -10.04
N GLU A 128 -5.50 9.00 -8.76
CA GLU A 128 -5.10 10.03 -7.82
C GLU A 128 -3.71 10.56 -8.05
N GLU A 129 -3.65 11.79 -8.45
CA GLU A 129 -2.43 12.52 -8.52
C GLU A 129 -2.37 13.33 -7.23
N LYS A 130 -1.61 12.86 -6.29
CA LYS A 130 -1.65 13.44 -4.97
C LYS A 130 -0.29 13.46 -4.35
N ALA A 131 -0.23 14.10 -3.21
CA ALA A 131 0.93 14.10 -2.33
C ALA A 131 2.21 14.69 -2.93
N ARG A 132 2.09 15.33 -4.10
CA ARG A 132 3.26 15.92 -4.78
C ARG A 132 3.94 16.95 -3.90
N GLU A 133 3.15 17.71 -3.17
CA GLU A 133 3.70 18.68 -2.27
C GLU A 133 3.26 18.40 -0.85
N LYS A 134 4.17 17.92 -0.06
CA LYS A 134 3.97 17.71 1.35
C LYS A 134 5.14 18.29 2.09
N GLU A 135 4.89 18.98 3.15
CA GLU A 135 5.95 19.66 3.83
C GLU A 135 6.01 19.33 5.32
N LYS A 136 6.81 18.34 5.64
CA LYS A 136 7.11 17.96 7.00
C LYS A 136 8.12 16.85 6.99
N PRO A 137 9.41 17.18 7.11
CA PRO A 137 10.47 16.18 7.18
C PRO A 137 10.39 15.39 8.48
N THR A 138 11.22 14.38 8.59
CA THR A 138 11.25 13.53 9.76
C THR A 138 11.82 14.31 10.96
N GLY A 139 12.68 15.24 10.65
CA GLY A 139 13.29 16.04 11.65
C GLY A 139 14.77 16.06 11.47
N PRO A 140 15.50 16.84 12.27
CA PRO A 140 16.95 16.88 12.20
C PRO A 140 17.54 15.61 12.81
N PRO A 141 18.34 14.84 12.03
CA PRO A 141 18.91 13.59 12.49
C PRO A 141 19.83 13.77 13.69
N ALA A 142 19.45 13.15 14.79
CA ALA A 142 20.21 13.24 16.01
C ALA A 142 21.34 12.26 15.98
N LYS A 143 22.52 12.73 15.68
CA LYS A 143 23.67 11.88 15.61
C LYS A 143 24.47 11.92 16.87
N LYS A 144 24.78 10.78 17.37
CA LYS A 144 25.63 10.65 18.51
C LYS A 144 27.03 10.36 18.02
N ALA A 145 27.95 11.25 18.32
CA ALA A 145 29.32 11.05 17.93
C ALA A 145 29.91 9.92 18.74
N ILE A 146 30.25 8.85 18.06
CA ILE A 146 30.77 7.67 18.74
C ILE A 146 32.17 7.93 19.29
N SER A 147 32.41 7.39 20.44
CA SER A 147 33.69 7.48 21.06
C SER A 147 34.42 6.18 20.80
N GLU A 148 35.41 6.22 19.94
CA GLU A 148 36.16 5.04 19.62
C GLU A 148 37.42 4.97 20.42
N LEU A 149 37.46 4.04 21.32
CA LEU A 149 38.60 3.83 22.17
C LEU A 149 39.48 2.73 21.62
N PRO A 150 40.80 2.88 21.73
CA PRO A 150 41.73 1.83 21.36
C PRO A 150 42.03 0.92 22.55
N GLY A 1 -33.10 -1.27 1.12
CA GLY A 1 -32.49 -0.07 0.54
C GLY A 1 -31.11 0.14 1.09
N PRO A 2 -30.23 0.85 0.36
CA PRO A 2 -28.87 1.09 0.82
C PRO A 2 -28.79 2.09 1.99
N LEU A 3 -28.85 1.56 3.19
CA LEU A 3 -28.63 2.32 4.40
C LEU A 3 -27.44 1.71 5.10
N GLU A 4 -26.31 2.26 4.85
CA GLU A 4 -25.07 1.71 5.32
C GLU A 4 -24.59 2.55 6.51
N SER A 5 -24.18 1.89 7.57
CA SER A 5 -23.78 2.58 8.77
C SER A 5 -22.28 2.84 8.82
N GLN A 6 -21.92 4.06 8.53
CA GLN A 6 -20.55 4.48 8.53
C GLN A 6 -20.36 5.65 9.49
N THR A 7 -19.98 5.34 10.70
CA THR A 7 -19.77 6.36 11.69
C THR A 7 -18.59 5.98 12.59
N ARG A 8 -17.40 6.33 12.14
CA ARG A 8 -16.17 6.13 12.87
C ARG A 8 -15.23 7.28 12.54
N ASP A 9 -15.22 8.28 13.38
CA ASP A 9 -14.39 9.47 13.16
C ASP A 9 -13.02 9.28 13.77
N LEU A 10 -12.97 8.40 14.77
CA LEU A 10 -11.77 8.01 15.45
C LEU A 10 -11.04 9.19 16.09
N GLN A 11 -9.84 8.93 16.55
CA GLN A 11 -9.03 9.96 17.15
C GLN A 11 -7.72 10.07 16.39
N GLY A 12 -7.05 11.19 16.55
CA GLY A 12 -5.80 11.40 15.87
C GLY A 12 -4.63 10.87 16.68
N GLY A 13 -4.58 9.57 16.87
CA GLY A 13 -3.51 8.99 17.65
C GLY A 13 -3.58 7.49 17.68
N LYS A 14 -2.41 6.88 17.68
CA LYS A 14 -2.24 5.44 17.72
C LYS A 14 -0.79 5.15 18.06
N ALA A 15 0.05 5.42 17.12
CA ALA A 15 1.48 5.29 17.26
C ALA A 15 2.08 6.29 16.32
N PHE A 16 2.75 7.28 16.85
CA PHE A 16 3.26 8.36 16.03
C PHE A 16 4.56 8.00 15.32
N GLY A 17 4.41 7.29 14.22
CA GLY A 17 5.52 6.96 13.35
C GLY A 17 6.55 6.02 13.97
N LEU A 18 6.15 5.23 14.95
CA LEU A 18 7.08 4.29 15.56
C LEU A 18 7.35 3.14 14.62
N LEU A 19 6.32 2.38 14.32
CA LEU A 19 6.48 1.28 13.42
C LEU A 19 6.48 1.72 12.00
N LYS A 20 5.85 2.83 11.72
CA LYS A 20 5.78 3.34 10.36
C LYS A 20 7.17 3.60 9.80
N ALA A 21 8.10 3.98 10.68
CA ALA A 21 9.50 4.21 10.30
C ALA A 21 10.12 2.92 9.75
N GLN A 22 9.68 1.79 10.29
CA GLN A 22 10.12 0.47 9.85
C GLN A 22 9.46 0.17 8.52
N GLN A 23 8.17 0.46 8.48
CA GLN A 23 7.32 0.20 7.34
C GLN A 23 7.78 0.95 6.11
N GLU A 24 8.09 2.24 6.26
CA GLU A 24 8.53 3.08 5.14
C GLU A 24 9.67 2.43 4.37
N GLU A 25 10.60 1.88 5.12
CA GLU A 25 11.73 1.20 4.53
C GLU A 25 11.30 -0.11 3.85
N ARG A 26 10.58 -0.95 4.58
CA ARG A 26 10.23 -2.28 4.07
C ARG A 26 9.18 -2.27 2.98
N LEU A 27 8.26 -1.33 3.03
CA LEU A 27 7.25 -1.18 1.98
C LEU A 27 7.95 -0.88 0.66
N ASP A 28 8.96 -0.06 0.77
CA ASP A 28 9.76 0.36 -0.36
C ASP A 28 10.62 -0.81 -0.88
N GLU A 29 10.94 -1.74 0.01
CA GLU A 29 11.72 -2.94 -0.32
C GLU A 29 10.89 -3.93 -1.11
N ILE A 30 9.59 -3.90 -0.89
CA ILE A 30 8.68 -4.82 -1.55
C ILE A 30 8.61 -4.52 -3.05
N ASN A 31 8.68 -3.25 -3.41
CA ASN A 31 8.66 -2.89 -4.84
C ASN A 31 9.86 -3.42 -5.54
N LYS A 32 10.99 -3.27 -4.89
CA LYS A 32 12.28 -3.67 -5.43
C LYS A 32 12.28 -5.13 -5.84
N GLN A 33 11.72 -5.97 -5.02
CA GLN A 33 11.67 -7.40 -5.30
C GLN A 33 10.62 -7.75 -6.39
N PHE A 34 9.53 -7.01 -6.46
CA PHE A 34 8.55 -7.20 -7.55
C PHE A 34 9.10 -6.67 -8.88
N LEU A 35 9.89 -5.60 -8.79
CA LEU A 35 10.53 -4.99 -9.96
C LEU A 35 11.67 -5.90 -10.43
N ASP A 36 12.24 -6.62 -9.49
CA ASP A 36 13.32 -7.56 -9.77
C ASP A 36 12.80 -8.74 -10.56
N ASP A 37 11.56 -9.06 -10.33
CA ASP A 37 10.94 -10.22 -10.94
C ASP A 37 10.51 -9.89 -12.37
N PRO A 38 10.97 -10.69 -13.35
CA PRO A 38 10.73 -10.43 -14.77
C PRO A 38 9.29 -10.70 -15.24
N LYS A 39 8.43 -11.25 -14.38
CA LYS A 39 7.06 -11.49 -14.80
C LYS A 39 6.33 -10.17 -14.77
N TYR A 40 6.59 -9.41 -13.74
CA TYR A 40 5.95 -8.13 -13.56
C TYR A 40 6.70 -7.10 -14.33
N SER A 41 8.00 -7.12 -14.20
CA SER A 41 8.82 -6.11 -14.80
C SER A 41 9.09 -6.42 -16.27
N SER A 42 8.14 -6.03 -17.09
CA SER A 42 8.25 -6.08 -18.53
C SER A 42 7.37 -4.98 -19.14
N ASP A 43 6.77 -4.18 -18.27
CA ASP A 43 5.91 -3.10 -18.70
C ASP A 43 6.69 -1.81 -18.72
N GLU A 44 6.04 -0.76 -19.10
CA GLU A 44 6.63 0.53 -19.18
C GLU A 44 6.36 1.33 -17.90
N ASP A 45 5.13 1.29 -17.42
CA ASP A 45 4.77 2.01 -16.21
C ASP A 45 4.65 1.10 -15.01
N LEU A 46 5.18 -0.10 -15.12
CA LEU A 46 5.24 -1.03 -14.00
C LEU A 46 5.98 -0.40 -12.80
N PRO A 47 7.25 0.10 -12.98
CA PRO A 47 7.99 0.79 -11.90
C PRO A 47 7.21 1.99 -11.33
N SER A 48 6.37 2.58 -12.16
CA SER A 48 5.59 3.74 -11.77
C SER A 48 4.45 3.33 -10.82
N LYS A 49 3.84 2.17 -11.06
CA LYS A 49 2.82 1.64 -10.17
C LYS A 49 3.37 1.36 -8.80
N LEU A 50 4.48 0.64 -8.74
CA LEU A 50 5.09 0.30 -7.46
C LEU A 50 5.48 1.53 -6.65
N GLU A 51 6.21 2.44 -7.27
CA GLU A 51 6.70 3.62 -6.58
C GLU A 51 5.58 4.58 -6.20
N GLY A 52 4.55 4.64 -7.01
CA GLY A 52 3.41 5.44 -6.66
C GLY A 52 2.66 4.81 -5.52
N PHE A 53 2.48 3.51 -5.61
CA PHE A 53 1.75 2.75 -4.64
C PHE A 53 2.42 2.76 -3.25
N LYS A 54 3.76 2.59 -3.19
CA LYS A 54 4.45 2.61 -1.88
C LYS A 54 4.17 3.86 -1.07
N GLU A 55 4.15 5.02 -1.71
CA GLU A 55 3.86 6.24 -1.00
C GLU A 55 2.40 6.33 -0.62
N LYS A 56 1.52 5.84 -1.49
CA LYS A 56 0.09 5.84 -1.22
C LYS A 56 -0.30 4.85 -0.14
N TYR A 57 0.35 3.70 -0.11
CA TYR A 57 0.00 2.67 0.83
C TYR A 57 0.38 3.09 2.24
N MET A 58 1.59 3.63 2.39
CA MET A 58 2.04 4.12 3.69
C MET A 58 1.30 5.40 4.08
N GLU A 59 0.63 5.98 3.12
CA GLU A 59 -0.12 7.19 3.33
C GLU A 59 -1.44 6.84 3.97
N PHE A 60 -1.88 5.61 3.77
CA PHE A 60 -3.08 5.13 4.40
C PHE A 60 -2.76 4.78 5.85
N ASP A 61 -3.72 4.30 6.57
CA ASP A 61 -3.53 3.92 7.94
C ASP A 61 -3.01 2.49 8.03
N LEU A 62 -1.71 2.36 8.27
CA LEU A 62 -1.05 1.07 8.34
C LEU A 62 -1.17 0.50 9.74
N ASN A 63 -1.44 -0.78 9.83
CA ASN A 63 -1.42 -1.47 11.10
C ASN A 63 -0.02 -2.00 11.35
N GLY A 64 0.13 -2.78 12.41
CA GLY A 64 1.43 -3.28 12.84
C GLY A 64 2.15 -4.16 11.82
N ASN A 65 1.43 -4.84 10.94
CA ASN A 65 2.07 -5.69 9.94
C ASN A 65 2.13 -5.00 8.60
N GLY A 66 1.74 -3.75 8.58
CA GLY A 66 1.68 -3.05 7.31
C GLY A 66 0.50 -3.50 6.55
N ASP A 67 -0.52 -3.78 7.26
CA ASP A 67 -1.77 -4.25 6.75
C ASP A 67 -2.78 -3.16 6.97
N ILE A 68 -3.80 -3.11 6.18
CA ILE A 68 -4.78 -2.04 6.28
C ILE A 68 -6.17 -2.64 6.29
N ASP A 69 -7.00 -2.20 7.22
CA ASP A 69 -8.36 -2.69 7.30
C ASP A 69 -9.31 -1.79 6.55
N ILE A 70 -10.52 -2.27 6.40
CA ILE A 70 -11.62 -1.56 5.76
C ILE A 70 -11.92 -0.20 6.36
N MET A 71 -11.78 -0.06 7.68
CA MET A 71 -12.03 1.23 8.34
C MET A 71 -10.82 2.13 8.05
N SER A 72 -9.63 1.56 8.20
CA SER A 72 -8.39 2.28 7.97
C SER A 72 -8.33 2.89 6.56
N LEU A 73 -8.72 2.11 5.56
CA LEU A 73 -8.77 2.62 4.21
C LEU A 73 -9.95 3.59 4.06
N LYS A 74 -11.09 3.26 4.68
CA LYS A 74 -12.30 4.11 4.66
C LYS A 74 -11.99 5.53 5.16
N ARG A 75 -11.19 5.61 6.22
CA ARG A 75 -10.81 6.87 6.84
C ARG A 75 -10.17 7.79 5.80
N MET A 76 -9.47 7.20 4.85
CA MET A 76 -8.84 7.94 3.78
C MET A 76 -9.91 8.60 2.91
N LEU A 77 -10.82 7.78 2.41
CA LEU A 77 -11.89 8.22 1.49
C LEU A 77 -12.79 9.29 2.12
N GLU A 78 -13.23 9.07 3.36
CA GLU A 78 -14.15 10.03 3.98
C GLU A 78 -13.49 11.37 4.29
N LYS A 79 -12.21 11.38 4.62
CA LYS A 79 -11.52 12.62 4.86
C LYS A 79 -11.20 13.35 3.55
N LEU A 80 -11.08 12.58 2.47
CA LEU A 80 -10.80 13.12 1.15
C LEU A 80 -12.08 13.60 0.48
N GLY A 81 -11.96 14.06 -0.75
CA GLY A 81 -13.09 14.54 -1.50
C GLY A 81 -13.78 13.44 -2.27
N VAL A 82 -13.26 12.25 -2.13
CA VAL A 82 -13.83 11.07 -2.76
C VAL A 82 -14.42 10.12 -1.72
N PRO A 83 -15.69 10.33 -1.34
CA PRO A 83 -16.30 9.56 -0.30
C PRO A 83 -16.96 8.28 -0.80
N LYS A 84 -16.45 7.18 -0.33
CA LYS A 84 -17.05 5.89 -0.57
C LYS A 84 -17.64 5.38 0.71
N THR A 85 -18.52 4.42 0.62
CA THR A 85 -19.19 3.92 1.78
C THR A 85 -18.33 2.91 2.50
N HIS A 86 -18.68 2.63 3.72
CA HIS A 86 -18.04 1.62 4.54
C HIS A 86 -18.28 0.22 3.90
N LEU A 87 -19.34 0.14 3.07
CA LEU A 87 -19.68 -1.06 2.29
C LEU A 87 -18.69 -1.17 1.11
N GLU A 88 -18.41 -0.04 0.44
CA GLU A 88 -17.46 0.01 -0.69
C GLU A 88 -16.14 -0.56 -0.29
N LEU A 89 -15.62 -0.07 0.82
CA LEU A 89 -14.33 -0.54 1.31
C LEU A 89 -14.34 -2.05 1.61
N LYS A 90 -15.40 -2.53 2.24
CA LYS A 90 -15.53 -3.97 2.52
C LYS A 90 -15.55 -4.78 1.23
N LYS A 91 -16.23 -4.25 0.23
CA LYS A 91 -16.32 -4.88 -1.07
C LYS A 91 -14.97 -4.87 -1.79
N LEU A 92 -14.33 -3.72 -1.83
CA LEU A 92 -13.08 -3.56 -2.57
C LEU A 92 -11.94 -4.34 -1.92
N ILE A 93 -11.82 -4.21 -0.63
CA ILE A 93 -10.81 -4.90 0.12
C ILE A 93 -11.15 -6.38 0.21
N GLY A 94 -12.43 -6.67 0.23
CA GLY A 94 -12.88 -8.05 0.24
C GLY A 94 -12.55 -8.73 -1.05
N GLU A 95 -12.43 -7.95 -2.12
CA GLU A 95 -12.03 -8.47 -3.39
C GLU A 95 -10.57 -8.89 -3.33
N VAL A 96 -9.73 -7.99 -2.82
CA VAL A 96 -8.29 -8.25 -2.67
C VAL A 96 -8.04 -9.42 -1.73
N SER A 97 -8.72 -9.42 -0.59
CA SER A 97 -8.56 -10.50 0.40
C SER A 97 -9.31 -11.78 -0.03
N SER A 98 -10.01 -11.68 -1.16
CA SER A 98 -10.73 -12.77 -1.79
C SER A 98 -12.00 -13.19 -1.02
N GLY A 99 -11.83 -13.72 0.17
CA GLY A 99 -12.97 -14.19 0.93
C GLY A 99 -13.42 -13.20 1.97
N SER A 100 -13.25 -11.92 1.65
CA SER A 100 -13.59 -10.81 2.53
C SER A 100 -12.95 -10.91 3.91
N GLY A 101 -11.72 -10.49 3.98
CA GLY A 101 -11.03 -10.50 5.24
C GLY A 101 -11.11 -9.17 5.91
N GLU A 102 -11.47 -8.14 5.12
CA GLU A 102 -11.61 -6.76 5.59
C GLU A 102 -10.27 -6.14 5.98
N THR A 103 -9.22 -6.83 5.64
CA THR A 103 -7.88 -6.39 5.85
C THR A 103 -7.09 -6.82 4.60
N PHE A 104 -6.32 -5.93 4.03
CA PHE A 104 -5.51 -6.28 2.87
C PHE A 104 -4.06 -6.02 3.16
N SER A 105 -3.21 -6.61 2.38
CA SER A 105 -1.81 -6.46 2.56
C SER A 105 -1.19 -5.91 1.28
N TYR A 106 -0.01 -5.34 1.43
CA TYR A 106 0.73 -4.68 0.36
C TYR A 106 0.93 -5.61 -0.88
N PRO A 107 1.45 -6.88 -0.70
CA PRO A 107 1.66 -7.78 -1.83
C PRO A 107 0.35 -8.19 -2.48
N ASP A 108 -0.74 -8.22 -1.71
CA ASP A 108 -2.05 -8.64 -2.23
C ASP A 108 -2.62 -7.59 -3.13
N PHE A 109 -2.37 -6.35 -2.78
CA PHE A 109 -2.82 -5.26 -3.59
C PHE A 109 -2.06 -5.33 -4.93
N LEU A 110 -0.77 -5.65 -4.85
CA LEU A 110 0.05 -5.79 -6.00
C LEU A 110 -0.33 -7.03 -6.79
N ARG A 111 -0.76 -8.09 -6.11
CA ARG A 111 -1.24 -9.29 -6.79
C ARG A 111 -2.39 -8.98 -7.72
N MET A 112 -3.34 -8.17 -7.26
CA MET A 112 -4.44 -7.81 -8.10
C MET A 112 -4.01 -6.79 -9.18
N MET A 113 -3.21 -5.81 -8.80
CA MET A 113 -2.75 -4.75 -9.72
C MET A 113 -1.88 -5.32 -10.84
N LEU A 114 -0.98 -6.19 -10.45
CA LEU A 114 0.04 -6.75 -11.32
C LEU A 114 -0.40 -8.07 -11.94
N GLY A 115 -1.64 -8.44 -11.75
CA GLY A 115 -2.09 -9.72 -12.28
C GLY A 115 -3.60 -9.86 -12.43
N LYS A 116 -4.28 -10.17 -11.32
CA LYS A 116 -5.72 -10.49 -11.31
C LYS A 116 -6.58 -9.38 -11.93
N ARG A 117 -6.48 -8.18 -11.39
CA ARG A 117 -7.23 -7.00 -11.83
C ARG A 117 -8.74 -7.22 -11.77
N SER A 118 -9.30 -7.04 -10.59
CA SER A 118 -10.73 -7.22 -10.37
C SER A 118 -11.24 -6.33 -9.23
N ALA A 119 -10.40 -5.45 -8.75
CA ALA A 119 -10.74 -4.62 -7.61
C ALA A 119 -10.96 -3.19 -8.05
N ILE A 120 -12.11 -2.63 -7.71
CA ILE A 120 -12.45 -1.24 -8.08
C ILE A 120 -11.48 -0.24 -7.40
N LEU A 121 -10.89 -0.64 -6.27
CA LEU A 121 -9.89 0.20 -5.59
C LEU A 121 -8.66 0.49 -6.48
N LYS A 122 -8.43 -0.40 -7.44
CA LYS A 122 -7.36 -0.23 -8.41
C LYS A 122 -7.66 0.99 -9.26
N MET A 123 -8.94 1.16 -9.59
CA MET A 123 -9.38 2.25 -10.45
C MET A 123 -9.21 3.60 -9.76
N ILE A 124 -9.50 3.65 -8.46
CA ILE A 124 -9.38 4.91 -7.74
C ILE A 124 -7.91 5.29 -7.53
N LEU A 125 -7.02 4.29 -7.47
CA LEU A 125 -5.60 4.58 -7.36
C LEU A 125 -5.08 5.08 -8.69
N MET A 126 -5.67 4.58 -9.78
CA MET A 126 -5.31 5.00 -11.14
C MET A 126 -5.70 6.45 -11.38
N TYR A 127 -6.59 6.93 -10.55
CA TYR A 127 -7.05 8.30 -10.63
C TYR A 127 -6.01 9.24 -10.00
N GLU A 128 -5.19 8.68 -9.11
CA GLU A 128 -4.22 9.46 -8.34
C GLU A 128 -2.79 8.97 -8.60
N GLU A 129 -2.55 8.40 -9.79
CA GLU A 129 -1.23 7.86 -10.16
C GLU A 129 -0.15 8.91 -10.05
N LYS A 130 0.97 8.50 -9.45
CA LYS A 130 2.22 9.28 -9.39
C LYS A 130 2.10 10.58 -8.59
N ALA A 131 1.07 10.71 -7.79
CA ALA A 131 0.90 11.90 -6.98
C ALA A 131 1.68 11.82 -5.67
N ARG A 132 3.00 12.00 -5.82
CA ARG A 132 4.08 12.08 -4.79
C ARG A 132 5.38 11.71 -5.45
N GLU A 133 6.51 11.88 -4.78
CA GLU A 133 7.79 11.62 -5.41
C GLU A 133 8.94 11.60 -4.42
N LYS A 134 8.87 12.49 -3.47
CA LYS A 134 9.96 12.81 -2.53
C LYS A 134 10.68 11.58 -1.90
N GLU A 135 11.86 11.30 -2.40
CA GLU A 135 12.71 10.25 -1.85
C GLU A 135 14.10 10.80 -1.62
N LYS A 136 14.30 11.34 -0.44
CA LYS A 136 15.59 11.87 0.00
C LYS A 136 16.14 12.95 -0.95
N PRO A 137 15.78 14.23 -0.75
CA PRO A 137 16.30 15.35 -1.55
C PRO A 137 17.81 15.42 -1.42
N THR A 138 18.28 15.08 -0.24
CA THR A 138 19.66 15.00 0.02
C THR A 138 20.01 13.51 0.20
N GLY A 139 21.10 13.09 -0.40
CA GLY A 139 21.48 11.71 -0.34
C GLY A 139 22.07 11.33 0.99
N PRO A 140 22.27 10.03 1.24
CA PRO A 140 22.84 9.53 2.49
C PRO A 140 24.23 10.13 2.76
N PRO A 141 24.49 10.58 3.98
CA PRO A 141 25.75 11.17 4.34
C PRO A 141 26.83 10.12 4.58
N ALA A 142 27.76 10.04 3.67
CA ALA A 142 28.85 9.10 3.79
C ALA A 142 29.91 9.67 4.69
N LYS A 143 30.17 9.00 5.79
CA LYS A 143 31.15 9.45 6.74
C LYS A 143 32.55 9.12 6.24
N LYS A 144 33.46 10.06 6.40
CA LYS A 144 34.82 9.87 5.97
C LYS A 144 35.66 9.22 7.07
N ALA A 145 36.59 8.40 6.69
CA ALA A 145 37.45 7.75 7.62
C ALA A 145 38.90 7.88 7.17
N ILE A 146 39.53 8.93 7.62
CA ILE A 146 40.91 9.18 7.32
C ILE A 146 41.55 10.03 8.40
N SER A 147 42.43 9.44 9.15
CA SER A 147 43.13 10.15 10.17
C SER A 147 44.59 10.24 9.78
N GLU A 148 44.99 11.39 9.31
CA GLU A 148 46.34 11.61 8.88
C GLU A 148 47.22 11.94 10.07
N LEU A 149 48.49 11.67 9.93
CA LEU A 149 49.43 11.95 10.98
C LEU A 149 49.76 13.46 11.05
N PRO A 150 49.93 14.00 12.27
CA PRO A 150 50.29 15.39 12.47
C PRO A 150 51.71 15.68 11.98
N GLY A 1 32.05 -6.71 1.58
CA GLY A 1 31.15 -7.74 2.06
C GLY A 1 30.05 -7.99 1.07
N PRO A 2 28.85 -8.35 1.53
CA PRO A 2 27.70 -8.49 0.66
C PRO A 2 27.27 -7.11 0.15
N LEU A 3 26.98 -7.02 -1.14
CA LEU A 3 26.64 -5.77 -1.85
C LEU A 3 25.56 -4.98 -1.10
N GLU A 4 24.41 -5.57 -0.93
CA GLU A 4 23.32 -4.92 -0.25
C GLU A 4 23.42 -5.25 1.23
N SER A 5 23.44 -6.55 1.51
CA SER A 5 23.59 -7.12 2.86
C SER A 5 22.36 -6.90 3.77
N GLN A 6 21.71 -5.75 3.61
CA GLN A 6 20.62 -5.34 4.47
C GLN A 6 19.46 -6.33 4.50
N THR A 7 19.31 -6.92 5.64
CA THR A 7 18.18 -7.71 5.99
C THR A 7 17.99 -7.49 7.47
N ARG A 8 17.24 -6.47 7.79
CA ARG A 8 17.12 -6.00 9.14
C ARG A 8 15.69 -5.57 9.39
N ASP A 9 14.96 -6.36 10.14
CA ASP A 9 13.60 -6.02 10.44
C ASP A 9 13.53 -5.25 11.74
N LEU A 10 12.87 -4.13 11.71
CA LEU A 10 12.63 -3.36 12.89
C LEU A 10 11.20 -3.56 13.32
N GLN A 11 10.98 -4.57 14.11
CA GLN A 11 9.68 -4.82 14.63
C GLN A 11 9.57 -4.16 15.99
N GLY A 12 8.71 -3.20 16.07
CA GLY A 12 8.56 -2.46 17.28
C GLY A 12 7.24 -1.81 17.36
N GLY A 13 6.20 -2.62 17.46
CA GLY A 13 4.84 -2.13 17.55
C GLY A 13 4.52 -1.57 18.91
N LYS A 14 5.37 -0.72 19.41
CA LYS A 14 5.16 -0.09 20.68
C LYS A 14 4.43 1.22 20.41
N ALA A 15 4.94 1.94 19.42
CA ALA A 15 4.37 3.22 19.04
C ALA A 15 3.53 3.05 17.78
N PHE A 16 2.24 3.14 17.95
CA PHE A 16 1.32 2.97 16.86
C PHE A 16 1.15 4.26 16.11
N GLY A 17 1.58 4.24 14.88
CA GLY A 17 1.50 5.40 14.03
C GLY A 17 2.87 5.83 13.58
N LEU A 18 3.83 5.61 14.45
CA LEU A 18 5.22 5.99 14.20
C LEU A 18 6.00 4.80 13.62
N LEU A 19 5.27 3.85 13.11
CA LEU A 19 5.84 2.66 12.52
C LEU A 19 6.35 2.89 11.10
N LYS A 20 5.81 3.90 10.44
CA LYS A 20 6.05 4.18 9.00
C LYS A 20 7.52 4.16 8.59
N ALA A 21 8.36 4.85 9.33
CA ALA A 21 9.80 4.92 9.02
C ALA A 21 10.45 3.54 9.09
N GLN A 22 9.97 2.74 10.02
CA GLN A 22 10.49 1.41 10.21
C GLN A 22 9.96 0.49 9.12
N GLN A 23 8.73 0.73 8.72
CA GLN A 23 8.06 -0.10 7.73
C GLN A 23 8.46 0.28 6.33
N GLU A 24 8.93 1.49 6.16
CA GLU A 24 9.29 2.03 4.87
C GLU A 24 10.25 1.11 4.14
N GLU A 25 11.27 0.65 4.84
CA GLU A 25 12.27 -0.22 4.28
C GLU A 25 11.63 -1.53 3.83
N ARG A 26 10.71 -2.06 4.64
CA ARG A 26 10.00 -3.31 4.33
C ARG A 26 9.21 -3.11 3.07
N LEU A 27 8.52 -1.98 3.00
CA LEU A 27 7.70 -1.60 1.88
C LEU A 27 8.54 -1.52 0.60
N ASP A 28 9.65 -0.79 0.66
CA ASP A 28 10.56 -0.67 -0.48
C ASP A 28 11.18 -2.02 -0.87
N GLU A 29 11.29 -2.94 0.08
CA GLU A 29 11.80 -4.29 -0.20
C GLU A 29 10.85 -5.04 -1.07
N ILE A 30 9.57 -4.79 -0.89
CA ILE A 30 8.56 -5.44 -1.68
C ILE A 30 8.62 -4.90 -3.12
N ASN A 31 8.93 -3.63 -3.25
CA ASN A 31 9.14 -2.98 -4.55
C ASN A 31 10.30 -3.62 -5.27
N LYS A 32 11.40 -3.75 -4.55
CA LYS A 32 12.63 -4.32 -5.09
C LYS A 32 12.44 -5.72 -5.64
N GLN A 33 11.65 -6.53 -4.95
CA GLN A 33 11.45 -7.91 -5.35
C GLN A 33 10.52 -8.04 -6.58
N PHE A 34 9.48 -7.21 -6.65
CA PHE A 34 8.61 -7.20 -7.84
C PHE A 34 9.32 -6.64 -9.06
N LEU A 35 10.22 -5.70 -8.80
CA LEU A 35 11.01 -5.06 -9.84
C LEU A 35 12.01 -6.09 -10.39
N ASP A 36 12.57 -6.86 -9.48
CA ASP A 36 13.57 -7.89 -9.81
C ASP A 36 12.96 -9.08 -10.54
N ASP A 37 11.70 -9.34 -10.30
CA ASP A 37 11.06 -10.53 -10.86
C ASP A 37 11.03 -10.52 -12.39
N PRO A 38 11.62 -11.56 -13.03
CA PRO A 38 11.75 -11.67 -14.48
C PRO A 38 10.44 -11.67 -15.27
N LYS A 39 9.31 -11.98 -14.61
CA LYS A 39 8.05 -12.04 -15.32
C LYS A 39 7.59 -10.60 -15.59
N TYR A 40 7.88 -9.72 -14.65
CA TYR A 40 7.57 -8.32 -14.80
C TYR A 40 8.67 -7.65 -15.61
N SER A 41 9.88 -8.19 -15.49
CA SER A 41 11.04 -7.82 -16.30
C SER A 41 11.42 -6.34 -16.13
N SER A 42 11.07 -5.76 -14.98
CA SER A 42 11.36 -4.34 -14.68
C SER A 42 10.69 -3.44 -15.74
N ASP A 43 9.46 -3.81 -16.12
CA ASP A 43 8.66 -3.15 -17.17
C ASP A 43 8.54 -1.64 -16.94
N GLU A 44 8.42 -0.88 -18.02
CA GLU A 44 8.36 0.58 -17.98
C GLU A 44 7.28 1.16 -17.02
N ASP A 45 6.16 0.49 -16.83
CA ASP A 45 5.13 1.03 -15.92
C ASP A 45 5.07 0.23 -14.62
N LEU A 46 6.01 -0.68 -14.47
CA LEU A 46 6.08 -1.52 -13.29
C LEU A 46 6.54 -0.69 -12.05
N PRO A 47 7.76 -0.06 -12.05
CA PRO A 47 8.24 0.74 -10.92
C PRO A 47 7.33 1.91 -10.61
N SER A 48 6.63 2.38 -11.64
CA SER A 48 5.74 3.51 -11.52
C SER A 48 4.58 3.19 -10.57
N LYS A 49 4.15 1.95 -10.57
CA LYS A 49 3.12 1.52 -9.68
C LYS A 49 3.68 1.37 -8.27
N LEU A 50 4.80 0.65 -8.17
CA LEU A 50 5.46 0.38 -6.88
C LEU A 50 5.86 1.66 -6.13
N GLU A 51 6.52 2.57 -6.83
CA GLU A 51 7.04 3.79 -6.26
C GLU A 51 5.92 4.62 -5.62
N GLY A 52 4.86 4.86 -6.37
CA GLY A 52 3.76 5.66 -5.87
C GLY A 52 2.88 4.91 -4.89
N PHE A 53 2.86 3.59 -5.00
CA PHE A 53 2.03 2.77 -4.15
C PHE A 53 2.45 2.85 -2.69
N LYS A 54 3.71 2.54 -2.38
CA LYS A 54 4.20 2.67 -0.98
C LYS A 54 4.03 4.06 -0.38
N GLU A 55 4.10 5.09 -1.23
CA GLU A 55 3.87 6.46 -0.78
C GLU A 55 2.46 6.57 -0.17
N LYS A 56 1.47 6.07 -0.91
CA LYS A 56 0.08 6.13 -0.50
C LYS A 56 -0.24 5.11 0.58
N TYR A 57 0.32 3.91 0.42
CA TYR A 57 0.02 2.76 1.28
C TYR A 57 0.28 3.09 2.75
N MET A 58 1.40 3.74 3.01
CA MET A 58 1.75 4.12 4.38
C MET A 58 0.86 5.23 4.95
N GLU A 59 0.10 5.91 4.09
CA GLU A 59 -0.72 7.03 4.54
C GLU A 59 -2.07 6.63 5.07
N PHE A 60 -2.58 5.47 4.67
CA PHE A 60 -3.88 5.01 5.16
C PHE A 60 -3.79 4.79 6.67
N ASP A 61 -3.15 3.69 7.03
CA ASP A 61 -2.84 3.33 8.40
C ASP A 61 -2.23 1.96 8.38
N LEU A 62 -0.97 1.89 8.69
CA LEU A 62 -0.27 0.65 8.65
C LEU A 62 -0.35 -0.07 9.96
N ASN A 63 -0.71 -1.34 9.89
CA ASN A 63 -0.64 -2.21 11.06
C ASN A 63 0.83 -2.53 11.31
N GLY A 64 1.11 -3.27 12.37
CA GLY A 64 2.49 -3.63 12.72
C GLY A 64 3.19 -4.37 11.60
N ASN A 65 2.45 -5.19 10.89
CA ASN A 65 2.98 -5.97 9.77
C ASN A 65 3.03 -5.12 8.50
N GLY A 66 2.26 -4.07 8.50
CA GLY A 66 2.15 -3.23 7.34
C GLY A 66 0.94 -3.57 6.53
N ASP A 67 -0.17 -3.72 7.19
CA ASP A 67 -1.43 -4.04 6.54
C ASP A 67 -2.38 -2.88 6.72
N ILE A 68 -3.46 -2.87 5.96
CA ILE A 68 -4.47 -1.81 5.98
C ILE A 68 -5.85 -2.44 6.09
N ASP A 69 -6.69 -1.96 6.99
CA ASP A 69 -8.02 -2.54 7.10
C ASP A 69 -9.06 -1.70 6.37
N ILE A 70 -10.28 -2.22 6.29
CA ILE A 70 -11.42 -1.52 5.64
C ILE A 70 -11.64 -0.13 6.22
N MET A 71 -11.47 0.00 7.53
CA MET A 71 -11.63 1.22 8.20
C MET A 71 -10.51 2.19 7.83
N SER A 72 -9.29 1.66 7.76
CA SER A 72 -8.10 2.43 7.45
C SER A 72 -8.22 3.02 6.02
N LEU A 73 -8.73 2.21 5.12
CA LEU A 73 -8.90 2.60 3.73
C LEU A 73 -10.00 3.68 3.63
N LYS A 74 -11.08 3.48 4.40
CA LYS A 74 -12.19 4.44 4.39
C LYS A 74 -11.72 5.79 4.91
N ARG A 75 -10.82 5.75 5.89
CA ARG A 75 -10.26 6.96 6.51
C ARG A 75 -9.62 7.86 5.44
N MET A 76 -9.10 7.23 4.40
CA MET A 76 -8.51 7.97 3.29
C MET A 76 -9.57 8.72 2.50
N LEU A 77 -10.53 7.98 1.95
CA LEU A 77 -11.56 8.52 1.08
C LEU A 77 -12.52 9.44 1.81
N GLU A 78 -12.61 9.23 3.11
CA GLU A 78 -13.43 10.03 3.99
C GLU A 78 -12.93 11.48 3.97
N LYS A 79 -11.60 11.63 4.05
CA LYS A 79 -10.96 12.96 4.04
C LYS A 79 -10.98 13.55 2.64
N LEU A 80 -10.99 12.68 1.67
CA LEU A 80 -10.96 13.08 0.30
C LEU A 80 -12.36 13.36 -0.21
N GLY A 81 -12.46 13.75 -1.46
CA GLY A 81 -13.75 14.07 -2.02
C GLY A 81 -14.39 12.89 -2.70
N VAL A 82 -14.06 11.71 -2.25
CA VAL A 82 -14.59 10.49 -2.80
C VAL A 82 -15.25 9.63 -1.71
N PRO A 83 -16.54 9.86 -1.44
CA PRO A 83 -17.25 9.14 -0.42
C PRO A 83 -17.81 7.80 -0.93
N LYS A 84 -17.68 6.78 -0.11
CA LYS A 84 -18.17 5.46 -0.41
C LYS A 84 -18.89 4.93 0.81
N THR A 85 -19.82 4.04 0.61
CA THR A 85 -20.56 3.44 1.68
C THR A 85 -19.63 2.50 2.49
N HIS A 86 -19.90 2.34 3.78
CA HIS A 86 -19.06 1.52 4.67
C HIS A 86 -18.99 0.04 4.18
N LEU A 87 -20.06 -0.41 3.55
CA LEU A 87 -20.15 -1.75 2.96
C LEU A 87 -19.15 -1.88 1.78
N GLU A 88 -18.99 -0.79 1.04
CA GLU A 88 -18.19 -0.74 -0.17
C GLU A 88 -16.77 -1.24 0.09
N LEU A 89 -16.15 -0.71 1.15
CA LEU A 89 -14.75 -1.05 1.51
C LEU A 89 -14.59 -2.55 1.69
N LYS A 90 -15.48 -3.12 2.47
CA LYS A 90 -15.48 -4.53 2.80
C LYS A 90 -15.60 -5.38 1.54
N LYS A 91 -16.46 -4.94 0.65
CA LYS A 91 -16.68 -5.61 -0.61
C LYS A 91 -15.42 -5.49 -1.50
N LEU A 92 -14.89 -4.27 -1.60
CA LEU A 92 -13.68 -3.98 -2.39
C LEU A 92 -12.47 -4.78 -1.93
N ILE A 93 -12.21 -4.76 -0.64
CA ILE A 93 -11.02 -5.42 -0.11
C ILE A 93 -11.06 -6.94 -0.28
N GLY A 94 -12.24 -7.52 -0.20
CA GLY A 94 -12.36 -8.97 -0.38
C GLY A 94 -12.03 -9.41 -1.80
N GLU A 95 -12.00 -8.47 -2.72
CA GLU A 95 -11.64 -8.76 -4.09
C GLU A 95 -10.13 -8.99 -4.19
N VAL A 96 -9.41 -8.30 -3.34
CA VAL A 96 -7.97 -8.43 -3.27
C VAL A 96 -7.58 -9.51 -2.26
N SER A 97 -8.17 -9.40 -1.10
CA SER A 97 -7.84 -10.21 0.02
C SER A 97 -8.90 -11.24 0.26
N SER A 98 -9.29 -11.94 -0.81
CA SER A 98 -10.24 -13.02 -0.76
C SER A 98 -9.85 -14.03 0.34
N GLY A 99 -10.53 -13.91 1.46
CA GLY A 99 -10.28 -14.74 2.59
C GLY A 99 -10.34 -13.94 3.87
N SER A 100 -9.54 -12.88 3.92
CA SER A 100 -9.54 -11.98 5.04
C SER A 100 -10.73 -11.03 4.92
N GLY A 101 -10.90 -10.46 3.74
CA GLY A 101 -12.04 -9.62 3.45
C GLY A 101 -11.90 -8.17 3.91
N GLU A 102 -11.40 -7.95 5.12
CA GLU A 102 -11.40 -6.61 5.68
C GLU A 102 -10.01 -6.04 5.87
N THR A 103 -9.00 -6.71 5.39
CA THR A 103 -7.64 -6.25 5.56
C THR A 103 -6.86 -6.48 4.25
N PHE A 104 -5.92 -5.61 3.96
CA PHE A 104 -5.05 -5.72 2.79
C PHE A 104 -3.70 -6.12 3.17
N SER A 105 -2.96 -6.51 2.18
CA SER A 105 -1.57 -6.75 2.30
C SER A 105 -0.89 -6.15 1.08
N TYR A 106 0.30 -5.63 1.27
CA TYR A 106 1.04 -4.90 0.23
C TYR A 106 1.18 -5.70 -1.09
N PRO A 107 1.70 -6.97 -1.07
CA PRO A 107 1.85 -7.75 -2.32
C PRO A 107 0.48 -8.11 -2.92
N ASP A 108 -0.53 -8.20 -2.06
CA ASP A 108 -1.89 -8.55 -2.49
C ASP A 108 -2.51 -7.45 -3.28
N PHE A 109 -2.47 -6.23 -2.77
CA PHE A 109 -3.02 -5.09 -3.48
C PHE A 109 -2.28 -4.95 -4.81
N LEU A 110 -0.96 -5.19 -4.79
CA LEU A 110 -0.14 -5.16 -5.98
C LEU A 110 -0.59 -6.15 -6.99
N ARG A 111 -0.86 -7.39 -6.57
CA ARG A 111 -1.31 -8.44 -7.49
C ARG A 111 -2.53 -8.00 -8.26
N MET A 112 -3.39 -7.26 -7.59
CA MET A 112 -4.60 -6.71 -8.18
C MET A 112 -4.28 -5.52 -9.14
N MET A 113 -3.23 -4.78 -8.83
CA MET A 113 -2.84 -3.64 -9.66
C MET A 113 -2.09 -4.08 -10.91
N LEU A 114 -1.25 -5.08 -10.74
CA LEU A 114 -0.40 -5.55 -11.81
C LEU A 114 -1.12 -6.52 -12.75
N GLY A 115 -2.15 -7.15 -12.25
CA GLY A 115 -2.92 -8.08 -13.02
C GLY A 115 -4.26 -8.25 -12.40
N LYS A 116 -5.14 -9.03 -13.04
CA LYS A 116 -6.52 -9.28 -12.55
C LYS A 116 -7.37 -8.01 -12.66
N ARG A 117 -7.05 -7.00 -11.82
CA ARG A 117 -7.74 -5.71 -11.74
C ARG A 117 -9.26 -5.80 -11.79
N SER A 118 -9.82 -6.37 -10.75
CA SER A 118 -11.24 -6.57 -10.64
C SER A 118 -11.84 -5.79 -9.46
N ALA A 119 -11.00 -5.03 -8.78
CA ALA A 119 -11.44 -4.26 -7.63
C ALA A 119 -11.73 -2.84 -8.06
N ILE A 120 -12.89 -2.33 -7.69
CA ILE A 120 -13.32 -0.96 -8.07
C ILE A 120 -12.34 0.11 -7.55
N LEU A 121 -11.68 -0.19 -6.45
CA LEU A 121 -10.68 0.71 -5.90
C LEU A 121 -9.50 0.95 -6.86
N LYS A 122 -9.27 0.00 -7.77
CA LYS A 122 -8.24 0.13 -8.80
C LYS A 122 -8.57 1.33 -9.68
N MET A 123 -9.86 1.63 -9.80
CA MET A 123 -10.31 2.76 -10.60
C MET A 123 -10.08 4.05 -9.80
N ILE A 124 -10.30 3.95 -8.51
CA ILE A 124 -10.23 5.09 -7.59
C ILE A 124 -8.78 5.58 -7.41
N LEU A 125 -7.88 4.66 -7.08
CA LEU A 125 -6.48 5.03 -6.85
C LEU A 125 -5.76 5.44 -8.12
N MET A 126 -6.30 5.06 -9.27
CA MET A 126 -5.71 5.43 -10.54
C MET A 126 -6.34 6.70 -11.07
N TYR A 127 -7.36 7.19 -10.38
CA TYR A 127 -7.99 8.44 -10.73
C TYR A 127 -7.13 9.58 -10.21
N GLU A 128 -6.26 9.24 -9.28
CA GLU A 128 -5.32 10.18 -8.75
C GLU A 128 -4.15 10.24 -9.71
N GLU A 129 -4.21 11.19 -10.59
CA GLU A 129 -3.28 11.30 -11.68
C GLU A 129 -2.15 12.26 -11.35
N LYS A 130 -1.76 12.33 -10.07
CA LYS A 130 -0.60 13.10 -9.68
C LYS A 130 0.66 12.39 -10.20
N ALA A 131 0.48 11.12 -10.51
CA ALA A 131 1.51 10.35 -11.16
C ALA A 131 1.37 10.61 -12.65
N ARG A 132 2.37 11.27 -13.21
CA ARG A 132 2.34 11.74 -14.61
C ARG A 132 2.50 10.63 -15.65
N GLU A 133 2.12 9.42 -15.31
CA GLU A 133 2.24 8.31 -16.22
C GLU A 133 1.10 8.29 -17.21
N LYS A 134 1.03 7.23 -17.92
CA LYS A 134 0.06 7.07 -18.99
C LYS A 134 -0.60 5.70 -18.92
N GLU A 135 -1.40 5.45 -19.93
CA GLU A 135 -2.00 4.18 -20.20
C GLU A 135 -1.84 3.99 -21.69
N LYS A 136 -1.67 2.79 -22.12
CA LYS A 136 -1.43 2.55 -23.53
C LYS A 136 -2.62 1.84 -24.17
N PRO A 137 -3.48 2.59 -24.88
CA PRO A 137 -4.59 2.03 -25.57
C PRO A 137 -4.23 1.58 -26.99
N THR A 138 -4.07 0.31 -27.15
CA THR A 138 -3.80 -0.27 -28.44
C THR A 138 -4.64 -1.54 -28.55
N GLY A 139 -4.46 -2.40 -27.59
CA GLY A 139 -5.23 -3.61 -27.46
C GLY A 139 -5.04 -4.20 -26.08
N PRO A 140 -5.44 -3.48 -25.00
CA PRO A 140 -5.20 -3.90 -23.64
C PRO A 140 -6.31 -4.79 -23.10
N PRO A 141 -5.96 -5.98 -22.59
CA PRO A 141 -6.92 -6.86 -21.96
C PRO A 141 -7.41 -6.25 -20.64
N ALA A 142 -8.65 -5.81 -20.66
CA ALA A 142 -9.28 -5.22 -19.51
C ALA A 142 -10.75 -5.55 -19.55
N LYS A 143 -11.29 -5.96 -18.45
CA LYS A 143 -12.69 -6.34 -18.35
C LYS A 143 -13.17 -6.08 -16.94
N LYS A 144 -14.43 -6.30 -16.69
CA LYS A 144 -14.99 -6.14 -15.37
C LYS A 144 -16.19 -7.07 -15.15
N ALA A 145 -15.92 -8.35 -15.09
CA ALA A 145 -16.98 -9.31 -14.84
C ALA A 145 -17.13 -9.47 -13.35
N ILE A 146 -17.86 -8.57 -12.76
CA ILE A 146 -18.02 -8.52 -11.34
C ILE A 146 -19.33 -9.14 -10.89
N SER A 147 -19.22 -10.24 -10.21
CA SER A 147 -20.36 -10.88 -9.66
C SER A 147 -20.53 -10.42 -8.22
N GLU A 148 -21.44 -9.51 -8.02
CA GLU A 148 -21.68 -8.94 -6.72
C GLU A 148 -22.85 -9.62 -6.05
N LEU A 149 -22.78 -9.75 -4.75
CA LEU A 149 -23.80 -10.42 -4.00
C LEU A 149 -24.78 -9.39 -3.43
N PRO A 150 -26.08 -9.56 -3.67
CA PRO A 150 -27.09 -8.71 -3.10
C PRO A 150 -27.58 -9.30 -1.76
N GLY A 1 9.17 -22.79 2.32
CA GLY A 1 9.75 -21.56 2.83
C GLY A 1 9.55 -21.45 4.32
N PRO A 2 9.79 -20.27 4.92
CA PRO A 2 9.60 -20.06 6.36
C PRO A 2 8.10 -20.10 6.71
N LEU A 3 7.79 -19.94 7.99
CA LEU A 3 6.41 -19.95 8.40
C LEU A 3 5.79 -18.62 8.09
N GLU A 4 4.52 -18.62 7.78
CA GLU A 4 3.83 -17.40 7.53
C GLU A 4 3.60 -16.70 8.87
N SER A 5 4.12 -15.51 8.99
CA SER A 5 4.04 -14.80 10.22
C SER A 5 3.66 -13.36 9.92
N GLN A 6 2.81 -13.21 8.94
CA GLN A 6 2.25 -11.93 8.63
C GLN A 6 0.72 -12.12 8.63
N THR A 7 0.28 -12.98 9.52
CA THR A 7 -1.13 -13.27 9.71
C THR A 7 -1.76 -12.12 10.49
N ARG A 8 -1.13 -11.80 11.58
CA ARG A 8 -1.43 -10.68 12.45
C ARG A 8 -0.42 -10.72 13.54
N ASP A 9 0.76 -10.38 13.16
CA ASP A 9 1.90 -10.53 14.00
C ASP A 9 2.47 -9.20 14.33
N LEU A 10 2.09 -8.73 15.48
CA LEU A 10 2.53 -7.47 15.98
C LEU A 10 2.63 -7.59 17.47
N GLN A 11 3.57 -6.91 18.05
CA GLN A 11 3.73 -6.90 19.47
C GLN A 11 2.70 -5.99 20.09
N GLY A 12 2.54 -4.82 19.50
CA GLY A 12 1.56 -3.89 19.96
C GLY A 12 2.16 -2.56 20.28
N GLY A 13 1.49 -1.81 21.11
CA GLY A 13 1.98 -0.52 21.51
C GLY A 13 1.45 0.60 20.65
N LYS A 14 1.67 1.81 21.07
CA LYS A 14 1.24 2.97 20.33
C LYS A 14 2.48 3.64 19.76
N ALA A 15 2.61 3.61 18.47
CA ALA A 15 3.73 4.23 17.79
C ALA A 15 3.33 4.58 16.39
N PHE A 16 3.98 5.55 15.82
CA PHE A 16 3.70 5.96 14.45
C PHE A 16 4.98 6.36 13.76
N GLY A 17 5.71 7.29 14.37
CA GLY A 17 6.96 7.76 13.80
C GLY A 17 7.97 6.65 13.64
N LEU A 18 8.04 5.79 14.64
CA LEU A 18 8.94 4.65 14.60
C LEU A 18 8.48 3.66 13.53
N LEU A 19 7.19 3.37 13.52
CA LEU A 19 6.64 2.41 12.57
C LEU A 19 6.85 2.82 11.15
N LYS A 20 6.46 4.03 10.81
CA LYS A 20 6.56 4.51 9.43
C LYS A 20 8.02 4.50 8.97
N ALA A 21 8.95 4.75 9.89
CA ALA A 21 10.37 4.72 9.59
C ALA A 21 10.80 3.31 9.18
N GLN A 22 10.23 2.33 9.85
CA GLN A 22 10.53 0.94 9.57
C GLN A 22 9.85 0.52 8.29
N GLN A 23 8.60 0.94 8.12
CA GLN A 23 7.81 0.56 6.97
C GLN A 23 8.38 1.14 5.71
N GLU A 24 8.91 2.36 5.78
CA GLU A 24 9.47 3.06 4.63
C GLU A 24 10.50 2.15 3.92
N GLU A 25 11.33 1.47 4.71
CA GLU A 25 12.29 0.53 4.16
C GLU A 25 11.57 -0.69 3.57
N ARG A 26 10.69 -1.28 4.37
CA ARG A 26 9.96 -2.51 3.99
C ARG A 26 9.13 -2.32 2.73
N LEU A 27 8.44 -1.21 2.64
CA LEU A 27 7.62 -0.88 1.48
C LEU A 27 8.48 -0.84 0.23
N ASP A 28 9.63 -0.21 0.35
CA ASP A 28 10.57 -0.12 -0.75
C ASP A 28 11.11 -1.51 -1.11
N GLU A 29 11.26 -2.34 -0.08
CA GLU A 29 11.74 -3.72 -0.27
C GLU A 29 10.73 -4.52 -1.04
N ILE A 30 9.47 -4.32 -0.74
CA ILE A 30 8.41 -5.02 -1.42
C ILE A 30 8.37 -4.57 -2.89
N ASN A 31 8.55 -3.29 -3.12
CA ASN A 31 8.60 -2.77 -4.49
C ASN A 31 9.74 -3.37 -5.28
N LYS A 32 10.88 -3.55 -4.62
CA LYS A 32 12.07 -4.09 -5.28
C LYS A 32 11.93 -5.59 -5.58
N GLN A 33 11.26 -6.32 -4.72
CA GLN A 33 11.12 -7.76 -4.93
C GLN A 33 10.13 -8.07 -6.06
N PHE A 34 9.12 -7.23 -6.23
CA PHE A 34 8.20 -7.36 -7.38
C PHE A 34 8.89 -6.94 -8.67
N LEU A 35 9.81 -6.00 -8.57
CA LEU A 35 10.60 -5.54 -9.69
C LEU A 35 11.55 -6.67 -10.13
N ASP A 36 11.94 -7.48 -9.17
CA ASP A 36 12.83 -8.60 -9.40
C ASP A 36 12.05 -9.86 -9.85
N ASP A 37 10.76 -9.86 -9.60
CA ASP A 37 9.94 -11.04 -9.90
C ASP A 37 9.80 -11.26 -11.41
N PRO A 38 10.10 -12.49 -11.88
CA PRO A 38 10.10 -12.85 -13.31
C PRO A 38 8.73 -12.78 -14.01
N LYS A 39 7.65 -12.60 -13.26
CA LYS A 39 6.31 -12.50 -13.87
C LYS A 39 6.23 -11.18 -14.59
N TYR A 40 6.95 -10.23 -14.07
CA TYR A 40 6.93 -8.90 -14.58
C TYR A 40 8.19 -8.66 -15.35
N SER A 41 9.31 -9.01 -14.72
CA SER A 41 10.66 -8.87 -15.28
C SER A 41 10.96 -7.46 -15.83
N SER A 42 10.55 -7.20 -17.05
CA SER A 42 10.85 -5.96 -17.67
C SER A 42 9.58 -5.25 -18.14
N ASP A 43 8.98 -4.49 -17.24
CA ASP A 43 7.88 -3.63 -17.59
C ASP A 43 8.36 -2.22 -17.31
N GLU A 44 8.37 -1.39 -18.30
CA GLU A 44 9.06 -0.08 -18.23
C GLU A 44 8.38 0.97 -17.34
N ASP A 45 7.29 0.62 -16.72
CA ASP A 45 6.64 1.52 -15.78
C ASP A 45 6.43 0.78 -14.48
N LEU A 46 6.96 -0.45 -14.42
CA LEU A 46 6.79 -1.37 -13.29
C LEU A 46 7.20 -0.68 -11.96
N PRO A 47 8.47 -0.17 -11.83
CA PRO A 47 8.92 0.48 -10.60
C PRO A 47 8.06 1.71 -10.25
N SER A 48 7.60 2.44 -11.27
CA SER A 48 6.80 3.65 -11.07
C SER A 48 5.46 3.30 -10.42
N LYS A 49 4.89 2.17 -10.84
CA LYS A 49 3.62 1.69 -10.31
C LYS A 49 3.77 1.36 -8.84
N LEU A 50 4.86 0.68 -8.53
CA LEU A 50 5.17 0.30 -7.16
C LEU A 50 5.48 1.51 -6.27
N GLU A 51 6.32 2.39 -6.76
CA GLU A 51 6.70 3.59 -6.01
C GLU A 51 5.50 4.50 -5.74
N GLY A 52 4.63 4.64 -6.73
CA GLY A 52 3.44 5.45 -6.56
C GLY A 52 2.46 4.78 -5.60
N PHE A 53 2.47 3.47 -5.62
CA PHE A 53 1.63 2.67 -4.75
C PHE A 53 2.02 2.80 -3.28
N LYS A 54 3.30 2.57 -2.96
CA LYS A 54 3.76 2.65 -1.57
C LYS A 54 3.45 4.02 -0.97
N GLU A 55 3.53 5.04 -1.83
CA GLU A 55 3.34 6.44 -1.45
C GLU A 55 1.92 6.59 -0.84
N LYS A 56 0.93 6.08 -1.56
CA LYS A 56 -0.45 6.12 -1.10
C LYS A 56 -0.74 5.13 0.00
N TYR A 57 -0.20 3.92 -0.11
CA TYR A 57 -0.51 2.87 0.83
C TYR A 57 -0.13 3.29 2.25
N MET A 58 1.02 3.92 2.37
CA MET A 58 1.52 4.41 3.65
C MET A 58 0.73 5.61 4.20
N GLU A 59 -0.19 6.18 3.40
CA GLU A 59 -1.02 7.30 3.87
C GLU A 59 -2.16 6.78 4.72
N PHE A 60 -2.56 5.55 4.45
CA PHE A 60 -3.61 4.90 5.21
C PHE A 60 -3.05 4.49 6.57
N ASP A 61 -3.89 4.11 7.49
CA ASP A 61 -3.39 3.68 8.78
C ASP A 61 -2.98 2.23 8.73
N LEU A 62 -1.69 1.99 8.68
CA LEU A 62 -1.22 0.63 8.57
C LEU A 62 -1.32 -0.14 9.86
N ASN A 63 -1.96 -1.26 9.74
CA ASN A 63 -2.18 -2.22 10.76
C ASN A 63 -0.85 -2.98 11.02
N GLY A 64 -0.82 -3.87 12.01
CA GLY A 64 0.40 -4.54 12.47
C GLY A 64 1.25 -5.20 11.38
N ASN A 65 0.60 -5.79 10.42
CA ASN A 65 1.30 -6.50 9.34
C ASN A 65 1.68 -5.56 8.19
N GLY A 66 1.52 -4.25 8.40
CA GLY A 66 1.64 -3.32 7.29
C GLY A 66 0.47 -3.55 6.40
N ASP A 67 -0.64 -3.70 7.07
CA ASP A 67 -1.91 -4.09 6.53
C ASP A 67 -2.88 -2.92 6.63
N ILE A 68 -3.98 -2.97 5.96
CA ILE A 68 -4.96 -1.91 6.01
C ILE A 68 -6.34 -2.51 6.25
N ASP A 69 -6.99 -2.20 7.36
CA ASP A 69 -8.35 -2.71 7.56
C ASP A 69 -9.31 -1.85 6.76
N ILE A 70 -10.59 -2.26 6.67
CA ILE A 70 -11.57 -1.46 5.92
C ILE A 70 -11.70 -0.07 6.53
N MET A 71 -11.51 0.01 7.84
CA MET A 71 -11.65 1.26 8.58
C MET A 71 -10.51 2.20 8.24
N SER A 72 -9.33 1.64 8.12
CA SER A 72 -8.16 2.40 7.76
C SER A 72 -8.34 2.96 6.35
N LEU A 73 -8.96 2.16 5.50
CA LEU A 73 -9.26 2.55 4.13
C LEU A 73 -10.37 3.62 4.14
N LYS A 74 -11.47 3.33 4.86
CA LYS A 74 -12.60 4.26 4.98
C LYS A 74 -12.16 5.62 5.46
N ARG A 75 -11.23 5.64 6.40
CA ARG A 75 -10.73 6.89 6.96
C ARG A 75 -10.20 7.82 5.87
N MET A 76 -9.65 7.24 4.82
CA MET A 76 -9.15 8.01 3.71
C MET A 76 -10.31 8.68 2.99
N LEU A 77 -11.29 7.86 2.58
CA LEU A 77 -12.44 8.35 1.85
C LEU A 77 -13.24 9.36 2.66
N GLU A 78 -13.41 9.08 3.94
CA GLU A 78 -14.13 9.95 4.85
C GLU A 78 -13.46 11.33 4.86
N LYS A 79 -12.15 11.32 5.03
CA LYS A 79 -11.34 12.52 5.03
C LYS A 79 -11.40 13.24 3.68
N LEU A 80 -11.18 12.50 2.62
CA LEU A 80 -11.10 13.05 1.25
C LEU A 80 -12.44 13.55 0.72
N GLY A 81 -13.53 13.11 1.31
CA GLY A 81 -14.83 13.58 0.89
C GLY A 81 -15.52 12.64 -0.09
N VAL A 82 -14.96 11.48 -0.25
CA VAL A 82 -15.54 10.48 -1.13
C VAL A 82 -16.34 9.46 -0.31
N PRO A 83 -17.66 9.42 -0.46
CA PRO A 83 -18.48 8.53 0.29
C PRO A 83 -18.66 7.17 -0.38
N LYS A 84 -18.10 6.17 0.21
CA LYS A 84 -18.37 4.83 -0.20
C LYS A 84 -19.16 4.22 0.96
N THR A 85 -19.94 3.23 0.70
CA THR A 85 -20.74 2.67 1.73
C THR A 85 -19.93 1.64 2.46
N HIS A 86 -20.22 1.44 3.74
CA HIS A 86 -19.46 0.51 4.59
C HIS A 86 -19.45 -0.91 4.02
N LEU A 87 -20.50 -1.25 3.31
CA LEU A 87 -20.63 -2.57 2.69
C LEU A 87 -19.74 -2.64 1.42
N GLU A 88 -19.81 -1.62 0.56
CA GLU A 88 -19.04 -1.61 -0.71
C GLU A 88 -17.56 -1.39 -0.44
N LEU A 89 -17.33 -0.66 0.61
CA LEU A 89 -16.01 -0.39 1.16
C LEU A 89 -15.28 -1.68 1.45
N LYS A 90 -15.98 -2.58 2.10
CA LYS A 90 -15.41 -3.84 2.49
C LYS A 90 -15.23 -4.74 1.26
N LYS A 91 -16.08 -4.55 0.26
CA LYS A 91 -16.03 -5.31 -0.98
C LYS A 91 -14.77 -5.05 -1.76
N LEU A 92 -14.25 -3.83 -1.70
CA LEU A 92 -13.01 -3.49 -2.39
C LEU A 92 -11.87 -4.35 -1.87
N ILE A 93 -11.84 -4.54 -0.57
CA ILE A 93 -10.86 -5.38 0.06
C ILE A 93 -11.21 -6.85 -0.19
N GLY A 94 -12.50 -7.14 -0.24
CA GLY A 94 -12.96 -8.47 -0.50
C GLY A 94 -12.58 -8.97 -1.89
N GLU A 95 -12.55 -8.07 -2.84
CA GLU A 95 -12.15 -8.38 -4.21
C GLU A 95 -10.69 -8.84 -4.23
N VAL A 96 -9.90 -8.17 -3.45
CA VAL A 96 -8.49 -8.40 -3.39
C VAL A 96 -8.13 -9.60 -2.49
N SER A 97 -8.70 -9.65 -1.33
CA SER A 97 -8.36 -10.65 -0.34
C SER A 97 -9.29 -11.88 -0.42
N SER A 98 -10.09 -11.96 -1.50
CA SER A 98 -11.04 -13.06 -1.75
C SER A 98 -12.21 -13.09 -0.74
N GLY A 99 -13.40 -12.78 -1.22
CA GLY A 99 -14.59 -12.83 -0.39
C GLY A 99 -14.74 -11.59 0.45
N SER A 100 -14.50 -11.72 1.72
CA SER A 100 -14.51 -10.61 2.63
C SER A 100 -13.26 -10.69 3.51
N GLY A 101 -12.20 -10.03 3.05
CA GLY A 101 -10.96 -10.07 3.79
C GLY A 101 -11.01 -9.20 5.02
N GLU A 102 -11.45 -7.95 4.83
CA GLU A 102 -11.58 -6.91 5.89
C GLU A 102 -10.24 -6.28 6.22
N THR A 103 -9.21 -7.07 6.14
CA THR A 103 -7.85 -6.64 6.19
C THR A 103 -7.26 -6.74 4.78
N PHE A 104 -6.59 -5.72 4.38
CA PHE A 104 -6.03 -5.60 3.05
C PHE A 104 -4.53 -5.61 3.19
N SER A 105 -3.84 -6.29 2.32
CA SER A 105 -2.41 -6.32 2.46
C SER A 105 -1.73 -5.66 1.26
N TYR A 106 -0.48 -5.29 1.44
CA TYR A 106 0.31 -4.60 0.45
C TYR A 106 0.50 -5.49 -0.82
N PRO A 107 1.01 -6.77 -0.69
CA PRO A 107 1.15 -7.65 -1.85
C PRO A 107 -0.20 -7.98 -2.46
N ASP A 108 -1.24 -7.97 -1.62
CA ASP A 108 -2.62 -8.20 -2.04
C ASP A 108 -3.01 -7.27 -3.18
N PHE A 109 -2.85 -5.97 -2.94
CA PHE A 109 -3.20 -4.95 -3.94
C PHE A 109 -2.46 -5.24 -5.23
N LEU A 110 -1.18 -5.53 -5.09
CA LEU A 110 -0.31 -5.78 -6.19
C LEU A 110 -0.70 -7.04 -6.95
N ARG A 111 -1.04 -8.11 -6.25
CA ARG A 111 -1.46 -9.35 -6.94
C ARG A 111 -2.68 -9.07 -7.82
N MET A 112 -3.60 -8.28 -7.30
CA MET A 112 -4.81 -7.91 -8.02
C MET A 112 -4.54 -6.90 -9.15
N MET A 113 -3.73 -5.91 -8.88
CA MET A 113 -3.44 -4.90 -9.88
C MET A 113 -2.51 -5.41 -10.97
N LEU A 114 -1.66 -6.31 -10.60
CA LEU A 114 -0.68 -6.88 -11.50
C LEU A 114 -1.20 -8.14 -12.18
N GLY A 115 -2.38 -8.57 -11.77
CA GLY A 115 -3.02 -9.74 -12.35
C GLY A 115 -4.47 -9.86 -11.92
N LYS A 116 -5.37 -9.97 -12.89
CA LYS A 116 -6.82 -10.03 -12.64
C LYS A 116 -7.25 -8.74 -11.94
N ARG A 117 -7.17 -7.69 -12.70
CA ARG A 117 -7.37 -6.34 -12.24
C ARG A 117 -8.87 -6.04 -12.19
N SER A 118 -9.42 -5.99 -10.99
CA SER A 118 -10.86 -5.85 -10.85
C SER A 118 -11.26 -4.82 -9.77
N ALA A 119 -10.50 -4.74 -8.70
CA ALA A 119 -10.83 -3.86 -7.56
C ALA A 119 -10.81 -2.39 -7.94
N ILE A 120 -11.90 -1.69 -7.59
CA ILE A 120 -12.07 -0.25 -7.89
C ILE A 120 -10.92 0.60 -7.33
N LEU A 121 -10.32 0.14 -6.26
CA LEU A 121 -9.19 0.82 -5.65
C LEU A 121 -7.96 0.97 -6.60
N LYS A 122 -7.87 0.07 -7.59
CA LYS A 122 -6.83 0.14 -8.62
C LYS A 122 -7.10 1.39 -9.48
N MET A 123 -8.38 1.71 -9.62
CA MET A 123 -8.82 2.85 -10.40
C MET A 123 -8.51 4.12 -9.63
N ILE A 124 -8.50 4.00 -8.31
CA ILE A 124 -8.19 5.12 -7.42
C ILE A 124 -6.70 5.47 -7.53
N LEU A 125 -5.87 4.44 -7.67
CA LEU A 125 -4.44 4.67 -7.85
C LEU A 125 -4.16 5.37 -9.19
N MET A 126 -5.04 5.15 -10.17
CA MET A 126 -4.89 5.81 -11.46
C MET A 126 -5.55 7.18 -11.43
N TYR A 127 -6.31 7.43 -10.40
CA TYR A 127 -7.01 8.70 -10.24
C TYR A 127 -6.01 9.77 -9.83
N GLU A 128 -4.98 9.36 -9.11
CA GLU A 128 -3.91 10.25 -8.72
C GLU A 128 -2.58 9.63 -9.07
N GLU A 129 -2.08 9.98 -10.22
CA GLU A 129 -0.78 9.53 -10.65
C GLU A 129 0.26 10.52 -10.12
N LYS A 130 1.04 10.07 -9.18
CA LYS A 130 1.98 10.95 -8.52
C LYS A 130 3.40 10.65 -8.96
N ALA A 131 3.58 9.53 -9.59
CA ALA A 131 4.88 9.15 -10.07
C ALA A 131 4.87 9.11 -11.58
N ARG A 132 5.61 10.01 -12.19
CA ARG A 132 5.71 10.06 -13.63
C ARG A 132 6.61 8.95 -14.12
N GLU A 133 7.80 8.92 -13.56
CA GLU A 133 8.80 7.96 -13.92
C GLU A 133 9.75 7.75 -12.75
N LYS A 134 9.72 6.60 -12.15
CA LYS A 134 10.60 6.28 -11.07
C LYS A 134 11.39 5.04 -11.33
N GLU A 135 12.59 5.22 -11.79
CA GLU A 135 13.50 4.12 -12.01
C GLU A 135 14.26 3.88 -10.72
N LYS A 136 14.58 2.64 -10.45
CA LYS A 136 15.25 2.34 -9.21
C LYS A 136 16.64 1.80 -9.49
N PRO A 137 17.68 2.52 -9.04
CA PRO A 137 19.09 2.14 -9.29
C PRO A 137 19.45 0.74 -8.81
N THR A 138 19.20 0.48 -7.55
CA THR A 138 19.57 -0.77 -6.94
C THR A 138 18.69 -1.92 -7.43
N GLY A 139 19.31 -2.84 -8.16
CA GLY A 139 18.61 -4.00 -8.63
C GLY A 139 18.77 -5.15 -7.66
N PRO A 140 19.47 -6.23 -8.06
CA PRO A 140 19.70 -7.38 -7.19
C PRO A 140 20.42 -6.96 -5.89
N PRO A 141 19.81 -7.22 -4.73
CA PRO A 141 20.37 -6.84 -3.46
C PRO A 141 21.42 -7.84 -2.97
N ALA A 142 22.67 -7.47 -3.04
CA ALA A 142 23.74 -8.33 -2.58
C ALA A 142 23.88 -8.23 -1.07
N LYS A 143 23.20 -9.07 -0.38
CA LYS A 143 23.22 -9.04 1.04
C LYS A 143 23.92 -10.23 1.65
N LYS A 144 25.20 -10.05 1.90
CA LYS A 144 25.99 -11.06 2.57
C LYS A 144 25.79 -10.87 4.06
N ALA A 145 25.51 -9.64 4.42
CA ALA A 145 25.17 -9.29 5.76
C ALA A 145 23.68 -9.14 5.82
N ILE A 146 23.02 -10.02 6.51
CA ILE A 146 21.59 -10.02 6.57
C ILE A 146 21.11 -10.43 7.93
N SER A 147 20.15 -9.72 8.44
CA SER A 147 19.53 -10.04 9.67
C SER A 147 18.04 -9.88 9.50
N GLU A 148 17.39 -10.95 9.12
CA GLU A 148 15.98 -10.93 8.88
C GLU A 148 15.31 -11.44 10.15
N LEU A 149 14.18 -10.90 10.50
CA LEU A 149 13.56 -11.29 11.74
C LEU A 149 12.65 -12.48 11.52
N PRO A 150 12.85 -13.55 12.30
CA PRO A 150 12.02 -14.74 12.22
C PRO A 150 10.66 -14.54 12.91
N GLY A 1 2.21 15.48 -9.87
CA GLY A 1 1.74 16.86 -10.01
C GLY A 1 2.89 17.80 -10.16
N PRO A 2 2.64 19.12 -10.22
CA PRO A 2 3.69 20.13 -10.40
C PRO A 2 4.45 20.43 -9.10
N LEU A 3 4.75 19.40 -8.34
CA LEU A 3 5.50 19.51 -7.11
C LEU A 3 6.76 18.69 -7.18
N GLU A 4 7.86 19.35 -7.35
CA GLU A 4 9.13 18.71 -7.38
C GLU A 4 9.67 18.67 -5.98
N SER A 5 9.34 17.63 -5.26
CA SER A 5 9.75 17.48 -3.90
C SER A 5 9.89 16.01 -3.57
N GLN A 6 11.08 15.61 -3.24
CA GLN A 6 11.33 14.26 -2.87
C GLN A 6 10.97 14.04 -1.44
N THR A 7 10.22 13.00 -1.19
CA THR A 7 9.83 12.67 0.13
C THR A 7 10.82 11.62 0.67
N ARG A 8 10.43 10.95 1.74
CA ARG A 8 11.24 9.98 2.41
C ARG A 8 12.40 10.61 3.16
N ASP A 9 12.12 10.95 4.39
CA ASP A 9 13.12 11.48 5.28
C ASP A 9 12.67 11.17 6.68
N LEU A 10 12.81 9.92 7.02
CA LEU A 10 12.42 9.43 8.31
C LEU A 10 13.65 9.17 9.13
N GLN A 11 14.02 10.14 9.89
CA GLN A 11 15.16 10.06 10.76
C GLN A 11 14.67 10.28 12.17
N GLY A 12 14.59 9.23 12.92
CA GLY A 12 14.06 9.30 14.24
C GLY A 12 12.57 9.10 14.20
N GLY A 13 11.86 10.16 13.94
CA GLY A 13 10.45 10.07 13.78
C GLY A 13 9.70 11.03 14.66
N LYS A 14 8.48 10.72 14.92
CA LYS A 14 7.64 11.49 15.77
C LYS A 14 6.77 10.48 16.46
N ALA A 15 6.92 10.35 17.78
CA ALA A 15 6.26 9.31 18.57
C ALA A 15 4.72 9.33 18.48
N PHE A 16 4.25 8.59 17.49
CA PHE A 16 2.86 8.29 17.18
C PHE A 16 2.85 7.88 15.72
N GLY A 17 2.90 6.60 15.49
CA GLY A 17 2.95 6.11 14.15
C GLY A 17 4.38 5.81 13.74
N LEU A 18 5.15 5.29 14.68
CA LEU A 18 6.54 4.94 14.43
C LEU A 18 6.67 3.64 13.65
N LEU A 19 5.54 2.97 13.41
CA LEU A 19 5.51 1.79 12.55
C LEU A 19 6.08 2.12 11.18
N LYS A 20 5.85 3.36 10.71
CA LYS A 20 6.35 3.84 9.42
C LYS A 20 7.88 3.69 9.34
N ALA A 21 8.54 3.87 10.47
CA ALA A 21 9.99 3.77 10.56
C ALA A 21 10.46 2.37 10.22
N GLN A 22 9.74 1.39 10.72
CA GLN A 22 10.09 -0.01 10.50
C GLN A 22 9.70 -0.40 9.08
N GLN A 23 8.54 0.08 8.67
CA GLN A 23 7.94 -0.27 7.40
C GLN A 23 8.62 0.33 6.18
N GLU A 24 9.15 1.56 6.29
CA GLU A 24 9.75 2.28 5.14
C GLU A 24 10.72 1.38 4.36
N GLU A 25 11.69 0.84 5.09
CA GLU A 25 12.70 -0.05 4.55
C GLU A 25 12.06 -1.24 3.83
N ARG A 26 11.10 -1.85 4.50
CA ARG A 26 10.47 -3.07 4.02
C ARG A 26 9.59 -2.81 2.80
N LEU A 27 8.83 -1.71 2.85
CA LEU A 27 7.92 -1.33 1.76
C LEU A 27 8.65 -1.21 0.45
N ASP A 28 9.77 -0.53 0.48
CA ASP A 28 10.53 -0.27 -0.71
C ASP A 28 11.16 -1.57 -1.24
N GLU A 29 11.45 -2.48 -0.31
CA GLU A 29 12.04 -3.77 -0.68
C GLU A 29 11.02 -4.68 -1.33
N ILE A 30 9.76 -4.52 -0.96
CA ILE A 30 8.69 -5.29 -1.55
C ILE A 30 8.54 -4.91 -3.02
N ASN A 31 8.67 -3.61 -3.27
CA ASN A 31 8.64 -3.04 -4.64
C ASN A 31 9.64 -3.69 -5.53
N LYS A 32 10.86 -3.78 -5.06
CA LYS A 32 11.96 -4.34 -5.83
C LYS A 32 11.66 -5.77 -6.25
N GLN A 33 11.16 -6.55 -5.32
CA GLN A 33 10.79 -7.95 -5.57
C GLN A 33 9.73 -8.06 -6.68
N PHE A 34 8.72 -7.20 -6.63
CA PHE A 34 7.69 -7.17 -7.68
C PHE A 34 8.21 -6.56 -9.00
N LEU A 35 9.00 -5.51 -8.90
CA LEU A 35 9.49 -4.78 -10.06
C LEU A 35 10.49 -5.62 -10.86
N ASP A 36 11.34 -6.35 -10.19
CA ASP A 36 12.33 -7.18 -10.86
C ASP A 36 11.76 -8.51 -11.33
N ASP A 37 10.49 -8.73 -11.08
CA ASP A 37 9.84 -9.95 -11.55
C ASP A 37 9.30 -9.75 -12.96
N PRO A 38 9.72 -10.58 -13.93
CA PRO A 38 9.31 -10.47 -15.34
C PRO A 38 7.80 -10.53 -15.60
N LYS A 39 7.04 -11.14 -14.70
CA LYS A 39 5.62 -11.28 -14.93
C LYS A 39 4.97 -9.95 -14.61
N TYR A 40 5.36 -9.35 -13.50
CA TYR A 40 4.80 -8.09 -13.09
C TYR A 40 5.32 -6.94 -13.93
N SER A 41 6.58 -7.04 -14.35
CA SER A 41 7.23 -5.96 -15.09
C SER A 41 6.72 -5.82 -16.53
N SER A 42 5.71 -6.59 -16.88
CA SER A 42 5.07 -6.50 -18.18
C SER A 42 4.17 -5.26 -18.23
N ASP A 43 3.83 -4.73 -17.06
CA ASP A 43 3.00 -3.55 -16.92
C ASP A 43 3.84 -2.33 -17.30
N GLU A 44 3.33 -1.49 -18.17
CA GLU A 44 4.11 -0.36 -18.70
C GLU A 44 4.34 0.76 -17.69
N ASP A 45 3.61 0.73 -16.61
CA ASP A 45 3.68 1.77 -15.60
C ASP A 45 4.14 1.17 -14.29
N LEU A 46 4.54 -0.09 -14.36
CA LEU A 46 4.96 -0.89 -13.20
C LEU A 46 5.95 -0.12 -12.29
N PRO A 47 7.11 0.39 -12.82
CA PRO A 47 8.08 1.16 -12.02
C PRO A 47 7.43 2.36 -11.32
N SER A 48 6.53 3.01 -12.00
CA SER A 48 5.87 4.18 -11.46
C SER A 48 4.78 3.80 -10.47
N LYS A 49 4.10 2.72 -10.78
CA LYS A 49 3.02 2.20 -9.99
C LYS A 49 3.50 1.77 -8.60
N LEU A 50 4.61 1.05 -8.56
CA LEU A 50 5.20 0.64 -7.27
C LEU A 50 5.70 1.81 -6.46
N GLU A 51 6.48 2.66 -7.09
CA GLU A 51 7.10 3.77 -6.39
C GLU A 51 6.07 4.77 -5.86
N GLY A 52 5.01 4.97 -6.61
CA GLY A 52 3.95 5.84 -6.14
C GLY A 52 3.14 5.18 -5.05
N PHE A 53 2.98 3.87 -5.17
CA PHE A 53 2.24 3.08 -4.22
C PHE A 53 2.89 3.08 -2.83
N LYS A 54 4.19 2.87 -2.78
CA LYS A 54 4.89 2.90 -1.49
C LYS A 54 4.76 4.23 -0.72
N GLU A 55 4.62 5.35 -1.44
CA GLU A 55 4.28 6.62 -0.80
C GLU A 55 2.85 6.59 -0.26
N LYS A 56 1.91 6.21 -1.12
CA LYS A 56 0.50 6.24 -0.77
C LYS A 56 0.08 5.20 0.25
N TYR A 57 0.72 4.03 0.26
CA TYR A 57 0.34 2.93 1.16
C TYR A 57 0.43 3.38 2.61
N MET A 58 1.52 4.05 2.93
CA MET A 58 1.72 4.56 4.29
C MET A 58 0.79 5.72 4.63
N GLU A 59 0.08 6.24 3.63
CA GLU A 59 -0.82 7.36 3.86
C GLU A 59 -2.19 6.91 4.35
N PHE A 60 -2.57 5.67 4.04
CA PHE A 60 -3.87 5.15 4.47
C PHE A 60 -3.95 5.14 5.98
N ASP A 61 -3.33 4.14 6.56
CA ASP A 61 -3.15 3.99 8.00
C ASP A 61 -2.65 2.62 8.24
N LEU A 62 -1.45 2.54 8.70
CA LEU A 62 -0.81 1.28 8.87
C LEU A 62 -1.06 0.76 10.27
N ASN A 63 -1.74 -0.37 10.37
CA ASN A 63 -2.02 -0.99 11.66
C ASN A 63 -0.82 -1.77 12.16
N GLY A 64 -1.03 -2.50 13.23
CA GLY A 64 0.05 -3.22 13.93
C GLY A 64 0.89 -4.15 13.07
N ASN A 65 0.31 -4.71 12.04
CA ASN A 65 1.04 -5.66 11.18
C ASN A 65 1.37 -5.00 9.85
N GLY A 66 1.23 -3.68 9.82
CA GLY A 66 1.46 -2.93 8.61
C GLY A 66 0.36 -3.23 7.63
N ASP A 67 -0.80 -3.35 8.17
CA ASP A 67 -1.97 -3.75 7.44
C ASP A 67 -2.98 -2.63 7.35
N ILE A 68 -3.79 -2.66 6.31
CA ILE A 68 -4.81 -1.65 6.09
C ILE A 68 -6.16 -2.34 6.01
N ASP A 69 -7.08 -1.85 6.76
CA ASP A 69 -8.37 -2.47 6.86
C ASP A 69 -9.42 -1.59 6.22
N ILE A 70 -10.67 -2.05 6.27
CA ILE A 70 -11.77 -1.34 5.68
C ILE A 70 -11.89 0.11 6.19
N MET A 71 -11.65 0.34 7.49
CA MET A 71 -11.83 1.66 8.07
C MET A 71 -10.69 2.61 7.75
N SER A 72 -9.49 2.10 7.72
CA SER A 72 -8.36 2.91 7.36
C SER A 72 -8.40 3.26 5.86
N LEU A 73 -8.93 2.34 5.08
CA LEU A 73 -9.16 2.56 3.65
C LEU A 73 -10.33 3.55 3.48
N LYS A 74 -11.38 3.37 4.32
CA LYS A 74 -12.54 4.26 4.35
C LYS A 74 -12.12 5.73 4.49
N ARG A 75 -11.24 5.98 5.43
CA ARG A 75 -10.69 7.32 5.64
C ARG A 75 -9.98 7.90 4.40
N MET A 76 -9.39 7.04 3.59
CA MET A 76 -8.69 7.48 2.40
C MET A 76 -9.67 8.00 1.37
N LEU A 77 -10.63 7.17 1.00
CA LEU A 77 -11.58 7.55 0.00
C LEU A 77 -12.45 8.73 0.41
N GLU A 78 -12.75 8.82 1.70
CA GLU A 78 -13.46 9.98 2.21
C GLU A 78 -12.60 11.25 2.01
N LYS A 79 -11.32 11.13 2.33
CA LYS A 79 -10.35 12.22 2.18
C LYS A 79 -10.24 12.66 0.70
N LEU A 80 -10.32 11.68 -0.17
CA LEU A 80 -10.18 11.90 -1.60
C LEU A 80 -11.50 12.34 -2.25
N GLY A 81 -12.54 12.40 -1.45
CA GLY A 81 -13.83 12.85 -1.93
C GLY A 81 -14.55 11.79 -2.73
N VAL A 82 -14.43 10.55 -2.32
CA VAL A 82 -15.11 9.46 -3.00
C VAL A 82 -16.01 8.75 -1.98
N PRO A 83 -17.29 9.10 -1.91
CA PRO A 83 -18.21 8.50 -0.96
C PRO A 83 -18.71 7.12 -1.43
N LYS A 84 -18.55 6.13 -0.58
CA LYS A 84 -19.02 4.78 -0.85
C LYS A 84 -19.97 4.31 0.22
N THR A 85 -20.52 3.15 0.01
CA THR A 85 -21.35 2.54 0.99
C THR A 85 -20.42 1.80 1.98
N HIS A 86 -20.82 1.67 3.24
CA HIS A 86 -19.98 1.05 4.28
C HIS A 86 -19.63 -0.40 3.89
N LEU A 87 -20.58 -1.07 3.26
CA LEU A 87 -20.42 -2.45 2.81
C LEU A 87 -19.35 -2.54 1.71
N GLU A 88 -19.26 -1.49 0.89
CA GLU A 88 -18.33 -1.46 -0.22
C GLU A 88 -16.90 -1.61 0.21
N LEU A 89 -16.53 -0.97 1.32
CA LEU A 89 -15.16 -1.06 1.84
C LEU A 89 -14.76 -2.50 2.06
N LYS A 90 -15.63 -3.23 2.74
CA LYS A 90 -15.41 -4.63 3.05
C LYS A 90 -15.33 -5.46 1.77
N LYS A 91 -16.20 -5.14 0.83
CA LYS A 91 -16.28 -5.85 -0.44
C LYS A 91 -15.02 -5.58 -1.28
N LEU A 92 -14.54 -4.33 -1.27
CA LEU A 92 -13.33 -3.95 -2.01
C LEU A 92 -12.13 -4.71 -1.49
N ILE A 93 -12.06 -4.89 -0.16
CA ILE A 93 -10.99 -5.64 0.48
C ILE A 93 -11.00 -7.08 -0.02
N GLY A 94 -12.19 -7.61 -0.21
CA GLY A 94 -12.38 -8.98 -0.63
C GLY A 94 -11.67 -9.33 -1.92
N GLU A 95 -11.54 -8.35 -2.80
CA GLU A 95 -10.91 -8.58 -4.08
C GLU A 95 -9.38 -8.48 -3.97
N VAL A 96 -8.90 -7.84 -2.92
CA VAL A 96 -7.47 -7.70 -2.71
C VAL A 96 -6.96 -8.83 -1.83
N SER A 97 -7.64 -9.03 -0.72
CA SER A 97 -7.25 -10.01 0.26
C SER A 97 -7.63 -11.42 -0.19
N SER A 98 -8.65 -11.49 -1.03
CA SER A 98 -9.14 -12.73 -1.63
C SER A 98 -9.83 -13.67 -0.60
N GLY A 99 -9.16 -13.97 0.52
CA GLY A 99 -9.73 -14.86 1.50
C GLY A 99 -9.67 -14.34 2.93
N SER A 100 -9.40 -13.06 3.10
CA SER A 100 -9.34 -12.50 4.43
C SER A 100 -10.67 -11.83 4.80
N GLY A 101 -10.99 -10.72 4.15
CA GLY A 101 -12.28 -10.12 4.39
C GLY A 101 -12.28 -8.63 4.65
N GLU A 102 -11.45 -8.18 5.57
CA GLU A 102 -11.51 -6.77 5.97
C GLU A 102 -10.16 -6.07 6.04
N THR A 103 -9.10 -6.81 5.89
CA THR A 103 -7.80 -6.20 5.91
C THR A 103 -6.93 -6.73 4.78
N PHE A 104 -6.28 -5.84 4.05
CA PHE A 104 -5.41 -6.24 2.99
C PHE A 104 -3.97 -5.96 3.37
N SER A 105 -3.07 -6.47 2.59
CA SER A 105 -1.69 -6.27 2.84
C SER A 105 -1.02 -5.72 1.59
N TYR A 106 0.18 -5.23 1.74
CA TYR A 106 0.95 -4.58 0.69
C TYR A 106 1.08 -5.47 -0.59
N PRO A 107 1.51 -6.77 -0.47
CA PRO A 107 1.67 -7.65 -1.65
C PRO A 107 0.33 -7.95 -2.33
N ASP A 108 -0.74 -7.96 -1.55
CA ASP A 108 -2.07 -8.28 -2.07
C ASP A 108 -2.59 -7.19 -2.93
N PHE A 109 -2.37 -5.96 -2.51
CA PHE A 109 -2.82 -4.80 -3.27
C PHE A 109 -2.06 -4.77 -4.60
N LEU A 110 -0.80 -5.17 -4.53
CA LEU A 110 0.04 -5.27 -5.69
C LEU A 110 -0.39 -6.41 -6.59
N ARG A 111 -0.72 -7.56 -6.01
CA ARG A 111 -1.29 -8.69 -6.79
C ARG A 111 -2.51 -8.21 -7.57
N MET A 112 -3.25 -7.32 -6.96
CA MET A 112 -4.45 -6.78 -7.50
C MET A 112 -4.17 -5.82 -8.71
N MET A 113 -3.28 -4.82 -8.54
CA MET A 113 -2.97 -3.88 -9.66
C MET A 113 -2.01 -4.43 -10.69
N LEU A 114 -1.18 -5.36 -10.28
CA LEU A 114 -0.17 -5.97 -11.14
C LEU A 114 -0.72 -7.17 -11.87
N GLY A 115 -2.02 -7.30 -11.79
CA GLY A 115 -2.77 -8.29 -12.48
C GLY A 115 -4.10 -7.70 -12.86
N LYS A 116 -5.07 -8.51 -13.16
CA LYS A 116 -6.36 -7.99 -13.52
C LYS A 116 -7.48 -8.36 -12.53
N ARG A 117 -7.51 -7.65 -11.43
CA ARG A 117 -8.55 -7.80 -10.45
C ARG A 117 -9.55 -6.68 -10.62
N SER A 118 -10.80 -6.96 -10.35
CA SER A 118 -11.86 -5.98 -10.53
C SER A 118 -12.07 -5.14 -9.25
N ALA A 119 -11.03 -4.99 -8.43
CA ALA A 119 -11.13 -4.21 -7.20
C ALA A 119 -11.32 -2.74 -7.53
N ILE A 120 -12.51 -2.24 -7.21
CA ILE A 120 -12.91 -0.86 -7.50
C ILE A 120 -11.98 0.16 -6.82
N LEU A 121 -11.38 -0.24 -5.69
CA LEU A 121 -10.45 0.63 -4.98
C LEU A 121 -9.24 1.06 -5.84
N LYS A 122 -8.91 0.24 -6.85
CA LYS A 122 -7.83 0.53 -7.78
C LYS A 122 -8.16 1.78 -8.59
N MET A 123 -9.45 1.94 -8.88
CA MET A 123 -9.93 3.04 -9.69
C MET A 123 -9.69 4.35 -8.98
N ILE A 124 -9.86 4.32 -7.66
CA ILE A 124 -9.65 5.49 -6.82
C ILE A 124 -8.14 5.79 -6.68
N LEU A 125 -7.37 4.74 -6.43
CA LEU A 125 -5.92 4.85 -6.26
C LEU A 125 -5.27 5.39 -7.54
N MET A 126 -5.73 4.89 -8.67
CA MET A 126 -5.19 5.32 -9.96
C MET A 126 -5.90 6.56 -10.48
N TYR A 127 -6.86 7.07 -9.74
CA TYR A 127 -7.60 8.24 -10.15
C TYR A 127 -6.73 9.46 -9.98
N GLU A 128 -6.10 9.56 -8.84
CA GLU A 128 -5.26 10.68 -8.62
C GLU A 128 -3.79 10.36 -8.87
N GLU A 129 -3.08 11.34 -9.39
CA GLU A 129 -1.71 11.16 -9.82
C GLU A 129 -0.71 11.17 -8.65
N LYS A 130 0.58 11.32 -8.97
CA LYS A 130 1.66 11.28 -8.00
C LYS A 130 1.58 12.44 -7.01
N ALA A 131 1.42 12.11 -5.75
CA ALA A 131 1.43 13.05 -4.66
C ALA A 131 2.42 12.54 -3.66
N ARG A 132 3.30 13.37 -3.18
CA ARG A 132 4.34 12.91 -2.28
C ARG A 132 4.55 13.97 -1.22
N GLU A 133 3.84 13.86 -0.13
CA GLU A 133 4.02 14.80 0.95
C GLU A 133 5.23 14.41 1.75
N LYS A 134 5.72 15.33 2.55
CA LYS A 134 6.86 15.09 3.39
C LYS A 134 6.97 16.14 4.47
N GLU A 135 6.46 15.80 5.61
CA GLU A 135 6.52 16.63 6.77
C GLU A 135 7.71 16.20 7.62
N LYS A 136 8.30 17.15 8.30
CA LYS A 136 9.53 16.95 9.04
C LYS A 136 9.29 16.25 10.37
N PRO A 137 9.75 15.00 10.51
CA PRO A 137 9.76 14.33 11.79
C PRO A 137 10.97 14.81 12.58
N THR A 138 11.01 14.52 13.83
CA THR A 138 12.10 14.97 14.64
C THR A 138 13.22 13.96 14.65
N GLY A 139 14.44 14.43 14.62
CA GLY A 139 15.61 13.57 14.66
C GLY A 139 15.63 12.70 15.90
N PRO A 140 16.32 11.55 15.88
CA PRO A 140 16.33 10.59 16.98
C PRO A 140 16.68 11.22 18.33
N PRO A 141 15.72 11.20 19.27
CA PRO A 141 15.91 11.78 20.58
C PRO A 141 16.80 10.90 21.45
N ALA A 142 18.05 11.23 21.47
CA ALA A 142 19.02 10.52 22.24
C ALA A 142 19.98 11.51 22.85
N LYS A 143 20.49 11.19 23.97
CA LYS A 143 21.42 12.05 24.65
C LYS A 143 22.83 11.55 24.41
N LYS A 144 23.13 10.36 24.86
CA LYS A 144 24.43 9.78 24.68
C LYS A 144 24.30 8.28 24.74
N ALA A 145 25.14 7.56 24.02
CA ALA A 145 25.09 6.12 24.01
C ALA A 145 25.66 5.58 25.31
N ILE A 146 24.80 5.41 26.27
CA ILE A 146 25.19 4.90 27.55
C ILE A 146 25.12 3.39 27.58
N SER A 147 26.22 2.77 27.30
CA SER A 147 26.29 1.35 27.27
C SER A 147 27.25 0.86 28.34
N GLU A 148 26.70 0.24 29.35
CA GLU A 148 27.45 -0.36 30.42
C GLU A 148 26.91 -1.75 30.65
N LEU A 149 27.45 -2.45 31.61
CA LEU A 149 26.97 -3.78 31.92
C LEU A 149 25.87 -3.68 32.95
N PRO A 150 24.85 -4.53 32.89
CA PRO A 150 23.80 -4.56 33.87
C PRO A 150 24.28 -5.24 35.15
N GLY A 1 5.02 12.63 -24.24
CA GLY A 1 4.58 12.42 -22.88
C GLY A 1 3.66 13.53 -22.45
N PRO A 2 2.67 13.25 -21.58
CA PRO A 2 1.73 14.27 -21.09
C PRO A 2 2.35 15.14 -19.99
N LEU A 3 3.57 14.77 -19.59
CA LEU A 3 4.32 15.39 -18.53
C LEU A 3 3.62 15.14 -17.19
N GLU A 4 2.74 16.08 -16.79
CA GLU A 4 1.90 16.00 -15.56
C GLU A 4 2.62 15.89 -14.20
N SER A 5 3.75 15.19 -14.19
CA SER A 5 4.49 14.85 -12.98
C SER A 5 3.73 13.76 -12.23
N GLN A 6 4.14 12.53 -12.43
CA GLN A 6 3.51 11.38 -11.83
C GLN A 6 3.59 11.41 -10.33
N THR A 7 2.71 10.70 -9.72
CA THR A 7 2.59 10.67 -8.31
C THR A 7 3.81 10.01 -7.65
N ARG A 8 4.74 10.85 -7.17
CA ARG A 8 5.91 10.41 -6.42
C ARG A 8 6.67 11.59 -5.84
N ASP A 9 6.69 11.64 -4.52
CA ASP A 9 7.44 12.63 -3.71
C ASP A 9 7.08 12.46 -2.22
N LEU A 10 6.25 11.46 -1.94
CA LEU A 10 5.83 11.15 -0.60
C LEU A 10 6.96 10.55 0.17
N GLN A 11 7.72 11.38 0.80
CA GLN A 11 8.78 10.93 1.63
C GLN A 11 8.35 10.82 3.08
N GLY A 12 8.03 11.92 3.73
CA GLY A 12 7.59 11.82 5.11
C GLY A 12 7.34 13.14 5.77
N GLY A 13 7.24 13.11 7.08
CA GLY A 13 6.99 14.31 7.83
C GLY A 13 7.87 14.37 8.99
N LYS A 14 7.25 14.46 10.11
CA LYS A 14 7.90 14.46 11.34
C LYS A 14 7.66 13.13 12.02
N ALA A 15 8.03 13.07 13.24
CA ALA A 15 7.85 11.89 14.08
C ALA A 15 6.38 11.71 14.46
N PHE A 16 6.11 10.67 15.27
CA PHE A 16 4.74 10.26 15.65
C PHE A 16 4.05 9.69 14.42
N GLY A 17 3.95 8.41 14.41
CA GLY A 17 3.52 7.68 13.24
C GLY A 17 4.70 6.85 12.79
N LEU A 18 5.40 6.32 13.79
CA LEU A 18 6.65 5.60 13.61
C LEU A 18 6.41 4.28 12.83
N LEU A 19 5.18 3.78 12.88
CA LEU A 19 4.81 2.55 12.16
C LEU A 19 5.09 2.70 10.66
N LYS A 20 4.85 3.91 10.15
CA LYS A 20 5.10 4.25 8.77
C LYS A 20 6.59 4.12 8.45
N ALA A 21 7.41 4.50 9.39
CA ALA A 21 8.87 4.52 9.21
C ALA A 21 9.41 3.11 9.17
N GLN A 22 8.95 2.30 10.12
CA GLN A 22 9.36 0.91 10.24
C GLN A 22 9.06 0.18 8.95
N GLN A 23 7.87 0.39 8.48
CA GLN A 23 7.40 -0.32 7.36
C GLN A 23 7.85 0.26 6.06
N GLU A 24 8.19 1.52 6.05
CA GLU A 24 8.72 2.15 4.83
C GLU A 24 9.97 1.42 4.38
N GLU A 25 10.74 0.96 5.34
CA GLU A 25 11.90 0.15 5.07
C GLU A 25 11.49 -1.13 4.34
N ARG A 26 10.43 -1.75 4.83
CA ARG A 26 9.95 -3.01 4.24
C ARG A 26 9.23 -2.75 2.91
N LEU A 27 8.44 -1.67 2.87
CA LEU A 27 7.69 -1.26 1.68
C LEU A 27 8.62 -1.10 0.49
N ASP A 28 9.69 -0.35 0.71
CA ASP A 28 10.68 -0.09 -0.31
C ASP A 28 11.34 -1.40 -0.80
N GLU A 29 11.43 -2.38 0.10
CA GLU A 29 12.02 -3.70 -0.23
C GLU A 29 11.07 -4.54 -1.07
N ILE A 30 9.78 -4.49 -0.75
CA ILE A 30 8.79 -5.27 -1.46
C ILE A 30 8.69 -4.81 -2.91
N ASN A 31 8.81 -3.50 -3.12
CA ASN A 31 8.85 -2.93 -4.48
C ASN A 31 9.96 -3.52 -5.28
N LYS A 32 11.14 -3.59 -4.69
CA LYS A 32 12.34 -4.12 -5.35
C LYS A 32 12.11 -5.56 -5.79
N GLN A 33 11.47 -6.34 -4.94
CA GLN A 33 11.16 -7.73 -5.22
C GLN A 33 10.31 -7.88 -6.48
N PHE A 34 9.22 -7.13 -6.56
CA PHE A 34 8.34 -7.19 -7.74
C PHE A 34 8.95 -6.51 -8.96
N LEU A 35 9.69 -5.45 -8.74
CA LEU A 35 10.34 -4.70 -9.80
C LEU A 35 11.42 -5.53 -10.48
N ASP A 36 12.23 -6.18 -9.67
CA ASP A 36 13.33 -7.00 -10.14
C ASP A 36 12.83 -8.25 -10.85
N ASP A 37 11.57 -8.58 -10.61
CA ASP A 37 10.98 -9.75 -11.24
C ASP A 37 10.84 -9.53 -12.74
N PRO A 38 11.37 -10.44 -13.54
CA PRO A 38 11.43 -10.29 -14.99
C PRO A 38 10.08 -10.29 -15.73
N LYS A 39 8.99 -10.71 -15.10
CA LYS A 39 7.73 -10.66 -15.82
C LYS A 39 7.18 -9.27 -15.76
N TYR A 40 7.23 -8.71 -14.58
CA TYR A 40 6.67 -7.41 -14.34
C TYR A 40 7.59 -6.33 -14.88
N SER A 41 8.90 -6.55 -14.77
CA SER A 41 9.89 -5.54 -15.16
C SER A 41 9.76 -5.14 -16.63
N SER A 42 9.13 -5.98 -17.42
CA SER A 42 9.02 -5.74 -18.82
C SER A 42 7.80 -4.85 -19.16
N ASP A 43 7.06 -4.38 -18.14
CA ASP A 43 5.91 -3.54 -18.43
C ASP A 43 6.33 -2.08 -18.44
N GLU A 44 5.75 -1.31 -19.33
CA GLU A 44 6.11 0.09 -19.55
C GLU A 44 5.77 1.02 -18.38
N ASP A 45 4.88 0.60 -17.51
CA ASP A 45 4.47 1.45 -16.41
C ASP A 45 4.80 0.82 -15.08
N LEU A 46 5.33 -0.39 -15.12
CA LEU A 46 5.61 -1.18 -13.91
C LEU A 46 6.43 -0.42 -12.84
N PRO A 47 7.63 0.12 -13.18
CA PRO A 47 8.44 0.89 -12.22
C PRO A 47 7.67 2.06 -11.62
N SER A 48 6.77 2.62 -12.39
CA SER A 48 5.98 3.74 -11.95
C SER A 48 4.84 3.26 -11.02
N LYS A 49 4.34 2.06 -11.30
CA LYS A 49 3.27 1.47 -10.50
C LYS A 49 3.70 1.25 -9.08
N LEU A 50 4.87 0.64 -8.88
CA LEU A 50 5.38 0.41 -7.53
C LEU A 50 5.58 1.71 -6.79
N GLU A 51 6.14 2.69 -7.48
CA GLU A 51 6.39 3.98 -6.88
C GLU A 51 5.13 4.66 -6.45
N GLY A 52 4.19 4.83 -7.39
CA GLY A 52 2.93 5.51 -7.09
C GLY A 52 2.14 4.79 -6.03
N PHE A 53 2.26 3.48 -6.03
CA PHE A 53 1.59 2.65 -5.09
C PHE A 53 2.12 2.86 -3.67
N LYS A 54 3.44 2.77 -3.48
CA LYS A 54 3.99 2.94 -2.15
C LYS A 54 3.72 4.34 -1.58
N GLU A 55 3.65 5.34 -2.49
CA GLU A 55 3.33 6.72 -2.11
C GLU A 55 2.00 6.75 -1.35
N LYS A 56 0.99 6.17 -1.96
CA LYS A 56 -0.35 6.15 -1.43
C LYS A 56 -0.54 5.16 -0.31
N TYR A 57 0.05 3.97 -0.44
CA TYR A 57 -0.22 2.89 0.48
C TYR A 57 0.18 3.25 1.90
N MET A 58 1.32 3.91 2.04
CA MET A 58 1.80 4.32 3.35
C MET A 58 0.97 5.45 3.97
N GLU A 59 0.05 6.04 3.18
CA GLU A 59 -0.80 7.10 3.71
C GLU A 59 -1.89 6.52 4.59
N PHE A 60 -2.28 5.28 4.29
CA PHE A 60 -3.33 4.58 5.02
C PHE A 60 -2.76 4.10 6.34
N ASP A 61 -3.60 3.88 7.33
CA ASP A 61 -3.12 3.39 8.62
C ASP A 61 -2.71 1.94 8.50
N LEU A 62 -1.43 1.76 8.32
CA LEU A 62 -0.81 0.48 8.15
C LEU A 62 -0.85 -0.30 9.47
N ASN A 63 -1.30 -1.52 9.41
CA ASN A 63 -1.34 -2.39 10.56
C ASN A 63 0.03 -3.10 10.69
N GLY A 64 0.12 -4.17 11.49
CA GLY A 64 1.39 -4.85 11.76
C GLY A 64 2.11 -5.36 10.53
N ASN A 65 1.37 -5.86 9.57
CA ASN A 65 1.96 -6.42 8.34
C ASN A 65 2.00 -5.32 7.31
N GLY A 66 1.53 -4.17 7.70
CA GLY A 66 1.32 -3.11 6.77
C GLY A 66 -0.04 -3.25 6.19
N ASP A 67 -0.90 -3.91 6.94
CA ASP A 67 -2.26 -4.25 6.49
C ASP A 67 -3.07 -2.99 6.46
N ILE A 68 -4.02 -2.93 5.57
CA ILE A 68 -4.95 -1.83 5.55
C ILE A 68 -6.34 -2.38 5.75
N ASP A 69 -6.97 -2.01 6.82
CA ASP A 69 -8.30 -2.50 7.10
C ASP A 69 -9.35 -1.53 6.62
N ILE A 70 -10.60 -2.00 6.58
CA ILE A 70 -11.75 -1.24 6.10
C ILE A 70 -11.96 0.08 6.89
N MET A 71 -11.59 0.09 8.16
CA MET A 71 -11.72 1.29 8.97
C MET A 71 -10.62 2.25 8.64
N SER A 72 -9.42 1.75 8.53
CA SER A 72 -8.26 2.55 8.15
C SER A 72 -8.44 3.14 6.75
N LEU A 73 -9.02 2.36 5.85
CA LEU A 73 -9.34 2.81 4.50
C LEU A 73 -10.41 3.91 4.59
N LYS A 74 -11.45 3.68 5.37
CA LYS A 74 -12.50 4.68 5.59
C LYS A 74 -11.95 5.95 6.20
N ARG A 75 -11.02 5.81 7.14
CA ARG A 75 -10.37 6.94 7.81
C ARG A 75 -9.79 7.89 6.76
N MET A 76 -9.29 7.29 5.72
CA MET A 76 -8.71 7.96 4.59
C MET A 76 -9.79 8.56 3.70
N LEU A 77 -10.68 7.72 3.19
CA LEU A 77 -11.78 8.13 2.30
C LEU A 77 -12.64 9.24 2.92
N GLU A 78 -12.86 9.14 4.21
CA GLU A 78 -13.64 10.11 4.96
C GLU A 78 -13.00 11.50 4.89
N LYS A 79 -11.70 11.54 5.06
CA LYS A 79 -10.91 12.77 5.01
C LYS A 79 -10.73 13.26 3.56
N LEU A 80 -10.51 12.33 2.66
CA LEU A 80 -10.24 12.63 1.27
C LEU A 80 -11.51 12.93 0.48
N GLY A 81 -11.35 13.11 -0.82
CA GLY A 81 -12.48 13.42 -1.68
C GLY A 81 -13.07 12.18 -2.31
N VAL A 82 -12.60 11.02 -1.90
CA VAL A 82 -13.11 9.75 -2.37
C VAL A 82 -14.11 9.15 -1.37
N PRO A 83 -15.42 9.32 -1.59
CA PRO A 83 -16.42 8.84 -0.67
C PRO A 83 -17.00 7.47 -1.03
N LYS A 84 -16.71 6.48 -0.20
CA LYS A 84 -17.33 5.19 -0.34
C LYS A 84 -18.07 4.83 0.95
N THR A 85 -19.05 3.98 0.85
CA THR A 85 -19.88 3.63 1.98
C THR A 85 -19.35 2.35 2.63
N HIS A 86 -19.67 2.15 3.91
CA HIS A 86 -19.20 1.04 4.75
C HIS A 86 -19.30 -0.36 4.09
N LEU A 87 -20.36 -0.62 3.35
CA LEU A 87 -20.50 -1.93 2.73
C LEU A 87 -19.57 -2.03 1.50
N GLU A 88 -19.61 -1.00 0.63
CA GLU A 88 -18.73 -0.91 -0.56
C GLU A 88 -17.26 -1.00 -0.14
N LEU A 89 -17.00 -0.39 0.98
CA LEU A 89 -15.70 -0.32 1.62
C LEU A 89 -15.15 -1.74 1.85
N LYS A 90 -15.97 -2.62 2.43
CA LYS A 90 -15.58 -4.00 2.66
C LYS A 90 -15.52 -4.77 1.34
N LYS A 91 -16.40 -4.40 0.41
CA LYS A 91 -16.46 -5.01 -0.91
C LYS A 91 -15.18 -4.82 -1.66
N LEU A 92 -14.57 -3.67 -1.51
CA LEU A 92 -13.36 -3.39 -2.21
C LEU A 92 -12.20 -4.18 -1.63
N ILE A 93 -12.13 -4.29 -0.33
CA ILE A 93 -11.04 -5.04 0.25
C ILE A 93 -11.23 -6.54 0.01
N GLY A 94 -12.48 -6.97 -0.02
CA GLY A 94 -12.80 -8.37 -0.32
C GLY A 94 -12.45 -8.72 -1.76
N GLU A 95 -12.32 -7.71 -2.58
CA GLU A 95 -12.01 -7.83 -3.99
C GLU A 95 -10.52 -8.20 -4.17
N VAL A 96 -9.71 -7.95 -3.13
CA VAL A 96 -8.27 -8.29 -3.15
C VAL A 96 -7.92 -9.41 -2.18
N SER A 97 -8.40 -9.30 -0.94
CA SER A 97 -8.08 -10.24 0.13
C SER A 97 -8.34 -11.71 -0.29
N SER A 98 -9.59 -12.03 -0.48
CA SER A 98 -10.02 -13.34 -0.94
C SER A 98 -11.43 -13.22 -1.51
N GLY A 99 -12.37 -12.98 -0.62
CA GLY A 99 -13.75 -12.77 -1.02
C GLY A 99 -14.40 -11.80 -0.09
N SER A 100 -14.26 -12.05 1.18
CA SER A 100 -14.77 -11.15 2.18
C SER A 100 -13.66 -10.91 3.20
N GLY A 101 -12.89 -9.87 2.98
CA GLY A 101 -11.82 -9.55 3.86
C GLY A 101 -11.85 -8.11 4.21
N GLU A 102 -11.42 -7.81 5.40
CA GLU A 102 -11.43 -6.45 5.88
C GLU A 102 -10.04 -5.87 5.87
N THR A 103 -9.05 -6.70 5.59
CA THR A 103 -7.67 -6.28 5.58
C THR A 103 -7.00 -6.50 4.22
N PHE A 104 -6.06 -5.63 3.91
CA PHE A 104 -5.21 -5.74 2.74
C PHE A 104 -3.86 -6.16 3.16
N SER A 105 -3.10 -6.57 2.21
CA SER A 105 -1.74 -6.82 2.42
C SER A 105 -0.99 -6.24 1.24
N TYR A 106 0.18 -5.66 1.51
CA TYR A 106 0.96 -4.96 0.49
C TYR A 106 1.22 -5.81 -0.78
N PRO A 107 1.72 -7.09 -0.65
CA PRO A 107 1.92 -7.94 -1.82
C PRO A 107 0.62 -8.23 -2.56
N ASP A 108 -0.48 -8.44 -1.81
CA ASP A 108 -1.79 -8.77 -2.42
C ASP A 108 -2.31 -7.70 -3.32
N PHE A 109 -2.21 -6.46 -2.89
CA PHE A 109 -2.65 -5.35 -3.70
C PHE A 109 -1.80 -5.31 -5.01
N LEU A 110 -0.51 -5.67 -4.91
CA LEU A 110 0.37 -5.71 -6.04
C LEU A 110 0.07 -6.89 -6.95
N ARG A 111 -0.27 -8.02 -6.35
CA ARG A 111 -0.68 -9.21 -7.10
C ARG A 111 -1.87 -8.83 -8.00
N MET A 112 -2.75 -8.03 -7.42
CA MET A 112 -3.93 -7.52 -8.09
C MET A 112 -3.53 -6.49 -9.16
N MET A 113 -2.76 -5.48 -8.76
CA MET A 113 -2.34 -4.37 -9.66
C MET A 113 -1.57 -4.90 -10.86
N LEU A 114 -0.57 -5.69 -10.58
CA LEU A 114 0.34 -6.25 -11.56
C LEU A 114 -0.38 -7.30 -12.40
N GLY A 115 -1.32 -7.99 -11.80
CA GLY A 115 -2.03 -9.05 -12.48
C GLY A 115 -3.21 -8.56 -13.28
N LYS A 116 -3.66 -7.34 -12.97
CA LYS A 116 -4.80 -6.71 -13.61
C LYS A 116 -6.10 -7.46 -13.25
N ARG A 117 -6.80 -6.94 -12.27
CA ARG A 117 -7.98 -7.59 -11.75
C ARG A 117 -9.09 -6.54 -11.55
N SER A 118 -10.32 -7.01 -11.36
CA SER A 118 -11.53 -6.19 -11.23
C SER A 118 -11.60 -5.34 -9.94
N ALA A 119 -10.48 -5.08 -9.33
CA ALA A 119 -10.45 -4.29 -8.13
C ALA A 119 -10.56 -2.85 -8.45
N ILE A 120 -11.62 -2.25 -7.96
CA ILE A 120 -11.90 -0.83 -8.13
C ILE A 120 -10.79 0.00 -7.48
N LEU A 121 -10.09 -0.64 -6.55
CA LEU A 121 -8.96 -0.06 -5.86
C LEU A 121 -7.91 0.37 -6.86
N LYS A 122 -7.79 -0.40 -7.94
CA LYS A 122 -6.82 -0.14 -8.96
C LYS A 122 -7.16 1.20 -9.64
N MET A 123 -8.46 1.45 -9.79
CA MET A 123 -8.92 2.70 -10.39
C MET A 123 -8.69 3.84 -9.41
N ILE A 124 -9.00 3.60 -8.15
CA ILE A 124 -8.90 4.62 -7.13
C ILE A 124 -7.44 5.01 -6.85
N LEU A 125 -6.62 3.99 -6.59
CA LEU A 125 -5.24 4.18 -6.15
C LEU A 125 -4.41 4.86 -7.25
N MET A 126 -4.56 4.39 -8.48
CA MET A 126 -3.77 4.93 -9.60
C MET A 126 -4.21 6.34 -9.95
N TYR A 127 -5.38 6.73 -9.53
CA TYR A 127 -5.89 8.03 -9.86
C TYR A 127 -5.59 9.03 -8.74
N GLU A 128 -5.12 8.55 -7.60
CA GLU A 128 -4.84 9.42 -6.48
C GLU A 128 -3.74 10.43 -6.74
N GLU A 129 -3.98 11.63 -6.24
CA GLU A 129 -3.14 12.75 -6.47
C GLU A 129 -1.74 12.70 -5.90
N LYS A 130 -1.04 13.72 -6.29
CA LYS A 130 0.36 13.95 -6.06
C LYS A 130 0.50 14.65 -4.71
N ALA A 131 1.71 14.75 -4.23
CA ALA A 131 1.99 15.43 -2.98
C ALA A 131 3.47 15.61 -2.82
N ARG A 132 3.85 16.59 -2.05
CA ARG A 132 5.24 16.84 -1.78
C ARG A 132 5.43 16.84 -0.28
N GLU A 133 6.39 16.11 0.18
CA GLU A 133 6.58 15.95 1.60
C GLU A 133 7.89 16.47 2.13
N LYS A 134 7.99 16.41 3.44
CA LYS A 134 9.10 16.95 4.19
C LYS A 134 10.25 15.98 4.16
N GLU A 135 11.47 16.49 4.31
CA GLU A 135 12.66 15.68 4.20
C GLU A 135 12.85 14.61 5.30
N LYS A 136 12.21 13.49 5.06
CA LYS A 136 12.30 12.25 5.84
C LYS A 136 11.83 11.10 4.97
N PRO A 137 12.72 10.55 4.13
CA PRO A 137 12.39 9.44 3.22
C PRO A 137 12.53 8.10 3.93
N THR A 138 12.64 8.18 5.24
CA THR A 138 12.77 7.09 6.13
C THR A 138 12.93 7.68 7.53
N GLY A 139 12.99 6.84 8.52
CA GLY A 139 13.17 7.25 9.88
C GLY A 139 14.08 6.30 10.57
N PRO A 140 13.83 5.93 11.85
CA PRO A 140 14.61 4.90 12.52
C PRO A 140 14.46 3.57 11.77
N PRO A 141 15.57 3.05 11.21
CA PRO A 141 15.55 1.87 10.37
C PRO A 141 15.19 0.58 11.09
N ALA A 142 14.05 0.04 10.77
CA ALA A 142 13.65 -1.25 11.27
C ALA A 142 14.05 -2.26 10.24
N LYS A 143 14.80 -3.23 10.65
CA LYS A 143 15.29 -4.20 9.71
C LYS A 143 14.65 -5.55 9.99
N LYS A 144 13.90 -6.02 9.03
CA LYS A 144 13.29 -7.32 9.10
C LYS A 144 14.18 -8.28 8.34
N ALA A 145 14.73 -9.24 9.04
CA ALA A 145 15.61 -10.19 8.42
C ALA A 145 14.80 -11.22 7.67
N ILE A 146 15.37 -11.79 6.63
CA ILE A 146 14.70 -12.82 5.87
C ILE A 146 14.54 -14.04 6.74
N SER A 147 13.35 -14.25 7.22
CA SER A 147 13.06 -15.31 8.10
C SER A 147 12.73 -16.59 7.37
N GLU A 148 13.08 -17.69 7.98
CA GLU A 148 12.80 -18.98 7.45
C GLU A 148 11.37 -19.35 7.79
N LEU A 149 10.69 -19.92 6.86
CA LEU A 149 9.34 -20.31 7.10
C LEU A 149 9.26 -21.79 7.52
N PRO A 150 8.48 -22.12 8.56
CA PRO A 150 8.31 -23.48 9.02
C PRO A 150 7.16 -24.18 8.29
N GLY A 1 -17.50 4.98 -13.09
CA GLY A 1 -16.27 4.86 -12.32
C GLY A 1 -16.05 6.08 -11.48
N PRO A 2 -16.24 5.99 -10.15
CA PRO A 2 -16.09 7.14 -9.29
C PRO A 2 -14.62 7.45 -9.02
N LEU A 3 -14.11 8.44 -9.72
CA LEU A 3 -12.76 8.88 -9.51
C LEU A 3 -12.72 9.94 -8.44
N GLU A 4 -11.72 9.88 -7.63
CA GLU A 4 -11.60 10.73 -6.47
C GLU A 4 -10.98 12.06 -6.84
N SER A 5 -10.61 12.84 -5.86
CA SER A 5 -9.90 14.08 -6.07
C SER A 5 -8.52 13.95 -5.45
N GLN A 6 -8.08 12.69 -5.33
CA GLN A 6 -6.81 12.29 -4.71
C GLN A 6 -6.88 12.40 -3.20
N THR A 7 -5.97 11.73 -2.54
CA THR A 7 -5.91 11.80 -1.12
C THR A 7 -5.10 13.03 -0.74
N ARG A 8 -5.80 14.11 -0.54
CA ARG A 8 -5.20 15.36 -0.16
C ARG A 8 -5.83 15.79 1.13
N ASP A 9 -5.09 16.54 1.93
CA ASP A 9 -5.51 17.00 3.26
C ASP A 9 -5.53 15.82 4.23
N LEU A 10 -4.41 15.64 4.89
CA LEU A 10 -4.23 14.55 5.84
C LEU A 10 -4.16 15.12 7.23
N GLN A 11 -4.32 14.28 8.23
CA GLN A 11 -4.23 14.71 9.61
C GLN A 11 -3.64 13.61 10.47
N GLY A 12 -2.54 13.92 11.12
CA GLY A 12 -1.90 12.96 11.98
C GLY A 12 -0.41 13.00 11.80
N GLY A 13 0.28 12.02 12.35
CA GLY A 13 1.71 12.00 12.18
C GLY A 13 2.39 10.92 12.94
N LYS A 14 2.69 11.22 14.18
CA LYS A 14 3.50 10.37 15.03
C LYS A 14 3.01 8.92 15.18
N ALA A 15 1.70 8.72 15.22
CA ALA A 15 1.16 7.37 15.38
C ALA A 15 1.42 6.53 14.14
N PHE A 16 1.61 7.20 13.03
CA PHE A 16 1.88 6.54 11.80
C PHE A 16 3.37 6.47 11.59
N GLY A 17 4.05 7.54 12.01
CA GLY A 17 5.48 7.68 11.88
C GLY A 17 6.27 6.51 12.42
N LEU A 18 5.90 6.01 13.59
CA LEU A 18 6.58 4.85 14.17
C LEU A 18 6.48 3.60 13.28
N LEU A 19 5.29 3.32 12.81
CA LEU A 19 5.08 2.18 11.94
C LEU A 19 5.66 2.42 10.56
N LYS A 20 5.42 3.60 10.02
CA LYS A 20 6.00 4.01 8.75
C LYS A 20 7.51 3.81 8.76
N ALA A 21 8.17 4.37 9.77
CA ALA A 21 9.63 4.36 9.87
C ALA A 21 10.21 2.97 9.72
N GLN A 22 9.65 2.00 10.40
CA GLN A 22 10.16 0.66 10.28
C GLN A 22 9.74 -0.08 9.01
N GLN A 23 8.57 0.27 8.47
CA GLN A 23 8.05 -0.42 7.29
C GLN A 23 8.62 0.09 5.97
N GLU A 24 9.11 1.34 5.95
CA GLU A 24 9.61 2.00 4.70
C GLU A 24 10.59 1.14 3.92
N GLU A 25 11.61 0.66 4.61
CA GLU A 25 12.65 -0.14 4.00
C GLU A 25 12.06 -1.44 3.44
N ARG A 26 11.06 -1.99 4.13
CA ARG A 26 10.41 -3.20 3.68
C ARG A 26 9.59 -2.92 2.42
N LEU A 27 8.95 -1.78 2.41
CA LEU A 27 8.11 -1.37 1.29
C LEU A 27 8.94 -1.28 0.02
N ASP A 28 10.06 -0.60 0.12
CA ASP A 28 10.97 -0.47 -1.02
C ASP A 28 11.58 -1.80 -1.45
N GLU A 29 11.76 -2.76 -0.52
CA GLU A 29 12.34 -4.05 -0.93
C GLU A 29 11.29 -4.86 -1.67
N ILE A 30 10.04 -4.67 -1.28
CA ILE A 30 8.95 -5.36 -1.91
C ILE A 30 8.77 -4.84 -3.33
N ASN A 31 9.01 -3.55 -3.50
CA ASN A 31 8.97 -2.96 -4.83
C ASN A 31 10.02 -3.59 -5.71
N LYS A 32 11.25 -3.71 -5.21
CA LYS A 32 12.33 -4.31 -5.99
C LYS A 32 12.08 -5.75 -6.35
N GLN A 33 11.59 -6.53 -5.40
CA GLN A 33 11.40 -7.96 -5.65
C GLN A 33 10.38 -8.18 -6.77
N PHE A 34 9.33 -7.37 -6.81
CA PHE A 34 8.40 -7.41 -7.91
C PHE A 34 8.99 -6.81 -9.19
N LEU A 35 9.60 -5.66 -9.05
CA LEU A 35 10.15 -4.90 -10.19
C LEU A 35 11.22 -5.70 -10.93
N ASP A 36 12.13 -6.26 -10.18
CA ASP A 36 13.30 -6.91 -10.74
C ASP A 36 13.07 -8.36 -11.05
N ASP A 37 11.85 -8.83 -10.91
CA ASP A 37 11.56 -10.23 -11.15
C ASP A 37 11.30 -10.46 -12.65
N PRO A 38 11.95 -11.48 -13.24
CA PRO A 38 11.80 -11.84 -14.67
C PRO A 38 10.35 -11.96 -15.18
N LYS A 39 9.39 -12.31 -14.31
CA LYS A 39 8.00 -12.47 -14.77
C LYS A 39 7.35 -11.12 -15.04
N TYR A 40 7.93 -10.06 -14.52
CA TYR A 40 7.41 -8.73 -14.76
C TYR A 40 8.26 -8.02 -15.79
N SER A 41 9.36 -8.69 -16.16
CA SER A 41 10.30 -8.28 -17.21
C SER A 41 11.00 -6.93 -16.94
N SER A 42 10.79 -6.38 -15.74
CA SER A 42 11.29 -5.08 -15.35
C SER A 42 10.91 -4.01 -16.39
N ASP A 43 9.65 -3.65 -16.40
CA ASP A 43 9.10 -2.67 -17.35
C ASP A 43 9.45 -1.24 -16.89
N GLU A 44 9.27 -0.27 -17.77
CA GLU A 44 9.58 1.12 -17.46
C GLU A 44 8.51 1.78 -16.58
N ASP A 45 7.27 1.35 -16.72
CA ASP A 45 6.17 1.95 -15.97
C ASP A 45 5.83 1.13 -14.74
N LEU A 46 6.29 -0.10 -14.75
CA LEU A 46 6.09 -1.02 -13.63
C LEU A 46 6.59 -0.37 -12.29
N PRO A 47 7.88 0.11 -12.19
CA PRO A 47 8.39 0.79 -10.99
C PRO A 47 7.53 1.99 -10.58
N SER A 48 6.87 2.61 -11.56
CA SER A 48 6.06 3.78 -11.31
C SER A 48 4.82 3.38 -10.49
N LYS A 49 4.26 2.22 -10.82
CA LYS A 49 3.14 1.67 -10.06
C LYS A 49 3.57 1.32 -8.65
N LEU A 50 4.74 0.74 -8.52
CA LEU A 50 5.30 0.37 -7.22
C LEU A 50 5.55 1.57 -6.33
N GLU A 51 6.25 2.58 -6.84
CA GLU A 51 6.51 3.79 -6.06
C GLU A 51 5.26 4.54 -5.72
N GLY A 52 4.35 4.65 -6.70
CA GLY A 52 3.10 5.32 -6.46
C GLY A 52 2.33 4.64 -5.35
N PHE A 53 2.27 3.33 -5.43
CA PHE A 53 1.61 2.52 -4.44
C PHE A 53 2.30 2.60 -3.07
N LYS A 54 3.60 2.52 -3.04
CA LYS A 54 4.39 2.60 -1.81
C LYS A 54 4.08 3.88 -1.03
N GLU A 55 4.08 5.00 -1.74
CA GLU A 55 3.76 6.29 -1.13
C GLU A 55 2.31 6.34 -0.69
N LYS A 56 1.44 5.68 -1.45
CA LYS A 56 0.02 5.61 -1.14
C LYS A 56 -0.28 4.74 0.05
N TYR A 57 0.33 3.58 0.08
CA TYR A 57 0.00 2.57 1.04
C TYR A 57 0.23 3.07 2.46
N MET A 58 1.33 3.76 2.66
CA MET A 58 1.67 4.33 3.94
C MET A 58 0.80 5.54 4.36
N GLU A 59 -0.05 6.04 3.47
CA GLU A 59 -0.86 7.22 3.81
C GLU A 59 -2.04 6.88 4.67
N PHE A 60 -2.41 5.63 4.69
CA PHE A 60 -3.61 5.21 5.40
C PHE A 60 -3.39 5.10 6.90
N ASP A 61 -2.75 4.05 7.35
CA ASP A 61 -2.48 3.90 8.78
C ASP A 61 -1.38 2.90 9.01
N LEU A 62 -1.53 1.72 8.38
CA LEU A 62 -0.62 0.61 8.50
C LEU A 62 -0.76 -0.06 9.88
N ASN A 63 -1.51 -1.15 9.92
CA ASN A 63 -1.70 -1.96 11.14
C ASN A 63 -0.42 -2.71 11.52
N GLY A 64 -0.56 -3.72 12.38
CA GLY A 64 0.61 -4.50 12.85
C GLY A 64 1.48 -5.04 11.71
N ASN A 65 0.84 -5.53 10.66
CA ASN A 65 1.55 -6.06 9.47
C ASN A 65 1.71 -4.93 8.45
N GLY A 66 1.21 -3.78 8.83
CA GLY A 66 1.15 -2.67 7.95
C GLY A 66 -0.01 -2.82 7.05
N ASP A 67 -1.10 -3.30 7.59
CA ASP A 67 -2.29 -3.61 6.80
C ASP A 67 -3.17 -2.40 6.75
N ILE A 68 -4.07 -2.39 5.81
CA ILE A 68 -5.05 -1.32 5.71
C ILE A 68 -6.42 -1.94 5.89
N ASP A 69 -7.15 -1.52 6.91
CA ASP A 69 -8.48 -2.06 7.14
C ASP A 69 -9.52 -1.08 6.66
N ILE A 70 -10.79 -1.52 6.56
CA ILE A 70 -11.84 -0.67 6.03
C ILE A 70 -12.09 0.57 6.86
N MET A 71 -11.87 0.50 8.16
CA MET A 71 -12.22 1.60 9.00
C MET A 71 -11.28 2.72 8.81
N SER A 72 -10.02 2.39 8.72
CA SER A 72 -9.00 3.39 8.46
C SER A 72 -9.20 3.95 7.07
N LEU A 73 -9.53 3.07 6.13
CA LEU A 73 -9.82 3.45 4.77
C LEU A 73 -10.99 4.45 4.75
N LYS A 74 -12.07 4.09 5.45
CA LYS A 74 -13.22 4.96 5.56
C LYS A 74 -12.87 6.27 6.27
N ARG A 75 -12.01 6.20 7.31
CA ARG A 75 -11.62 7.41 8.08
C ARG A 75 -11.13 8.52 7.20
N MET A 76 -10.25 8.19 6.27
CA MET A 76 -9.76 9.23 5.42
C MET A 76 -10.77 9.66 4.38
N LEU A 77 -11.30 8.70 3.61
CA LEU A 77 -12.22 9.03 2.51
C LEU A 77 -13.48 9.78 2.98
N GLU A 78 -14.02 9.36 4.11
CA GLU A 78 -15.20 9.99 4.68
C GLU A 78 -14.92 11.46 4.98
N LYS A 79 -13.81 11.71 5.63
CA LYS A 79 -13.41 13.06 6.01
C LYS A 79 -12.89 13.87 4.81
N LEU A 80 -12.61 13.19 3.71
CA LEU A 80 -12.19 13.86 2.49
C LEU A 80 -13.40 14.33 1.72
N GLY A 81 -14.56 13.83 2.10
CA GLY A 81 -15.79 14.20 1.43
C GLY A 81 -16.19 13.16 0.40
N VAL A 82 -15.50 12.06 0.42
CA VAL A 82 -15.71 10.98 -0.52
C VAL A 82 -16.88 10.09 -0.07
N PRO A 83 -17.95 9.98 -0.88
CA PRO A 83 -19.08 9.18 -0.55
C PRO A 83 -19.00 7.73 -1.09
N LYS A 84 -18.86 6.80 -0.18
CA LYS A 84 -18.89 5.36 -0.45
C LYS A 84 -19.72 4.70 0.61
N THR A 85 -20.37 3.61 0.26
CA THR A 85 -21.16 2.87 1.21
C THR A 85 -20.21 2.11 2.16
N HIS A 86 -20.62 1.92 3.41
CA HIS A 86 -19.79 1.26 4.43
C HIS A 86 -19.57 -0.22 4.09
N LEU A 87 -20.54 -0.82 3.47
CA LEU A 87 -20.41 -2.20 3.03
C LEU A 87 -19.54 -2.30 1.78
N GLU A 88 -19.60 -1.28 0.94
CA GLU A 88 -18.97 -1.31 -0.37
C GLU A 88 -17.44 -1.41 -0.30
N LEU A 89 -16.83 -0.58 0.54
CA LEU A 89 -15.37 -0.58 0.60
C LEU A 89 -14.80 -1.87 1.16
N LYS A 90 -15.55 -2.52 2.07
CA LYS A 90 -15.07 -3.77 2.64
C LYS A 90 -15.03 -4.84 1.54
N LYS A 91 -16.01 -4.77 0.64
CA LYS A 91 -16.11 -5.67 -0.51
C LYS A 91 -14.90 -5.50 -1.42
N LEU A 92 -14.42 -4.28 -1.50
CA LEU A 92 -13.27 -3.98 -2.29
C LEU A 92 -11.99 -4.49 -1.67
N ILE A 93 -11.95 -4.56 -0.37
CA ILE A 93 -10.80 -5.13 0.26
C ILE A 93 -10.82 -6.64 0.09
N GLY A 94 -12.01 -7.20 0.21
CA GLY A 94 -12.20 -8.63 0.03
C GLY A 94 -11.90 -9.04 -1.40
N GLU A 95 -12.03 -8.09 -2.30
CA GLU A 95 -11.75 -8.24 -3.72
C GLU A 95 -10.28 -8.66 -3.92
N VAL A 96 -9.41 -8.04 -3.14
CA VAL A 96 -7.98 -8.30 -3.23
C VAL A 96 -7.54 -9.37 -2.23
N SER A 97 -7.95 -9.21 -1.01
CA SER A 97 -7.50 -10.02 0.08
C SER A 97 -7.99 -11.46 0.00
N SER A 98 -9.25 -11.63 -0.38
CA SER A 98 -9.91 -12.96 -0.50
C SER A 98 -10.10 -13.66 0.87
N GLY A 99 -9.04 -13.76 1.66
CA GLY A 99 -9.12 -14.41 2.94
C GLY A 99 -9.25 -13.42 4.09
N SER A 100 -8.36 -12.43 4.12
CA SER A 100 -8.35 -11.43 5.18
C SER A 100 -9.67 -10.62 5.21
N GLY A 101 -10.18 -10.32 4.02
CA GLY A 101 -11.49 -9.68 3.90
C GLY A 101 -11.52 -8.19 4.21
N GLU A 102 -11.13 -7.81 5.40
CA GLU A 102 -11.27 -6.43 5.82
C GLU A 102 -9.92 -5.70 5.85
N THR A 103 -8.85 -6.46 5.80
CA THR A 103 -7.52 -5.90 5.79
C THR A 103 -6.83 -6.15 4.45
N PHE A 104 -5.98 -5.21 4.06
CA PHE A 104 -5.17 -5.34 2.86
C PHE A 104 -3.78 -5.64 3.25
N SER A 105 -3.04 -6.14 2.32
CA SER A 105 -1.67 -6.39 2.53
C SER A 105 -0.93 -5.82 1.32
N TYR A 106 0.27 -5.33 1.55
CA TYR A 106 1.06 -4.67 0.52
C TYR A 106 1.25 -5.55 -0.76
N PRO A 107 1.76 -6.82 -0.63
CA PRO A 107 1.91 -7.70 -1.80
C PRO A 107 0.57 -8.07 -2.42
N ASP A 108 -0.47 -8.16 -1.60
CA ASP A 108 -1.80 -8.52 -2.09
C ASP A 108 -2.40 -7.44 -2.94
N PHE A 109 -2.30 -6.22 -2.48
CA PHE A 109 -2.82 -5.09 -3.23
C PHE A 109 -2.10 -5.02 -4.59
N LEU A 110 -0.82 -5.37 -4.60
CA LEU A 110 -0.04 -5.40 -5.81
C LEU A 110 -0.51 -6.47 -6.78
N ARG A 111 -0.98 -7.60 -6.25
CA ARG A 111 -1.47 -8.74 -7.05
C ARG A 111 -2.44 -8.29 -8.15
N MET A 112 -3.40 -7.46 -7.78
CA MET A 112 -4.36 -6.97 -8.74
C MET A 112 -3.77 -5.88 -9.65
N MET A 113 -2.85 -5.09 -9.11
CA MET A 113 -2.24 -3.97 -9.82
C MET A 113 -1.34 -4.45 -10.95
N LEU A 114 -0.58 -5.47 -10.67
CA LEU A 114 0.32 -6.06 -11.63
C LEU A 114 -0.33 -7.22 -12.38
N GLY A 115 -1.63 -7.32 -12.21
CA GLY A 115 -2.39 -8.35 -12.85
C GLY A 115 -3.59 -7.79 -13.55
N LYS A 116 -4.54 -8.64 -13.83
CA LYS A 116 -5.76 -8.24 -14.52
C LYS A 116 -6.98 -8.43 -13.63
N ARG A 117 -6.74 -8.60 -12.34
CA ARG A 117 -7.81 -8.75 -11.35
C ARG A 117 -8.62 -7.45 -11.28
N SER A 118 -9.88 -7.54 -11.63
CA SER A 118 -10.75 -6.40 -11.61
C SER A 118 -11.08 -5.97 -10.17
N ALA A 119 -10.42 -4.94 -9.73
CA ALA A 119 -10.65 -4.37 -8.44
C ALA A 119 -10.75 -2.88 -8.63
N ILE A 120 -11.78 -2.25 -8.08
CA ILE A 120 -11.98 -0.80 -8.23
C ILE A 120 -10.74 -0.02 -7.73
N LEU A 121 -10.04 -0.64 -6.79
CA LEU A 121 -8.82 -0.06 -6.21
C LEU A 121 -7.79 0.18 -7.29
N LYS A 122 -7.73 -0.72 -8.25
CA LYS A 122 -6.78 -0.65 -9.33
C LYS A 122 -7.04 0.63 -10.11
N MET A 123 -8.32 0.93 -10.30
CA MET A 123 -8.75 2.11 -11.06
C MET A 123 -8.42 3.37 -10.27
N ILE A 124 -8.76 3.36 -8.99
CA ILE A 124 -8.51 4.48 -8.07
C ILE A 124 -7.01 4.76 -7.99
N LEU A 125 -6.23 3.72 -7.80
CA LEU A 125 -4.78 3.84 -7.72
C LEU A 125 -4.10 4.13 -9.07
N MET A 126 -4.85 4.11 -10.15
CA MET A 126 -4.32 4.59 -11.43
C MET A 126 -4.48 6.07 -11.48
N TYR A 127 -5.49 6.54 -10.80
CA TYR A 127 -5.80 7.93 -10.70
C TYR A 127 -4.82 8.59 -9.72
N GLU A 128 -4.64 7.95 -8.58
CA GLU A 128 -3.74 8.42 -7.57
C GLU A 128 -2.30 8.29 -7.95
N GLU A 129 -1.53 9.25 -7.51
CA GLU A 129 -0.14 9.29 -7.81
C GLU A 129 0.61 10.07 -6.73
N LYS A 130 1.45 9.39 -6.02
CA LYS A 130 2.31 10.01 -5.03
C LYS A 130 3.68 9.41 -5.24
N ALA A 131 4.67 10.26 -5.37
CA ALA A 131 6.04 9.80 -5.59
C ALA A 131 7.00 10.88 -5.16
N ARG A 132 7.73 10.62 -4.09
CA ARG A 132 8.65 11.60 -3.57
C ARG A 132 9.71 10.97 -2.68
N GLU A 133 9.26 10.26 -1.68
CA GLU A 133 10.14 9.69 -0.69
C GLU A 133 10.42 8.23 -0.98
N LYS A 134 11.67 7.90 -1.09
CA LYS A 134 12.10 6.56 -1.43
C LYS A 134 13.31 6.23 -0.53
N GLU A 135 13.31 5.06 0.10
CA GLU A 135 14.40 4.70 0.99
C GLU A 135 15.20 3.50 0.43
N LYS A 136 16.45 3.35 0.87
CA LYS A 136 17.31 2.26 0.44
C LYS A 136 16.89 0.99 1.20
N PRO A 137 16.44 -0.05 0.49
CA PRO A 137 15.98 -1.27 1.11
C PRO A 137 17.08 -2.34 1.31
N THR A 138 17.28 -2.73 2.56
CA THR A 138 18.16 -3.84 2.84
C THR A 138 17.34 -5.09 3.21
N GLY A 139 16.37 -4.93 4.10
CA GLY A 139 15.48 -6.03 4.39
C GLY A 139 15.24 -6.25 5.88
N PRO A 140 14.34 -5.48 6.51
CA PRO A 140 13.98 -5.69 7.91
C PRO A 140 13.02 -6.88 8.00
N PRO A 141 13.43 -7.96 8.65
CA PRO A 141 12.64 -9.16 8.70
C PRO A 141 11.51 -9.11 9.71
N ALA A 142 10.29 -9.28 9.22
CA ALA A 142 9.14 -9.39 10.08
C ALA A 142 9.24 -10.71 10.80
N LYS A 143 8.64 -10.80 11.97
CA LYS A 143 8.78 -11.97 12.82
C LYS A 143 8.27 -13.25 12.15
N LYS A 144 7.04 -13.25 11.72
CA LYS A 144 6.42 -14.42 11.09
C LYS A 144 5.46 -13.99 10.02
N ALA A 145 4.87 -14.95 9.31
CA ALA A 145 3.82 -14.66 8.37
C ALA A 145 2.62 -14.24 9.17
N ILE A 146 2.05 -13.11 8.85
CA ILE A 146 1.02 -12.57 9.70
C ILE A 146 -0.33 -13.22 9.49
N SER A 147 -0.51 -14.30 10.18
CA SER A 147 -1.76 -14.99 10.28
C SER A 147 -2.03 -15.19 11.75
N GLU A 148 -2.84 -14.34 12.31
CA GLU A 148 -3.10 -14.37 13.72
C GLU A 148 -4.27 -15.28 14.04
N LEU A 149 -4.19 -15.94 15.15
CA LEU A 149 -5.24 -16.83 15.58
C LEU A 149 -6.16 -16.09 16.54
N PRO A 150 -7.48 -16.09 16.27
CA PRO A 150 -8.47 -15.47 17.14
C PRO A 150 -8.40 -16.07 18.54
N GLY A 1 37.82 -1.31 -1.62
CA GLY A 1 36.96 -1.86 -0.59
C GLY A 1 35.60 -1.26 -0.67
N PRO A 2 34.59 -2.02 -1.10
CA PRO A 2 33.25 -1.51 -1.20
C PRO A 2 32.53 -1.55 0.15
N LEU A 3 32.37 -0.40 0.73
CA LEU A 3 31.62 -0.29 1.96
C LEU A 3 30.18 -0.11 1.65
N GLU A 4 29.46 -1.18 1.63
CA GLU A 4 28.07 -1.13 1.35
C GLU A 4 27.31 -1.81 2.46
N SER A 5 26.11 -1.42 2.65
CA SER A 5 25.33 -1.99 3.68
C SER A 5 23.92 -2.18 3.19
N GLN A 6 23.22 -3.08 3.83
CA GLN A 6 21.84 -3.25 3.55
C GLN A 6 21.10 -2.13 4.28
N THR A 7 20.80 -1.09 3.52
CA THR A 7 20.29 0.15 4.03
C THR A 7 18.94 0.00 4.75
N ARG A 8 19.02 -0.18 6.05
CA ARG A 8 17.91 -0.26 6.98
C ARG A 8 18.47 -0.59 8.35
N ASP A 9 17.61 -0.76 9.30
CA ASP A 9 18.01 -1.09 10.65
C ASP A 9 17.14 -2.27 11.11
N LEU A 10 17.16 -2.58 12.39
CA LEU A 10 16.36 -3.65 12.96
C LEU A 10 15.36 -3.05 13.92
N GLN A 11 15.22 -1.76 13.81
CA GLN A 11 14.37 -0.91 14.62
C GLN A 11 12.90 -1.35 14.55
N GLY A 12 12.30 -1.53 15.71
CA GLY A 12 10.93 -1.95 15.78
C GLY A 12 10.35 -1.66 17.14
N GLY A 13 9.10 -1.99 17.33
CA GLY A 13 8.45 -1.74 18.59
C GLY A 13 7.08 -1.12 18.40
N LYS A 14 6.20 -1.36 19.36
CA LYS A 14 4.86 -0.81 19.33
C LYS A 14 4.84 0.62 19.85
N ALA A 15 5.10 1.56 18.96
CA ALA A 15 5.08 2.99 19.27
C ALA A 15 5.11 3.76 17.97
N PHE A 16 4.61 4.99 18.01
CA PHE A 16 4.50 5.80 16.82
C PHE A 16 5.83 6.36 16.39
N GLY A 17 6.29 5.86 15.30
CA GLY A 17 7.56 6.23 14.74
C GLY A 17 8.30 5.00 14.36
N LEU A 18 8.31 4.06 15.29
CA LEU A 18 8.96 2.76 15.13
C LEU A 18 8.31 1.98 14.01
N LEU A 19 6.99 2.05 13.95
CA LEU A 19 6.23 1.39 12.90
C LEU A 19 6.51 2.00 11.54
N LYS A 20 6.35 3.31 11.43
CA LYS A 20 6.57 4.04 10.18
C LYS A 20 7.94 3.72 9.62
N ALA A 21 8.94 3.73 10.48
CA ALA A 21 10.30 3.45 10.08
C ALA A 21 10.46 2.01 9.57
N GLN A 22 10.05 1.03 10.37
CA GLN A 22 10.23 -0.39 10.02
C GLN A 22 9.41 -0.79 8.79
N GLN A 23 8.24 -0.17 8.65
CA GLN A 23 7.38 -0.44 7.51
C GLN A 23 7.97 0.16 6.28
N GLU A 24 8.55 1.34 6.43
CA GLU A 24 9.18 2.04 5.32
C GLU A 24 10.31 1.21 4.73
N GLU A 25 11.06 0.55 5.60
CA GLU A 25 12.15 -0.33 5.20
C GLU A 25 11.59 -1.44 4.35
N ARG A 26 10.47 -1.98 4.81
CA ARG A 26 9.80 -3.05 4.14
C ARG A 26 9.02 -2.61 2.89
N LEU A 27 8.48 -1.41 2.90
CA LEU A 27 7.80 -0.88 1.72
C LEU A 27 8.78 -0.76 0.56
N ASP A 28 9.97 -0.35 0.90
CA ASP A 28 11.04 -0.14 -0.05
C ASP A 28 11.52 -1.47 -0.65
N GLU A 29 11.50 -2.56 0.15
CA GLU A 29 11.99 -3.87 -0.33
C GLU A 29 11.01 -4.51 -1.27
N ILE A 30 9.73 -4.37 -0.98
CA ILE A 30 8.69 -5.02 -1.74
C ILE A 30 8.73 -4.57 -3.20
N ASN A 31 9.00 -3.30 -3.41
CA ASN A 31 9.15 -2.74 -4.76
C ASN A 31 10.31 -3.39 -5.47
N LYS A 32 11.45 -3.45 -4.81
CA LYS A 32 12.67 -4.02 -5.37
C LYS A 32 12.48 -5.50 -5.72
N GLN A 33 11.66 -6.18 -4.95
CA GLN A 33 11.37 -7.58 -5.14
C GLN A 33 10.45 -7.82 -6.35
N PHE A 34 9.41 -7.00 -6.50
CA PHE A 34 8.53 -7.12 -7.67
C PHE A 34 9.22 -6.65 -8.94
N LEU A 35 10.09 -5.67 -8.79
CA LEU A 35 10.89 -5.17 -9.89
C LEU A 35 11.89 -6.22 -10.36
N ASP A 36 12.45 -6.94 -9.39
CA ASP A 36 13.45 -7.98 -9.64
C ASP A 36 12.82 -9.14 -10.39
N ASP A 37 11.52 -9.22 -10.32
CA ASP A 37 10.80 -10.33 -10.90
C ASP A 37 10.51 -10.11 -12.40
N PRO A 38 10.96 -11.04 -13.26
CA PRO A 38 10.88 -10.90 -14.72
C PRO A 38 9.47 -11.01 -15.31
N LYS A 39 8.45 -11.32 -14.50
CA LYS A 39 7.09 -11.37 -15.04
C LYS A 39 6.60 -9.95 -15.21
N TYR A 40 6.80 -9.18 -14.16
CA TYR A 40 6.34 -7.82 -14.12
C TYR A 40 7.33 -6.92 -14.79
N SER A 41 8.61 -7.22 -14.60
CA SER A 41 9.68 -6.44 -15.17
C SER A 41 9.79 -6.71 -16.68
N SER A 42 8.84 -6.16 -17.40
CA SER A 42 8.76 -6.25 -18.84
C SER A 42 7.98 -5.04 -19.36
N ASP A 43 7.76 -4.05 -18.50
CA ASP A 43 7.02 -2.88 -18.87
C ASP A 43 7.82 -1.65 -18.54
N GLU A 44 7.70 -0.62 -19.37
CA GLU A 44 8.48 0.61 -19.25
C GLU A 44 8.34 1.30 -17.88
N ASP A 45 7.12 1.46 -17.41
CA ASP A 45 6.89 2.26 -16.20
C ASP A 45 6.72 1.38 -14.98
N LEU A 46 6.98 0.10 -15.15
CA LEU A 46 6.86 -0.89 -14.08
C LEU A 46 7.63 -0.49 -12.80
N PRO A 47 8.95 -0.14 -12.89
CA PRO A 47 9.70 0.32 -11.72
C PRO A 47 8.99 1.47 -10.98
N SER A 48 8.36 2.33 -11.75
CA SER A 48 7.70 3.50 -11.22
C SER A 48 6.35 3.14 -10.61
N LYS A 49 5.76 2.07 -11.11
CA LYS A 49 4.47 1.61 -10.65
C LYS A 49 4.54 1.21 -9.19
N LEU A 50 5.62 0.50 -8.83
CA LEU A 50 5.84 0.08 -7.46
C LEU A 50 6.20 1.25 -6.56
N GLU A 51 7.17 2.05 -6.98
CA GLU A 51 7.64 3.19 -6.18
C GLU A 51 6.53 4.22 -5.96
N GLY A 52 5.74 4.46 -6.99
CA GLY A 52 4.65 5.39 -6.88
C GLY A 52 3.53 4.84 -6.03
N PHE A 53 3.42 3.53 -6.01
CA PHE A 53 2.40 2.84 -5.24
C PHE A 53 2.55 3.05 -3.74
N LYS A 54 3.75 2.78 -3.20
CA LYS A 54 4.00 2.99 -1.77
C LYS A 54 3.70 4.41 -1.29
N GLU A 55 3.85 5.39 -2.18
CA GLU A 55 3.52 6.78 -1.89
C GLU A 55 2.07 6.91 -1.43
N LYS A 56 1.14 6.38 -2.21
CA LYS A 56 -0.25 6.43 -1.83
C LYS A 56 -0.60 5.41 -0.78
N TYR A 57 0.08 4.26 -0.80
CA TYR A 57 -0.25 3.16 0.10
C TYR A 57 -0.14 3.59 1.57
N MET A 58 0.89 4.35 1.88
CA MET A 58 1.09 4.85 3.24
C MET A 58 0.06 5.93 3.65
N GLU A 59 -0.67 6.44 2.68
CA GLU A 59 -1.68 7.48 2.92
C GLU A 59 -2.94 6.87 3.54
N PHE A 60 -3.18 5.60 3.28
CA PHE A 60 -4.40 4.90 3.74
C PHE A 60 -4.40 4.60 5.25
N ASP A 61 -3.47 5.19 5.99
CA ASP A 61 -3.30 4.94 7.43
C ASP A 61 -2.83 3.54 7.72
N LEU A 62 -1.53 3.41 7.80
CA LEU A 62 -0.86 2.14 8.01
C LEU A 62 -0.93 1.71 9.46
N ASN A 63 -1.29 0.46 9.68
CA ASN A 63 -1.25 -0.13 11.01
C ASN A 63 0.07 -0.84 11.17
N GLY A 64 0.15 -1.67 12.19
CA GLY A 64 1.41 -2.32 12.59
C GLY A 64 2.10 -3.16 11.51
N ASN A 65 1.35 -3.76 10.62
CA ASN A 65 1.95 -4.62 9.59
C ASN A 65 2.10 -3.86 8.29
N GLY A 66 1.88 -2.56 8.37
CA GLY A 66 1.83 -1.76 7.17
C GLY A 66 0.57 -2.09 6.46
N ASP A 67 -0.40 -2.43 7.24
CA ASP A 67 -1.67 -2.88 6.79
C ASP A 67 -2.68 -1.78 6.90
N ILE A 68 -3.75 -1.94 6.19
CA ILE A 68 -4.82 -0.96 6.12
C ILE A 68 -6.12 -1.71 6.34
N ASP A 69 -6.99 -1.24 7.22
CA ASP A 69 -8.27 -1.92 7.40
C ASP A 69 -9.38 -1.20 6.68
N ILE A 70 -10.57 -1.80 6.70
CA ILE A 70 -11.78 -1.19 6.15
C ILE A 70 -12.06 0.16 6.81
N MET A 71 -11.64 0.29 8.06
CA MET A 71 -11.77 1.54 8.80
C MET A 71 -10.70 2.55 8.35
N SER A 72 -9.51 2.08 8.08
CA SER A 72 -8.43 2.93 7.61
C SER A 72 -8.77 3.48 6.21
N LEU A 73 -9.27 2.57 5.37
CA LEU A 73 -9.69 2.88 4.01
C LEU A 73 -10.91 3.80 4.02
N LYS A 74 -11.76 3.67 5.06
CA LYS A 74 -12.97 4.53 5.22
C LYS A 74 -12.57 5.99 5.15
N ARG A 75 -11.52 6.30 5.90
CA ARG A 75 -10.97 7.66 5.99
C ARG A 75 -10.62 8.19 4.64
N MET A 76 -10.15 7.32 3.80
CA MET A 76 -9.72 7.65 2.46
C MET A 76 -10.88 8.11 1.61
N LEU A 77 -11.88 7.24 1.44
CA LEU A 77 -13.06 7.60 0.64
C LEU A 77 -13.77 8.81 1.22
N GLU A 78 -13.78 8.89 2.54
CA GLU A 78 -14.38 9.99 3.27
C GLU A 78 -13.64 11.31 2.99
N LYS A 79 -12.33 11.29 3.12
CA LYS A 79 -11.47 12.45 2.90
C LYS A 79 -11.48 12.88 1.43
N LEU A 80 -11.61 11.92 0.55
CA LEU A 80 -11.67 12.19 -0.88
C LEU A 80 -13.03 12.75 -1.27
N GLY A 81 -14.02 12.53 -0.42
CA GLY A 81 -15.35 13.06 -0.66
C GLY A 81 -16.15 12.17 -1.59
N VAL A 82 -15.88 10.90 -1.55
CA VAL A 82 -16.56 9.94 -2.37
C VAL A 82 -17.24 8.88 -1.50
N PRO A 83 -18.58 8.92 -1.43
CA PRO A 83 -19.34 8.06 -0.55
C PRO A 83 -19.39 6.59 -0.99
N LYS A 84 -18.75 5.76 -0.21
CA LYS A 84 -18.78 4.32 -0.36
C LYS A 84 -19.35 3.75 0.91
N THR A 85 -20.21 2.79 0.79
CA THR A 85 -20.89 2.23 1.91
C THR A 85 -20.02 1.24 2.66
N HIS A 86 -20.31 1.09 3.94
CA HIS A 86 -19.52 0.28 4.85
C HIS A 86 -19.34 -1.17 4.36
N LEU A 87 -20.38 -1.76 3.80
CA LEU A 87 -20.27 -3.13 3.28
C LEU A 87 -19.54 -3.17 1.92
N GLU A 88 -19.76 -2.15 1.09
CA GLU A 88 -19.09 -2.05 -0.22
C GLU A 88 -17.60 -1.91 0.03
N LEU A 89 -17.29 -1.09 1.00
CA LEU A 89 -15.95 -0.77 1.46
C LEU A 89 -15.22 -2.07 1.88
N LYS A 90 -15.93 -2.91 2.61
CA LYS A 90 -15.42 -4.22 3.02
C LYS A 90 -15.15 -5.13 1.81
N LYS A 91 -16.08 -5.11 0.83
CA LYS A 91 -15.92 -5.95 -0.36
C LYS A 91 -14.73 -5.53 -1.20
N LEU A 92 -14.45 -4.23 -1.22
CA LEU A 92 -13.32 -3.70 -1.98
C LEU A 92 -12.01 -4.34 -1.53
N ILE A 93 -11.86 -4.47 -0.23
CA ILE A 93 -10.67 -5.09 0.33
C ILE A 93 -10.73 -6.60 0.12
N GLY A 94 -11.94 -7.12 0.10
CA GLY A 94 -12.15 -8.52 -0.18
C GLY A 94 -11.58 -8.91 -1.54
N GLU A 95 -11.71 -8.01 -2.50
CA GLU A 95 -11.22 -8.23 -3.86
C GLU A 95 -9.67 -8.26 -3.89
N VAL A 96 -9.07 -7.54 -2.96
CA VAL A 96 -7.62 -7.49 -2.81
C VAL A 96 -7.07 -8.67 -2.00
N SER A 97 -7.74 -8.97 -0.92
CA SER A 97 -7.31 -10.05 -0.04
C SER A 97 -7.44 -11.42 -0.75
N SER A 98 -8.66 -11.83 -1.00
CA SER A 98 -8.96 -13.08 -1.67
C SER A 98 -10.40 -13.02 -2.19
N GLY A 99 -11.33 -12.96 -1.26
CA GLY A 99 -12.73 -12.85 -1.57
C GLY A 99 -13.41 -11.92 -0.60
N SER A 100 -13.05 -12.06 0.67
CA SER A 100 -13.56 -11.20 1.71
C SER A 100 -12.49 -10.98 2.79
N GLY A 101 -12.08 -9.76 2.95
CA GLY A 101 -11.10 -9.39 3.93
C GLY A 101 -11.31 -7.96 4.34
N GLU A 102 -10.89 -7.62 5.52
CA GLU A 102 -11.10 -6.26 6.04
C GLU A 102 -9.78 -5.57 6.29
N THR A 103 -8.72 -6.23 5.96
CA THR A 103 -7.41 -5.68 6.13
C THR A 103 -6.58 -5.91 4.82
N PHE A 104 -5.59 -5.08 4.59
CA PHE A 104 -4.76 -5.18 3.40
C PHE A 104 -3.40 -5.69 3.69
N SER A 105 -2.75 -6.07 2.63
CA SER A 105 -1.38 -6.40 2.64
C SER A 105 -0.81 -5.77 1.37
N TYR A 106 0.38 -5.23 1.46
CA TYR A 106 1.01 -4.51 0.35
C TYR A 106 1.12 -5.39 -0.94
N PRO A 107 1.65 -6.67 -0.86
CA PRO A 107 1.73 -7.54 -2.03
C PRO A 107 0.35 -7.92 -2.56
N ASP A 108 -0.65 -7.95 -1.68
CA ASP A 108 -2.03 -8.30 -2.03
C ASP A 108 -2.67 -7.24 -2.89
N PHE A 109 -2.41 -5.99 -2.56
CA PHE A 109 -2.94 -4.89 -3.33
C PHE A 109 -2.29 -4.95 -4.73
N LEU A 110 -1.02 -5.33 -4.75
CA LEU A 110 -0.28 -5.49 -5.97
C LEU A 110 -0.80 -6.66 -6.78
N ARG A 111 -1.15 -7.75 -6.12
CA ARG A 111 -1.78 -8.92 -6.79
C ARG A 111 -2.96 -8.47 -7.62
N MET A 112 -3.78 -7.64 -7.02
CA MET A 112 -4.98 -7.13 -7.62
C MET A 112 -4.69 -6.19 -8.81
N MET A 113 -3.74 -5.25 -8.66
CA MET A 113 -3.44 -4.32 -9.77
C MET A 113 -2.54 -4.93 -10.86
N LEU A 114 -1.63 -5.80 -10.46
CA LEU A 114 -0.71 -6.48 -11.41
C LEU A 114 -1.44 -7.59 -12.14
N GLY A 115 -2.47 -8.10 -11.52
CA GLY A 115 -3.28 -9.11 -12.13
C GLY A 115 -4.50 -8.50 -12.74
N LYS A 116 -5.47 -9.31 -13.05
CA LYS A 116 -6.67 -8.81 -13.64
C LYS A 116 -7.89 -8.99 -12.74
N ARG A 117 -8.13 -7.97 -11.94
CA ARG A 117 -9.27 -7.93 -11.04
C ARG A 117 -9.81 -6.53 -11.01
N SER A 118 -11.09 -6.39 -10.84
CA SER A 118 -11.69 -5.09 -10.78
C SER A 118 -12.11 -4.75 -9.36
N ALA A 119 -11.21 -4.11 -8.64
CA ALA A 119 -11.51 -3.60 -7.34
C ALA A 119 -11.80 -2.14 -7.52
N ILE A 120 -12.95 -1.70 -7.04
CA ILE A 120 -13.39 -0.31 -7.24
C ILE A 120 -12.36 0.68 -6.68
N LEU A 121 -11.70 0.29 -5.60
CA LEU A 121 -10.67 1.12 -4.98
C LEU A 121 -9.48 1.38 -5.93
N LYS A 122 -9.27 0.47 -6.87
CA LYS A 122 -8.21 0.58 -7.87
C LYS A 122 -8.51 1.75 -8.79
N MET A 123 -9.79 1.95 -9.05
CA MET A 123 -10.26 3.04 -9.91
C MET A 123 -9.97 4.35 -9.22
N ILE A 124 -10.36 4.41 -7.95
CA ILE A 124 -10.14 5.58 -7.12
C ILE A 124 -8.65 5.89 -6.98
N LEU A 125 -7.85 4.85 -6.74
CA LEU A 125 -6.41 5.02 -6.55
C LEU A 125 -5.73 5.71 -7.74
N MET A 126 -6.17 5.43 -8.94
CA MET A 126 -5.54 6.01 -10.11
C MET A 126 -6.16 7.35 -10.50
N TYR A 127 -7.36 7.61 -10.03
CA TYR A 127 -8.06 8.82 -10.39
C TYR A 127 -7.83 9.91 -9.34
N GLU A 128 -7.82 9.53 -8.10
CA GLU A 128 -7.69 10.45 -6.98
C GLU A 128 -6.24 10.71 -6.59
N GLU A 129 -5.33 10.60 -7.54
CA GLU A 129 -3.94 10.92 -7.25
C GLU A 129 -3.75 12.42 -7.21
N LYS A 130 -3.87 12.95 -6.03
CA LYS A 130 -3.72 14.34 -5.77
C LYS A 130 -3.48 14.48 -4.30
N ALA A 131 -2.28 14.92 -3.94
CA ALA A 131 -1.86 15.10 -2.56
C ALA A 131 -1.68 13.77 -1.80
N ARG A 132 -0.47 13.51 -1.38
CA ARG A 132 -0.19 12.34 -0.58
C ARG A 132 0.44 12.81 0.72
N GLU A 133 -0.23 12.60 1.80
CA GLU A 133 0.30 12.97 3.07
C GLU A 133 1.07 11.80 3.65
N LYS A 134 2.34 11.87 3.51
CA LYS A 134 3.21 10.84 3.97
C LYS A 134 3.62 11.12 5.39
N GLU A 135 3.40 10.13 6.24
CA GLU A 135 3.74 10.17 7.64
C GLU A 135 2.80 11.05 8.46
N LYS A 136 2.02 10.41 9.29
CA LYS A 136 1.22 11.10 10.26
C LYS A 136 2.04 11.27 11.53
N PRO A 137 2.32 12.51 11.96
CA PRO A 137 3.20 12.81 13.10
C PRO A 137 2.64 12.39 14.46
N THR A 138 1.35 12.03 14.47
CA THR A 138 0.64 11.58 15.68
C THR A 138 0.29 12.77 16.61
N GLY A 139 1.23 13.66 16.75
CA GLY A 139 1.06 14.83 17.53
C GLY A 139 2.36 15.58 17.59
N PRO A 140 2.37 16.79 18.16
CA PRO A 140 3.59 17.59 18.29
C PRO A 140 4.66 16.89 19.16
N PRO A 141 5.95 17.29 19.02
CA PRO A 141 7.10 16.67 19.75
C PRO A 141 7.09 16.94 21.28
N ALA A 142 5.92 17.16 21.84
CA ALA A 142 5.77 17.34 23.26
C ALA A 142 5.63 15.98 23.90
N LYS A 143 4.59 15.25 23.44
CA LYS A 143 4.32 13.87 23.83
C LYS A 143 4.07 13.74 25.34
N LYS A 144 3.99 12.52 25.79
CA LYS A 144 3.88 12.22 27.19
C LYS A 144 4.92 11.15 27.46
N ALA A 145 6.05 11.57 27.95
CA ALA A 145 7.15 10.69 28.22
C ALA A 145 7.23 10.46 29.70
N ILE A 146 7.62 9.29 30.10
CA ILE A 146 7.68 8.97 31.49
C ILE A 146 8.96 9.54 32.09
N SER A 147 8.80 10.62 32.78
CA SER A 147 9.89 11.27 33.40
C SER A 147 9.43 11.79 34.74
N GLU A 148 9.84 11.12 35.76
CA GLU A 148 9.50 11.44 37.11
C GLU A 148 10.67 11.11 37.99
N LEU A 149 10.46 11.07 39.28
CA LEU A 149 11.52 10.75 40.18
C LEU A 149 11.58 9.23 40.33
N PRO A 150 12.73 8.60 40.08
CA PRO A 150 12.91 7.18 40.25
C PRO A 150 13.38 6.86 41.65
N GLY A 1 -11.50 -23.85 18.51
CA GLY A 1 -10.60 -23.93 17.37
C GLY A 1 -9.24 -23.41 17.72
N PRO A 2 -8.32 -23.28 16.75
CA PRO A 2 -6.98 -22.77 17.02
C PRO A 2 -6.97 -21.26 17.28
N LEU A 3 -8.00 -20.56 16.75
CA LEU A 3 -8.17 -19.11 16.87
C LEU A 3 -7.05 -18.40 16.12
N GLU A 4 -6.97 -17.12 16.26
CA GLU A 4 -5.94 -16.35 15.62
C GLU A 4 -5.18 -15.56 16.66
N SER A 5 -4.12 -14.94 16.26
CA SER A 5 -3.41 -14.05 17.13
C SER A 5 -3.87 -12.63 16.82
N GLN A 6 -4.92 -12.19 17.51
CA GLN A 6 -5.48 -10.86 17.29
C GLN A 6 -4.50 -9.80 17.68
N THR A 7 -3.87 -9.24 16.70
CA THR A 7 -2.92 -8.21 16.90
C THR A 7 -3.52 -6.88 16.44
N ARG A 8 -4.79 -6.93 16.04
CA ARG A 8 -5.52 -5.73 15.67
C ARG A 8 -5.60 -4.80 16.86
N ASP A 9 -4.90 -3.72 16.76
CA ASP A 9 -4.84 -2.74 17.78
C ASP A 9 -5.90 -1.70 17.55
N LEU A 10 -6.84 -1.63 18.45
CA LEU A 10 -7.91 -0.69 18.35
C LEU A 10 -7.46 0.68 18.80
N GLN A 11 -6.87 0.74 19.97
CA GLN A 11 -6.48 2.00 20.56
C GLN A 11 -5.19 1.86 21.32
N GLY A 12 -4.47 2.96 21.44
CA GLY A 12 -3.23 2.96 22.18
C GLY A 12 -2.10 2.33 21.40
N GLY A 13 -1.94 2.78 20.15
CA GLY A 13 -0.89 2.26 19.28
C GLY A 13 0.46 2.40 19.92
N LYS A 14 1.11 1.28 20.16
CA LYS A 14 2.36 1.24 20.86
C LYS A 14 3.49 1.83 20.03
N ALA A 15 3.77 1.22 18.90
CA ALA A 15 4.82 1.71 18.03
C ALA A 15 4.32 2.92 17.29
N PHE A 16 3.11 2.78 16.74
CA PHE A 16 2.37 3.84 16.04
C PHE A 16 3.18 4.50 14.90
N GLY A 17 4.00 5.49 15.27
CA GLY A 17 4.77 6.24 14.31
C GLY A 17 6.01 5.49 13.87
N LEU A 18 6.54 4.66 14.76
CA LEU A 18 7.74 3.87 14.45
C LEU A 18 7.45 2.88 13.33
N LEU A 19 6.19 2.52 13.18
CA LEU A 19 5.79 1.64 12.11
C LEU A 19 5.96 2.30 10.78
N LYS A 20 5.39 3.49 10.64
CA LYS A 20 5.49 4.25 9.40
C LYS A 20 6.95 4.52 9.06
N ALA A 21 7.74 4.73 10.11
CA ALA A 21 9.17 4.98 9.97
C ALA A 21 9.92 3.75 9.43
N GLN A 22 9.74 2.59 10.08
CA GLN A 22 10.48 1.40 9.65
C GLN A 22 9.92 0.75 8.38
N GLN A 23 8.61 0.88 8.15
CA GLN A 23 8.02 0.29 6.96
C GLN A 23 8.53 0.98 5.70
N GLU A 24 8.94 2.25 5.81
CA GLU A 24 9.55 2.99 4.70
C GLU A 24 10.73 2.24 4.08
N GLU A 25 11.49 1.54 4.89
CA GLU A 25 12.58 0.73 4.40
C GLU A 25 12.01 -0.45 3.62
N ARG A 26 11.10 -1.17 4.24
CA ARG A 26 10.51 -2.38 3.68
C ARG A 26 9.65 -2.15 2.46
N LEU A 27 8.78 -1.16 2.51
CA LEU A 27 7.87 -0.86 1.39
C LEU A 27 8.65 -0.64 0.12
N ASP A 28 9.65 0.19 0.21
CA ASP A 28 10.48 0.52 -0.92
C ASP A 28 11.29 -0.69 -1.38
N GLU A 29 11.64 -1.56 -0.43
CA GLU A 29 12.36 -2.79 -0.74
C GLU A 29 11.45 -3.81 -1.40
N ILE A 30 10.18 -3.84 -1.01
CA ILE A 30 9.21 -4.77 -1.60
C ILE A 30 9.08 -4.51 -3.10
N ASN A 31 9.08 -3.22 -3.45
CA ASN A 31 8.98 -2.79 -4.85
C ASN A 31 10.14 -3.33 -5.65
N LYS A 32 11.25 -3.51 -4.98
CA LYS A 32 12.46 -3.99 -5.60
C LYS A 32 12.31 -5.44 -6.04
N GLN A 33 11.63 -6.30 -5.22
CA GLN A 33 11.38 -7.70 -5.65
C GLN A 33 10.58 -7.75 -6.91
N PHE A 34 9.50 -7.01 -6.93
CA PHE A 34 8.59 -7.02 -8.07
C PHE A 34 9.24 -6.44 -9.32
N LEU A 35 10.17 -5.53 -9.12
CA LEU A 35 10.88 -4.90 -10.21
C LEU A 35 11.95 -5.88 -10.75
N ASP A 36 12.61 -6.56 -9.84
CA ASP A 36 13.73 -7.46 -10.17
C ASP A 36 13.25 -8.88 -10.48
N ASP A 37 12.01 -9.14 -10.24
CA ASP A 37 11.47 -10.48 -10.43
C ASP A 37 11.27 -10.77 -11.92
N PRO A 38 11.82 -11.92 -12.39
CA PRO A 38 11.77 -12.33 -13.81
C PRO A 38 10.36 -12.36 -14.42
N LYS A 39 9.34 -12.62 -13.60
CA LYS A 39 7.96 -12.72 -14.10
C LYS A 39 7.49 -11.42 -14.72
N TYR A 40 7.82 -10.33 -14.07
CA TYR A 40 7.38 -9.01 -14.52
C TYR A 40 8.42 -8.43 -15.47
N SER A 41 9.66 -8.88 -15.28
CA SER A 41 10.80 -8.56 -16.11
C SER A 41 11.20 -7.09 -15.98
N SER A 42 10.72 -6.27 -16.89
CA SER A 42 11.01 -4.87 -16.89
C SER A 42 9.96 -4.15 -17.69
N ASP A 43 8.83 -3.88 -17.07
CA ASP A 43 7.79 -3.15 -17.76
C ASP A 43 7.87 -1.68 -17.37
N GLU A 44 7.64 -0.78 -18.31
CA GLU A 44 7.77 0.67 -18.07
C GLU A 44 6.78 1.20 -17.02
N ASP A 45 5.73 0.45 -16.78
CA ASP A 45 4.69 0.83 -15.82
C ASP A 45 4.90 0.12 -14.49
N LEU A 46 5.72 -0.92 -14.48
CA LEU A 46 5.86 -1.77 -13.30
C LEU A 46 6.57 -1.04 -12.11
N PRO A 47 7.87 -0.60 -12.24
CA PRO A 47 8.59 0.07 -11.13
C PRO A 47 7.87 1.33 -10.69
N SER A 48 7.27 1.99 -11.65
CA SER A 48 6.62 3.24 -11.44
C SER A 48 5.36 3.08 -10.60
N LYS A 49 4.60 2.04 -10.89
CA LYS A 49 3.40 1.83 -10.17
C LYS A 49 3.69 1.29 -8.77
N LEU A 50 4.72 0.45 -8.65
CA LEU A 50 5.16 -0.02 -7.32
C LEU A 50 5.53 1.15 -6.41
N GLU A 51 6.29 2.10 -6.95
CA GLU A 51 6.70 3.28 -6.22
C GLU A 51 5.48 4.06 -5.73
N GLY A 52 4.59 4.39 -6.67
CA GLY A 52 3.39 5.13 -6.35
C GLY A 52 2.47 4.39 -5.41
N PHE A 53 2.50 3.08 -5.51
CA PHE A 53 1.72 2.24 -4.64
C PHE A 53 2.16 2.31 -3.21
N LYS A 54 3.47 2.14 -2.93
CA LYS A 54 3.96 2.17 -1.54
C LYS A 54 3.54 3.47 -0.87
N GLU A 55 3.60 4.54 -1.65
CA GLU A 55 3.35 5.86 -1.16
C GLU A 55 1.88 5.97 -0.74
N LYS A 56 1.02 5.36 -1.53
CA LYS A 56 -0.41 5.34 -1.23
C LYS A 56 -0.73 4.35 -0.13
N TYR A 57 -0.03 3.23 -0.12
CA TYR A 57 -0.26 2.19 0.84
C TYR A 57 -0.07 2.74 2.25
N MET A 58 1.01 3.50 2.43
CA MET A 58 1.29 4.10 3.71
C MET A 58 0.31 5.25 4.04
N GLU A 59 -0.37 5.76 3.02
CA GLU A 59 -1.32 6.86 3.23
C GLU A 59 -2.62 6.37 3.87
N PHE A 60 -2.98 5.12 3.62
CA PHE A 60 -4.23 4.57 4.16
C PHE A 60 -4.16 4.30 5.67
N ASP A 61 -2.94 4.45 6.22
CA ASP A 61 -2.62 4.18 7.65
C ASP A 61 -2.32 2.72 7.89
N LEU A 62 -1.12 2.48 8.36
CA LEU A 62 -0.57 1.14 8.48
C LEU A 62 -0.69 0.63 9.91
N ASN A 63 -1.12 -0.60 10.04
CA ASN A 63 -1.24 -1.24 11.34
C ASN A 63 0.07 -1.88 11.76
N GLY A 64 0.05 -2.58 12.88
CA GLY A 64 1.26 -3.19 13.48
C GLY A 64 1.96 -4.21 12.59
N ASN A 65 1.20 -4.90 11.78
CA ASN A 65 1.75 -5.91 10.89
C ASN A 65 1.91 -5.32 9.47
N GLY A 66 1.75 -4.00 9.38
CA GLY A 66 1.81 -3.33 8.11
C GLY A 66 0.63 -3.70 7.26
N ASP A 67 -0.50 -3.79 7.89
CA ASP A 67 -1.72 -4.18 7.21
C ASP A 67 -2.70 -3.04 7.24
N ILE A 68 -3.72 -3.14 6.42
CA ILE A 68 -4.71 -2.08 6.30
C ILE A 68 -6.11 -2.68 6.36
N ASP A 69 -6.97 -2.11 7.18
CA ASP A 69 -8.33 -2.62 7.32
C ASP A 69 -9.28 -1.73 6.59
N ILE A 70 -10.54 -2.10 6.60
CA ILE A 70 -11.58 -1.27 6.03
C ILE A 70 -11.68 0.04 6.76
N MET A 71 -11.35 0.02 8.05
CA MET A 71 -11.43 1.20 8.87
C MET A 71 -10.44 2.23 8.43
N SER A 72 -9.32 1.75 7.95
CA SER A 72 -8.30 2.60 7.43
C SER A 72 -8.87 3.34 6.20
N LEU A 73 -9.47 2.58 5.28
CA LEU A 73 -10.10 3.18 4.10
C LEU A 73 -11.35 3.97 4.44
N LYS A 74 -12.19 3.48 5.35
CA LYS A 74 -13.36 4.22 5.80
C LYS A 74 -12.97 5.62 6.31
N ARG A 75 -11.83 5.70 6.97
CA ARG A 75 -11.32 6.96 7.45
C ARG A 75 -10.84 7.82 6.25
N MET A 76 -10.26 7.16 5.28
CA MET A 76 -9.72 7.78 4.07
C MET A 76 -10.82 8.30 3.14
N LEU A 77 -11.74 7.43 2.72
CA LEU A 77 -12.85 7.81 1.80
C LEU A 77 -13.77 8.87 2.42
N GLU A 78 -13.80 8.93 3.73
CA GLU A 78 -14.57 9.92 4.41
C GLU A 78 -13.89 11.31 4.28
N LYS A 79 -12.56 11.31 4.44
CA LYS A 79 -11.77 12.54 4.34
C LYS A 79 -11.59 13.01 2.89
N LEU A 80 -11.22 12.08 2.02
CA LEU A 80 -10.87 12.39 0.63
C LEU A 80 -12.04 12.95 -0.18
N GLY A 81 -11.71 13.47 -1.35
CA GLY A 81 -12.71 14.05 -2.25
C GLY A 81 -13.57 12.99 -2.91
N VAL A 82 -13.21 11.76 -2.67
CA VAL A 82 -13.98 10.62 -3.14
C VAL A 82 -14.78 10.01 -2.00
N PRO A 83 -16.06 10.42 -1.84
CA PRO A 83 -16.89 9.97 -0.76
C PRO A 83 -17.63 8.68 -1.11
N LYS A 84 -17.35 7.63 -0.37
CA LYS A 84 -17.97 6.35 -0.61
C LYS A 84 -18.48 5.73 0.67
N THR A 85 -19.20 4.63 0.56
CA THR A 85 -19.80 4.04 1.71
C THR A 85 -18.86 2.92 2.22
N HIS A 86 -18.93 2.62 3.51
CA HIS A 86 -18.01 1.64 4.11
C HIS A 86 -18.18 0.23 3.54
N LEU A 87 -19.36 -0.08 3.04
CA LEU A 87 -19.58 -1.37 2.42
C LEU A 87 -18.90 -1.50 1.07
N GLU A 88 -18.75 -0.38 0.33
CA GLU A 88 -18.12 -0.46 -0.96
C GLU A 88 -16.65 -0.79 -0.78
N LEU A 89 -16.02 -0.04 0.09
CA LEU A 89 -14.61 -0.20 0.37
C LEU A 89 -14.31 -1.55 1.02
N LYS A 90 -15.27 -2.07 1.81
CA LYS A 90 -15.10 -3.38 2.42
C LYS A 90 -15.08 -4.45 1.33
N LYS A 91 -16.01 -4.31 0.39
CA LYS A 91 -16.16 -5.24 -0.72
C LYS A 91 -14.91 -5.25 -1.58
N LEU A 92 -14.36 -4.06 -1.80
CA LEU A 92 -13.16 -3.88 -2.59
C LEU A 92 -11.96 -4.57 -1.97
N ILE A 93 -11.89 -4.54 -0.66
CA ILE A 93 -10.82 -5.20 0.04
C ILE A 93 -11.01 -6.73 0.00
N GLY A 94 -12.25 -7.16 0.00
CA GLY A 94 -12.55 -8.57 -0.14
C GLY A 94 -12.11 -9.10 -1.48
N GLU A 95 -12.16 -8.24 -2.48
CA GLU A 95 -11.70 -8.52 -3.82
C GLU A 95 -10.16 -8.73 -3.78
N VAL A 96 -9.50 -7.85 -3.04
CA VAL A 96 -8.05 -7.83 -2.90
C VAL A 96 -7.47 -9.05 -2.17
N SER A 97 -8.01 -9.40 -1.02
CA SER A 97 -7.38 -10.43 -0.22
C SER A 97 -8.19 -11.73 -0.21
N SER A 98 -9.50 -11.62 -0.44
CA SER A 98 -10.44 -12.75 -0.41
C SER A 98 -10.65 -13.34 1.02
N GLY A 99 -9.60 -13.93 1.58
CA GLY A 99 -9.72 -14.62 2.88
C GLY A 99 -9.69 -13.69 4.08
N SER A 100 -10.45 -12.63 4.01
CA SER A 100 -10.54 -11.65 5.07
C SER A 100 -11.82 -10.85 4.89
N GLY A 101 -11.91 -10.18 3.76
CA GLY A 101 -13.07 -9.41 3.43
C GLY A 101 -13.09 -8.05 4.04
N GLU A 102 -11.95 -7.64 4.62
CA GLU A 102 -11.86 -6.31 5.26
C GLU A 102 -10.42 -5.84 5.47
N THR A 103 -9.50 -6.75 5.58
CA THR A 103 -8.12 -6.38 5.74
C THR A 103 -7.30 -6.86 4.53
N PHE A 104 -6.47 -6.00 4.00
CA PHE A 104 -5.59 -6.38 2.92
C PHE A 104 -4.16 -6.10 3.31
N SER A 105 -3.25 -6.51 2.49
CA SER A 105 -1.87 -6.25 2.72
C SER A 105 -1.19 -5.83 1.43
N TYR A 106 0.06 -5.47 1.54
CA TYR A 106 0.87 -4.96 0.45
C TYR A 106 0.88 -5.97 -0.74
N PRO A 107 1.25 -7.29 -0.50
CA PRO A 107 1.22 -8.29 -1.58
C PRO A 107 -0.18 -8.47 -2.16
N ASP A 108 -1.19 -8.45 -1.30
CA ASP A 108 -2.59 -8.63 -1.73
C ASP A 108 -3.02 -7.57 -2.70
N PHE A 109 -2.73 -6.32 -2.37
CA PHE A 109 -3.11 -5.20 -3.22
C PHE A 109 -2.33 -5.28 -4.52
N LEU A 110 -1.07 -5.70 -4.44
CA LEU A 110 -0.25 -5.87 -5.60
C LEU A 110 -0.77 -6.97 -6.49
N ARG A 111 -1.21 -8.08 -5.91
CA ARG A 111 -1.79 -9.18 -6.68
C ARG A 111 -3.03 -8.71 -7.45
N MET A 112 -3.77 -7.82 -6.84
CA MET A 112 -4.96 -7.22 -7.43
C MET A 112 -4.53 -6.27 -8.57
N MET A 113 -3.38 -5.65 -8.40
CA MET A 113 -2.85 -4.69 -9.35
C MET A 113 -2.19 -5.41 -10.55
N LEU A 114 -1.21 -6.25 -10.24
CA LEU A 114 -0.40 -6.91 -11.26
C LEU A 114 -1.09 -8.14 -11.86
N GLY A 115 -2.16 -8.55 -11.25
CA GLY A 115 -2.91 -9.66 -11.76
C GLY A 115 -4.30 -9.24 -12.05
N LYS A 116 -5.08 -10.09 -12.65
CA LYS A 116 -6.41 -9.70 -12.97
C LYS A 116 -7.37 -10.15 -11.86
N ARG A 117 -7.47 -9.30 -10.87
CA ARG A 117 -8.27 -9.49 -9.67
C ARG A 117 -8.66 -8.08 -9.20
N SER A 118 -8.75 -7.21 -10.20
CA SER A 118 -8.92 -5.78 -10.02
C SER A 118 -10.16 -5.39 -9.19
N ALA A 119 -9.98 -4.36 -8.39
CA ALA A 119 -11.01 -3.81 -7.54
C ALA A 119 -11.18 -2.34 -7.87
N ILE A 120 -12.34 -1.77 -7.55
CA ILE A 120 -12.65 -0.34 -7.82
C ILE A 120 -11.63 0.60 -7.13
N LEU A 121 -11.04 0.12 -6.04
CA LEU A 121 -10.02 0.89 -5.32
C LEU A 121 -8.80 1.20 -6.20
N LYS A 122 -8.56 0.38 -7.22
CA LYS A 122 -7.48 0.61 -8.15
C LYS A 122 -7.68 1.93 -8.89
N MET A 123 -8.93 2.31 -9.08
CA MET A 123 -9.28 3.49 -9.84
C MET A 123 -8.82 4.76 -9.12
N ILE A 124 -8.95 4.77 -7.79
CA ILE A 124 -8.48 5.91 -7.00
C ILE A 124 -6.96 5.92 -6.89
N LEU A 125 -6.36 4.75 -6.98
CA LEU A 125 -4.92 4.59 -6.96
C LEU A 125 -4.36 5.15 -8.27
N MET A 126 -4.92 4.68 -9.38
CA MET A 126 -4.49 5.08 -10.73
C MET A 126 -5.00 6.46 -11.11
N TYR A 127 -5.56 7.16 -10.15
CA TYR A 127 -5.99 8.51 -10.33
C TYR A 127 -4.76 9.42 -10.35
N GLU A 128 -3.71 8.96 -9.69
CA GLU A 128 -2.45 9.63 -9.71
C GLU A 128 -1.31 8.68 -9.98
N GLU A 129 -1.08 8.48 -11.26
CA GLU A 129 -0.05 7.61 -11.76
C GLU A 129 1.33 8.18 -11.51
N LYS A 130 2.24 7.32 -11.12
CA LYS A 130 3.60 7.73 -10.93
C LYS A 130 4.39 7.16 -12.11
N ALA A 131 5.29 7.94 -12.65
CA ALA A 131 6.03 7.53 -13.84
C ALA A 131 7.54 7.57 -13.58
N ARG A 132 7.90 7.40 -12.34
CA ARG A 132 9.28 7.47 -11.93
C ARG A 132 9.74 6.09 -11.50
N GLU A 133 11.02 5.90 -11.41
CA GLU A 133 11.58 4.67 -10.95
C GLU A 133 12.58 4.99 -9.84
N LYS A 134 12.08 5.10 -8.64
CA LYS A 134 12.91 5.41 -7.52
C LYS A 134 13.79 4.26 -7.08
N GLU A 135 15.05 4.33 -7.51
CA GLU A 135 16.10 3.41 -7.14
C GLU A 135 15.93 1.98 -7.66
N LYS A 136 16.98 1.50 -8.26
CA LYS A 136 17.04 0.17 -8.75
C LYS A 136 17.34 -0.79 -7.60
N PRO A 137 17.01 -2.11 -7.74
CA PRO A 137 17.31 -3.12 -6.72
C PRO A 137 18.76 -3.02 -6.25
N THR A 138 18.91 -2.55 -5.03
CA THR A 138 20.20 -2.34 -4.46
C THR A 138 20.63 -3.59 -3.72
N GLY A 139 19.69 -4.13 -2.99
CA GLY A 139 19.90 -5.35 -2.25
C GLY A 139 18.74 -5.60 -1.33
N PRO A 140 17.56 -5.94 -1.89
CA PRO A 140 16.37 -6.17 -1.08
C PRO A 140 16.48 -7.48 -0.30
N PRO A 141 15.85 -7.57 0.90
CA PRO A 141 15.93 -8.76 1.72
C PRO A 141 15.16 -9.92 1.12
N ALA A 142 15.86 -10.77 0.41
CA ALA A 142 15.28 -11.92 -0.21
C ALA A 142 15.41 -13.08 0.74
N LYS A 143 14.30 -13.57 1.20
CA LYS A 143 14.30 -14.67 2.12
C LYS A 143 13.52 -15.81 1.52
N LYS A 144 13.83 -16.99 1.93
CA LYS A 144 13.09 -18.14 1.47
C LYS A 144 11.93 -18.38 2.42
N ALA A 145 10.94 -19.11 1.97
CA ALA A 145 9.80 -19.40 2.79
C ALA A 145 10.10 -20.58 3.68
N ILE A 146 10.47 -20.28 4.90
CA ILE A 146 10.79 -21.31 5.85
C ILE A 146 10.23 -20.95 7.23
N SER A 147 9.13 -21.56 7.55
CA SER A 147 8.49 -21.32 8.80
C SER A 147 8.19 -22.67 9.44
N GLU A 148 7.65 -22.65 10.64
CA GLU A 148 7.30 -23.88 11.29
C GLU A 148 5.97 -24.34 10.71
N LEU A 149 6.06 -25.32 9.84
CA LEU A 149 4.91 -25.83 9.13
C LEU A 149 3.95 -26.52 10.12
N PRO A 150 2.67 -26.11 10.16
CA PRO A 150 1.68 -26.70 11.02
C PRO A 150 1.08 -27.95 10.40
N GLY A 1 3.52 30.90 -7.61
CA GLY A 1 4.13 29.68 -7.10
C GLY A 1 5.24 30.00 -6.16
N PRO A 2 5.28 29.37 -4.98
CA PRO A 2 6.31 29.61 -4.01
C PRO A 2 7.50 28.68 -4.23
N LEU A 3 8.38 28.62 -3.26
CA LEU A 3 9.50 27.72 -3.32
C LEU A 3 8.94 26.33 -3.08
N GLU A 4 9.12 25.46 -4.04
CA GLU A 4 8.61 24.14 -3.90
C GLU A 4 9.52 23.31 -3.02
N SER A 5 9.14 23.20 -1.78
CA SER A 5 9.90 22.49 -0.82
C SER A 5 9.43 21.05 -0.75
N GLN A 6 10.13 20.18 -1.42
CA GLN A 6 9.79 18.79 -1.42
C GLN A 6 11.06 18.01 -1.17
N THR A 7 11.04 17.26 -0.12
CA THR A 7 12.11 16.43 0.31
C THR A 7 11.56 15.60 1.44
N ARG A 8 12.23 14.56 1.82
CA ARG A 8 11.74 13.71 2.88
C ARG A 8 12.11 14.27 4.23
N ASP A 9 11.24 14.11 5.18
CA ASP A 9 11.45 14.56 6.54
C ASP A 9 12.04 13.41 7.33
N LEU A 10 12.71 13.70 8.41
CA LEU A 10 13.31 12.66 9.20
C LEU A 10 12.34 12.08 10.23
N GLN A 11 11.71 10.98 9.90
CA GLN A 11 10.88 10.32 10.86
C GLN A 11 11.73 9.32 11.64
N GLY A 12 12.25 9.75 12.75
CA GLY A 12 13.10 8.91 13.54
C GLY A 12 12.83 9.05 15.00
N GLY A 13 13.77 8.62 15.83
CA GLY A 13 13.60 8.67 17.26
C GLY A 13 12.46 7.79 17.68
N LYS A 14 11.59 8.32 18.48
CA LYS A 14 10.41 7.59 18.86
C LYS A 14 9.21 8.41 18.47
N ALA A 15 8.64 8.07 17.35
CA ALA A 15 7.55 8.80 16.78
C ALA A 15 6.23 8.10 17.01
N PHE A 16 5.13 8.84 16.91
CA PHE A 16 3.80 8.29 17.07
C PHE A 16 3.54 7.25 15.99
N GLY A 17 3.96 7.58 14.79
CA GLY A 17 3.86 6.66 13.69
C GLY A 17 5.22 6.12 13.34
N LEU A 18 5.90 5.59 14.35
CA LEU A 18 7.24 5.05 14.19
C LEU A 18 7.14 3.76 13.37
N LEU A 19 6.04 3.02 13.55
CA LEU A 19 5.80 1.83 12.73
C LEU A 19 5.78 2.21 11.29
N LYS A 20 4.97 3.21 10.96
CA LYS A 20 4.90 3.73 9.59
C LYS A 20 6.29 4.06 9.06
N ALA A 21 7.06 4.81 9.83
CA ALA A 21 8.41 5.22 9.45
C ALA A 21 9.31 4.04 9.07
N GLN A 22 9.37 3.03 9.93
CA GLN A 22 10.23 1.86 9.69
C GLN A 22 9.67 1.05 8.51
N GLN A 23 8.35 1.06 8.36
CA GLN A 23 7.70 0.33 7.30
C GLN A 23 7.99 0.92 5.95
N GLU A 24 8.13 2.25 5.89
CA GLU A 24 8.38 2.95 4.62
C GLU A 24 9.60 2.35 3.90
N GLU A 25 10.60 1.97 4.68
CA GLU A 25 11.80 1.34 4.15
C GLU A 25 11.46 -0.02 3.54
N ARG A 26 10.65 -0.79 4.25
CA ARG A 26 10.29 -2.13 3.82
C ARG A 26 9.29 -2.12 2.68
N LEU A 27 8.40 -1.14 2.69
CA LEU A 27 7.44 -0.95 1.61
C LEU A 27 8.19 -0.67 0.32
N ASP A 28 9.21 0.16 0.45
CA ASP A 28 10.11 0.52 -0.64
C ASP A 28 10.82 -0.74 -1.17
N GLU A 29 11.14 -1.65 -0.24
CA GLU A 29 11.80 -2.92 -0.56
C GLU A 29 10.89 -3.84 -1.34
N ILE A 30 9.64 -3.95 -0.91
CA ILE A 30 8.68 -4.85 -1.53
C ILE A 30 8.56 -4.59 -3.03
N ASN A 31 8.45 -3.33 -3.40
CA ASN A 31 8.34 -2.93 -4.80
C ASN A 31 9.53 -3.37 -5.57
N LYS A 32 10.69 -3.07 -5.04
CA LYS A 32 11.94 -3.35 -5.67
C LYS A 32 12.17 -4.83 -5.89
N GLN A 33 11.58 -5.64 -5.03
CA GLN A 33 11.65 -7.08 -5.15
C GLN A 33 10.75 -7.58 -6.31
N PHE A 34 9.57 -6.97 -6.48
CA PHE A 34 8.72 -7.27 -7.63
C PHE A 34 9.30 -6.68 -8.91
N LEU A 35 9.87 -5.49 -8.78
CA LEU A 35 10.50 -4.77 -9.88
C LEU A 35 11.74 -5.57 -10.33
N ASP A 36 12.26 -6.36 -9.43
CA ASP A 36 13.43 -7.20 -9.65
C ASP A 36 13.08 -8.43 -10.48
N ASP A 37 11.82 -8.78 -10.53
CA ASP A 37 11.45 -9.99 -11.25
C ASP A 37 11.01 -9.65 -12.68
N PRO A 38 11.69 -10.21 -13.67
CA PRO A 38 11.47 -9.90 -15.10
C PRO A 38 10.12 -10.36 -15.67
N LYS A 39 9.31 -11.06 -14.88
CA LYS A 39 7.99 -11.49 -15.38
C LYS A 39 7.05 -10.29 -15.23
N TYR A 40 7.42 -9.41 -14.33
CA TYR A 40 6.66 -8.20 -14.09
C TYR A 40 7.42 -7.04 -14.67
N SER A 41 8.72 -7.07 -14.47
CA SER A 41 9.60 -6.03 -14.89
C SER A 41 9.84 -6.12 -16.39
N SER A 42 8.88 -5.63 -17.12
CA SER A 42 8.92 -5.56 -18.55
C SER A 42 7.90 -4.55 -19.03
N ASP A 43 7.32 -3.80 -18.10
CA ASP A 43 6.32 -2.85 -18.43
C ASP A 43 6.71 -1.51 -17.84
N GLU A 44 6.39 -0.43 -18.49
CA GLU A 44 6.75 0.91 -18.02
C GLU A 44 5.90 1.32 -16.85
N ASP A 45 4.69 0.89 -16.85
CA ASP A 45 3.77 1.22 -15.80
C ASP A 45 4.08 0.41 -14.56
N LEU A 46 4.69 -0.76 -14.77
CA LEU A 46 5.04 -1.67 -13.68
C LEU A 46 5.84 -0.99 -12.53
N PRO A 47 7.08 -0.43 -12.78
CA PRO A 47 7.85 0.23 -11.72
C PRO A 47 7.15 1.49 -11.23
N SER A 48 6.37 2.09 -12.11
CA SER A 48 5.68 3.30 -11.82
C SER A 48 4.58 3.07 -10.77
N LYS A 49 3.76 2.07 -11.01
CA LYS A 49 2.67 1.69 -10.11
C LYS A 49 3.21 1.24 -8.77
N LEU A 50 4.32 0.50 -8.80
CA LEU A 50 4.98 0.07 -7.57
C LEU A 50 5.42 1.28 -6.73
N GLU A 51 6.13 2.19 -7.36
CA GLU A 51 6.67 3.35 -6.68
C GLU A 51 5.64 4.37 -6.29
N GLY A 52 4.53 4.40 -6.99
CA GLY A 52 3.48 5.27 -6.61
C GLY A 52 2.72 4.69 -5.45
N PHE A 53 2.37 3.43 -5.57
CA PHE A 53 1.58 2.72 -4.59
C PHE A 53 2.22 2.71 -3.20
N LYS A 54 3.55 2.60 -3.11
CA LYS A 54 4.19 2.65 -1.80
C LYS A 54 3.88 3.94 -1.05
N GLU A 55 3.73 5.05 -1.76
CA GLU A 55 3.43 6.32 -1.13
C GLU A 55 1.98 6.35 -0.64
N LYS A 56 1.09 5.75 -1.42
CA LYS A 56 -0.32 5.74 -1.05
C LYS A 56 -0.61 4.72 0.06
N TYR A 57 0.09 3.57 0.03
CA TYR A 57 -0.17 2.49 0.98
C TYR A 57 0.18 2.91 2.39
N MET A 58 1.31 3.57 2.53
CA MET A 58 1.77 4.05 3.85
C MET A 58 0.90 5.18 4.36
N GLU A 59 0.07 5.72 3.50
CA GLU A 59 -0.80 6.80 3.85
C GLU A 59 -2.16 6.24 4.33
N PHE A 60 -2.33 4.92 4.19
CA PHE A 60 -3.57 4.27 4.62
C PHE A 60 -3.48 3.85 6.09
N ASP A 61 -2.74 4.64 6.89
CA ASP A 61 -2.60 4.44 8.35
C ASP A 61 -1.69 3.29 8.75
N LEU A 62 -1.94 2.10 8.19
CA LEU A 62 -1.17 0.86 8.46
C LEU A 62 -1.44 0.34 9.88
N ASN A 63 -2.00 -0.85 9.96
CA ASN A 63 -2.23 -1.49 11.24
C ASN A 63 -0.91 -2.06 11.78
N GLY A 64 -0.99 -2.74 12.93
CA GLY A 64 0.21 -3.26 13.60
C GLY A 64 1.06 -4.17 12.74
N ASN A 65 0.43 -4.96 11.91
CA ASN A 65 1.15 -5.89 11.03
C ASN A 65 1.45 -5.26 9.69
N GLY A 66 1.11 -4.00 9.55
CA GLY A 66 1.26 -3.33 8.29
C GLY A 66 0.21 -3.76 7.34
N ASP A 67 -0.94 -3.94 7.87
CA ASP A 67 -2.09 -4.42 7.13
C ASP A 67 -3.12 -3.36 7.14
N ILE A 68 -4.06 -3.44 6.26
CA ILE A 68 -5.07 -2.41 6.18
C ILE A 68 -6.44 -3.04 6.12
N ASP A 69 -7.26 -2.71 7.07
CA ASP A 69 -8.63 -3.17 7.09
C ASP A 69 -9.52 -2.02 6.73
N ILE A 70 -10.82 -2.28 6.58
CA ILE A 70 -11.74 -1.23 6.15
C ILE A 70 -11.79 -0.02 7.11
N MET A 71 -11.57 -0.24 8.41
CA MET A 71 -11.65 0.85 9.39
C MET A 71 -10.46 1.75 9.22
N SER A 72 -9.28 1.14 9.14
CA SER A 72 -8.04 1.84 8.94
C SER A 72 -8.10 2.64 7.62
N LEU A 73 -8.62 2.00 6.58
CA LEU A 73 -8.74 2.59 5.27
C LEU A 73 -9.80 3.71 5.25
N LYS A 74 -11.04 3.47 5.77
CA LYS A 74 -12.06 4.53 5.66
C LYS A 74 -11.64 5.83 6.31
N ARG A 75 -11.02 5.76 7.50
CA ARG A 75 -10.73 6.97 8.28
C ARG A 75 -9.98 8.00 7.48
N MET A 76 -8.88 7.61 6.87
CA MET A 76 -8.12 8.50 6.06
C MET A 76 -8.74 8.74 4.67
N LEU A 77 -9.35 7.70 4.10
CA LEU A 77 -9.92 7.77 2.75
C LEU A 77 -11.09 8.76 2.70
N GLU A 78 -12.06 8.57 3.58
CA GLU A 78 -13.21 9.44 3.63
C GLU A 78 -12.92 10.83 4.20
N LYS A 79 -11.86 10.91 5.00
CA LYS A 79 -11.31 12.18 5.52
C LYS A 79 -10.86 13.07 4.31
N LEU A 80 -10.48 12.41 3.24
CA LEU A 80 -10.03 13.04 2.02
C LEU A 80 -11.20 13.33 1.08
N GLY A 81 -10.90 13.66 -0.16
CA GLY A 81 -11.95 13.96 -1.14
C GLY A 81 -12.50 12.72 -1.82
N VAL A 82 -12.15 11.58 -1.29
CA VAL A 82 -12.57 10.29 -1.82
C VAL A 82 -13.41 9.51 -0.79
N PRO A 83 -14.71 9.79 -0.70
CA PRO A 83 -15.57 9.20 0.30
C PRO A 83 -16.21 7.88 -0.14
N LYS A 84 -15.80 6.81 0.50
CA LYS A 84 -16.40 5.52 0.28
C LYS A 84 -17.32 5.15 1.41
N THR A 85 -18.48 4.67 1.05
CA THR A 85 -19.47 4.23 2.00
C THR A 85 -19.07 2.81 2.49
N HIS A 86 -19.61 2.39 3.64
CA HIS A 86 -19.22 1.13 4.31
C HIS A 86 -19.14 -0.10 3.37
N LEU A 87 -20.23 -0.44 2.69
CA LEU A 87 -20.23 -1.61 1.81
C LEU A 87 -19.34 -1.37 0.60
N GLU A 88 -19.42 -0.16 0.04
CA GLU A 88 -18.64 0.27 -1.13
C GLU A 88 -17.13 0.05 -0.87
N LEU A 89 -16.72 0.47 0.30
CA LEU A 89 -15.37 0.39 0.77
C LEU A 89 -14.93 -1.05 1.01
N LYS A 90 -15.75 -1.78 1.76
CA LYS A 90 -15.43 -3.12 2.17
C LYS A 90 -15.41 -4.06 0.96
N LYS A 91 -16.20 -3.70 -0.02
CA LYS A 91 -16.32 -4.42 -1.30
C LYS A 91 -14.98 -4.45 -2.01
N LEU A 92 -14.21 -3.40 -1.85
CA LEU A 92 -12.93 -3.31 -2.50
C LEU A 92 -11.91 -4.21 -1.83
N ILE A 93 -11.90 -4.22 -0.52
CA ILE A 93 -10.99 -5.07 0.21
C ILE A 93 -11.37 -6.52 0.08
N GLY A 94 -12.67 -6.77 0.04
CA GLY A 94 -13.17 -8.12 -0.15
C GLY A 94 -12.84 -8.65 -1.51
N GLU A 95 -12.64 -7.75 -2.44
CA GLU A 95 -12.27 -8.12 -3.77
C GLU A 95 -10.80 -8.59 -3.75
N VAL A 96 -9.92 -7.74 -3.17
CA VAL A 96 -8.48 -8.07 -3.05
C VAL A 96 -8.26 -9.38 -2.30
N SER A 97 -8.88 -9.49 -1.16
CA SER A 97 -8.67 -10.62 -0.32
C SER A 97 -9.33 -11.88 -0.88
N SER A 98 -10.42 -11.68 -1.63
CA SER A 98 -11.15 -12.75 -2.31
C SER A 98 -11.76 -13.75 -1.31
N GLY A 99 -11.95 -13.33 -0.07
CA GLY A 99 -12.49 -14.22 0.93
C GLY A 99 -12.44 -13.65 2.32
N SER A 100 -11.45 -12.83 2.60
CA SER A 100 -11.32 -12.23 3.92
C SER A 100 -12.37 -11.12 4.09
N GLY A 101 -12.38 -10.18 3.15
CA GLY A 101 -13.38 -9.13 3.16
C GLY A 101 -13.02 -7.90 3.96
N GLU A 102 -12.30 -8.09 5.03
CA GLU A 102 -12.07 -6.98 5.94
C GLU A 102 -10.67 -6.43 5.88
N THR A 103 -9.67 -7.26 5.65
CA THR A 103 -8.31 -6.79 5.68
C THR A 103 -7.50 -7.31 4.48
N PHE A 104 -6.61 -6.48 3.94
CA PHE A 104 -5.72 -6.88 2.86
C PHE A 104 -4.27 -6.61 3.25
N SER A 105 -3.36 -7.00 2.40
CA SER A 105 -1.96 -6.78 2.63
C SER A 105 -1.29 -6.21 1.37
N TYR A 106 -0.12 -5.62 1.55
CA TYR A 106 0.65 -4.95 0.50
C TYR A 106 0.89 -5.88 -0.73
N PRO A 107 1.43 -7.14 -0.54
CA PRO A 107 1.68 -8.03 -1.68
C PRO A 107 0.39 -8.39 -2.42
N ASP A 108 -0.72 -8.51 -1.69
CA ASP A 108 -2.00 -8.92 -2.31
C ASP A 108 -2.49 -7.82 -3.20
N PHE A 109 -2.32 -6.60 -2.72
CA PHE A 109 -2.76 -5.43 -3.44
C PHE A 109 -1.94 -5.31 -4.73
N LEU A 110 -0.62 -5.57 -4.64
CA LEU A 110 0.22 -5.58 -5.82
C LEU A 110 -0.16 -6.67 -6.75
N ARG A 111 -0.47 -7.85 -6.22
CA ARG A 111 -0.95 -8.97 -7.05
C ARG A 111 -2.15 -8.52 -7.83
N MET A 112 -3.05 -7.85 -7.17
CA MET A 112 -4.24 -7.32 -7.78
C MET A 112 -3.87 -6.28 -8.86
N MET A 113 -2.92 -5.39 -8.53
CA MET A 113 -2.47 -4.33 -9.45
C MET A 113 -1.80 -4.89 -10.70
N LEU A 114 -0.96 -5.89 -10.52
CA LEU A 114 -0.25 -6.48 -11.62
C LEU A 114 -1.15 -7.42 -12.43
N GLY A 115 -2.09 -8.06 -11.76
CA GLY A 115 -3.01 -8.94 -12.42
C GLY A 115 -3.40 -10.10 -11.54
N LYS A 116 -4.59 -10.02 -10.92
CA LYS A 116 -5.09 -11.08 -10.04
C LYS A 116 -6.58 -10.88 -9.75
N ARG A 117 -7.01 -9.64 -9.61
CA ARG A 117 -8.39 -9.39 -9.28
C ARG A 117 -8.79 -8.01 -9.87
N SER A 118 -10.05 -7.85 -10.20
CA SER A 118 -10.54 -6.64 -10.87
C SER A 118 -11.04 -5.56 -9.86
N ALA A 119 -10.36 -5.47 -8.71
CA ALA A 119 -10.72 -4.52 -7.64
C ALA A 119 -10.79 -3.08 -8.13
N ILE A 120 -11.95 -2.48 -7.91
CA ILE A 120 -12.26 -1.10 -8.33
C ILE A 120 -11.23 -0.09 -7.78
N LEU A 121 -10.65 -0.40 -6.62
CA LEU A 121 -9.60 0.44 -6.04
C LEU A 121 -8.38 0.61 -6.95
N LYS A 122 -8.15 -0.35 -7.86
CA LYS A 122 -7.04 -0.26 -8.83
C LYS A 122 -7.21 1.00 -9.67
N MET A 123 -8.46 1.28 -9.99
CA MET A 123 -8.83 2.38 -10.86
C MET A 123 -8.60 3.69 -10.13
N ILE A 124 -8.76 3.64 -8.82
CA ILE A 124 -8.62 4.80 -7.96
C ILE A 124 -7.13 5.17 -7.84
N LEU A 125 -6.31 4.18 -7.56
CA LEU A 125 -4.87 4.40 -7.41
C LEU A 125 -4.22 4.81 -8.72
N MET A 126 -4.44 4.04 -9.78
CA MET A 126 -3.82 4.32 -11.08
C MET A 126 -4.24 5.66 -11.66
N TYR A 127 -5.38 6.15 -11.22
CA TYR A 127 -5.88 7.46 -11.62
C TYR A 127 -4.88 8.56 -11.27
N GLU A 128 -4.35 8.52 -10.06
CA GLU A 128 -3.45 9.57 -9.61
C GLU A 128 -2.00 9.22 -9.94
N GLU A 129 -1.74 7.96 -10.17
CA GLU A 129 -0.38 7.50 -10.45
C GLU A 129 0.12 7.91 -11.83
N LYS A 130 1.40 7.66 -12.06
CA LYS A 130 2.02 7.95 -13.32
C LYS A 130 1.92 6.69 -14.14
N ALA A 131 0.80 6.55 -14.77
CA ALA A 131 0.49 5.41 -15.58
C ALA A 131 -0.24 5.87 -16.81
N ARG A 132 -0.33 5.03 -17.81
CA ARG A 132 -1.01 5.40 -19.03
C ARG A 132 -2.53 5.23 -18.88
N GLU A 133 -2.94 4.32 -18.04
CA GLU A 133 -4.35 4.08 -17.80
C GLU A 133 -4.83 4.84 -16.62
N LYS A 134 -6.13 4.93 -16.53
CA LYS A 134 -6.81 5.60 -15.42
C LYS A 134 -8.15 4.95 -15.11
N GLU A 135 -8.86 4.54 -16.17
CA GLU A 135 -10.20 3.95 -16.09
C GLU A 135 -11.27 5.01 -15.74
N LYS A 136 -11.00 5.77 -14.74
CA LYS A 136 -11.84 6.86 -14.34
C LYS A 136 -11.45 8.14 -15.07
N PRO A 137 -12.26 8.59 -16.04
CA PRO A 137 -11.97 9.78 -16.78
C PRO A 137 -12.63 11.01 -16.17
N THR A 138 -11.93 11.64 -15.26
CA THR A 138 -12.38 12.85 -14.63
C THR A 138 -11.31 13.91 -14.75
N GLY A 139 -11.71 15.16 -14.83
CA GLY A 139 -10.77 16.23 -14.98
C GLY A 139 -10.23 16.70 -13.65
N PRO A 140 -9.78 17.94 -13.57
CA PRO A 140 -9.22 18.49 -12.34
C PRO A 140 -10.34 18.79 -11.33
N PRO A 141 -10.13 18.44 -10.05
CA PRO A 141 -11.11 18.68 -9.00
C PRO A 141 -11.16 20.16 -8.60
N ALA A 142 -12.08 20.50 -7.72
CA ALA A 142 -12.20 21.86 -7.25
C ALA A 142 -11.06 22.16 -6.29
N LYS A 143 -10.07 22.87 -6.77
CA LYS A 143 -8.91 23.18 -6.00
C LYS A 143 -8.29 24.47 -6.48
N LYS A 144 -8.51 25.53 -5.75
CA LYS A 144 -7.90 26.81 -6.08
C LYS A 144 -7.87 27.68 -4.85
N ALA A 145 -6.76 27.63 -4.17
CA ALA A 145 -6.57 28.40 -2.97
C ALA A 145 -5.21 29.05 -3.03
N ILE A 146 -5.19 30.35 -3.24
CA ILE A 146 -3.94 31.05 -3.40
C ILE A 146 -3.36 31.51 -2.05
N SER A 147 -2.18 31.03 -1.76
CA SER A 147 -1.48 31.40 -0.56
C SER A 147 0.03 31.37 -0.84
N GLU A 148 0.65 32.55 -0.87
CA GLU A 148 2.10 32.71 -1.09
C GLU A 148 2.49 34.17 -0.98
N LEU A 149 3.77 34.45 -1.10
CA LEU A 149 4.25 35.80 -1.05
C LEU A 149 4.43 36.32 -2.49
N PRO A 150 3.81 37.45 -2.86
CA PRO A 150 3.95 38.03 -4.18
C PRO A 150 5.24 38.84 -4.32
N GLY A 1 -1.99 -30.70 0.57
CA GLY A 1 -1.26 -30.09 1.68
C GLY A 1 -1.70 -28.67 1.88
N PRO A 2 -1.65 -28.11 3.11
CA PRO A 2 -2.13 -26.78 3.37
C PRO A 2 -1.12 -25.69 2.99
N LEU A 3 -1.32 -25.11 1.82
CA LEU A 3 -0.53 -24.00 1.36
C LEU A 3 -1.44 -22.81 1.13
N GLU A 4 -1.20 -21.75 1.87
CA GLU A 4 -1.98 -20.54 1.76
C GLU A 4 -1.05 -19.43 2.25
N SER A 5 -1.31 -18.20 1.88
CA SER A 5 -0.46 -17.13 2.33
C SER A 5 -0.76 -16.90 3.82
N GLN A 6 0.25 -16.61 4.61
CA GLN A 6 0.01 -16.43 6.04
C GLN A 6 -0.53 -15.05 6.34
N THR A 7 -1.80 -14.91 6.10
CA THR A 7 -2.53 -13.71 6.33
C THR A 7 -3.78 -14.05 7.14
N ARG A 8 -4.78 -13.16 7.13
CA ARG A 8 -6.07 -13.35 7.82
C ARG A 8 -5.91 -13.31 9.33
N ASP A 9 -4.74 -12.90 9.77
CA ASP A 9 -4.46 -12.84 11.17
C ASP A 9 -4.98 -11.54 11.77
N LEU A 10 -4.92 -11.44 13.07
CA LEU A 10 -5.48 -10.31 13.79
C LEU A 10 -4.46 -9.22 14.00
N GLN A 11 -4.89 -8.13 14.54
CA GLN A 11 -4.03 -7.00 14.77
C GLN A 11 -3.59 -7.02 16.23
N GLY A 12 -2.34 -7.39 16.46
CA GLY A 12 -1.84 -7.50 17.82
C GLY A 12 -1.08 -6.27 18.25
N GLY A 13 -0.18 -5.81 17.41
CA GLY A 13 0.63 -4.66 17.73
C GLY A 13 -0.18 -3.39 17.80
N LYS A 14 0.31 -2.45 18.58
CA LYS A 14 -0.36 -1.17 18.74
C LYS A 14 0.60 -0.02 18.52
N ALA A 15 1.86 -0.36 18.27
CA ALA A 15 2.92 0.63 18.13
C ALA A 15 2.82 1.42 16.84
N PHE A 16 2.05 2.47 16.90
CA PHE A 16 1.88 3.33 15.77
C PHE A 16 3.03 4.31 15.71
N GLY A 17 3.68 4.33 14.60
CA GLY A 17 4.81 5.19 14.41
C GLY A 17 6.06 4.39 14.37
N LEU A 18 6.29 3.62 15.43
CA LEU A 18 7.44 2.74 15.51
C LEU A 18 7.39 1.73 14.38
N LEU A 19 6.19 1.24 14.13
CA LEU A 19 5.95 0.35 13.01
C LEU A 19 5.99 1.10 11.71
N LYS A 20 5.22 2.18 11.62
CA LYS A 20 5.09 2.98 10.40
C LYS A 20 6.48 3.30 9.81
N ALA A 21 7.40 3.74 10.65
CA ALA A 21 8.76 4.08 10.23
C ALA A 21 9.53 2.85 9.70
N GLN A 22 9.49 1.73 10.46
CA GLN A 22 10.25 0.54 10.08
C GLN A 22 9.65 -0.13 8.84
N GLN A 23 8.34 0.00 8.69
CA GLN A 23 7.65 -0.58 7.56
C GLN A 23 8.10 0.06 6.29
N GLU A 24 8.35 1.38 6.33
CA GLU A 24 8.77 2.16 5.16
C GLU A 24 9.97 1.54 4.46
N GLU A 25 10.88 1.01 5.25
CA GLU A 25 12.07 0.37 4.73
C GLU A 25 11.70 -0.90 3.98
N ARG A 26 10.89 -1.72 4.60
CA ARG A 26 10.48 -2.99 4.02
C ARG A 26 9.58 -2.76 2.80
N LEU A 27 8.69 -1.75 2.89
CA LEU A 27 7.79 -1.38 1.79
C LEU A 27 8.59 -1.10 0.56
N ASP A 28 9.58 -0.27 0.76
CA ASP A 28 10.48 0.17 -0.28
C ASP A 28 11.23 -1.02 -0.91
N GLU A 29 11.49 -2.05 -0.10
CA GLU A 29 12.14 -3.26 -0.58
C GLU A 29 11.21 -4.08 -1.44
N ILE A 30 10.04 -4.36 -0.91
CA ILE A 30 9.02 -5.17 -1.60
C ILE A 30 8.65 -4.53 -2.95
N ASN A 31 8.41 -3.25 -2.90
CA ASN A 31 7.98 -2.47 -4.01
C ASN A 31 9.04 -2.49 -5.12
N LYS A 32 10.30 -2.24 -4.77
CA LYS A 32 11.40 -2.33 -5.74
C LYS A 32 11.57 -3.72 -6.31
N GLN A 33 11.29 -4.75 -5.52
CA GLN A 33 11.40 -6.12 -6.00
C GLN A 33 10.47 -6.40 -7.16
N PHE A 34 9.23 -5.98 -7.02
CA PHE A 34 8.24 -6.16 -8.08
C PHE A 34 8.52 -5.22 -9.26
N LEU A 35 9.02 -4.03 -8.95
CA LEU A 35 9.37 -3.04 -9.95
C LEU A 35 10.52 -3.56 -10.82
N ASP A 36 11.48 -4.17 -10.16
CA ASP A 36 12.68 -4.68 -10.78
C ASP A 36 12.45 -6.03 -11.49
N ASP A 37 11.43 -6.78 -11.09
CA ASP A 37 11.21 -8.10 -11.70
C ASP A 37 10.60 -7.95 -13.09
N PRO A 38 11.33 -8.39 -14.14
CA PRO A 38 10.93 -8.20 -15.54
C PRO A 38 9.64 -8.93 -15.95
N LYS A 39 9.16 -9.84 -15.13
CA LYS A 39 7.96 -10.57 -15.47
C LYS A 39 6.77 -9.67 -15.15
N TYR A 40 6.85 -8.96 -14.05
CA TYR A 40 5.83 -8.01 -13.70
C TYR A 40 6.05 -6.73 -14.48
N SER A 41 7.31 -6.32 -14.54
CA SER A 41 7.75 -5.06 -15.17
C SER A 41 7.74 -5.18 -16.71
N SER A 42 6.85 -5.99 -17.21
CA SER A 42 6.68 -6.18 -18.62
C SER A 42 5.69 -5.11 -19.14
N ASP A 43 5.16 -4.29 -18.21
CA ASP A 43 4.22 -3.24 -18.55
C ASP A 43 4.91 -1.90 -18.30
N GLU A 44 4.50 -0.87 -19.02
CA GLU A 44 5.12 0.44 -18.91
C GLU A 44 4.71 1.18 -17.64
N ASP A 45 3.51 0.95 -17.17
CA ASP A 45 3.02 1.64 -15.97
C ASP A 45 3.37 0.90 -14.72
N LEU A 46 3.65 -0.41 -14.88
CA LEU A 46 3.92 -1.32 -13.75
C LEU A 46 4.86 -0.72 -12.68
N PRO A 47 6.12 -0.31 -13.04
CA PRO A 47 7.05 0.25 -12.06
C PRO A 47 6.48 1.46 -11.33
N SER A 48 5.69 2.22 -12.05
CA SER A 48 5.12 3.43 -11.51
C SER A 48 3.91 3.15 -10.63
N LYS A 49 3.25 2.02 -10.87
CA LYS A 49 2.12 1.66 -10.05
C LYS A 49 2.61 1.27 -8.69
N LEU A 50 3.78 0.60 -8.65
CA LEU A 50 4.44 0.33 -7.38
C LEU A 50 4.75 1.64 -6.68
N GLU A 51 5.35 2.58 -7.40
CA GLU A 51 5.72 3.88 -6.83
C GLU A 51 4.53 4.55 -6.17
N GLY A 52 3.41 4.51 -6.87
CA GLY A 52 2.19 5.05 -6.35
C GLY A 52 1.73 4.30 -5.14
N PHE A 53 1.74 2.99 -5.25
CA PHE A 53 1.30 2.15 -4.18
C PHE A 53 2.13 2.30 -2.90
N LYS A 54 3.44 2.23 -3.01
CA LYS A 54 4.34 2.37 -1.84
C LYS A 54 4.07 3.67 -1.10
N GLU A 55 3.91 4.73 -1.87
CA GLU A 55 3.66 6.05 -1.35
C GLU A 55 2.27 6.11 -0.69
N LYS A 56 1.28 5.56 -1.37
CA LYS A 56 -0.09 5.58 -0.87
C LYS A 56 -0.36 4.57 0.23
N TYR A 57 0.35 3.44 0.24
CA TYR A 57 0.15 2.41 1.23
C TYR A 57 0.42 2.99 2.60
N MET A 58 1.53 3.67 2.71
CA MET A 58 1.92 4.29 3.94
C MET A 58 1.03 5.49 4.31
N GLU A 59 0.29 6.03 3.33
CA GLU A 59 -0.57 7.17 3.60
C GLU A 59 -1.84 6.79 4.30
N PHE A 60 -2.27 5.54 4.18
CA PHE A 60 -3.51 5.11 4.81
C PHE A 60 -3.45 5.30 6.32
N ASP A 61 -2.42 4.72 6.94
CA ASP A 61 -2.19 4.83 8.40
C ASP A 61 -1.08 3.90 8.81
N LEU A 62 -1.28 2.62 8.49
CA LEU A 62 -0.42 1.50 8.85
C LEU A 62 -0.69 1.08 10.27
N ASN A 63 -1.56 0.10 10.40
CA ASN A 63 -2.00 -0.40 11.68
C ASN A 63 -0.91 -1.15 12.42
N GLY A 64 -1.27 -1.72 13.55
CA GLY A 64 -0.33 -2.41 14.41
C GLY A 64 0.22 -3.73 13.85
N ASN A 65 -0.21 -4.11 12.67
CA ASN A 65 0.32 -5.31 12.03
C ASN A 65 0.99 -4.87 10.71
N GLY A 66 0.94 -3.57 10.45
CA GLY A 66 1.35 -3.04 9.19
C GLY A 66 0.41 -3.52 8.14
N ASP A 67 -0.80 -3.09 8.27
CA ASP A 67 -1.89 -3.49 7.44
C ASP A 67 -2.83 -2.32 7.29
N ILE A 68 -3.77 -2.42 6.38
CA ILE A 68 -4.78 -1.40 6.21
C ILE A 68 -6.15 -2.03 6.22
N ASP A 69 -6.91 -1.70 7.21
CA ASP A 69 -8.25 -2.21 7.36
C ASP A 69 -9.26 -1.33 6.64
N ILE A 70 -10.44 -1.86 6.48
CA ILE A 70 -11.54 -1.20 5.78
C ILE A 70 -11.90 0.17 6.37
N MET A 71 -11.68 0.36 7.67
CA MET A 71 -11.96 1.66 8.30
C MET A 71 -10.84 2.64 7.99
N SER A 72 -9.60 2.22 8.18
CA SER A 72 -8.45 3.06 7.94
C SER A 72 -8.33 3.43 6.46
N LEU A 73 -8.77 2.54 5.59
CA LEU A 73 -8.85 2.82 4.16
C LEU A 73 -9.86 3.93 3.95
N LYS A 74 -11.03 3.76 4.57
CA LYS A 74 -12.17 4.68 4.49
C LYS A 74 -11.79 6.09 4.93
N ARG A 75 -10.78 6.20 5.79
CA ARG A 75 -10.29 7.48 6.29
C ARG A 75 -9.92 8.40 5.12
N MET A 76 -9.20 7.89 4.14
CA MET A 76 -8.87 8.71 3.02
C MET A 76 -10.02 8.89 2.06
N LEU A 77 -10.95 7.95 2.03
CA LEU A 77 -12.16 8.09 1.18
C LEU A 77 -12.99 9.29 1.60
N GLU A 78 -13.19 9.45 2.91
CA GLU A 78 -13.96 10.58 3.44
C GLU A 78 -13.15 11.88 3.28
N LYS A 79 -11.84 11.74 3.31
CA LYS A 79 -10.92 12.85 3.21
C LYS A 79 -10.85 13.36 1.76
N LEU A 80 -10.98 12.46 0.82
CA LEU A 80 -10.99 12.76 -0.61
C LEU A 80 -12.40 13.09 -1.08
N GLY A 81 -12.59 13.21 -2.37
CA GLY A 81 -13.90 13.56 -2.90
C GLY A 81 -14.72 12.35 -3.30
N VAL A 82 -14.47 11.23 -2.66
CA VAL A 82 -15.21 10.00 -2.93
C VAL A 82 -15.74 9.36 -1.65
N PRO A 83 -16.95 9.74 -1.21
CA PRO A 83 -17.57 9.18 -0.03
C PRO A 83 -18.11 7.79 -0.32
N LYS A 84 -17.70 6.83 0.45
CA LYS A 84 -18.14 5.47 0.26
C LYS A 84 -18.53 4.84 1.57
N THR A 85 -19.45 3.91 1.48
CA THR A 85 -19.97 3.21 2.65
C THR A 85 -19.09 1.98 2.91
N HIS A 86 -19.16 1.41 4.12
CA HIS A 86 -18.31 0.26 4.53
C HIS A 86 -18.37 -0.90 3.55
N LEU A 87 -19.52 -1.04 2.88
CA LEU A 87 -19.71 -2.10 1.90
C LEU A 87 -18.69 -1.97 0.79
N GLU A 88 -18.48 -0.74 0.32
CA GLU A 88 -17.51 -0.44 -0.73
C GLU A 88 -16.12 -0.86 -0.28
N LEU A 89 -15.75 -0.39 0.91
CA LEU A 89 -14.44 -0.66 1.49
C LEU A 89 -14.20 -2.16 1.62
N LYS A 90 -15.20 -2.85 2.14
CA LYS A 90 -15.11 -4.29 2.29
C LYS A 90 -15.02 -5.01 0.95
N LYS A 91 -15.66 -4.47 -0.07
CA LYS A 91 -15.57 -5.04 -1.42
C LYS A 91 -14.16 -4.87 -1.97
N LEU A 92 -13.58 -3.71 -1.72
CA LEU A 92 -12.26 -3.37 -2.21
C LEU A 92 -11.24 -4.29 -1.61
N ILE A 93 -11.22 -4.34 -0.30
CA ILE A 93 -10.29 -5.15 0.41
C ILE A 93 -10.61 -6.64 0.25
N GLY A 94 -11.87 -6.96 0.11
CA GLY A 94 -12.27 -8.34 -0.14
C GLY A 94 -11.64 -8.89 -1.40
N GLU A 95 -11.56 -8.05 -2.41
CA GLU A 95 -10.98 -8.40 -3.69
C GLU A 95 -9.46 -8.61 -3.54
N VAL A 96 -8.86 -7.77 -2.70
CA VAL A 96 -7.43 -7.83 -2.44
C VAL A 96 -7.05 -9.02 -1.54
N SER A 97 -7.74 -9.18 -0.44
CA SER A 97 -7.40 -10.15 0.56
C SER A 97 -7.64 -11.59 0.07
N SER A 98 -8.90 -11.94 -0.22
CA SER A 98 -9.26 -13.29 -0.68
C SER A 98 -10.77 -13.43 -0.82
N GLY A 99 -11.47 -13.44 0.29
CA GLY A 99 -12.89 -13.59 0.28
C GLY A 99 -13.50 -12.82 1.38
N SER A 100 -13.65 -11.53 1.15
CA SER A 100 -14.10 -10.57 2.14
C SER A 100 -13.09 -10.46 3.28
N GLY A 101 -12.17 -9.55 3.14
CA GLY A 101 -11.23 -9.29 4.15
C GLY A 101 -11.45 -7.93 4.68
N GLU A 102 -11.07 -7.68 5.88
CA GLU A 102 -11.28 -6.39 6.47
C GLU A 102 -10.02 -5.59 6.56
N THR A 103 -8.95 -6.17 6.10
CA THR A 103 -7.68 -5.52 6.03
C THR A 103 -6.80 -6.25 5.02
N PHE A 104 -6.00 -5.52 4.31
CA PHE A 104 -5.15 -6.10 3.31
C PHE A 104 -3.71 -5.94 3.68
N SER A 105 -2.89 -6.70 3.04
CA SER A 105 -1.48 -6.63 3.27
C SER A 105 -0.82 -6.10 1.99
N TYR A 106 0.44 -5.69 2.10
CA TYR A 106 1.17 -5.07 1.00
C TYR A 106 1.24 -6.00 -0.25
N PRO A 107 1.66 -7.30 -0.11
CA PRO A 107 1.74 -8.22 -1.25
C PRO A 107 0.36 -8.51 -1.84
N ASP A 108 -0.66 -8.60 -0.98
CA ASP A 108 -2.05 -8.89 -1.43
C ASP A 108 -2.55 -7.86 -2.38
N PHE A 109 -2.26 -6.61 -2.08
CA PHE A 109 -2.70 -5.51 -2.93
C PHE A 109 -2.00 -5.63 -4.28
N LEU A 110 -0.76 -6.03 -4.24
CA LEU A 110 0.01 -6.22 -5.40
C LEU A 110 -0.43 -7.42 -6.20
N ARG A 111 -0.96 -8.44 -5.53
CA ARG A 111 -1.48 -9.61 -6.23
C ARG A 111 -2.63 -9.18 -7.13
N MET A 112 -3.49 -8.30 -6.62
CA MET A 112 -4.62 -7.83 -7.40
C MET A 112 -4.18 -6.80 -8.46
N MET A 113 -3.14 -6.02 -8.15
CA MET A 113 -2.63 -4.96 -9.04
C MET A 113 -1.80 -5.56 -10.17
N LEU A 114 -1.02 -6.55 -9.84
CA LEU A 114 -0.11 -7.22 -10.76
C LEU A 114 -0.79 -8.44 -11.35
N GLY A 115 -2.06 -8.53 -11.09
CA GLY A 115 -2.88 -9.60 -11.58
C GLY A 115 -4.17 -9.05 -12.12
N LYS A 116 -5.12 -9.89 -12.40
CA LYS A 116 -6.36 -9.43 -12.93
C LYS A 116 -7.48 -9.58 -11.92
N ARG A 117 -7.74 -8.52 -11.21
CA ARG A 117 -8.82 -8.43 -10.25
C ARG A 117 -9.28 -7.00 -10.25
N SER A 118 -10.56 -6.78 -10.26
CA SER A 118 -11.04 -5.45 -10.30
C SER A 118 -11.41 -4.92 -8.94
N ALA A 119 -10.41 -4.53 -8.19
CA ALA A 119 -10.63 -3.84 -6.96
C ALA A 119 -10.83 -2.41 -7.32
N ILE A 120 -12.00 -1.88 -7.02
CA ILE A 120 -12.40 -0.52 -7.43
C ILE A 120 -11.36 0.54 -7.02
N LEU A 121 -10.65 0.29 -5.92
CA LEU A 121 -9.58 1.15 -5.48
C LEU A 121 -8.44 1.30 -6.52
N LYS A 122 -8.30 0.29 -7.40
CA LYS A 122 -7.31 0.34 -8.49
C LYS A 122 -7.62 1.52 -9.42
N MET A 123 -8.90 1.86 -9.51
CA MET A 123 -9.35 2.97 -10.34
C MET A 123 -8.88 4.28 -9.74
N ILE A 124 -8.66 4.27 -8.43
CA ILE A 124 -8.16 5.45 -7.73
C ILE A 124 -6.69 5.64 -8.08
N LEU A 125 -5.94 4.54 -8.05
CA LEU A 125 -4.51 4.58 -8.41
C LEU A 125 -4.32 4.90 -9.90
N MET A 126 -5.34 4.67 -10.70
CA MET A 126 -5.30 5.03 -12.12
C MET A 126 -5.79 6.46 -12.33
N TYR A 127 -6.38 7.02 -11.29
CA TYR A 127 -6.84 8.38 -11.32
C TYR A 127 -5.70 9.30 -10.90
N GLU A 128 -4.98 8.86 -9.89
CA GLU A 128 -3.85 9.63 -9.38
C GLU A 128 -2.62 9.38 -10.25
N GLU A 129 -2.60 8.20 -10.88
CA GLU A 129 -1.55 7.74 -11.80
C GLU A 129 -0.18 7.54 -11.15
N LYS A 130 0.54 8.64 -11.00
CA LYS A 130 1.94 8.70 -10.57
C LYS A 130 2.85 7.91 -11.50
N ALA A 131 3.42 8.59 -12.44
CA ALA A 131 4.36 7.98 -13.35
C ALA A 131 5.63 8.79 -13.33
N ARG A 132 6.62 8.31 -12.62
CA ARG A 132 7.88 9.03 -12.47
C ARG A 132 9.06 8.14 -12.75
N GLU A 133 9.03 7.00 -12.12
CA GLU A 133 10.14 6.09 -12.07
C GLU A 133 11.28 6.63 -11.31
N LYS A 134 11.02 6.77 -10.04
CA LYS A 134 11.94 7.27 -9.09
C LYS A 134 11.86 6.41 -7.85
N GLU A 135 12.46 5.28 -7.97
CA GLU A 135 12.62 4.33 -6.93
C GLU A 135 13.65 3.38 -7.48
N LYS A 136 14.86 3.73 -7.26
CA LYS A 136 15.96 3.09 -7.90
C LYS A 136 16.69 2.14 -6.97
N PRO A 137 17.03 0.94 -7.45
CA PRO A 137 17.83 -0.01 -6.70
C PRO A 137 19.32 0.20 -7.02
N THR A 138 19.61 1.34 -7.65
CA THR A 138 20.92 1.72 -8.10
C THR A 138 21.88 1.90 -6.92
N GLY A 139 21.55 2.83 -6.02
CA GLY A 139 22.42 3.13 -4.93
C GLY A 139 23.57 4.01 -5.38
N PRO A 140 23.51 5.33 -5.14
CA PRO A 140 24.57 6.23 -5.52
C PRO A 140 25.68 6.26 -4.47
N PRO A 141 26.87 5.79 -4.81
CA PRO A 141 27.99 5.79 -3.92
C PRO A 141 28.91 6.99 -4.16
N ALA A 142 29.85 7.17 -3.30
CA ALA A 142 30.82 8.22 -3.45
C ALA A 142 32.13 7.60 -3.80
N LYS A 143 32.87 8.21 -4.69
CA LYS A 143 34.15 7.68 -5.07
C LYS A 143 35.16 7.80 -3.93
N LYS A 144 35.76 6.70 -3.60
CA LYS A 144 36.74 6.66 -2.57
C LYS A 144 38.11 6.99 -3.16
N ALA A 145 38.52 8.21 -2.99
CA ALA A 145 39.75 8.69 -3.56
C ALA A 145 40.52 9.48 -2.53
N ILE A 146 41.82 9.53 -2.70
CA ILE A 146 42.67 10.25 -1.79
C ILE A 146 43.45 11.34 -2.51
N SER A 147 43.04 12.54 -2.32
CA SER A 147 43.69 13.66 -2.92
C SER A 147 44.90 14.05 -2.09
N GLU A 148 45.91 14.54 -2.74
CA GLU A 148 47.12 14.93 -2.07
C GLU A 148 46.92 16.26 -1.37
N LEU A 149 47.51 16.39 -0.21
CA LEU A 149 47.43 17.62 0.55
C LEU A 149 48.45 18.63 0.02
N PRO A 150 48.05 19.91 -0.08
CA PRO A 150 48.92 20.97 -0.57
C PRO A 150 49.95 21.41 0.49
N GLY A 1 -9.89 -31.22 7.75
CA GLY A 1 -10.56 -30.37 8.74
C GLY A 1 -10.51 -28.91 8.34
N PRO A 2 -10.53 -27.99 9.30
CA PRO A 2 -10.48 -26.57 9.02
C PRO A 2 -9.07 -26.09 8.69
N LEU A 3 -8.93 -25.33 7.63
CA LEU A 3 -7.65 -24.75 7.25
C LEU A 3 -7.86 -23.31 6.81
N GLU A 4 -9.09 -22.85 7.01
CA GLU A 4 -9.54 -21.53 6.64
C GLU A 4 -8.62 -20.47 7.24
N SER A 5 -7.88 -19.83 6.39
CA SER A 5 -6.91 -18.84 6.80
C SER A 5 -7.51 -17.44 6.80
N GLN A 6 -8.84 -17.38 6.78
CA GLN A 6 -9.56 -16.12 6.85
C GLN A 6 -9.41 -15.54 8.25
N THR A 7 -8.59 -14.53 8.35
CA THR A 7 -8.31 -13.91 9.61
C THR A 7 -8.08 -12.43 9.42
N ARG A 8 -8.77 -11.65 10.20
CA ARG A 8 -8.63 -10.22 10.17
C ARG A 8 -7.52 -9.82 11.12
N ASP A 9 -6.76 -8.83 10.74
CA ASP A 9 -5.68 -8.37 11.59
C ASP A 9 -6.23 -7.41 12.62
N LEU A 10 -5.50 -7.22 13.68
CA LEU A 10 -5.96 -6.41 14.79
C LEU A 10 -5.56 -4.94 14.53
N GLN A 11 -6.56 -4.06 14.59
CA GLN A 11 -6.36 -2.63 14.33
C GLN A 11 -5.33 -2.02 15.27
N GLY A 12 -4.39 -1.29 14.70
CA GLY A 12 -3.32 -0.70 15.48
C GLY A 12 -3.73 0.57 16.17
N GLY A 13 -4.84 1.13 15.75
CA GLY A 13 -5.33 2.34 16.33
C GLY A 13 -4.91 3.55 15.55
N LYS A 14 -3.72 4.04 15.84
CA LYS A 14 -3.17 5.18 15.13
C LYS A 14 -1.89 4.78 14.41
N ALA A 15 -0.85 4.49 15.20
CA ALA A 15 0.51 4.12 14.73
C ALA A 15 1.26 5.33 14.16
N PHE A 16 0.61 6.02 13.22
CA PHE A 16 1.09 7.27 12.61
C PHE A 16 2.51 7.20 12.03
N GLY A 17 3.50 7.42 12.88
CA GLY A 17 4.86 7.46 12.41
C GLY A 17 5.68 6.29 12.92
N LEU A 18 5.22 5.67 13.99
CA LEU A 18 5.95 4.56 14.62
C LEU A 18 6.16 3.42 13.64
N LEU A 19 5.08 2.92 13.10
CA LEU A 19 5.16 1.83 12.16
C LEU A 19 5.56 2.32 10.77
N LYS A 20 5.10 3.50 10.38
CA LYS A 20 5.40 4.06 9.06
C LYS A 20 6.90 4.25 8.83
N ALA A 21 7.61 4.62 9.88
CA ALA A 21 9.05 4.84 9.78
C ALA A 21 9.80 3.54 9.58
N GLN A 22 9.48 2.56 10.39
CA GLN A 22 10.19 1.28 10.36
C GLN A 22 9.77 0.42 9.15
N GLN A 23 8.51 0.52 8.77
CA GLN A 23 8.00 -0.29 7.67
C GLN A 23 8.43 0.23 6.32
N GLU A 24 8.83 1.50 6.28
CA GLU A 24 9.33 2.13 5.05
C GLU A 24 10.41 1.25 4.41
N GLU A 25 11.27 0.67 5.25
CA GLU A 25 12.33 -0.23 4.78
C GLU A 25 11.74 -1.39 3.97
N ARG A 26 10.69 -2.03 4.50
CA ARG A 26 10.03 -3.12 3.80
C ARG A 26 9.36 -2.63 2.55
N LEU A 27 8.67 -1.51 2.66
CA LEU A 27 7.95 -0.92 1.53
C LEU A 27 8.91 -0.68 0.37
N ASP A 28 10.04 -0.10 0.71
CA ASP A 28 11.13 0.17 -0.22
C ASP A 28 11.60 -1.11 -0.91
N GLU A 29 11.78 -2.18 -0.14
CA GLU A 29 12.32 -3.42 -0.71
C GLU A 29 11.29 -4.20 -1.52
N ILE A 30 10.06 -4.23 -1.05
CA ILE A 30 9.01 -5.01 -1.71
C ILE A 30 8.82 -4.53 -3.15
N ASN A 31 8.85 -3.22 -3.33
CA ASN A 31 8.71 -2.63 -4.67
C ASN A 31 9.83 -3.07 -5.58
N LYS A 32 11.07 -2.97 -5.09
CA LYS A 32 12.25 -3.38 -5.86
C LYS A 32 12.15 -4.84 -6.27
N GLN A 33 11.67 -5.66 -5.37
CA GLN A 33 11.53 -7.08 -5.59
C GLN A 33 10.54 -7.41 -6.71
N PHE A 34 9.36 -6.79 -6.69
CA PHE A 34 8.38 -6.98 -7.78
C PHE A 34 8.82 -6.29 -9.07
N LEU A 35 9.58 -5.22 -8.93
CA LEU A 35 10.08 -4.44 -10.06
C LEU A 35 11.11 -5.27 -10.84
N ASP A 36 11.96 -5.93 -10.10
CA ASP A 36 13.05 -6.71 -10.67
C ASP A 36 12.60 -8.15 -10.97
N ASP A 37 11.35 -8.45 -10.64
CA ASP A 37 10.80 -9.80 -10.83
C ASP A 37 10.72 -10.15 -12.32
N PRO A 38 11.32 -11.29 -12.72
CA PRO A 38 11.46 -11.72 -14.13
C PRO A 38 10.14 -11.91 -14.91
N LYS A 39 9.02 -11.90 -14.22
CA LYS A 39 7.74 -12.05 -14.90
C LYS A 39 7.41 -10.70 -15.53
N TYR A 40 7.75 -9.65 -14.81
CA TYR A 40 7.46 -8.28 -15.21
C TYR A 40 8.64 -7.73 -15.99
N SER A 41 9.82 -8.12 -15.54
CA SER A 41 11.10 -7.84 -16.14
C SER A 41 11.52 -6.40 -15.92
N SER A 42 10.87 -5.50 -16.62
CA SER A 42 11.12 -4.09 -16.54
C SER A 42 10.20 -3.37 -17.50
N ASP A 43 9.04 -2.98 -17.03
CA ASP A 43 8.16 -2.15 -17.85
C ASP A 43 8.41 -0.68 -17.44
N GLU A 44 7.69 0.25 -17.99
CA GLU A 44 7.83 1.65 -17.62
C GLU A 44 6.77 2.00 -16.59
N ASP A 45 5.62 1.38 -16.76
CA ASP A 45 4.46 1.57 -15.89
C ASP A 45 4.67 0.85 -14.60
N LEU A 46 5.33 -0.29 -14.69
CA LEU A 46 5.55 -1.17 -13.57
C LEU A 46 6.29 -0.47 -12.39
N PRO A 47 7.55 0.03 -12.56
CA PRO A 47 8.28 0.67 -11.47
C PRO A 47 7.55 1.90 -10.95
N SER A 48 6.84 2.55 -11.84
CA SER A 48 6.14 3.77 -11.51
C SER A 48 4.89 3.47 -10.68
N LYS A 49 4.32 2.30 -10.89
CA LYS A 49 3.16 1.87 -10.17
C LYS A 49 3.51 1.46 -8.75
N LEU A 50 4.60 0.70 -8.59
CA LEU A 50 5.07 0.29 -7.25
C LEU A 50 5.35 1.51 -6.36
N GLU A 51 6.10 2.46 -6.89
CA GLU A 51 6.45 3.68 -6.16
C GLU A 51 5.20 4.49 -5.83
N GLY A 52 4.26 4.56 -6.77
CA GLY A 52 3.02 5.27 -6.55
C GLY A 52 2.15 4.55 -5.55
N PHE A 53 2.14 3.25 -5.61
CA PHE A 53 1.40 2.41 -4.71
C PHE A 53 1.83 2.58 -3.26
N LYS A 54 3.14 2.47 -3.01
CA LYS A 54 3.68 2.60 -1.65
C LYS A 54 3.25 3.90 -1.00
N GLU A 55 3.11 4.94 -1.81
CA GLU A 55 2.65 6.25 -1.34
C GLU A 55 1.33 6.15 -0.61
N LYS A 56 0.37 5.49 -1.21
CA LYS A 56 -0.94 5.38 -0.60
C LYS A 56 -0.95 4.34 0.48
N TYR A 57 -0.32 3.16 0.22
CA TYR A 57 -0.40 2.02 1.15
C TYR A 57 0.16 2.42 2.50
N MET A 58 1.26 3.10 2.44
CA MET A 58 1.97 3.58 3.59
C MET A 58 1.14 4.63 4.37
N GLU A 59 0.23 5.31 3.66
CA GLU A 59 -0.54 6.40 4.25
C GLU A 59 -1.94 6.01 4.71
N PHE A 60 -2.30 4.75 4.64
CA PHE A 60 -3.58 4.33 5.21
C PHE A 60 -3.41 4.15 6.72
N ASP A 61 -2.17 4.37 7.17
CA ASP A 61 -1.73 4.21 8.54
C ASP A 61 -1.67 2.75 8.89
N LEU A 62 -0.50 2.22 8.62
CA LEU A 62 -0.16 0.83 8.76
C LEU A 62 -0.45 0.33 10.17
N ASN A 63 -1.28 -0.69 10.28
CA ASN A 63 -1.64 -1.27 11.56
C ASN A 63 -0.58 -2.22 12.05
N GLY A 64 -0.91 -2.97 13.07
CA GLY A 64 0.04 -3.84 13.79
C GLY A 64 0.87 -4.77 12.91
N ASN A 65 0.28 -5.30 11.87
CA ASN A 65 0.99 -6.23 10.99
C ASN A 65 1.35 -5.57 9.68
N GLY A 66 1.27 -4.25 9.66
CA GLY A 66 1.50 -3.52 8.45
C GLY A 66 0.32 -3.64 7.56
N ASP A 67 -0.80 -3.83 8.19
CA ASP A 67 -2.05 -4.08 7.52
C ASP A 67 -2.90 -2.85 7.45
N ILE A 68 -3.90 -2.94 6.64
CA ILE A 68 -4.85 -1.87 6.40
C ILE A 68 -6.23 -2.47 6.49
N ASP A 69 -7.03 -2.08 7.48
CA ASP A 69 -8.39 -2.59 7.59
C ASP A 69 -9.32 -1.67 6.80
N ILE A 70 -10.64 -1.97 6.78
CA ILE A 70 -11.55 -1.14 6.00
C ILE A 70 -11.57 0.30 6.48
N MET A 71 -11.38 0.50 7.78
CA MET A 71 -11.41 1.84 8.35
C MET A 71 -10.20 2.59 7.92
N SER A 72 -9.07 1.90 7.88
CA SER A 72 -7.82 2.49 7.42
C SER A 72 -8.00 2.98 5.96
N LEU A 73 -8.68 2.17 5.16
CA LEU A 73 -8.96 2.50 3.76
C LEU A 73 -10.00 3.63 3.69
N LYS A 74 -11.07 3.49 4.48
CA LYS A 74 -12.14 4.48 4.61
C LYS A 74 -11.59 5.87 4.92
N ARG A 75 -10.64 5.94 5.82
CA ARG A 75 -9.98 7.19 6.21
C ARG A 75 -9.34 7.89 5.02
N MET A 76 -8.87 7.12 4.06
CA MET A 76 -8.18 7.69 2.93
C MET A 76 -9.16 8.33 1.96
N LEU A 77 -10.04 7.53 1.40
CA LEU A 77 -10.86 7.98 0.30
C LEU A 77 -11.92 8.97 0.70
N GLU A 78 -12.50 8.77 1.84
CA GLU A 78 -13.58 9.61 2.29
C GLU A 78 -13.08 11.00 2.67
N LYS A 79 -11.98 11.04 3.38
CA LYS A 79 -11.41 12.30 3.84
C LYS A 79 -10.86 13.07 2.62
N LEU A 80 -10.22 12.35 1.69
CA LEU A 80 -9.70 12.97 0.46
C LEU A 80 -10.79 13.66 -0.34
N GLY A 81 -11.90 12.97 -0.54
CA GLY A 81 -12.99 13.56 -1.27
C GLY A 81 -13.72 12.57 -2.15
N VAL A 82 -13.57 11.30 -1.88
CA VAL A 82 -14.27 10.28 -2.63
C VAL A 82 -15.47 9.81 -1.82
N PRO A 83 -16.68 10.06 -2.31
CA PRO A 83 -17.90 9.66 -1.62
C PRO A 83 -18.33 8.23 -1.93
N LYS A 84 -18.37 7.40 -0.90
CA LYS A 84 -18.84 6.01 -0.97
C LYS A 84 -19.47 5.65 0.36
N THR A 85 -20.31 4.64 0.36
CA THR A 85 -20.94 4.18 1.57
C THR A 85 -20.09 3.08 2.21
N HIS A 86 -20.39 2.76 3.47
CA HIS A 86 -19.66 1.76 4.28
C HIS A 86 -19.53 0.41 3.55
N LEU A 87 -20.61 0.00 2.93
CA LEU A 87 -20.71 -1.26 2.18
C LEU A 87 -19.64 -1.34 1.04
N GLU A 88 -19.28 -0.19 0.49
CA GLU A 88 -18.29 -0.11 -0.59
C GLU A 88 -16.88 -0.47 -0.12
N LEU A 89 -16.49 0.09 1.01
CA LEU A 89 -15.12 -0.05 1.55
C LEU A 89 -14.72 -1.51 1.71
N LYS A 90 -15.57 -2.26 2.33
CA LYS A 90 -15.24 -3.60 2.70
C LYS A 90 -15.19 -4.53 1.48
N LYS A 91 -16.07 -4.28 0.52
CA LYS A 91 -16.11 -5.08 -0.71
C LYS A 91 -14.80 -4.97 -1.46
N LEU A 92 -14.21 -3.81 -1.40
CA LEU A 92 -12.98 -3.55 -2.11
C LEU A 92 -11.83 -4.36 -1.54
N ILE A 93 -11.81 -4.50 -0.22
CA ILE A 93 -10.75 -5.23 0.47
C ILE A 93 -10.76 -6.66 0.01
N GLY A 94 -11.95 -7.23 0.01
CA GLY A 94 -12.13 -8.66 -0.23
C GLY A 94 -11.73 -9.11 -1.60
N GLU A 95 -11.62 -8.19 -2.53
CA GLU A 95 -11.22 -8.53 -3.87
C GLU A 95 -9.68 -8.67 -3.91
N VAL A 96 -9.05 -8.15 -2.89
CA VAL A 96 -7.64 -8.26 -2.72
C VAL A 96 -7.32 -9.31 -1.67
N SER A 97 -8.00 -9.20 -0.55
CA SER A 97 -7.78 -10.10 0.53
C SER A 97 -9.12 -10.67 0.97
N SER A 98 -9.52 -11.77 0.37
CA SER A 98 -10.74 -12.42 0.77
C SER A 98 -10.43 -13.33 1.97
N GLY A 99 -9.14 -13.38 2.34
CA GLY A 99 -8.70 -14.13 3.49
C GLY A 99 -8.76 -13.30 4.74
N SER A 100 -9.55 -12.25 4.71
CA SER A 100 -9.73 -11.37 5.84
C SER A 100 -11.03 -10.59 5.65
N GLY A 101 -11.12 -9.90 4.52
CA GLY A 101 -12.31 -9.14 4.23
C GLY A 101 -12.25 -7.74 4.78
N GLU A 102 -11.13 -7.39 5.37
CA GLU A 102 -10.95 -6.06 5.95
C GLU A 102 -9.54 -5.61 5.86
N THR A 103 -8.63 -6.46 6.23
CA THR A 103 -7.26 -6.11 6.22
C THR A 103 -6.56 -6.52 4.92
N PHE A 104 -5.59 -5.73 4.52
CA PHE A 104 -4.84 -5.97 3.30
C PHE A 104 -3.46 -6.46 3.61
N SER A 105 -2.82 -6.96 2.57
CA SER A 105 -1.44 -7.27 2.60
C SER A 105 -0.82 -6.60 1.38
N TYR A 106 0.36 -6.02 1.56
CA TYR A 106 1.05 -5.27 0.51
C TYR A 106 1.20 -6.09 -0.80
N PRO A 107 1.74 -7.36 -0.75
CA PRO A 107 1.85 -8.18 -1.95
C PRO A 107 0.49 -8.49 -2.59
N ASP A 108 -0.55 -8.69 -1.77
CA ASP A 108 -1.90 -8.99 -2.28
C ASP A 108 -2.47 -7.85 -3.10
N PHE A 109 -2.38 -6.64 -2.57
CA PHE A 109 -2.89 -5.46 -3.26
C PHE A 109 -2.13 -5.32 -4.60
N LEU A 110 -0.83 -5.63 -4.57
CA LEU A 110 -0.02 -5.61 -5.75
C LEU A 110 -0.42 -6.68 -6.73
N ARG A 111 -0.58 -7.92 -6.27
CA ARG A 111 -1.00 -9.04 -7.15
C ARG A 111 -2.28 -8.70 -7.89
N MET A 112 -3.15 -7.97 -7.23
CA MET A 112 -4.38 -7.50 -7.83
C MET A 112 -4.09 -6.50 -8.98
N MET A 113 -3.34 -5.45 -8.72
CA MET A 113 -3.08 -4.44 -9.77
C MET A 113 -2.02 -4.93 -10.78
N LEU A 114 -1.27 -5.91 -10.39
CA LEU A 114 -0.23 -6.51 -11.21
C LEU A 114 -0.75 -7.74 -11.94
N GLY A 115 -1.96 -8.12 -11.68
CA GLY A 115 -2.49 -9.30 -12.33
C GLY A 115 -3.99 -9.43 -12.21
N LYS A 116 -4.47 -9.80 -11.05
CA LYS A 116 -5.90 -10.06 -10.83
C LYS A 116 -6.64 -8.75 -10.53
N ARG A 117 -6.81 -7.95 -11.55
CA ARG A 117 -7.39 -6.65 -11.45
C ARG A 117 -8.91 -6.73 -11.50
N SER A 118 -9.52 -6.70 -10.34
CA SER A 118 -10.96 -6.75 -10.24
C SER A 118 -11.46 -5.85 -9.11
N ALA A 119 -10.55 -5.13 -8.49
CA ALA A 119 -10.90 -4.33 -7.35
C ALA A 119 -11.13 -2.89 -7.75
N ILE A 120 -12.33 -2.39 -7.45
CA ILE A 120 -12.74 -1.02 -7.80
C ILE A 120 -11.81 0.02 -7.17
N LEU A 121 -11.15 -0.36 -6.09
CA LEU A 121 -10.18 0.51 -5.43
C LEU A 121 -9.04 0.93 -6.36
N LYS A 122 -8.78 0.13 -7.41
CA LYS A 122 -7.76 0.44 -8.40
C LYS A 122 -8.13 1.77 -9.10
N MET A 123 -9.44 2.00 -9.24
CA MET A 123 -9.93 3.21 -9.85
C MET A 123 -9.56 4.42 -9.00
N ILE A 124 -9.70 4.28 -7.70
CA ILE A 124 -9.38 5.35 -6.74
C ILE A 124 -7.85 5.49 -6.61
N LEU A 125 -7.16 4.37 -6.59
CA LEU A 125 -5.70 4.32 -6.45
C LEU A 125 -5.05 5.06 -7.64
N MET A 126 -5.68 4.97 -8.78
CA MET A 126 -5.18 5.64 -9.98
C MET A 126 -5.90 6.95 -10.23
N TYR A 127 -6.75 7.31 -9.31
CA TYR A 127 -7.51 8.54 -9.43
C TYR A 127 -6.67 9.71 -8.94
N GLU A 128 -6.02 9.52 -7.81
CA GLU A 128 -5.17 10.54 -7.27
C GLU A 128 -3.69 10.17 -7.33
N GLU A 129 -2.87 11.15 -7.61
CA GLU A 129 -1.44 10.94 -7.70
C GLU A 129 -0.76 11.79 -6.64
N LYS A 130 0.30 11.27 -6.06
CA LYS A 130 0.95 11.96 -4.99
C LYS A 130 2.41 11.61 -4.91
N ALA A 131 3.15 12.54 -4.41
CA ALA A 131 4.53 12.37 -4.06
C ALA A 131 4.70 13.06 -2.74
N ARG A 132 4.46 12.34 -1.70
CA ARG A 132 4.46 12.90 -0.38
C ARG A 132 5.57 12.28 0.45
N GLU A 133 6.73 12.80 0.27
CA GLU A 133 7.86 12.38 1.03
C GLU A 133 7.80 13.13 2.34
N LYS A 134 7.44 12.43 3.37
CA LYS A 134 7.24 13.01 4.65
C LYS A 134 8.06 12.22 5.67
N GLU A 135 9.22 11.76 5.22
CA GLU A 135 10.11 11.02 6.05
C GLU A 135 10.77 11.89 7.11
N LYS A 136 10.25 11.82 8.29
CA LYS A 136 10.85 12.44 9.42
C LYS A 136 11.45 11.33 10.26
N PRO A 137 12.77 11.06 10.09
CA PRO A 137 13.43 9.97 10.79
C PRO A 137 13.58 10.26 12.27
N THR A 138 12.57 9.89 13.01
CA THR A 138 12.58 10.07 14.41
C THR A 138 11.97 8.86 15.10
N GLY A 139 12.83 7.94 15.45
CA GLY A 139 12.42 6.83 16.24
C GLY A 139 12.59 7.20 17.67
N PRO A 140 11.71 6.77 18.58
CA PRO A 140 11.79 7.14 20.00
C PRO A 140 13.10 6.64 20.62
N PRO A 141 13.98 7.57 21.04
CA PRO A 141 15.25 7.22 21.66
C PRO A 141 15.04 6.62 23.03
N ALA A 142 15.29 5.33 23.14
CA ALA A 142 15.11 4.64 24.40
C ALA A 142 16.45 4.16 24.95
N LYS A 143 17.50 4.39 24.19
CA LYS A 143 18.82 3.98 24.58
C LYS A 143 19.41 4.89 25.65
N LYS A 144 19.32 4.44 26.89
CA LYS A 144 19.89 5.17 28.00
C LYS A 144 21.01 4.34 28.59
N ALA A 145 21.87 4.97 29.32
CA ALA A 145 22.90 4.26 30.03
C ALA A 145 22.33 3.90 31.37
N ILE A 146 21.96 2.66 31.54
CA ILE A 146 21.30 2.25 32.74
C ILE A 146 22.09 1.22 33.54
N SER A 147 22.45 1.62 34.70
CA SER A 147 23.05 0.78 35.67
C SER A 147 22.54 1.24 37.02
N GLU A 148 21.65 0.46 37.55
CA GLU A 148 20.98 0.80 38.76
C GLU A 148 21.10 -0.38 39.72
N LEU A 149 21.06 -0.10 41.00
CA LEU A 149 21.18 -1.15 41.98
C LEU A 149 19.83 -1.81 42.20
N PRO A 150 19.81 -3.15 42.39
CA PRO A 150 18.57 -3.89 42.64
C PRO A 150 17.86 -3.40 43.90
N GLY A 1 -16.34 18.80 -16.41
CA GLY A 1 -14.96 18.32 -16.61
C GLY A 1 -14.36 17.89 -15.30
N PRO A 2 -13.10 17.46 -15.28
CA PRO A 2 -12.44 17.05 -14.04
C PRO A 2 -12.27 18.24 -13.09
N LEU A 3 -12.26 17.97 -11.81
CA LEU A 3 -12.13 19.02 -10.83
C LEU A 3 -11.15 18.59 -9.76
N GLU A 4 -10.33 19.51 -9.31
CA GLU A 4 -9.35 19.21 -8.30
C GLU A 4 -9.99 19.18 -6.92
N SER A 5 -10.04 18.01 -6.37
CA SER A 5 -10.62 17.78 -5.08
C SER A 5 -9.53 17.90 -4.01
N GLN A 6 -9.91 17.86 -2.75
CA GLN A 6 -8.96 17.98 -1.68
C GLN A 6 -8.29 16.65 -1.43
N THR A 7 -7.17 16.44 -2.09
CA THR A 7 -6.40 15.25 -1.90
C THR A 7 -5.29 15.50 -0.89
N ARG A 8 -4.79 16.73 -0.86
CA ARG A 8 -3.78 17.11 0.10
C ARG A 8 -4.38 17.66 1.34
N ASP A 9 -4.88 16.76 2.11
CA ASP A 9 -5.52 17.00 3.39
C ASP A 9 -5.99 15.66 3.89
N LEU A 10 -5.03 14.86 4.25
CA LEU A 10 -5.24 13.50 4.66
C LEU A 10 -3.93 12.98 5.23
N GLN A 11 -3.97 12.54 6.45
CA GLN A 11 -2.82 11.96 7.09
C GLN A 11 -3.21 10.65 7.72
N GLY A 12 -2.24 9.78 7.94
CA GLY A 12 -2.50 8.52 8.60
C GLY A 12 -2.67 8.74 10.10
N GLY A 13 -3.84 9.22 10.48
CA GLY A 13 -4.08 9.60 11.84
C GLY A 13 -3.40 10.91 12.10
N LYS A 14 -2.36 10.88 12.86
CA LYS A 14 -1.52 12.03 13.07
C LYS A 14 -0.26 11.86 12.26
N ALA A 15 0.25 10.62 12.28
CA ALA A 15 1.43 10.21 11.54
C ALA A 15 2.64 11.08 11.81
N PHE A 16 3.26 10.87 12.95
CA PHE A 16 4.46 11.62 13.30
C PHE A 16 5.68 10.94 12.66
N GLY A 17 5.45 9.75 12.14
CA GLY A 17 6.49 9.02 11.47
C GLY A 17 7.06 7.94 12.33
N LEU A 18 6.20 7.25 13.01
CA LEU A 18 6.62 6.14 13.86
C LEU A 18 6.58 4.87 13.06
N LEU A 19 5.39 4.49 12.67
CA LEU A 19 5.20 3.26 11.95
C LEU A 19 5.63 3.43 10.52
N LYS A 20 5.47 4.65 10.03
CA LYS A 20 5.86 5.01 8.69
C LYS A 20 7.36 4.74 8.53
N ALA A 21 8.13 5.18 9.51
CA ALA A 21 9.60 5.09 9.47
C ALA A 21 10.06 3.64 9.51
N GLN A 22 9.36 2.85 10.29
CA GLN A 22 9.71 1.45 10.48
C GLN A 22 9.37 0.65 9.24
N GLN A 23 8.24 0.93 8.69
CA GLN A 23 7.70 0.13 7.62
C GLN A 23 8.21 0.48 6.24
N GLU A 24 8.71 1.72 6.03
CA GLU A 24 9.26 2.12 4.69
C GLU A 24 10.23 1.09 4.17
N GLU A 25 11.07 0.60 5.07
CA GLU A 25 12.08 -0.37 4.76
C GLU A 25 11.46 -1.62 4.17
N ARG A 26 10.46 -2.17 4.83
CA ARG A 26 9.83 -3.40 4.38
C ARG A 26 8.91 -3.14 3.20
N LEU A 27 8.25 -1.98 3.20
CA LEU A 27 7.33 -1.58 2.13
C LEU A 27 8.00 -1.56 0.79
N ASP A 28 9.09 -0.83 0.69
CA ASP A 28 9.75 -0.69 -0.58
C ASP A 28 10.47 -1.98 -0.97
N GLU A 29 10.78 -2.81 0.02
CA GLU A 29 11.41 -4.12 -0.24
C GLU A 29 10.46 -5.03 -0.96
N ILE A 30 9.20 -4.82 -0.72
CA ILE A 30 8.18 -5.58 -1.37
C ILE A 30 8.13 -5.18 -2.85
N ASN A 31 8.41 -3.90 -3.13
CA ASN A 31 8.44 -3.41 -4.52
C ASN A 31 9.60 -4.01 -5.21
N LYS A 32 10.74 -3.88 -4.57
CA LYS A 32 11.99 -4.35 -5.10
C LYS A 32 11.97 -5.84 -5.45
N GLN A 33 11.37 -6.64 -4.58
CA GLN A 33 11.27 -8.07 -4.82
C GLN A 33 10.36 -8.41 -6.00
N PHE A 34 9.21 -7.72 -6.12
CA PHE A 34 8.32 -7.92 -7.27
C PHE A 34 8.94 -7.35 -8.56
N LEU A 35 9.57 -6.19 -8.44
CA LEU A 35 10.24 -5.54 -9.56
C LEU A 35 11.31 -6.46 -10.14
N ASP A 36 12.09 -7.03 -9.25
CA ASP A 36 13.23 -7.84 -9.59
C ASP A 36 12.84 -9.23 -10.09
N ASP A 37 11.61 -9.63 -9.81
CA ASP A 37 11.15 -10.95 -10.20
C ASP A 37 10.97 -11.05 -11.74
N PRO A 38 11.62 -12.05 -12.36
CA PRO A 38 11.65 -12.23 -13.82
C PRO A 38 10.27 -12.44 -14.48
N LYS A 39 9.26 -12.85 -13.73
CA LYS A 39 7.94 -13.06 -14.32
C LYS A 39 7.37 -11.70 -14.67
N TYR A 40 7.65 -10.73 -13.82
CA TYR A 40 7.21 -9.36 -14.01
C TYR A 40 8.12 -8.69 -15.02
N SER A 41 9.32 -9.26 -15.12
CA SER A 41 10.31 -8.92 -16.14
C SER A 41 10.85 -7.50 -16.03
N SER A 42 10.53 -6.80 -14.92
CA SER A 42 10.97 -5.42 -14.70
C SER A 42 10.47 -4.51 -15.85
N ASP A 43 9.24 -4.81 -16.31
CA ASP A 43 8.54 -4.08 -17.40
C ASP A 43 8.50 -2.57 -17.11
N GLU A 44 8.50 -1.74 -18.12
CA GLU A 44 8.53 -0.27 -17.94
C GLU A 44 7.35 0.28 -17.07
N ASP A 45 6.24 -0.43 -17.04
CA ASP A 45 5.09 -0.01 -16.24
C ASP A 45 5.13 -0.68 -14.86
N LEU A 46 6.04 -1.58 -14.70
CA LEU A 46 6.12 -2.35 -13.49
C LEU A 46 6.62 -1.47 -12.30
N PRO A 47 7.86 -0.86 -12.37
CA PRO A 47 8.35 0.00 -11.28
C PRO A 47 7.46 1.21 -11.10
N SER A 48 6.92 1.71 -12.22
CA SER A 48 6.09 2.89 -12.24
C SER A 48 4.91 2.79 -11.25
N LYS A 49 4.24 1.67 -11.24
CA LYS A 49 3.16 1.48 -10.28
C LYS A 49 3.68 1.21 -8.88
N LEU A 50 4.75 0.42 -8.76
CA LEU A 50 5.40 0.11 -7.46
C LEU A 50 5.85 1.38 -6.71
N GLU A 51 6.56 2.24 -7.42
CA GLU A 51 7.12 3.46 -6.84
C GLU A 51 6.03 4.45 -6.41
N GLY A 52 4.94 4.49 -7.14
CA GLY A 52 3.83 5.36 -6.77
C GLY A 52 3.00 4.74 -5.66
N PHE A 53 2.97 3.42 -5.66
CA PHE A 53 2.21 2.67 -4.70
C PHE A 53 2.75 2.82 -3.28
N LYS A 54 4.06 2.70 -3.07
CA LYS A 54 4.63 2.90 -1.73
C LYS A 54 4.36 4.28 -1.16
N GLU A 55 4.26 5.26 -2.02
CA GLU A 55 3.95 6.63 -1.62
C GLU A 55 2.49 6.63 -1.06
N LYS A 56 1.59 6.09 -1.83
CA LYS A 56 0.17 6.02 -1.49
C LYS A 56 -0.16 5.09 -0.33
N TYR A 57 0.40 3.89 -0.33
CA TYR A 57 0.05 2.88 0.66
C TYR A 57 0.32 3.36 2.08
N MET A 58 1.42 4.05 2.26
CA MET A 58 1.77 4.58 3.57
C MET A 58 0.88 5.78 4.02
N GLU A 59 0.00 6.29 3.13
CA GLU A 59 -0.90 7.40 3.53
C GLU A 59 -2.03 6.89 4.38
N PHE A 60 -2.30 5.63 4.23
CA PHE A 60 -3.33 4.98 4.99
C PHE A 60 -2.79 4.74 6.38
N ASP A 61 -3.66 4.58 7.35
CA ASP A 61 -3.22 4.32 8.70
C ASP A 61 -2.75 2.87 8.79
N LEU A 62 -1.47 2.70 8.53
CA LEU A 62 -0.81 1.41 8.55
C LEU A 62 -0.90 0.78 9.92
N ASN A 63 -1.46 -0.40 9.99
CA ASN A 63 -1.55 -1.13 11.25
C ASN A 63 -0.20 -1.75 11.59
N GLY A 64 -0.19 -2.59 12.61
CA GLY A 64 1.05 -3.18 13.11
C GLY A 64 1.82 -4.03 12.10
N ASN A 65 1.14 -4.52 11.08
CA ASN A 65 1.82 -5.32 10.05
C ASN A 65 2.09 -4.50 8.82
N GLY A 66 1.71 -3.25 8.88
CA GLY A 66 1.75 -2.44 7.70
C GLY A 66 0.58 -2.81 6.84
N ASP A 67 -0.48 -3.20 7.50
CA ASP A 67 -1.68 -3.67 6.88
C ASP A 67 -2.74 -2.60 6.95
N ILE A 68 -3.70 -2.67 6.05
CA ILE A 68 -4.74 -1.68 5.98
C ILE A 68 -6.08 -2.37 5.99
N ASP A 69 -6.85 -2.11 7.00
CA ASP A 69 -8.15 -2.73 7.14
C ASP A 69 -9.25 -1.79 6.73
N ILE A 70 -10.47 -2.31 6.71
CA ILE A 70 -11.65 -1.58 6.29
C ILE A 70 -11.95 -0.33 7.10
N MET A 71 -11.47 -0.29 8.33
CA MET A 71 -11.64 0.91 9.17
C MET A 71 -10.65 1.97 8.70
N SER A 72 -9.40 1.57 8.57
CA SER A 72 -8.33 2.44 8.11
C SER A 72 -8.65 2.99 6.71
N LEU A 73 -9.11 2.11 5.85
CA LEU A 73 -9.45 2.45 4.48
C LEU A 73 -10.66 3.39 4.44
N LYS A 74 -11.69 3.10 5.27
CA LYS A 74 -12.90 3.95 5.31
C LYS A 74 -12.52 5.36 5.69
N ARG A 75 -11.71 5.43 6.72
CA ARG A 75 -11.24 6.69 7.33
C ARG A 75 -10.63 7.61 6.25
N MET A 76 -10.03 7.01 5.23
CA MET A 76 -9.45 7.73 4.11
C MET A 76 -10.55 8.44 3.33
N LEU A 77 -11.49 7.65 2.82
CA LEU A 77 -12.64 8.16 2.03
C LEU A 77 -13.48 9.12 2.87
N GLU A 78 -13.52 8.85 4.16
CA GLU A 78 -14.26 9.63 5.12
C GLU A 78 -13.67 11.04 5.24
N LYS A 79 -12.37 11.14 5.40
CA LYS A 79 -11.68 12.44 5.49
C LYS A 79 -11.64 13.12 4.12
N LEU A 80 -11.85 12.36 3.08
CA LEU A 80 -11.88 12.89 1.74
C LEU A 80 -13.30 13.32 1.39
N GLY A 81 -13.49 13.77 0.17
CA GLY A 81 -14.79 14.24 -0.25
C GLY A 81 -15.60 13.17 -0.95
N VAL A 82 -15.21 11.94 -0.77
CA VAL A 82 -15.88 10.81 -1.38
C VAL A 82 -16.37 9.79 -0.35
N PRO A 83 -17.60 9.98 0.15
CA PRO A 83 -18.18 9.10 1.17
C PRO A 83 -18.64 7.78 0.57
N LYS A 84 -18.24 6.69 1.18
CA LYS A 84 -18.67 5.38 0.75
C LYS A 84 -19.31 4.65 1.91
N THR A 85 -20.14 3.68 1.59
CA THR A 85 -20.83 2.92 2.60
C THR A 85 -19.86 1.89 3.20
N HIS A 86 -20.07 1.55 4.47
CA HIS A 86 -19.23 0.60 5.22
C HIS A 86 -18.99 -0.72 4.46
N LEU A 87 -19.99 -1.16 3.73
CA LEU A 87 -19.92 -2.39 2.97
C LEU A 87 -18.95 -2.25 1.79
N GLU A 88 -18.91 -1.06 1.19
CA GLU A 88 -18.10 -0.81 0.01
C GLU A 88 -16.63 -0.99 0.28
N LEU A 89 -16.20 -0.61 1.46
CA LEU A 89 -14.81 -0.76 1.84
C LEU A 89 -14.45 -2.23 1.97
N LYS A 90 -15.34 -3.00 2.60
CA LYS A 90 -15.15 -4.44 2.74
C LYS A 90 -15.18 -5.12 1.36
N LYS A 91 -16.01 -4.58 0.50
CA LYS A 91 -16.19 -5.06 -0.86
C LYS A 91 -14.89 -4.93 -1.65
N LEU A 92 -14.23 -3.79 -1.53
CA LEU A 92 -13.01 -3.53 -2.27
C LEU A 92 -11.88 -4.43 -1.82
N ILE A 93 -11.91 -4.83 -0.55
CA ILE A 93 -10.89 -5.71 -0.01
C ILE A 93 -10.90 -7.02 -0.76
N GLY A 94 -12.11 -7.50 -1.02
CA GLY A 94 -12.32 -8.82 -1.64
C GLY A 94 -11.65 -9.01 -2.99
N GLU A 95 -11.38 -7.93 -3.70
CA GLU A 95 -10.74 -8.05 -4.99
C GLU A 95 -9.21 -8.02 -4.82
N VAL A 96 -8.77 -7.63 -3.65
CA VAL A 96 -7.37 -7.56 -3.32
C VAL A 96 -6.95 -8.80 -2.53
N SER A 97 -7.73 -9.14 -1.52
CA SER A 97 -7.45 -10.27 -0.67
C SER A 97 -7.92 -11.58 -1.29
N SER A 98 -8.49 -11.49 -2.51
CA SER A 98 -9.00 -12.61 -3.30
C SER A 98 -10.37 -13.09 -2.74
N GLY A 99 -10.42 -13.37 -1.47
CA GLY A 99 -11.67 -13.70 -0.85
C GLY A 99 -12.22 -12.46 -0.18
N SER A 100 -13.46 -12.50 0.27
CA SER A 100 -14.03 -11.34 0.91
C SER A 100 -13.45 -11.20 2.33
N GLY A 101 -12.41 -10.40 2.45
CA GLY A 101 -11.78 -10.18 3.71
C GLY A 101 -12.09 -8.81 4.25
N GLU A 102 -11.27 -8.35 5.17
CA GLU A 102 -11.48 -7.05 5.80
C GLU A 102 -10.16 -6.30 6.01
N THR A 103 -9.08 -6.86 5.54
CA THR A 103 -7.79 -6.23 5.63
C THR A 103 -6.94 -6.64 4.44
N PHE A 104 -6.33 -5.69 3.76
CA PHE A 104 -5.50 -6.04 2.65
C PHE A 104 -4.05 -5.81 2.98
N SER A 105 -3.20 -6.46 2.24
CA SER A 105 -1.78 -6.34 2.44
C SER A 105 -1.13 -5.76 1.19
N TYR A 106 0.06 -5.23 1.35
CA TYR A 106 0.83 -4.58 0.30
C TYR A 106 1.01 -5.52 -0.95
N PRO A 107 1.52 -6.80 -0.78
CA PRO A 107 1.68 -7.73 -1.90
C PRO A 107 0.35 -8.01 -2.61
N ASP A 108 -0.72 -8.04 -1.84
CA ASP A 108 -2.06 -8.30 -2.38
C ASP A 108 -2.52 -7.19 -3.25
N PHE A 109 -2.29 -5.98 -2.80
CA PHE A 109 -2.71 -4.82 -3.55
C PHE A 109 -1.94 -4.79 -4.86
N LEU A 110 -0.63 -5.08 -4.80
CA LEU A 110 0.17 -5.18 -6.00
C LEU A 110 -0.33 -6.25 -6.92
N ARG A 111 -0.53 -7.46 -6.40
CA ARG A 111 -1.08 -8.57 -7.20
C ARG A 111 -2.40 -8.20 -7.86
N MET A 112 -3.18 -7.41 -7.17
CA MET A 112 -4.42 -6.90 -7.71
C MET A 112 -4.13 -5.92 -8.86
N MET A 113 -3.18 -5.01 -8.65
CA MET A 113 -2.82 -4.01 -9.67
C MET A 113 -2.18 -4.64 -10.89
N LEU A 114 -1.21 -5.48 -10.65
CA LEU A 114 -0.41 -6.08 -11.71
C LEU A 114 -1.05 -7.35 -12.28
N GLY A 115 -2.29 -7.60 -11.94
CA GLY A 115 -2.95 -8.79 -12.39
C GLY A 115 -4.33 -8.54 -12.94
N LYS A 116 -5.04 -9.62 -13.20
CA LYS A 116 -6.42 -9.62 -13.75
C LYS A 116 -7.37 -8.84 -12.85
N ARG A 117 -7.11 -8.89 -11.56
CA ARG A 117 -7.94 -8.26 -10.55
C ARG A 117 -8.17 -6.78 -10.85
N SER A 118 -9.35 -6.32 -10.61
CA SER A 118 -9.66 -4.94 -10.83
C SER A 118 -10.60 -4.46 -9.73
N ALA A 119 -10.00 -3.90 -8.71
CA ALA A 119 -10.74 -3.35 -7.61
C ALA A 119 -11.05 -1.92 -7.89
N ILE A 120 -12.18 -1.44 -7.42
CA ILE A 120 -12.58 -0.04 -7.64
C ILE A 120 -11.56 0.93 -7.01
N LEU A 121 -10.88 0.47 -5.97
CA LEU A 121 -9.81 1.23 -5.37
C LEU A 121 -8.64 1.49 -6.35
N LYS A 122 -8.52 0.64 -7.39
CA LYS A 122 -7.50 0.84 -8.42
C LYS A 122 -7.78 2.15 -9.15
N MET A 123 -9.07 2.51 -9.22
CA MET A 123 -9.51 3.75 -9.87
C MET A 123 -8.92 4.95 -9.17
N ILE A 124 -8.60 4.80 -7.90
CA ILE A 124 -7.99 5.85 -7.12
C ILE A 124 -6.57 6.09 -7.65
N LEU A 125 -5.88 4.98 -7.94
CA LEU A 125 -4.53 5.05 -8.51
C LEU A 125 -4.59 5.46 -9.98
N MET A 126 -5.71 5.18 -10.63
CA MET A 126 -5.91 5.62 -12.01
C MET A 126 -6.21 7.10 -12.03
N TYR A 127 -6.74 7.59 -10.92
CA TYR A 127 -7.06 8.99 -10.73
C TYR A 127 -5.78 9.76 -10.49
N GLU A 128 -4.92 9.22 -9.67
CA GLU A 128 -3.65 9.83 -9.40
C GLU A 128 -2.55 8.80 -9.16
N GLU A 129 -1.54 8.83 -10.01
CA GLU A 129 -0.39 7.99 -9.86
C GLU A 129 0.94 8.74 -9.93
N LYS A 130 1.35 9.28 -8.81
CA LYS A 130 2.65 9.93 -8.72
C LYS A 130 3.74 8.90 -8.60
N ALA A 131 4.29 8.52 -9.72
CA ALA A 131 5.38 7.59 -9.75
C ALA A 131 6.64 8.31 -9.35
N ARG A 132 7.04 8.17 -8.10
CA ARG A 132 8.21 8.84 -7.63
C ARG A 132 9.11 7.89 -6.87
N GLU A 133 9.99 7.24 -7.57
CA GLU A 133 10.95 6.38 -6.97
C GLU A 133 12.11 7.19 -6.47
N LYS A 134 12.52 6.91 -5.29
CA LYS A 134 13.57 7.65 -4.67
C LYS A 134 14.37 6.68 -3.78
N GLU A 135 13.84 5.48 -3.63
CA GLU A 135 14.43 4.46 -2.83
C GLU A 135 15.05 3.42 -3.71
N LYS A 136 16.33 3.24 -3.57
CA LYS A 136 17.00 2.21 -4.31
C LYS A 136 17.97 1.43 -3.42
N PRO A 137 18.94 2.09 -2.72
CA PRO A 137 19.81 1.38 -1.82
C PRO A 137 19.12 1.05 -0.49
N THR A 138 18.28 0.06 -0.53
CA THR A 138 17.59 -0.41 0.62
C THR A 138 18.40 -1.50 1.30
N GLY A 139 18.64 -2.56 0.58
CA GLY A 139 19.42 -3.63 1.07
C GLY A 139 19.06 -4.90 0.35
N PRO A 140 19.59 -6.03 0.78
CA PRO A 140 19.27 -7.32 0.20
C PRO A 140 17.92 -7.81 0.72
N PRO A 141 17.11 -8.46 -0.15
CA PRO A 141 15.83 -9.02 0.26
C PRO A 141 16.03 -10.12 1.31
N ALA A 142 15.58 -9.86 2.50
CA ALA A 142 15.80 -10.75 3.59
C ALA A 142 14.53 -11.34 4.13
N LYS A 143 14.66 -12.53 4.65
CA LYS A 143 13.62 -13.24 5.34
C LYS A 143 14.25 -13.88 6.56
N LYS A 144 13.48 -14.70 7.28
CA LYS A 144 13.93 -15.35 8.52
C LYS A 144 13.99 -14.34 9.67
N ALA A 145 12.86 -14.23 10.35
CA ALA A 145 12.69 -13.34 11.47
C ALA A 145 11.61 -13.95 12.35
N ILE A 146 11.29 -13.33 13.47
CA ILE A 146 10.27 -13.88 14.33
C ILE A 146 8.82 -13.72 13.82
N SER A 147 8.43 -14.59 12.93
CA SER A 147 7.08 -14.61 12.42
C SER A 147 6.22 -15.56 13.24
N GLU A 148 5.83 -15.09 14.41
CA GLU A 148 5.06 -15.90 15.33
C GLU A 148 3.58 -15.75 15.03
N LEU A 149 3.15 -14.54 14.84
CA LEU A 149 1.78 -14.27 14.49
C LEU A 149 1.70 -14.12 12.98
N PRO A 150 0.69 -14.71 12.32
CA PRO A 150 0.50 -14.59 10.87
C PRO A 150 0.23 -13.15 10.47
N GLY A 1 -11.58 -30.92 19.29
CA GLY A 1 -12.30 -29.92 18.48
C GLY A 1 -11.65 -28.57 18.59
N PRO A 2 -10.83 -28.17 17.60
CA PRO A 2 -10.14 -26.90 17.62
C PRO A 2 -11.04 -25.72 17.27
N LEU A 3 -11.57 -25.09 18.28
CA LEU A 3 -12.41 -23.94 18.08
C LEU A 3 -11.65 -22.68 18.43
N GLU A 4 -10.96 -22.18 17.44
CA GLU A 4 -10.12 -21.01 17.54
C GLU A 4 -9.58 -20.67 16.15
N SER A 5 -9.28 -19.44 15.96
CA SER A 5 -8.71 -18.95 14.75
C SER A 5 -7.62 -17.98 15.17
N GLN A 6 -6.37 -18.41 15.15
CA GLN A 6 -5.29 -17.56 15.62
C GLN A 6 -4.95 -16.54 14.52
N THR A 7 -5.75 -15.54 14.44
CA THR A 7 -5.58 -14.46 13.53
C THR A 7 -6.31 -13.26 14.11
N ARG A 8 -5.58 -12.37 14.70
CA ARG A 8 -6.17 -11.19 15.26
C ARG A 8 -5.84 -10.01 14.38
N ASP A 9 -6.63 -9.85 13.36
CA ASP A 9 -6.41 -8.81 12.39
C ASP A 9 -7.06 -7.49 12.80
N LEU A 10 -6.37 -6.85 13.72
CA LEU A 10 -6.67 -5.54 14.26
C LEU A 10 -5.58 -5.27 15.26
N GLN A 11 -4.48 -4.77 14.77
CA GLN A 11 -3.31 -4.59 15.62
C GLN A 11 -2.72 -3.23 15.48
N GLY A 12 -2.52 -2.60 16.60
CA GLY A 12 -1.88 -1.32 16.68
C GLY A 12 -1.09 -1.23 17.95
N GLY A 13 -1.77 -1.51 19.05
CA GLY A 13 -1.15 -1.55 20.37
C GLY A 13 -0.48 -0.26 20.72
N LYS A 14 0.81 -0.25 20.64
CA LYS A 14 1.59 0.90 20.96
C LYS A 14 2.63 1.15 19.88
N ALA A 15 2.50 0.42 18.79
CA ALA A 15 3.47 0.49 17.72
C ALA A 15 3.17 1.62 16.74
N PHE A 16 2.16 2.43 17.07
CA PHE A 16 1.79 3.59 16.26
C PHE A 16 2.98 4.53 16.10
N GLY A 17 3.44 4.66 14.88
CA GLY A 17 4.59 5.49 14.59
C GLY A 17 5.79 4.64 14.26
N LEU A 18 6.01 3.64 15.10
CA LEU A 18 7.13 2.71 14.93
C LEU A 18 6.93 1.86 13.68
N LEU A 19 5.67 1.53 13.43
CA LEU A 19 5.30 0.78 12.24
C LEU A 19 5.56 1.60 11.00
N LYS A 20 5.13 2.86 11.04
CA LYS A 20 5.34 3.79 9.95
C LYS A 20 6.84 3.93 9.66
N ALA A 21 7.63 4.04 10.72
CA ALA A 21 9.08 4.24 10.60
C ALA A 21 9.81 3.04 10.02
N GLN A 22 9.47 1.84 10.46
CA GLN A 22 10.15 0.63 9.98
C GLN A 22 9.70 0.26 8.57
N GLN A 23 8.47 0.59 8.26
CA GLN A 23 7.88 0.19 7.01
C GLN A 23 8.29 1.02 5.82
N GLU A 24 8.79 2.22 6.03
CA GLU A 24 9.23 3.06 4.92
C GLU A 24 10.23 2.31 4.02
N GLU A 25 11.24 1.70 4.63
CA GLU A 25 12.18 0.87 3.90
C GLU A 25 11.51 -0.41 3.38
N ARG A 26 10.64 -0.99 4.23
CA ARG A 26 9.94 -2.24 3.93
C ARG A 26 9.13 -2.14 2.64
N LEU A 27 8.34 -1.08 2.53
CA LEU A 27 7.48 -0.86 1.37
C LEU A 27 8.29 -0.69 0.11
N ASP A 28 9.37 0.02 0.22
CA ASP A 28 10.18 0.35 -0.92
C ASP A 28 10.93 -0.90 -1.40
N GLU A 29 11.26 -1.82 -0.47
CA GLU A 29 11.99 -3.04 -0.85
C GLU A 29 11.09 -4.01 -1.58
N ILE A 30 9.80 -3.91 -1.29
CA ILE A 30 8.80 -4.72 -1.96
C ILE A 30 8.74 -4.29 -3.42
N ASN A 31 8.86 -3.01 -3.66
CA ASN A 31 8.85 -2.49 -5.02
C ASN A 31 10.08 -2.95 -5.77
N LYS A 32 11.21 -2.88 -5.10
CA LYS A 32 12.49 -3.30 -5.66
C LYS A 32 12.46 -4.76 -6.10
N GLN A 33 11.89 -5.62 -5.27
CA GLN A 33 11.85 -7.05 -5.54
C GLN A 33 10.79 -7.39 -6.61
N PHE A 34 9.70 -6.64 -6.63
CA PHE A 34 8.69 -6.80 -7.68
C PHE A 34 9.17 -6.26 -9.01
N LEU A 35 9.97 -5.22 -8.97
CA LEU A 35 10.56 -4.68 -10.19
C LEU A 35 11.65 -5.62 -10.68
N ASP A 36 12.22 -6.36 -9.73
CA ASP A 36 13.24 -7.39 -9.99
C ASP A 36 12.59 -8.57 -10.66
N ASP A 37 11.29 -8.57 -10.62
CA ASP A 37 10.51 -9.63 -11.24
C ASP A 37 10.28 -9.30 -12.69
N PRO A 38 10.96 -10.00 -13.59
CA PRO A 38 10.91 -9.69 -15.01
C PRO A 38 9.67 -10.27 -15.69
N LYS A 39 8.76 -10.76 -14.89
CA LYS A 39 7.59 -11.33 -15.35
C LYS A 39 6.57 -10.24 -15.65
N TYR A 40 6.45 -9.25 -14.75
CA TYR A 40 5.49 -8.19 -15.03
C TYR A 40 6.14 -6.80 -15.10
N SER A 41 7.47 -6.73 -14.88
CA SER A 41 8.16 -5.43 -14.90
C SER A 41 8.48 -4.97 -16.33
N SER A 42 8.01 -5.73 -17.29
CA SER A 42 8.27 -5.47 -18.67
C SER A 42 7.24 -4.49 -19.25
N ASP A 43 6.39 -3.94 -18.38
CA ASP A 43 5.36 -3.05 -18.81
C ASP A 43 5.87 -1.61 -18.65
N GLU A 44 5.39 -0.71 -19.48
CA GLU A 44 5.88 0.68 -19.57
C GLU A 44 5.81 1.43 -18.24
N ASP A 45 4.67 1.38 -17.62
CA ASP A 45 4.38 2.16 -16.44
C ASP A 45 4.45 1.35 -15.17
N LEU A 46 4.99 0.15 -15.28
CA LEU A 46 5.12 -0.74 -14.13
C LEU A 46 5.97 -0.08 -13.00
N PRO A 47 7.21 0.40 -13.29
CA PRO A 47 8.07 1.07 -12.29
C PRO A 47 7.38 2.28 -11.60
N SER A 48 6.40 2.88 -12.27
CA SER A 48 5.68 4.04 -11.73
C SER A 48 4.67 3.60 -10.67
N LYS A 49 4.04 2.49 -10.93
CA LYS A 49 2.95 1.98 -10.12
C LYS A 49 3.38 1.53 -8.75
N LEU A 50 4.54 0.95 -8.65
CA LEU A 50 5.08 0.52 -7.35
C LEU A 50 5.36 1.72 -6.46
N GLU A 51 6.04 2.72 -7.02
CA GLU A 51 6.40 3.92 -6.30
C GLU A 51 5.18 4.75 -5.91
N GLY A 52 4.20 4.82 -6.79
CA GLY A 52 2.98 5.54 -6.48
C GLY A 52 2.22 4.82 -5.38
N PHE A 53 2.23 3.50 -5.46
CA PHE A 53 1.54 2.66 -4.52
C PHE A 53 2.10 2.77 -3.10
N LYS A 54 3.41 2.60 -2.94
CA LYS A 54 4.03 2.66 -1.61
C LYS A 54 3.70 3.93 -0.82
N GLU A 55 3.64 5.07 -1.49
CA GLU A 55 3.36 6.30 -0.81
C GLU A 55 1.88 6.40 -0.45
N LYS A 56 1.02 6.01 -1.37
CA LYS A 56 -0.41 5.97 -1.09
C LYS A 56 -0.69 5.03 0.05
N TYR A 57 -0.08 3.85 0.00
CA TYR A 57 -0.32 2.80 0.96
C TYR A 57 0.07 3.25 2.36
N MET A 58 1.21 3.90 2.49
CA MET A 58 1.65 4.37 3.78
C MET A 58 0.83 5.55 4.31
N GLU A 59 -0.03 6.14 3.48
CA GLU A 59 -0.89 7.22 3.95
C GLU A 59 -2.07 6.69 4.71
N PHE A 60 -2.26 5.40 4.64
CA PHE A 60 -3.23 4.74 5.44
C PHE A 60 -2.58 4.55 6.83
N ASP A 61 -3.29 3.99 7.79
CA ASP A 61 -2.73 3.92 9.15
C ASP A 61 -1.55 2.96 9.29
N LEU A 62 -1.59 1.86 8.53
CA LEU A 62 -0.57 0.78 8.60
C LEU A 62 -0.56 0.12 9.97
N ASN A 63 -1.32 -0.93 10.08
CA ASN A 63 -1.46 -1.68 11.32
C ASN A 63 -0.20 -2.48 11.66
N GLY A 64 -0.31 -3.28 12.70
CA GLY A 64 0.80 -4.11 13.20
C GLY A 64 1.46 -5.01 12.16
N ASN A 65 0.72 -5.40 11.14
CA ASN A 65 1.29 -6.22 10.07
C ASN A 65 1.52 -5.37 8.83
N GLY A 66 1.34 -4.06 8.97
CA GLY A 66 1.34 -3.16 7.84
C GLY A 66 0.11 -3.38 7.05
N ASP A 67 -0.96 -3.46 7.77
CA ASP A 67 -2.25 -3.84 7.27
C ASP A 67 -3.18 -2.63 7.23
N ILE A 68 -4.20 -2.70 6.41
CA ILE A 68 -5.21 -1.66 6.31
C ILE A 68 -6.58 -2.27 6.57
N ASP A 69 -7.20 -1.94 7.67
CA ASP A 69 -8.53 -2.48 7.96
C ASP A 69 -9.51 -1.71 7.12
N ILE A 70 -10.76 -2.14 7.11
CA ILE A 70 -11.80 -1.38 6.46
C ILE A 70 -11.92 -0.02 7.13
N MET A 71 -11.59 0.02 8.43
CA MET A 71 -11.65 1.25 9.19
C MET A 71 -10.52 2.15 8.79
N SER A 72 -9.34 1.59 8.64
CA SER A 72 -8.20 2.36 8.18
C SER A 72 -8.43 2.89 6.78
N LEU A 73 -9.14 2.11 5.97
CA LEU A 73 -9.51 2.55 4.66
C LEU A 73 -10.61 3.61 4.77
N LYS A 74 -11.66 3.33 5.56
CA LYS A 74 -12.75 4.30 5.78
C LYS A 74 -12.21 5.66 6.29
N ARG A 75 -11.12 5.61 7.07
CA ARG A 75 -10.43 6.83 7.55
C ARG A 75 -9.95 7.68 6.38
N MET A 76 -9.60 7.02 5.28
CA MET A 76 -9.11 7.68 4.10
C MET A 76 -10.27 8.36 3.38
N LEU A 77 -11.38 7.64 3.21
CA LEU A 77 -12.55 8.20 2.52
C LEU A 77 -13.08 9.46 3.21
N GLU A 78 -13.14 9.43 4.54
CA GLU A 78 -13.63 10.58 5.30
C GLU A 78 -12.59 11.73 5.29
N LYS A 79 -11.32 11.38 5.15
CA LYS A 79 -10.24 12.35 5.10
C LYS A 79 -10.25 13.06 3.76
N LEU A 80 -10.57 12.30 2.74
CA LEU A 80 -10.64 12.78 1.38
C LEU A 80 -12.02 13.34 1.09
N GLY A 81 -12.20 13.84 -0.11
CA GLY A 81 -13.48 14.39 -0.50
C GLY A 81 -14.26 13.41 -1.35
N VAL A 82 -14.11 12.13 -1.05
CA VAL A 82 -14.76 11.08 -1.79
C VAL A 82 -15.69 10.24 -0.88
N PRO A 83 -17.00 10.43 -1.02
CA PRO A 83 -17.99 9.69 -0.25
C PRO A 83 -18.29 8.30 -0.82
N LYS A 84 -18.06 7.29 -0.02
CA LYS A 84 -18.37 5.92 -0.37
C LYS A 84 -19.09 5.25 0.75
N THR A 85 -19.88 4.27 0.42
CA THR A 85 -20.63 3.56 1.40
C THR A 85 -19.74 2.51 2.07
N HIS A 86 -20.12 2.11 3.27
CA HIS A 86 -19.36 1.17 4.08
C HIS A 86 -19.29 -0.17 3.35
N LEU A 87 -20.37 -0.50 2.67
CA LEU A 87 -20.47 -1.73 1.89
C LEU A 87 -19.40 -1.72 0.79
N GLU A 88 -19.27 -0.60 0.11
CA GLU A 88 -18.38 -0.47 -1.03
C GLU A 88 -16.93 -0.63 -0.61
N LEU A 89 -16.52 0.16 0.37
CA LEU A 89 -15.14 0.17 0.81
C LEU A 89 -14.74 -1.16 1.48
N LYS A 90 -15.67 -1.80 2.19
CA LYS A 90 -15.40 -3.09 2.80
C LYS A 90 -15.29 -4.17 1.72
N LYS A 91 -16.17 -4.08 0.73
CA LYS A 91 -16.19 -5.02 -0.37
C LYS A 91 -14.87 -4.96 -1.14
N LEU A 92 -14.31 -3.76 -1.26
CA LEU A 92 -13.02 -3.59 -1.92
C LEU A 92 -11.90 -4.23 -1.11
N ILE A 93 -12.01 -4.18 0.20
CA ILE A 93 -11.06 -4.82 1.08
C ILE A 93 -11.08 -6.33 0.83
N GLY A 94 -12.26 -6.90 0.74
CA GLY A 94 -12.38 -8.35 0.52
C GLY A 94 -12.22 -8.72 -0.93
N GLU A 95 -12.20 -7.72 -1.78
CA GLU A 95 -12.00 -7.92 -3.19
C GLU A 95 -10.52 -8.27 -3.38
N VAL A 96 -9.71 -7.70 -2.51
CA VAL A 96 -8.31 -7.92 -2.49
C VAL A 96 -7.95 -9.02 -1.49
N SER A 97 -8.49 -8.92 -0.30
CA SER A 97 -8.27 -9.89 0.71
C SER A 97 -9.50 -10.72 0.93
N SER A 98 -9.76 -11.59 -0.03
CA SER A 98 -10.84 -12.51 0.00
C SER A 98 -10.57 -13.56 1.07
N GLY A 99 -11.13 -13.32 2.23
CA GLY A 99 -10.94 -14.20 3.35
C GLY A 99 -10.85 -13.39 4.59
N SER A 100 -9.99 -12.40 4.57
CA SER A 100 -9.86 -11.47 5.65
C SER A 100 -11.12 -10.60 5.69
N GLY A 101 -11.46 -10.02 4.52
CA GLY A 101 -12.69 -9.24 4.31
C GLY A 101 -12.76 -7.91 5.07
N GLU A 102 -11.87 -7.70 6.01
CA GLU A 102 -11.92 -6.52 6.86
C GLU A 102 -10.53 -5.92 7.07
N THR A 103 -9.53 -6.61 6.57
CA THR A 103 -8.15 -6.21 6.63
C THR A 103 -7.47 -6.44 5.26
N PHE A 104 -6.32 -5.81 5.02
CA PHE A 104 -5.74 -5.72 3.67
C PHE A 104 -4.21 -5.70 3.78
N SER A 105 -3.51 -6.22 2.79
CA SER A 105 -2.06 -6.19 2.85
C SER A 105 -1.46 -5.68 1.51
N TYR A 106 -0.22 -5.23 1.59
CA TYR A 106 0.53 -4.61 0.49
C TYR A 106 0.64 -5.53 -0.75
N PRO A 107 1.13 -6.81 -0.61
CA PRO A 107 1.26 -7.69 -1.77
C PRO A 107 -0.10 -8.05 -2.33
N ASP A 108 -1.12 -8.05 -1.47
CA ASP A 108 -2.49 -8.36 -1.87
C ASP A 108 -2.99 -7.37 -2.89
N PHE A 109 -2.67 -6.11 -2.67
CA PHE A 109 -3.07 -5.05 -3.58
C PHE A 109 -2.40 -5.29 -4.93
N LEU A 110 -1.11 -5.56 -4.88
CA LEU A 110 -0.34 -5.78 -6.06
C LEU A 110 -0.81 -6.99 -6.81
N ARG A 111 -1.19 -8.05 -6.10
CA ARG A 111 -1.72 -9.27 -6.72
C ARG A 111 -2.87 -8.98 -7.66
N MET A 112 -3.82 -8.17 -7.23
CA MET A 112 -4.94 -7.86 -8.09
C MET A 112 -4.53 -6.89 -9.20
N MET A 113 -3.58 -6.00 -8.89
CA MET A 113 -3.07 -5.03 -9.85
C MET A 113 -2.39 -5.73 -11.01
N LEU A 114 -1.54 -6.68 -10.68
CA LEU A 114 -0.73 -7.38 -11.64
C LEU A 114 -1.46 -8.58 -12.23
N GLY A 115 -2.53 -8.97 -11.59
CA GLY A 115 -3.21 -10.16 -11.98
C GLY A 115 -4.52 -9.94 -12.71
N LYS A 116 -5.59 -10.39 -12.10
CA LYS A 116 -6.90 -10.45 -12.72
C LYS A 116 -7.62 -9.07 -12.78
N ARG A 117 -7.02 -8.01 -12.19
CA ARG A 117 -7.65 -6.65 -12.16
C ARG A 117 -8.93 -6.70 -11.33
N SER A 118 -8.97 -7.66 -10.43
CA SER A 118 -10.12 -7.97 -9.60
C SER A 118 -10.67 -6.74 -8.86
N ALA A 119 -9.79 -5.90 -8.35
CA ALA A 119 -10.23 -4.76 -7.59
C ALA A 119 -10.08 -3.49 -8.38
N ILE A 120 -11.08 -2.64 -8.27
CA ILE A 120 -11.08 -1.32 -8.90
C ILE A 120 -9.95 -0.43 -8.42
N LEU A 121 -9.28 -0.84 -7.35
CA LEU A 121 -8.13 -0.11 -6.83
C LEU A 121 -7.00 -0.06 -7.84
N LYS A 122 -6.97 -1.05 -8.75
CA LYS A 122 -5.99 -1.07 -9.82
C LYS A 122 -6.30 0.10 -10.77
N MET A 123 -7.57 0.40 -10.90
CA MET A 123 -8.05 1.44 -11.78
C MET A 123 -7.83 2.79 -11.09
N ILE A 124 -8.40 2.90 -9.89
CA ILE A 124 -8.36 4.13 -9.10
C ILE A 124 -6.94 4.58 -8.77
N LEU A 125 -6.09 3.68 -8.27
CA LEU A 125 -4.70 4.06 -7.91
C LEU A 125 -3.96 4.72 -9.08
N MET A 126 -3.99 4.07 -10.24
CA MET A 126 -3.28 4.58 -11.40
C MET A 126 -3.91 5.87 -11.91
N TYR A 127 -5.22 5.94 -11.80
CA TYR A 127 -5.96 7.10 -12.23
C TYR A 127 -5.64 8.29 -11.32
N GLU A 128 -5.61 8.03 -10.04
CA GLU A 128 -5.39 9.06 -9.04
C GLU A 128 -3.95 9.51 -8.89
N GLU A 129 -3.00 8.59 -8.83
CA GLU A 129 -1.66 9.03 -8.52
C GLU A 129 -0.58 8.39 -9.39
N LYS A 130 0.49 9.16 -9.59
CA LYS A 130 1.68 8.75 -10.29
C LYS A 130 2.77 9.75 -9.93
N ALA A 131 3.57 9.42 -8.96
CA ALA A 131 4.65 10.27 -8.53
C ALA A 131 5.83 9.44 -8.09
N ARG A 132 7.00 9.77 -8.65
CA ARG A 132 8.28 9.08 -8.41
C ARG A 132 8.36 7.75 -9.14
N GLU A 133 9.55 7.37 -9.52
CA GLU A 133 9.78 6.12 -10.22
C GLU A 133 11.21 5.65 -9.95
N LYS A 134 11.35 4.54 -9.26
CA LYS A 134 12.64 4.03 -8.91
C LYS A 134 12.94 2.75 -9.67
N GLU A 135 13.89 2.80 -10.56
CA GLU A 135 14.29 1.62 -11.26
C GLU A 135 15.53 1.00 -10.64
N LYS A 136 15.30 0.30 -9.59
CA LYS A 136 16.31 -0.43 -8.85
C LYS A 136 15.80 -1.82 -8.51
N PRO A 137 16.04 -2.80 -9.38
CA PRO A 137 15.60 -4.15 -9.17
C PRO A 137 16.59 -4.93 -8.29
N THR A 138 16.15 -5.27 -7.12
CA THR A 138 16.97 -6.01 -6.18
C THR A 138 16.07 -6.62 -5.11
N GLY A 139 16.46 -7.76 -4.60
CA GLY A 139 15.69 -8.41 -3.58
C GLY A 139 15.37 -9.82 -3.96
N PRO A 140 14.78 -10.60 -3.04
CA PRO A 140 14.41 -11.98 -3.30
C PRO A 140 13.28 -12.05 -4.32
N PRO A 141 13.18 -13.15 -5.10
CA PRO A 141 12.14 -13.31 -6.12
C PRO A 141 10.76 -13.15 -5.48
N ALA A 142 9.87 -12.47 -6.17
CA ALA A 142 8.55 -12.21 -5.67
C ALA A 142 7.73 -13.48 -5.58
N LYS A 143 7.83 -14.13 -4.45
CA LYS A 143 7.12 -15.35 -4.19
C LYS A 143 6.64 -15.31 -2.77
N LYS A 144 5.36 -15.14 -2.62
CA LYS A 144 4.79 -14.98 -1.32
C LYS A 144 3.37 -15.52 -1.32
N ALA A 145 3.23 -16.75 -0.90
CA ALA A 145 1.95 -17.41 -0.80
C ALA A 145 2.02 -18.49 0.26
N ILE A 146 1.52 -18.19 1.43
CA ILE A 146 1.56 -19.14 2.52
C ILE A 146 0.28 -19.99 2.55
N SER A 147 0.41 -21.20 2.12
CA SER A 147 -0.69 -22.12 2.09
C SER A 147 -0.71 -22.98 3.34
N GLU A 148 -1.76 -22.89 4.10
CA GLU A 148 -1.90 -23.67 5.28
C GLU A 148 -3.08 -24.61 5.10
N LEU A 149 -2.78 -25.82 4.70
CA LEU A 149 -3.77 -26.80 4.35
C LEU A 149 -4.55 -27.32 5.56
N PRO A 150 -5.87 -27.52 5.40
CA PRO A 150 -6.71 -28.13 6.43
C PRO A 150 -6.38 -29.62 6.57
N GLY A 1 1.65 15.44 -14.52
CA GLY A 1 3.05 15.22 -14.84
C GLY A 1 3.69 14.25 -13.89
N PRO A 2 3.94 13.01 -14.34
CA PRO A 2 4.50 11.99 -13.49
C PRO A 2 5.99 12.16 -13.18
N LEU A 3 6.23 12.83 -12.09
CA LEU A 3 7.54 12.94 -11.49
C LEU A 3 7.40 12.27 -10.17
N GLU A 4 7.69 11.00 -10.13
CA GLU A 4 7.31 10.24 -8.98
C GLU A 4 8.18 10.34 -7.75
N SER A 5 7.60 9.83 -6.69
CA SER A 5 8.17 9.81 -5.38
C SER A 5 9.31 8.82 -5.31
N GLN A 6 10.26 9.03 -4.36
CA GLN A 6 11.39 8.11 -4.16
C GLN A 6 12.35 8.55 -3.04
N THR A 7 11.91 9.44 -2.16
CA THR A 7 12.78 9.91 -1.08
C THR A 7 13.01 8.79 -0.02
N ARG A 8 14.22 8.25 0.06
CA ARG A 8 14.52 7.22 1.06
C ARG A 8 14.88 7.79 2.39
N ASP A 9 13.88 8.01 3.16
CA ASP A 9 14.02 8.43 4.54
C ASP A 9 12.88 7.89 5.34
N LEU A 10 11.76 8.64 5.36
CA LEU A 10 10.54 8.28 6.10
C LEU A 10 10.87 7.79 7.52
N GLN A 11 11.07 8.71 8.41
CA GLN A 11 11.50 8.39 9.77
C GLN A 11 10.71 9.18 10.78
N GLY A 12 11.21 9.22 12.00
CA GLY A 12 10.58 9.95 13.03
C GLY A 12 11.20 9.63 14.36
N GLY A 13 11.88 10.61 14.93
CA GLY A 13 12.49 10.44 16.24
C GLY A 13 11.47 10.49 17.36
N LYS A 14 10.26 10.82 17.00
CA LYS A 14 9.19 10.89 17.97
C LYS A 14 8.70 9.49 18.26
N ALA A 15 8.86 9.09 19.48
CA ALA A 15 8.43 7.78 19.91
C ALA A 15 6.90 7.68 19.99
N PHE A 16 6.32 7.28 18.87
CA PHE A 16 4.89 7.09 18.73
C PHE A 16 4.65 6.39 17.40
N GLY A 17 4.85 7.12 16.33
CA GLY A 17 4.69 6.55 15.00
C GLY A 17 6.01 6.08 14.46
N LEU A 18 6.66 5.23 15.25
CA LEU A 18 8.00 4.73 14.96
C LEU A 18 7.98 3.75 13.77
N LEU A 19 6.80 3.29 13.40
CA LEU A 19 6.70 2.33 12.34
C LEU A 19 6.95 2.89 10.97
N LYS A 20 6.76 4.19 10.79
CA LYS A 20 7.04 4.83 9.48
C LYS A 20 8.46 4.45 9.02
N ALA A 21 9.40 4.57 9.96
CA ALA A 21 10.80 4.26 9.73
C ALA A 21 10.98 2.79 9.38
N GLN A 22 10.24 1.94 10.06
CA GLN A 22 10.34 0.49 9.86
C GLN A 22 9.74 0.10 8.52
N GLN A 23 8.56 0.62 8.23
CA GLN A 23 7.83 0.23 7.06
C GLN A 23 8.52 0.61 5.77
N GLU A 24 9.23 1.75 5.76
CA GLU A 24 10.01 2.19 4.57
C GLU A 24 10.92 1.06 4.09
N GLU A 25 11.57 0.41 5.03
CA GLU A 25 12.48 -0.67 4.78
C GLU A 25 11.74 -1.84 4.07
N ARG A 26 10.56 -2.18 4.57
CA ARG A 26 9.76 -3.24 4.02
C ARG A 26 9.07 -2.81 2.70
N LEU A 27 8.69 -1.55 2.60
CA LEU A 27 8.02 -1.02 1.40
C LEU A 27 8.91 -1.18 0.18
N ASP A 28 10.13 -0.72 0.30
CA ASP A 28 11.08 -0.82 -0.78
C ASP A 28 11.44 -2.29 -1.02
N GLU A 29 11.43 -3.05 0.06
CA GLU A 29 11.72 -4.48 0.07
C GLU A 29 10.71 -5.21 -0.84
N ILE A 30 9.47 -4.83 -0.71
CA ILE A 30 8.40 -5.38 -1.50
C ILE A 30 8.51 -4.92 -2.97
N ASN A 31 8.76 -3.64 -3.18
CA ASN A 31 8.89 -3.11 -4.55
C ASN A 31 10.01 -3.79 -5.30
N LYS A 32 11.16 -3.93 -4.65
CA LYS A 32 12.35 -4.56 -5.24
C LYS A 32 12.04 -5.92 -5.84
N GLN A 33 11.36 -6.76 -5.10
CA GLN A 33 11.10 -8.12 -5.54
C GLN A 33 10.11 -8.17 -6.73
N PHE A 34 9.13 -7.29 -6.73
CA PHE A 34 8.21 -7.20 -7.87
C PHE A 34 8.87 -6.56 -9.10
N LEU A 35 9.74 -5.61 -8.84
CA LEU A 35 10.41 -4.83 -9.87
C LEU A 35 11.52 -5.66 -10.54
N ASP A 36 12.20 -6.46 -9.75
CA ASP A 36 13.34 -7.25 -10.25
C ASP A 36 12.88 -8.42 -11.11
N ASP A 37 11.62 -8.82 -10.96
CA ASP A 37 11.09 -9.96 -11.68
C ASP A 37 10.83 -9.61 -13.16
N PRO A 38 11.48 -10.33 -14.09
CA PRO A 38 11.35 -10.09 -15.55
C PRO A 38 9.92 -10.28 -16.08
N LYS A 39 9.08 -11.04 -15.38
CA LYS A 39 7.74 -11.32 -15.83
C LYS A 39 6.89 -10.10 -15.53
N TYR A 40 7.07 -9.54 -14.32
CA TYR A 40 6.36 -8.30 -13.95
C TYR A 40 6.85 -7.15 -14.79
N SER A 41 8.04 -7.29 -15.32
CA SER A 41 8.59 -6.32 -16.21
C SER A 41 7.86 -6.41 -17.56
N SER A 42 6.73 -5.76 -17.62
CA SER A 42 5.90 -5.67 -18.80
C SER A 42 5.40 -4.25 -18.96
N ASP A 43 5.20 -3.59 -17.83
CA ASP A 43 4.76 -2.20 -17.83
C ASP A 43 6.00 -1.34 -17.94
N GLU A 44 5.95 -0.37 -18.82
CA GLU A 44 7.08 0.51 -19.08
C GLU A 44 7.51 1.28 -17.84
N ASP A 45 6.57 1.65 -17.03
CA ASP A 45 6.85 2.44 -15.84
C ASP A 45 6.61 1.63 -14.60
N LEU A 46 6.73 0.31 -14.76
CA LEU A 46 6.57 -0.66 -13.66
C LEU A 46 7.42 -0.21 -12.43
N PRO A 47 8.77 0.03 -12.59
CA PRO A 47 9.64 0.51 -11.49
C PRO A 47 9.06 1.75 -10.78
N SER A 48 8.43 2.61 -11.55
CA SER A 48 7.89 3.85 -11.02
C SER A 48 6.55 3.62 -10.32
N LYS A 49 5.72 2.77 -10.90
CA LYS A 49 4.38 2.51 -10.37
C LYS A 49 4.41 1.86 -9.00
N LEU A 50 5.38 0.97 -8.77
CA LEU A 50 5.56 0.38 -7.43
C LEU A 50 5.85 1.47 -6.41
N GLU A 51 6.63 2.43 -6.82
CA GLU A 51 7.10 3.47 -5.96
C GLU A 51 6.00 4.52 -5.72
N GLY A 52 5.25 4.83 -6.77
CA GLY A 52 4.13 5.73 -6.65
C GLY A 52 3.10 5.14 -5.72
N PHE A 53 2.85 3.85 -5.89
CA PHE A 53 1.96 3.10 -5.03
C PHE A 53 2.48 3.10 -3.59
N LYS A 54 3.75 2.89 -3.44
CA LYS A 54 4.45 2.87 -2.16
C LYS A 54 4.21 4.12 -1.33
N GLU A 55 4.39 5.26 -1.92
CA GLU A 55 4.29 6.52 -1.22
C GLU A 55 2.81 6.83 -0.97
N LYS A 56 1.97 6.39 -1.88
CA LYS A 56 0.55 6.62 -1.80
C LYS A 56 -0.09 5.65 -0.77
N TYR A 57 0.36 4.38 -0.75
CA TYR A 57 -0.17 3.37 0.15
C TYR A 57 0.16 3.75 1.56
N MET A 58 1.31 4.33 1.72
CA MET A 58 1.80 4.77 2.98
C MET A 58 0.97 5.97 3.51
N GLU A 59 0.27 6.67 2.60
CA GLU A 59 -0.62 7.78 2.98
C GLU A 59 -1.82 7.29 3.79
N PHE A 60 -2.20 6.05 3.54
CA PHE A 60 -3.30 5.44 4.26
C PHE A 60 -2.89 5.24 5.70
N ASP A 61 -3.85 5.16 6.58
CA ASP A 61 -3.58 4.90 7.98
C ASP A 61 -3.10 3.47 8.14
N LEU A 62 -1.78 3.32 8.15
CA LEU A 62 -1.11 2.04 8.20
C LEU A 62 -1.18 1.43 9.58
N ASN A 63 -1.56 0.18 9.62
CA ASN A 63 -1.63 -0.63 10.85
C ASN A 63 -0.23 -1.11 11.24
N GLY A 64 -0.19 -2.08 12.17
CA GLY A 64 1.05 -2.60 12.69
C GLY A 64 1.95 -3.26 11.65
N ASN A 65 1.38 -3.87 10.64
CA ASN A 65 2.20 -4.51 9.60
C ASN A 65 2.22 -3.65 8.38
N GLY A 66 1.64 -2.47 8.49
CA GLY A 66 1.49 -1.63 7.36
C GLY A 66 0.27 -2.00 6.58
N ASP A 67 -0.62 -2.65 7.26
CA ASP A 67 -1.84 -3.16 6.67
C ASP A 67 -2.95 -2.14 6.78
N ILE A 68 -4.01 -2.31 6.01
CA ILE A 68 -5.09 -1.33 5.96
C ILE A 68 -6.45 -2.05 6.11
N ASP A 69 -7.23 -1.67 7.12
CA ASP A 69 -8.54 -2.29 7.34
C ASP A 69 -9.63 -1.59 6.55
N ILE A 70 -10.80 -2.23 6.50
CA ILE A 70 -12.01 -1.68 5.90
C ILE A 70 -12.45 -0.41 6.64
N MET A 71 -12.04 -0.30 7.90
CA MET A 71 -12.31 0.89 8.70
C MET A 71 -11.39 2.03 8.28
N SER A 72 -10.12 1.69 8.10
CA SER A 72 -9.10 2.64 7.70
C SER A 72 -9.41 3.19 6.31
N LEU A 73 -9.64 2.29 5.36
CA LEU A 73 -9.93 2.66 3.99
C LEU A 73 -11.20 3.51 3.92
N LYS A 74 -12.20 3.15 4.73
CA LYS A 74 -13.46 3.89 4.78
C LYS A 74 -13.22 5.34 5.13
N ARG A 75 -12.46 5.54 6.18
CA ARG A 75 -12.03 6.85 6.62
C ARG A 75 -11.30 7.60 5.50
N MET A 76 -10.47 6.88 4.75
CA MET A 76 -9.72 7.45 3.65
C MET A 76 -10.66 8.02 2.60
N LEU A 77 -11.60 7.20 2.12
CA LEU A 77 -12.59 7.65 1.15
C LEU A 77 -13.40 8.84 1.65
N GLU A 78 -13.79 8.81 2.92
CA GLU A 78 -14.51 9.94 3.52
C GLU A 78 -13.65 11.20 3.52
N LYS A 79 -12.39 11.03 3.92
CA LYS A 79 -11.39 12.12 3.93
C LYS A 79 -11.25 12.72 2.53
N LEU A 80 -11.33 11.85 1.54
CA LEU A 80 -11.21 12.23 0.14
C LEU A 80 -12.49 12.89 -0.39
N GLY A 81 -13.53 12.86 0.39
CA GLY A 81 -14.77 13.49 0.00
C GLY A 81 -15.66 12.57 -0.79
N VAL A 82 -15.27 11.32 -0.87
CA VAL A 82 -16.03 10.33 -1.59
C VAL A 82 -16.50 9.22 -0.65
N PRO A 83 -17.68 9.39 -0.06
CA PRO A 83 -18.20 8.43 0.91
C PRO A 83 -18.69 7.15 0.26
N LYS A 84 -17.99 6.09 0.52
CA LYS A 84 -18.39 4.77 0.10
C LYS A 84 -19.16 4.11 1.22
N THR A 85 -19.94 3.13 0.89
CA THR A 85 -20.76 2.46 1.89
C THR A 85 -19.96 1.40 2.65
N HIS A 86 -20.33 1.16 3.90
CA HIS A 86 -19.59 0.28 4.81
C HIS A 86 -19.42 -1.14 4.25
N LEU A 87 -20.44 -1.66 3.61
CA LEU A 87 -20.36 -2.98 3.00
C LEU A 87 -19.53 -2.92 1.73
N GLU A 88 -19.56 -1.80 1.08
CA GLU A 88 -18.85 -1.56 -0.16
C GLU A 88 -17.34 -1.57 0.08
N LEU A 89 -16.87 -0.89 1.14
CA LEU A 89 -15.43 -0.99 1.50
C LEU A 89 -15.05 -2.45 1.71
N LYS A 90 -15.92 -3.19 2.38
CA LYS A 90 -15.69 -4.59 2.62
C LYS A 90 -15.66 -5.42 1.32
N LYS A 91 -16.49 -5.05 0.35
CA LYS A 91 -16.50 -5.75 -0.94
C LYS A 91 -15.19 -5.52 -1.68
N LEU A 92 -14.71 -4.30 -1.62
CA LEU A 92 -13.50 -3.93 -2.34
C LEU A 92 -12.27 -4.56 -1.74
N ILE A 93 -12.20 -4.58 -0.43
CA ILE A 93 -11.09 -5.20 0.24
C ILE A 93 -11.19 -6.73 0.15
N GLY A 94 -12.42 -7.23 0.11
CA GLY A 94 -12.65 -8.66 -0.10
C GLY A 94 -12.19 -9.09 -1.47
N GLU A 95 -12.27 -8.17 -2.40
CA GLU A 95 -11.86 -8.35 -3.76
C GLU A 95 -10.30 -8.46 -3.81
N VAL A 96 -9.63 -7.60 -3.04
CA VAL A 96 -8.17 -7.59 -2.93
C VAL A 96 -7.65 -8.86 -2.26
N SER A 97 -8.26 -9.18 -1.16
CA SER A 97 -7.84 -10.29 -0.33
C SER A 97 -8.13 -11.62 -0.98
N SER A 98 -9.12 -11.61 -1.90
CA SER A 98 -9.60 -12.79 -2.58
C SER A 98 -10.26 -13.74 -1.57
N GLY A 99 -10.77 -13.15 -0.49
CA GLY A 99 -11.42 -13.91 0.56
C GLY A 99 -11.77 -13.05 1.75
N SER A 100 -10.97 -13.16 2.80
CA SER A 100 -11.18 -12.39 4.01
C SER A 100 -10.61 -10.99 3.83
N GLY A 101 -11.46 -10.07 3.49
CA GLY A 101 -11.03 -8.74 3.24
C GLY A 101 -11.61 -7.73 4.17
N GLU A 102 -11.20 -7.78 5.37
CA GLU A 102 -11.50 -6.75 6.33
C GLU A 102 -10.24 -5.96 6.57
N THR A 103 -9.15 -6.53 6.11
CA THR A 103 -7.85 -5.96 6.15
C THR A 103 -7.10 -6.42 4.90
N PHE A 104 -6.46 -5.51 4.19
CA PHE A 104 -5.64 -5.91 3.07
C PHE A 104 -4.25 -5.45 3.34
N SER A 105 -3.31 -5.92 2.58
CA SER A 105 -1.99 -5.48 2.76
C SER A 105 -1.33 -5.09 1.44
N TYR A 106 -0.15 -4.55 1.55
CA TYR A 106 0.61 -3.99 0.45
C TYR A 106 0.76 -5.01 -0.72
N PRO A 107 1.20 -6.29 -0.48
CA PRO A 107 1.31 -7.28 -1.55
C PRO A 107 -0.04 -7.60 -2.19
N ASP A 108 -1.12 -7.50 -1.41
CA ASP A 108 -2.47 -7.85 -1.90
C ASP A 108 -3.01 -6.81 -2.86
N PHE A 109 -2.68 -5.57 -2.61
CA PHE A 109 -3.14 -4.50 -3.48
C PHE A 109 -2.46 -4.68 -4.84
N LEU A 110 -1.19 -5.00 -4.83
CA LEU A 110 -0.45 -5.27 -6.04
C LEU A 110 -0.95 -6.53 -6.69
N ARG A 111 -1.21 -7.52 -5.85
CA ARG A 111 -1.72 -8.85 -6.23
C ARG A 111 -2.93 -8.73 -7.15
N MET A 112 -3.90 -7.93 -6.75
CA MET A 112 -5.08 -7.75 -7.58
C MET A 112 -4.80 -6.87 -8.81
N MET A 113 -3.90 -5.93 -8.67
CA MET A 113 -3.60 -4.98 -9.75
C MET A 113 -2.88 -5.66 -10.90
N LEU A 114 -1.82 -6.38 -10.56
CA LEU A 114 -0.95 -6.97 -11.55
C LEU A 114 -1.60 -8.08 -12.35
N GLY A 115 -2.68 -8.63 -11.86
CA GLY A 115 -3.33 -9.71 -12.57
C GLY A 115 -4.65 -10.10 -11.98
N LYS A 116 -5.62 -9.22 -12.13
CA LYS A 116 -6.98 -9.46 -11.66
C LYS A 116 -7.83 -8.26 -12.05
N ARG A 117 -7.42 -7.07 -11.58
CA ARG A 117 -8.05 -5.77 -11.88
C ARG A 117 -9.52 -5.67 -11.46
N SER A 118 -9.95 -6.64 -10.69
CA SER A 118 -11.32 -6.72 -10.25
C SER A 118 -11.61 -5.74 -9.13
N ALA A 119 -10.58 -5.27 -8.46
CA ALA A 119 -10.77 -4.36 -7.37
C ALA A 119 -10.80 -2.94 -7.87
N ILE A 120 -11.98 -2.37 -7.92
CA ILE A 120 -12.18 -1.00 -8.39
C ILE A 120 -11.48 0.06 -7.53
N LEU A 121 -11.03 -0.33 -6.35
CA LEU A 121 -10.21 0.57 -5.53
C LEU A 121 -8.90 0.95 -6.23
N LYS A 122 -8.48 0.09 -7.18
CA LYS A 122 -7.31 0.33 -8.03
C LYS A 122 -7.52 1.63 -8.82
N MET A 123 -8.78 1.93 -9.11
CA MET A 123 -9.12 3.10 -9.90
C MET A 123 -8.99 4.35 -9.05
N ILE A 124 -9.11 4.18 -7.74
CA ILE A 124 -9.01 5.30 -6.80
C ILE A 124 -7.56 5.76 -6.71
N LEU A 125 -6.66 4.77 -6.70
CA LEU A 125 -5.22 5.02 -6.67
C LEU A 125 -4.79 5.77 -7.90
N MET A 126 -5.31 5.36 -9.04
CA MET A 126 -4.96 5.97 -10.31
C MET A 126 -5.65 7.31 -10.48
N TYR A 127 -6.77 7.47 -9.80
CA TYR A 127 -7.51 8.72 -9.78
C TYR A 127 -6.74 9.78 -9.00
N GLU A 128 -6.57 9.54 -7.73
CA GLU A 128 -5.87 10.45 -6.90
C GLU A 128 -4.50 9.85 -6.65
N GLU A 129 -3.63 10.07 -7.60
CA GLU A 129 -2.31 9.50 -7.62
C GLU A 129 -1.37 10.37 -6.81
N LYS A 130 -0.35 9.72 -6.19
CA LYS A 130 0.62 10.34 -5.27
C LYS A 130 0.03 10.59 -3.92
N ALA A 131 0.87 10.85 -2.97
CA ALA A 131 0.44 11.31 -1.71
C ALA A 131 0.94 12.71 -1.55
N ARG A 132 2.29 12.86 -1.43
CA ARG A 132 2.89 14.20 -1.26
C ARG A 132 4.42 14.15 -1.05
N GLU A 133 4.93 13.05 -0.51
CA GLU A 133 6.29 12.99 -0.02
C GLU A 133 6.51 13.98 1.08
N LYS A 134 6.17 13.55 2.24
CA LYS A 134 6.26 14.36 3.40
C LYS A 134 6.95 13.61 4.53
N GLU A 135 8.22 13.84 4.64
CA GLU A 135 9.01 13.20 5.63
C GLU A 135 10.02 14.16 6.19
N LYS A 136 10.42 13.94 7.39
CA LYS A 136 11.44 14.73 7.98
C LYS A 136 12.42 13.77 8.63
N PRO A 137 13.60 13.60 8.02
CA PRO A 137 14.60 12.66 8.51
C PRO A 137 15.06 12.97 9.93
N THR A 138 14.55 12.20 10.85
CA THR A 138 14.93 12.27 12.22
C THR A 138 15.22 10.85 12.70
N GLY A 139 16.49 10.53 12.72
CA GLY A 139 16.90 9.21 13.13
C GLY A 139 17.08 9.15 14.62
N PRO A 140 16.28 8.35 15.32
CA PRO A 140 16.40 8.21 16.75
C PRO A 140 17.42 7.13 17.11
N PRO A 141 18.50 7.50 17.80
CA PRO A 141 19.46 6.53 18.25
C PRO A 141 18.88 5.74 19.41
N ALA A 142 18.48 4.51 19.14
CA ALA A 142 17.89 3.67 20.16
C ALA A 142 18.88 3.42 21.27
N LYS A 143 18.64 4.05 22.39
CA LYS A 143 19.49 3.91 23.53
C LYS A 143 19.27 2.56 24.12
N LYS A 144 20.26 1.74 24.00
CA LYS A 144 20.17 0.41 24.50
C LYS A 144 21.46 0.01 25.18
N ALA A 145 21.38 -1.03 25.94
CA ALA A 145 22.51 -1.58 26.62
C ALA A 145 22.12 -2.95 27.07
N ILE A 146 23.06 -3.83 27.17
CA ILE A 146 22.77 -5.17 27.63
C ILE A 146 22.54 -5.13 29.14
N SER A 147 21.29 -5.07 29.54
CA SER A 147 20.98 -5.03 30.92
C SER A 147 20.82 -6.45 31.44
N GLU A 148 21.91 -7.02 31.84
CA GLU A 148 21.92 -8.32 32.40
C GLU A 148 22.15 -8.19 33.88
N LEU A 149 21.17 -8.53 34.68
CA LEU A 149 21.27 -8.44 36.13
C LEU A 149 22.40 -9.36 36.60
N PRO A 150 23.38 -8.84 37.37
CA PRO A 150 24.53 -9.61 37.86
C PRO A 150 24.11 -10.77 38.76
N GLY A 1 25.94 -22.99 9.81
CA GLY A 1 26.25 -22.96 8.40
C GLY A 1 25.77 -21.68 7.76
N PRO A 2 25.07 -21.76 6.62
CA PRO A 2 24.56 -20.57 5.94
C PRO A 2 23.40 -19.96 6.72
N LEU A 3 23.44 -18.67 6.90
CA LEU A 3 22.41 -18.00 7.64
C LEU A 3 21.35 -17.47 6.70
N GLU A 4 20.29 -18.21 6.56
CA GLU A 4 19.17 -17.82 5.74
C GLU A 4 18.34 -16.80 6.47
N SER A 5 18.32 -16.92 7.76
CA SER A 5 17.60 -16.02 8.59
C SER A 5 18.51 -14.83 8.97
N GLN A 6 18.27 -13.69 8.35
CA GLN A 6 19.01 -12.49 8.66
C GLN A 6 18.45 -11.86 9.93
N THR A 7 19.25 -11.86 10.97
CA THR A 7 18.83 -11.39 12.26
C THR A 7 18.79 -9.87 12.39
N ARG A 8 17.62 -9.35 12.22
CA ARG A 8 17.36 -7.95 12.41
C ARG A 8 16.47 -7.82 13.62
N ASP A 9 17.06 -7.75 14.78
CA ASP A 9 16.29 -7.63 15.96
C ASP A 9 16.09 -6.17 16.24
N LEU A 10 15.02 -5.68 15.71
CA LEU A 10 14.73 -4.29 15.77
C LEU A 10 13.96 -4.02 17.04
N GLN A 11 14.58 -3.30 17.92
CA GLN A 11 13.97 -2.92 19.16
C GLN A 11 13.54 -1.47 19.07
N GLY A 12 12.28 -1.26 18.84
CA GLY A 12 11.76 0.07 18.79
C GLY A 12 11.36 0.54 20.16
N GLY A 13 10.96 -0.41 20.99
CA GLY A 13 10.51 -0.09 22.31
C GLY A 13 9.08 0.36 22.27
N LYS A 14 8.90 1.64 22.40
CA LYS A 14 7.59 2.21 22.30
C LYS A 14 7.28 2.39 20.83
N ALA A 15 6.29 1.65 20.37
CA ALA A 15 5.91 1.69 18.97
C ALA A 15 5.19 2.97 18.60
N PHE A 16 5.95 4.03 18.51
CA PHE A 16 5.48 5.33 18.10
C PHE A 16 6.66 6.05 17.52
N GLY A 17 6.57 6.39 16.26
CA GLY A 17 7.70 7.05 15.60
C GLY A 17 8.62 6.04 14.95
N LEU A 18 8.71 4.87 15.55
CA LEU A 18 9.55 3.80 15.05
C LEU A 18 8.83 2.96 14.00
N LEU A 19 7.51 2.81 14.15
CA LEU A 19 6.69 1.96 13.26
C LEU A 19 6.92 2.21 11.79
N LYS A 20 6.65 3.42 11.36
CA LYS A 20 6.75 3.77 9.94
C LYS A 20 8.18 3.69 9.41
N ALA A 21 9.15 3.66 10.30
CA ALA A 21 10.53 3.49 9.92
C ALA A 21 10.76 2.01 9.62
N GLN A 22 10.30 1.16 10.56
CA GLN A 22 10.39 -0.31 10.44
C GLN A 22 9.67 -0.72 9.16
N GLN A 23 8.54 -0.09 8.96
CA GLN A 23 7.71 -0.32 7.81
C GLN A 23 8.35 0.13 6.55
N GLU A 24 8.88 1.35 6.52
CA GLU A 24 9.46 1.92 5.31
C GLU A 24 10.55 1.02 4.74
N GLU A 25 11.35 0.45 5.63
CA GLU A 25 12.37 -0.49 5.21
C GLU A 25 11.73 -1.69 4.52
N ARG A 26 10.73 -2.27 5.18
CA ARG A 26 10.03 -3.44 4.65
C ARG A 26 9.22 -3.11 3.40
N LEU A 27 8.67 -1.90 3.36
CA LEU A 27 7.91 -1.42 2.23
C LEU A 27 8.76 -1.42 0.99
N ASP A 28 9.95 -0.83 1.10
CA ASP A 28 10.89 -0.72 -0.03
C ASP A 28 11.33 -2.13 -0.46
N GLU A 29 11.36 -3.04 0.49
CA GLU A 29 11.72 -4.43 0.21
C GLU A 29 10.66 -5.06 -0.68
N ILE A 30 9.43 -4.65 -0.48
CA ILE A 30 8.33 -5.14 -1.28
C ILE A 30 8.44 -4.58 -2.70
N ASN A 31 8.84 -3.29 -2.80
CA ASN A 31 9.05 -2.65 -4.11
C ASN A 31 10.02 -3.47 -4.93
N LYS A 32 11.15 -3.83 -4.32
CA LYS A 32 12.19 -4.64 -4.97
C LYS A 32 11.60 -5.93 -5.54
N GLN A 33 10.92 -6.67 -4.68
CA GLN A 33 10.39 -7.98 -5.01
C GLN A 33 9.45 -7.96 -6.21
N PHE A 34 8.55 -6.99 -6.24
CA PHE A 34 7.64 -6.84 -7.37
C PHE A 34 8.34 -6.28 -8.62
N LEU A 35 9.26 -5.35 -8.43
CA LEU A 35 9.94 -4.69 -9.54
C LEU A 35 10.92 -5.67 -10.23
N ASP A 36 11.57 -6.51 -9.43
CA ASP A 36 12.53 -7.50 -9.95
C ASP A 36 11.85 -8.76 -10.48
N ASP A 37 10.55 -8.85 -10.35
CA ASP A 37 9.84 -10.03 -10.83
C ASP A 37 9.46 -9.82 -12.29
N PRO A 38 9.89 -10.72 -13.18
CA PRO A 38 9.71 -10.56 -14.64
C PRO A 38 8.26 -10.70 -15.13
N LYS A 39 7.34 -11.08 -14.24
CA LYS A 39 5.96 -11.20 -14.64
C LYS A 39 5.39 -9.78 -14.63
N TYR A 40 5.76 -9.03 -13.61
CA TYR A 40 5.26 -7.67 -13.45
C TYR A 40 6.15 -6.74 -14.26
N SER A 41 7.44 -6.99 -14.18
CA SER A 41 8.42 -6.19 -14.86
C SER A 41 8.37 -6.46 -16.37
N SER A 42 7.46 -5.75 -17.01
CA SER A 42 7.30 -5.79 -18.45
C SER A 42 6.55 -4.54 -18.90
N ASP A 43 6.29 -3.63 -17.95
CA ASP A 43 5.58 -2.40 -18.23
C ASP A 43 6.45 -1.23 -17.82
N GLU A 44 6.34 -0.12 -18.52
CA GLU A 44 7.20 1.03 -18.26
C GLU A 44 6.71 1.92 -17.11
N ASP A 45 5.44 1.80 -16.77
CA ASP A 45 4.89 2.56 -15.65
C ASP A 45 5.14 1.78 -14.39
N LEU A 46 5.28 0.47 -14.56
CA LEU A 46 5.48 -0.53 -13.51
C LEU A 46 6.45 -0.09 -12.39
N PRO A 47 7.75 0.21 -12.69
CA PRO A 47 8.70 0.63 -11.64
C PRO A 47 8.24 1.89 -10.91
N SER A 48 7.48 2.72 -11.61
CA SER A 48 6.99 3.96 -11.07
C SER A 48 5.79 3.71 -10.15
N LYS A 49 5.08 2.60 -10.39
CA LYS A 49 3.91 2.25 -9.61
C LYS A 49 4.28 1.95 -8.17
N LEU A 50 5.39 1.23 -7.98
CA LEU A 50 5.89 0.93 -6.62
C LEU A 50 6.27 2.23 -5.91
N GLU A 51 6.94 3.10 -6.63
CA GLU A 51 7.42 4.38 -6.13
C GLU A 51 6.25 5.23 -5.62
N GLY A 52 5.19 5.28 -6.40
CA GLY A 52 4.04 6.05 -6.01
C GLY A 52 3.19 5.32 -4.99
N PHE A 53 3.09 4.02 -5.13
CA PHE A 53 2.29 3.25 -4.23
C PHE A 53 2.86 3.17 -2.80
N LYS A 54 4.17 3.01 -2.66
CA LYS A 54 4.79 3.02 -1.30
C LYS A 54 4.43 4.30 -0.55
N GLU A 55 4.28 5.37 -1.30
CA GLU A 55 4.01 6.67 -0.76
C GLU A 55 2.52 6.73 -0.36
N LYS A 56 1.70 6.15 -1.19
CA LYS A 56 0.28 6.16 -1.04
C LYS A 56 -0.18 5.19 0.06
N TYR A 57 0.46 4.02 0.12
CA TYR A 57 0.09 2.96 1.04
C TYR A 57 0.23 3.44 2.48
N MET A 58 1.31 4.14 2.74
CA MET A 58 1.54 4.68 4.06
C MET A 58 0.60 5.84 4.38
N GLU A 59 0.04 6.47 3.34
CA GLU A 59 -0.82 7.64 3.53
C GLU A 59 -2.15 7.26 4.18
N PHE A 60 -2.62 6.05 3.91
CA PHE A 60 -3.89 5.59 4.43
C PHE A 60 -3.92 5.61 5.95
N ASP A 61 -3.05 4.82 6.58
CA ASP A 61 -3.01 4.77 8.06
C ASP A 61 -1.83 3.95 8.53
N LEU A 62 -1.84 2.67 8.17
CA LEU A 62 -0.83 1.66 8.54
C LEU A 62 -0.89 1.31 10.01
N ASN A 63 -1.49 0.17 10.30
CA ASN A 63 -1.54 -0.36 11.66
C ASN A 63 -0.14 -0.76 12.12
N GLY A 64 -0.04 -1.31 13.33
CA GLY A 64 1.25 -1.72 13.90
C GLY A 64 2.02 -2.69 13.02
N ASN A 65 1.33 -3.64 12.41
CA ASN A 65 1.99 -4.60 11.52
C ASN A 65 2.23 -3.96 10.16
N GLY A 66 1.50 -2.91 9.89
CA GLY A 66 1.61 -2.25 8.64
C GLY A 66 0.62 -2.72 7.63
N ASP A 67 -0.61 -2.76 8.04
CA ASP A 67 -1.69 -3.17 7.16
C ASP A 67 -2.72 -2.10 7.16
N ILE A 68 -3.71 -2.26 6.36
CA ILE A 68 -4.78 -1.31 6.26
C ILE A 68 -6.09 -2.06 6.43
N ASP A 69 -6.86 -1.77 7.45
CA ASP A 69 -8.16 -2.43 7.57
C ASP A 69 -9.14 -1.65 6.72
N ILE A 70 -10.34 -2.15 6.58
CA ILE A 70 -11.36 -1.44 5.82
C ILE A 70 -11.68 -0.11 6.52
N MET A 71 -11.41 -0.06 7.84
CA MET A 71 -11.60 1.15 8.65
C MET A 71 -10.53 2.16 8.29
N SER A 72 -9.33 1.68 8.09
CA SER A 72 -8.21 2.52 7.74
C SER A 72 -8.44 3.12 6.35
N LEU A 73 -8.98 2.31 5.44
CA LEU A 73 -9.29 2.77 4.10
C LEU A 73 -10.48 3.72 4.18
N LYS A 74 -11.51 3.32 4.95
CA LYS A 74 -12.71 4.14 5.14
C LYS A 74 -12.35 5.53 5.65
N ARG A 75 -11.33 5.58 6.50
CA ARG A 75 -10.83 6.85 7.06
C ARG A 75 -10.50 7.83 5.95
N MET A 76 -9.90 7.33 4.89
CA MET A 76 -9.52 8.13 3.76
C MET A 76 -10.74 8.73 3.11
N LEU A 77 -11.63 7.87 2.66
CA LEU A 77 -12.82 8.30 1.91
C LEU A 77 -13.77 9.14 2.75
N GLU A 78 -14.07 8.67 3.95
CA GLU A 78 -15.06 9.31 4.81
C GLU A 78 -14.66 10.71 5.27
N LYS A 79 -13.41 10.93 5.58
CA LYS A 79 -12.99 12.29 5.94
C LYS A 79 -12.85 13.20 4.72
N LEU A 80 -12.66 12.61 3.56
CA LEU A 80 -12.58 13.35 2.31
C LEU A 80 -13.98 13.63 1.76
N GLY A 81 -14.05 14.20 0.58
CA GLY A 81 -15.34 14.54 -0.02
C GLY A 81 -15.98 13.39 -0.78
N VAL A 82 -15.63 12.17 -0.42
CA VAL A 82 -16.18 10.98 -1.05
C VAL A 82 -16.59 9.94 0.00
N PRO A 83 -17.74 10.15 0.66
CA PRO A 83 -18.19 9.28 1.72
C PRO A 83 -18.78 7.98 1.22
N LYS A 84 -18.10 6.90 1.50
CA LYS A 84 -18.58 5.59 1.11
C LYS A 84 -19.11 4.86 2.32
N THR A 85 -19.89 3.84 2.09
CA THR A 85 -20.45 3.07 3.17
C THR A 85 -19.50 1.91 3.50
N HIS A 86 -19.58 1.45 4.75
CA HIS A 86 -18.74 0.38 5.28
C HIS A 86 -18.71 -0.85 4.37
N LEU A 87 -19.84 -1.14 3.76
CA LEU A 87 -19.98 -2.29 2.88
C LEU A 87 -19.17 -2.14 1.61
N GLU A 88 -19.12 -0.92 1.10
CA GLU A 88 -18.48 -0.62 -0.16
C GLU A 88 -16.97 -0.86 -0.04
N LEU A 89 -16.34 -0.22 0.94
CA LEU A 89 -14.92 -0.39 1.12
C LEU A 89 -14.50 -1.76 1.61
N LYS A 90 -15.27 -2.39 2.52
CA LYS A 90 -14.91 -3.72 3.01
C LYS A 90 -14.90 -4.71 1.84
N LYS A 91 -15.86 -4.52 0.94
CA LYS A 91 -15.99 -5.34 -0.26
C LYS A 91 -14.75 -5.18 -1.17
N LEU A 92 -14.29 -3.93 -1.28
CA LEU A 92 -13.12 -3.63 -2.10
C LEU A 92 -11.89 -4.26 -1.52
N ILE A 93 -11.77 -4.16 -0.20
CA ILE A 93 -10.66 -4.76 0.55
C ILE A 93 -10.64 -6.24 0.30
N GLY A 94 -11.80 -6.86 0.39
CA GLY A 94 -11.93 -8.28 0.24
C GLY A 94 -11.61 -8.76 -1.14
N GLU A 95 -11.85 -7.92 -2.12
CA GLU A 95 -11.54 -8.25 -3.49
C GLU A 95 -10.03 -8.39 -3.63
N VAL A 96 -9.35 -7.33 -3.24
CA VAL A 96 -7.90 -7.23 -3.32
C VAL A 96 -7.19 -8.28 -2.45
N SER A 97 -7.61 -8.40 -1.22
CA SER A 97 -6.97 -9.30 -0.29
C SER A 97 -7.30 -10.75 -0.59
N SER A 98 -8.54 -10.98 -1.06
CA SER A 98 -9.04 -12.29 -1.45
C SER A 98 -9.24 -13.23 -0.24
N GLY A 99 -8.21 -13.42 0.55
CA GLY A 99 -8.26 -14.33 1.66
C GLY A 99 -8.79 -13.70 2.94
N SER A 100 -8.31 -12.53 3.28
CA SER A 100 -8.69 -11.89 4.52
C SER A 100 -10.10 -11.26 4.43
N GLY A 101 -10.26 -10.21 3.66
CA GLY A 101 -11.57 -9.60 3.52
C GLY A 101 -11.80 -8.44 4.49
N GLU A 102 -10.76 -7.99 5.14
CA GLU A 102 -10.90 -6.92 6.11
C GLU A 102 -9.58 -6.14 6.17
N THR A 103 -8.51 -6.86 6.06
CA THR A 103 -7.20 -6.27 6.01
C THR A 103 -6.69 -6.25 4.58
N PHE A 104 -6.12 -5.16 4.21
CA PHE A 104 -5.61 -4.91 2.89
C PHE A 104 -4.10 -4.92 3.03
N SER A 105 -3.42 -5.45 2.06
CA SER A 105 -1.98 -5.54 2.19
C SER A 105 -1.31 -4.85 1.00
N TYR A 106 -0.05 -4.51 1.19
CA TYR A 106 0.78 -3.90 0.15
C TYR A 106 0.86 -4.86 -1.07
N PRO A 107 1.29 -6.17 -0.89
CA PRO A 107 1.35 -7.13 -1.99
C PRO A 107 -0.03 -7.40 -2.62
N ASP A 108 -1.09 -7.40 -1.78
CA ASP A 108 -2.47 -7.65 -2.26
C ASP A 108 -2.87 -6.62 -3.27
N PHE A 109 -2.57 -5.37 -2.96
CA PHE A 109 -2.85 -4.24 -3.83
C PHE A 109 -2.17 -4.44 -5.18
N LEU A 110 -0.90 -4.73 -5.13
CA LEU A 110 -0.10 -4.90 -6.30
C LEU A 110 -0.55 -6.09 -7.14
N ARG A 111 -1.10 -7.11 -6.50
CA ARG A 111 -1.64 -8.27 -7.22
C ARG A 111 -2.69 -7.86 -8.24
N MET A 112 -3.64 -7.04 -7.82
CA MET A 112 -4.69 -6.62 -8.73
C MET A 112 -4.23 -5.60 -9.77
N MET A 113 -3.29 -4.72 -9.38
CA MET A 113 -2.81 -3.67 -10.30
C MET A 113 -1.82 -4.21 -11.31
N LEU A 114 -0.92 -5.02 -10.83
CA LEU A 114 0.15 -5.61 -11.62
C LEU A 114 -0.34 -6.90 -12.29
N GLY A 115 -1.62 -7.09 -12.19
CA GLY A 115 -2.31 -8.16 -12.83
C GLY A 115 -3.62 -7.60 -13.31
N LYS A 116 -4.70 -8.32 -13.12
CA LYS A 116 -5.99 -7.80 -13.47
C LYS A 116 -7.08 -8.56 -12.76
N ARG A 117 -7.75 -7.88 -11.87
CA ARG A 117 -8.86 -8.44 -11.14
C ARG A 117 -9.87 -7.32 -10.97
N SER A 118 -11.15 -7.66 -10.98
CA SER A 118 -12.20 -6.67 -10.89
C SER A 118 -12.32 -6.00 -9.51
N ALA A 119 -11.42 -5.08 -9.25
CA ALA A 119 -11.46 -4.28 -8.06
C ALA A 119 -11.85 -2.89 -8.48
N ILE A 120 -12.95 -2.40 -7.95
CA ILE A 120 -13.50 -1.10 -8.31
C ILE A 120 -12.48 0.02 -8.07
N LEU A 121 -11.73 -0.11 -6.99
CA LEU A 121 -10.70 0.86 -6.67
C LEU A 121 -9.59 0.90 -7.72
N LYS A 122 -9.36 -0.23 -8.39
CA LYS A 122 -8.36 -0.31 -9.45
C LYS A 122 -8.81 0.53 -10.62
N MET A 123 -10.09 0.39 -10.96
CA MET A 123 -10.69 1.05 -12.12
C MET A 123 -10.43 2.54 -12.10
N ILE A 124 -10.83 3.18 -11.02
CA ILE A 124 -10.66 4.61 -10.88
C ILE A 124 -9.21 5.02 -10.59
N LEU A 125 -8.43 4.15 -9.96
CA LEU A 125 -7.08 4.51 -9.59
C LEU A 125 -6.09 4.32 -10.74
N MET A 126 -6.32 3.36 -11.62
CA MET A 126 -5.40 3.16 -12.76
C MET A 126 -5.53 4.34 -13.73
N TYR A 127 -6.68 4.97 -13.69
CA TYR A 127 -7.00 6.10 -14.53
C TYR A 127 -6.09 7.30 -14.21
N GLU A 128 -5.76 7.46 -12.95
CA GLU A 128 -4.99 8.60 -12.47
C GLU A 128 -3.69 8.16 -11.81
N GLU A 129 -2.78 9.12 -11.61
CA GLU A 129 -1.57 8.93 -10.78
C GLU A 129 -0.60 7.81 -11.33
N LYS A 130 0.52 7.56 -10.62
CA LYS A 130 1.51 6.51 -10.92
C LYS A 130 2.49 6.90 -12.01
N ALA A 131 1.96 7.30 -13.15
CA ALA A 131 2.75 7.79 -14.30
C ALA A 131 1.79 8.11 -15.43
N ARG A 132 1.44 7.10 -16.18
CA ARG A 132 0.46 7.24 -17.23
C ARG A 132 -0.56 6.14 -17.05
N GLU A 133 -0.12 4.90 -17.28
CA GLU A 133 -0.92 3.67 -17.15
C GLU A 133 -2.32 3.75 -17.80
N LYS A 134 -2.40 3.31 -19.02
CA LYS A 134 -3.64 3.27 -19.76
C LYS A 134 -3.35 2.51 -21.03
N GLU A 135 -4.38 2.15 -21.79
CA GLU A 135 -4.19 1.42 -23.05
C GLU A 135 -3.30 2.20 -24.01
N LYS A 136 -3.56 3.45 -24.11
CA LYS A 136 -2.76 4.35 -24.91
C LYS A 136 -2.20 5.49 -24.07
N PRO A 137 -1.01 5.31 -23.49
CA PRO A 137 -0.35 6.35 -22.74
C PRO A 137 0.43 7.24 -23.69
N THR A 138 0.02 8.48 -23.81
CA THR A 138 0.68 9.38 -24.71
C THR A 138 0.74 10.77 -24.09
N GLY A 139 1.52 11.63 -24.69
CA GLY A 139 1.71 12.95 -24.17
C GLY A 139 3.18 13.25 -24.09
N PRO A 140 3.65 14.28 -24.82
CA PRO A 140 5.08 14.68 -24.82
C PRO A 140 5.62 14.86 -23.40
N PRO A 141 6.64 14.07 -23.03
CA PRO A 141 7.23 14.11 -21.68
C PRO A 141 7.84 15.48 -21.35
N ALA A 142 7.57 15.95 -20.15
CA ALA A 142 8.07 17.23 -19.71
C ALA A 142 9.53 17.13 -19.34
N LYS A 143 10.26 18.22 -19.48
CA LYS A 143 11.66 18.22 -19.12
C LYS A 143 11.80 18.16 -17.61
N LYS A 144 12.97 17.80 -17.16
CA LYS A 144 13.23 17.75 -15.74
C LYS A 144 13.99 18.98 -15.31
N ALA A 145 14.28 19.07 -14.03
CA ALA A 145 14.97 20.22 -13.47
C ALA A 145 16.48 20.17 -13.74
N ILE A 146 16.90 19.16 -14.48
CA ILE A 146 18.30 18.98 -14.83
C ILE A 146 18.88 20.19 -15.56
N SER A 147 19.82 20.80 -14.95
CA SER A 147 20.52 21.86 -15.55
C SER A 147 21.91 21.38 -15.88
N GLU A 148 22.31 21.51 -17.14
CA GLU A 148 23.63 21.13 -17.55
C GLU A 148 24.65 22.06 -16.93
N LEU A 149 25.26 21.62 -15.88
CA LEU A 149 26.19 22.43 -15.16
C LEU A 149 27.51 22.48 -15.92
N PRO A 150 28.02 23.69 -16.23
CA PRO A 150 29.30 23.86 -16.92
C PRO A 150 30.45 23.43 -16.03
N GLY A 1 -0.72 -0.02 -24.44
CA GLY A 1 -0.68 1.43 -24.42
C GLY A 1 -0.09 1.95 -23.14
N PRO A 2 0.03 3.27 -22.97
CA PRO A 2 0.59 3.86 -21.75
C PRO A 2 -0.46 3.94 -20.63
N LEU A 3 -0.03 3.78 -19.41
CA LEU A 3 -0.92 3.89 -18.26
C LEU A 3 -0.42 5.01 -17.36
N GLU A 4 -0.95 6.19 -17.59
CA GLU A 4 -0.53 7.37 -16.89
C GLU A 4 -0.92 7.28 -15.41
N SER A 5 0.08 7.31 -14.57
CA SER A 5 -0.09 7.24 -13.14
C SER A 5 1.00 8.10 -12.51
N GLN A 6 1.21 9.25 -13.12
CA GLN A 6 2.23 10.18 -12.70
C GLN A 6 1.76 10.95 -11.49
N THR A 7 1.97 10.36 -10.35
CA THR A 7 1.62 10.92 -9.09
C THR A 7 2.83 10.82 -8.18
N ARG A 8 3.35 11.95 -7.75
CA ARG A 8 4.50 11.95 -6.90
C ARG A 8 4.55 13.17 -5.99
N ASP A 9 3.92 13.02 -4.84
CA ASP A 9 3.92 14.04 -3.80
C ASP A 9 4.07 13.33 -2.50
N LEU A 10 5.11 13.63 -1.78
CA LEU A 10 5.43 12.91 -0.58
C LEU A 10 4.69 13.39 0.66
N GLN A 11 3.54 12.79 0.90
CA GLN A 11 2.86 12.98 2.15
C GLN A 11 3.25 11.82 3.01
N GLY A 12 2.97 10.64 2.50
CA GLY A 12 3.38 9.38 3.07
C GLY A 12 3.10 9.19 4.55
N GLY A 13 1.92 9.53 5.02
CA GLY A 13 1.63 9.20 6.39
C GLY A 13 0.83 10.21 7.15
N LYS A 14 -0.20 9.73 7.82
CA LYS A 14 -0.89 10.54 8.80
C LYS A 14 -0.13 10.43 10.10
N ALA A 15 0.55 9.30 10.25
CA ALA A 15 1.42 9.04 11.35
C ALA A 15 2.60 9.95 11.22
N PHE A 16 2.82 10.78 12.22
CA PHE A 16 3.91 11.75 12.23
C PHE A 16 5.26 11.08 11.91
N GLY A 17 5.43 9.87 12.40
CA GLY A 17 6.62 9.13 12.10
C GLY A 17 7.06 8.31 13.25
N LEU A 18 6.13 7.62 13.84
CA LEU A 18 6.42 6.80 14.98
C LEU A 18 6.94 5.44 14.50
N LEU A 19 6.07 4.71 13.86
CA LEU A 19 6.42 3.39 13.28
C LEU A 19 7.09 3.45 11.92
N LYS A 20 6.93 4.55 11.24
CA LYS A 20 7.33 4.68 9.82
C LYS A 20 8.73 4.12 9.47
N ALA A 21 9.75 4.38 10.26
CA ALA A 21 11.10 3.91 9.93
C ALA A 21 11.17 2.37 9.79
N GLN A 22 10.48 1.65 10.67
CA GLN A 22 10.49 0.19 10.63
C GLN A 22 9.64 -0.30 9.47
N GLN A 23 8.63 0.46 9.13
CA GLN A 23 7.71 0.09 8.08
C GLN A 23 8.33 0.33 6.71
N GLU A 24 8.95 1.50 6.55
CA GLU A 24 9.57 1.89 5.28
C GLU A 24 10.62 0.89 4.85
N GLU A 25 11.30 0.31 5.84
CA GLU A 25 12.29 -0.73 5.59
C GLU A 25 11.63 -1.88 4.84
N ARG A 26 10.49 -2.33 5.34
CA ARG A 26 9.74 -3.43 4.74
C ARG A 26 9.13 -3.03 3.41
N LEU A 27 8.56 -1.85 3.38
CA LEU A 27 7.87 -1.32 2.20
C LEU A 27 8.80 -1.20 1.00
N ASP A 28 10.03 -0.76 1.25
CA ASP A 28 11.04 -0.60 0.20
C ASP A 28 11.40 -1.95 -0.42
N GLU A 29 11.40 -2.97 0.43
CA GLU A 29 11.76 -4.33 0.04
C GLU A 29 10.72 -4.93 -0.88
N ILE A 30 9.47 -4.60 -0.63
CA ILE A 30 8.40 -5.19 -1.37
C ILE A 30 8.38 -4.68 -2.82
N ASN A 31 8.67 -3.40 -3.02
CA ASN A 31 8.71 -2.87 -4.39
C ASN A 31 9.78 -3.52 -5.23
N LYS A 32 10.92 -3.78 -4.60
CA LYS A 32 12.05 -4.38 -5.28
C LYS A 32 11.73 -5.78 -5.79
N GLN A 33 11.12 -6.59 -4.96
CA GLN A 33 10.80 -7.97 -5.34
C GLN A 33 9.74 -8.01 -6.45
N PHE A 34 8.85 -7.04 -6.46
CA PHE A 34 7.88 -6.90 -7.54
C PHE A 34 8.52 -6.38 -8.82
N LEU A 35 9.50 -5.51 -8.69
CA LEU A 35 10.19 -4.92 -9.83
C LEU A 35 11.09 -5.93 -10.52
N ASP A 36 11.74 -6.78 -9.74
CA ASP A 36 12.59 -7.83 -10.30
C ASP A 36 11.77 -9.02 -10.75
N ASP A 37 10.49 -8.84 -10.81
CA ASP A 37 9.60 -9.90 -11.24
C ASP A 37 9.08 -9.59 -12.65
N PRO A 38 9.42 -10.41 -13.64
CA PRO A 38 9.00 -10.19 -15.02
C PRO A 38 7.61 -10.80 -15.34
N LYS A 39 6.98 -11.37 -14.34
CA LYS A 39 5.69 -11.98 -14.50
C LYS A 39 4.60 -10.90 -14.54
N TYR A 40 4.92 -9.74 -14.01
CA TYR A 40 4.00 -8.61 -14.03
C TYR A 40 3.84 -7.98 -15.40
N SER A 41 4.71 -8.40 -16.33
CA SER A 41 4.62 -8.06 -17.77
C SER A 41 4.81 -6.55 -18.11
N SER A 42 4.11 -5.65 -17.41
CA SER A 42 4.15 -4.21 -17.68
C SER A 42 5.59 -3.69 -17.66
N ASP A 43 6.42 -4.24 -16.76
CA ASP A 43 7.91 -4.00 -16.69
C ASP A 43 8.39 -2.52 -16.63
N GLU A 44 8.15 -1.73 -17.67
CA GLU A 44 8.62 -0.35 -17.70
C GLU A 44 7.66 0.55 -16.97
N ASP A 45 6.39 0.36 -17.23
CA ASP A 45 5.33 1.12 -16.57
C ASP A 45 5.07 0.53 -15.19
N LEU A 46 5.67 -0.61 -14.98
CA LEU A 46 5.53 -1.40 -13.79
C LEU A 46 6.05 -0.64 -12.51
N PRO A 47 7.34 -0.17 -12.44
CA PRO A 47 7.90 0.54 -11.25
C PRO A 47 7.13 1.79 -10.87
N SER A 48 6.45 2.40 -11.85
CA SER A 48 5.69 3.61 -11.63
C SER A 48 4.61 3.39 -10.59
N LYS A 49 4.06 2.19 -10.60
CA LYS A 49 3.06 1.83 -9.65
C LYS A 49 3.67 1.59 -8.29
N LEU A 50 4.72 0.78 -8.23
CA LEU A 50 5.38 0.45 -6.95
C LEU A 50 5.87 1.68 -6.20
N GLU A 51 6.63 2.51 -6.90
CA GLU A 51 7.27 3.66 -6.31
C GLU A 51 6.24 4.75 -5.95
N GLY A 52 5.13 4.76 -6.66
CA GLY A 52 4.07 5.68 -6.33
C GLY A 52 3.24 5.15 -5.16
N PHE A 53 3.01 3.86 -5.19
CA PHE A 53 2.20 3.14 -4.22
C PHE A 53 2.78 3.19 -2.82
N LYS A 54 4.09 3.04 -2.70
CA LYS A 54 4.77 3.09 -1.38
C LYS A 54 4.45 4.37 -0.59
N GLU A 55 4.34 5.49 -1.29
CA GLU A 55 4.04 6.78 -0.68
C GLU A 55 2.63 6.76 -0.15
N LYS A 56 1.74 6.28 -0.98
CA LYS A 56 0.33 6.25 -0.68
C LYS A 56 0.03 5.24 0.39
N TYR A 57 0.64 4.08 0.31
CA TYR A 57 0.34 2.99 1.20
C TYR A 57 0.75 3.35 2.63
N MET A 58 1.94 3.94 2.79
CA MET A 58 2.41 4.36 4.11
C MET A 58 1.63 5.56 4.64
N GLU A 59 0.82 6.17 3.78
CA GLU A 59 0.01 7.30 4.14
C GLU A 59 -1.14 6.87 5.02
N PHE A 60 -1.55 5.62 4.85
CA PHE A 60 -2.59 5.02 5.62
C PHE A 60 -2.06 4.74 7.04
N ASP A 61 -2.81 4.06 7.85
CA ASP A 61 -2.37 3.85 9.23
C ASP A 61 -1.44 2.66 9.33
N LEU A 62 -1.76 1.64 8.57
CA LEU A 62 -1.06 0.35 8.56
C LEU A 62 -1.14 -0.39 9.92
N ASN A 63 -1.23 -1.67 9.85
CA ASN A 63 -1.26 -2.51 11.02
C ASN A 63 0.17 -3.06 11.24
N GLY A 64 0.35 -3.96 12.21
CA GLY A 64 1.67 -4.48 12.56
C GLY A 64 2.48 -5.08 11.41
N ASN A 65 1.80 -5.63 10.40
CA ASN A 65 2.52 -6.23 9.28
C ASN A 65 2.50 -5.26 8.11
N GLY A 66 1.99 -4.07 8.36
CA GLY A 66 1.82 -3.11 7.30
C GLY A 66 0.47 -3.27 6.64
N ASP A 67 -0.39 -4.03 7.26
CA ASP A 67 -1.71 -4.37 6.71
C ASP A 67 -2.62 -3.15 6.73
N ILE A 68 -3.62 -3.11 5.88
CA ILE A 68 -4.58 -2.02 5.90
C ILE A 68 -6.00 -2.58 5.92
N ASP A 69 -6.74 -2.26 6.95
CA ASP A 69 -8.12 -2.73 7.10
C ASP A 69 -9.10 -1.78 6.47
N ILE A 70 -10.37 -2.20 6.40
CA ILE A 70 -11.40 -1.39 5.76
C ILE A 70 -11.56 -0.05 6.48
N MET A 71 -11.38 -0.03 7.80
CA MET A 71 -11.61 1.17 8.59
C MET A 71 -10.48 2.13 8.42
N SER A 72 -9.27 1.62 8.33
CA SER A 72 -8.13 2.48 8.06
C SER A 72 -8.31 3.14 6.69
N LEU A 73 -8.86 2.39 5.75
CA LEU A 73 -9.11 2.89 4.43
C LEU A 73 -10.28 3.91 4.48
N LYS A 74 -11.41 3.52 5.14
CA LYS A 74 -12.56 4.41 5.35
C LYS A 74 -12.15 5.71 6.01
N ARG A 75 -11.34 5.61 7.04
CA ARG A 75 -10.83 6.74 7.76
C ARG A 75 -9.98 7.65 6.85
N MET A 76 -9.36 7.07 5.84
CA MET A 76 -8.62 7.86 4.90
C MET A 76 -9.57 8.59 3.95
N LEU A 77 -10.35 7.80 3.20
CA LEU A 77 -11.20 8.32 2.15
C LEU A 77 -12.31 9.25 2.62
N GLU A 78 -12.90 8.93 3.76
CA GLU A 78 -14.00 9.69 4.32
C GLU A 78 -13.60 11.14 4.56
N LYS A 79 -12.47 11.34 5.22
CA LYS A 79 -12.00 12.67 5.56
C LYS A 79 -11.45 13.43 4.35
N LEU A 80 -10.83 12.72 3.41
CA LEU A 80 -10.24 13.37 2.24
C LEU A 80 -11.29 14.00 1.33
N GLY A 81 -12.27 13.21 0.94
CA GLY A 81 -13.29 13.72 0.05
C GLY A 81 -13.80 12.66 -0.87
N VAL A 82 -12.96 11.69 -1.14
CA VAL A 82 -13.31 10.53 -1.94
C VAL A 82 -14.33 9.64 -1.18
N PRO A 83 -15.58 9.57 -1.67
CA PRO A 83 -16.63 8.82 -1.02
C PRO A 83 -16.67 7.35 -1.44
N LYS A 84 -16.80 6.50 -0.47
CA LYS A 84 -16.91 5.08 -0.67
C LYS A 84 -17.86 4.63 0.45
N THR A 85 -18.74 3.71 0.20
CA THR A 85 -19.75 3.40 1.23
C THR A 85 -19.24 2.26 2.16
N HIS A 86 -19.73 2.26 3.42
CA HIS A 86 -19.29 1.35 4.51
C HIS A 86 -19.21 -0.16 4.11
N LEU A 87 -20.26 -0.72 3.56
CA LEU A 87 -20.22 -2.12 3.13
C LEU A 87 -19.44 -2.21 1.81
N GLU A 88 -19.69 -1.24 0.98
CA GLU A 88 -19.16 -1.14 -0.36
C GLU A 88 -17.61 -1.15 -0.43
N LEU A 89 -16.91 -0.39 0.43
CA LEU A 89 -15.44 -0.39 0.34
C LEU A 89 -14.87 -1.73 0.76
N LYS A 90 -15.55 -2.40 1.69
CA LYS A 90 -15.09 -3.68 2.17
C LYS A 90 -15.10 -4.69 1.02
N LYS A 91 -16.05 -4.52 0.08
CA LYS A 91 -16.18 -5.42 -1.09
C LYS A 91 -14.92 -5.35 -1.96
N LEU A 92 -14.32 -4.18 -2.02
CA LEU A 92 -13.11 -3.98 -2.80
C LEU A 92 -11.95 -4.71 -2.15
N ILE A 93 -11.89 -4.65 -0.84
CA ILE A 93 -10.85 -5.32 -0.09
C ILE A 93 -11.11 -6.84 -0.09
N GLY A 94 -12.37 -7.21 -0.11
CA GLY A 94 -12.77 -8.60 -0.23
C GLY A 94 -12.26 -9.17 -1.52
N GLU A 95 -12.34 -8.37 -2.56
CA GLU A 95 -11.86 -8.74 -3.86
C GLU A 95 -10.34 -8.92 -3.86
N VAL A 96 -9.63 -8.06 -3.15
CA VAL A 96 -8.17 -8.14 -3.10
C VAL A 96 -7.66 -9.28 -2.21
N SER A 97 -8.19 -9.39 -1.04
CA SER A 97 -7.69 -10.34 -0.06
C SER A 97 -8.32 -11.72 -0.21
N SER A 98 -9.46 -11.79 -0.88
CA SER A 98 -10.19 -13.03 -1.12
C SER A 98 -10.82 -13.62 0.17
N GLY A 99 -9.98 -14.10 1.09
CA GLY A 99 -10.48 -14.72 2.30
C GLY A 99 -10.66 -13.73 3.44
N SER A 100 -9.70 -12.83 3.63
CA SER A 100 -9.78 -11.84 4.71
C SER A 100 -10.91 -10.85 4.44
N GLY A 101 -10.71 -10.00 3.45
CA GLY A 101 -11.73 -9.06 3.02
C GLY A 101 -11.87 -7.83 3.89
N GLU A 102 -11.34 -7.88 5.08
CA GLU A 102 -11.46 -6.77 5.98
C GLU A 102 -10.12 -6.09 6.13
N THR A 103 -9.10 -6.70 5.57
CA THR A 103 -7.78 -6.18 5.60
C THR A 103 -7.03 -6.64 4.35
N PHE A 104 -6.31 -5.73 3.71
CA PHE A 104 -5.52 -6.07 2.55
C PHE A 104 -4.07 -5.86 2.87
N SER A 105 -3.21 -6.31 2.01
CA SER A 105 -1.82 -6.18 2.24
C SER A 105 -1.15 -5.58 1.00
N TYR A 106 0.05 -5.08 1.20
CA TYR A 106 0.84 -4.40 0.19
C TYR A 106 1.01 -5.27 -1.09
N PRO A 107 1.48 -6.57 -0.99
CA PRO A 107 1.68 -7.43 -2.17
C PRO A 107 0.35 -7.74 -2.88
N ASP A 108 -0.69 -7.94 -2.10
CA ASP A 108 -2.02 -8.28 -2.61
C ASP A 108 -2.61 -7.17 -3.42
N PHE A 109 -2.40 -5.96 -2.96
CA PHE A 109 -2.93 -4.80 -3.62
C PHE A 109 -2.13 -4.57 -4.91
N LEU A 110 -0.84 -4.86 -4.87
CA LEU A 110 0.00 -4.77 -6.03
C LEU A 110 -0.38 -5.80 -7.06
N ARG A 111 -0.68 -7.04 -6.63
CA ARG A 111 -1.15 -8.09 -7.56
C ARG A 111 -2.38 -7.60 -8.33
N MET A 112 -3.19 -6.83 -7.64
CA MET A 112 -4.41 -6.25 -8.18
C MET A 112 -4.10 -5.25 -9.31
N MET A 113 -3.25 -4.27 -9.04
CA MET A 113 -2.94 -3.24 -10.04
C MET A 113 -1.94 -3.72 -11.10
N LEU A 114 -0.96 -4.49 -10.67
CA LEU A 114 0.10 -5.00 -11.56
C LEU A 114 -0.38 -6.18 -12.39
N GLY A 115 -1.38 -6.87 -11.91
CA GLY A 115 -1.89 -8.02 -12.60
C GLY A 115 -3.32 -7.84 -13.00
N LYS A 116 -4.06 -8.92 -12.97
CA LYS A 116 -5.45 -8.93 -13.35
C LYS A 116 -6.32 -9.22 -12.13
N ARG A 117 -7.12 -8.28 -11.73
CA ARG A 117 -8.03 -8.48 -10.64
C ARG A 117 -9.21 -7.54 -10.86
N SER A 118 -10.40 -8.03 -10.71
CA SER A 118 -11.62 -7.28 -11.01
C SER A 118 -12.04 -6.36 -9.82
N ALA A 119 -11.08 -5.83 -9.11
CA ALA A 119 -11.36 -4.90 -8.01
C ALA A 119 -11.60 -3.52 -8.59
N ILE A 120 -12.76 -2.94 -8.28
CA ILE A 120 -13.16 -1.62 -8.82
C ILE A 120 -12.13 -0.54 -8.49
N LEU A 121 -11.45 -0.70 -7.38
CA LEU A 121 -10.40 0.23 -6.99
C LEU A 121 -9.25 0.31 -8.02
N LYS A 122 -9.10 -0.73 -8.83
CA LYS A 122 -8.11 -0.75 -9.92
C LYS A 122 -8.48 0.41 -10.88
N MET A 123 -9.78 0.58 -11.08
CA MET A 123 -10.32 1.63 -11.94
C MET A 123 -10.08 2.97 -11.29
N ILE A 124 -10.36 3.01 -10.00
CA ILE A 124 -10.26 4.21 -9.18
C ILE A 124 -8.83 4.75 -9.15
N LEU A 125 -7.84 3.88 -9.00
CA LEU A 125 -6.45 4.35 -8.96
C LEU A 125 -5.87 4.69 -10.33
N MET A 126 -6.55 4.29 -11.40
CA MET A 126 -6.13 4.71 -12.74
C MET A 126 -6.78 6.05 -13.06
N TYR A 127 -7.64 6.45 -12.15
CA TYR A 127 -8.40 7.67 -12.25
C TYR A 127 -8.26 8.35 -10.89
N GLU A 128 -7.10 8.11 -10.28
CA GLU A 128 -6.81 8.55 -8.93
C GLU A 128 -6.88 10.06 -8.80
N GLU A 129 -7.49 10.51 -7.74
CA GLU A 129 -7.60 11.90 -7.47
C GLU A 129 -7.10 12.23 -6.06
N LYS A 130 -5.81 12.27 -5.93
CA LYS A 130 -5.18 12.57 -4.67
C LYS A 130 -4.60 13.97 -4.70
N ALA A 131 -5.32 14.90 -4.13
CA ALA A 131 -4.91 16.28 -4.14
C ALA A 131 -5.27 16.98 -2.85
N ARG A 132 -6.45 16.71 -2.35
CA ARG A 132 -6.95 17.36 -1.16
C ARG A 132 -6.38 16.72 0.08
N GLU A 133 -5.36 17.33 0.59
CA GLU A 133 -4.65 16.83 1.73
C GLU A 133 -5.39 17.27 3.00
N LYS A 134 -5.95 16.33 3.73
CA LYS A 134 -6.68 16.63 4.94
C LYS A 134 -6.33 15.63 6.03
N GLU A 135 -6.27 16.08 7.25
CA GLU A 135 -5.96 15.22 8.37
C GLU A 135 -7.11 15.24 9.36
N LYS A 136 -7.04 14.36 10.34
CA LYS A 136 -8.02 14.32 11.38
C LYS A 136 -7.48 13.63 12.63
N PRO A 137 -6.86 14.39 13.53
CA PRO A 137 -6.48 13.88 14.84
C PRO A 137 -7.75 13.60 15.61
N THR A 138 -7.87 12.43 16.17
CA THR A 138 -9.09 12.07 16.80
C THR A 138 -8.86 11.52 18.21
N GLY A 139 -9.07 12.35 19.18
CA GLY A 139 -9.04 11.95 20.55
C GLY A 139 -10.40 12.20 21.16
N PRO A 140 -11.32 11.22 21.06
CA PRO A 140 -12.71 11.39 21.48
C PRO A 140 -12.86 11.70 22.97
N PRO A 141 -13.44 12.88 23.30
CA PRO A 141 -13.70 13.24 24.68
C PRO A 141 -14.85 12.39 25.23
N ALA A 142 -14.52 11.40 25.99
CA ALA A 142 -15.49 10.48 26.48
C ALA A 142 -16.08 10.92 27.80
N LYS A 143 -17.13 11.70 27.73
CA LYS A 143 -17.86 12.09 28.90
C LYS A 143 -19.08 11.19 28.92
N LYS A 144 -19.30 10.53 30.02
CA LYS A 144 -20.37 9.55 30.09
C LYS A 144 -21.62 10.14 30.72
N ALA A 145 -22.75 9.89 30.09
CA ALA A 145 -24.02 10.27 30.65
C ALA A 145 -24.56 9.09 31.45
N ILE A 146 -24.20 9.07 32.71
CA ILE A 146 -24.55 7.98 33.60
C ILE A 146 -24.99 8.50 34.95
N SER A 147 -25.37 7.61 35.82
CA SER A 147 -25.73 7.94 37.16
C SER A 147 -25.32 6.79 38.04
N GLU A 148 -24.21 6.94 38.72
CA GLU A 148 -23.71 5.90 39.57
C GLU A 148 -24.44 5.91 40.89
N LEU A 149 -25.35 4.98 41.05
CA LEU A 149 -26.07 4.86 42.28
C LEU A 149 -25.40 3.77 43.11
N PRO A 150 -25.01 4.08 44.36
CA PRO A 150 -24.36 3.12 45.22
C PRO A 150 -25.38 2.39 46.08
N GLY A 1 17.49 -8.99 -9.89
CA GLY A 1 18.29 -8.07 -10.69
C GLY A 1 19.65 -7.90 -10.11
N PRO A 2 20.63 -7.42 -10.89
CA PRO A 2 21.99 -7.19 -10.39
C PRO A 2 22.03 -6.17 -9.25
N LEU A 3 21.12 -5.20 -9.28
CA LEU A 3 21.04 -4.23 -8.22
C LEU A 3 19.85 -4.59 -7.33
N GLU A 4 20.15 -5.02 -6.13
CA GLU A 4 19.15 -5.43 -5.18
C GLU A 4 19.32 -4.62 -3.90
N SER A 5 20.02 -3.49 -4.02
CA SER A 5 20.34 -2.61 -2.92
C SER A 5 19.11 -2.25 -2.07
N GLN A 6 19.02 -2.89 -0.92
CA GLN A 6 17.96 -2.66 0.01
C GLN A 6 18.37 -1.56 0.95
N THR A 7 17.49 -1.17 1.81
CA THR A 7 17.81 -0.18 2.77
C THR A 7 17.45 -0.69 4.14
N ARG A 8 18.45 -1.01 4.92
CA ARG A 8 18.25 -1.42 6.27
C ARG A 8 19.08 -0.63 7.25
N ASP A 9 18.44 0.36 7.79
CA ASP A 9 18.97 1.26 8.81
C ASP A 9 17.91 1.25 9.90
N LEU A 10 17.27 0.09 9.92
CA LEU A 10 16.09 -0.29 10.70
C LEU A 10 16.10 0.10 12.17
N GLN A 11 14.87 0.21 12.68
CA GLN A 11 14.55 0.46 14.08
C GLN A 11 14.83 1.89 14.52
N GLY A 12 13.82 2.70 14.47
CA GLY A 12 13.91 4.08 14.88
C GLY A 12 12.73 4.45 15.71
N GLY A 13 12.54 3.73 16.78
CA GLY A 13 11.36 3.87 17.58
C GLY A 13 11.45 4.93 18.64
N LYS A 14 10.62 5.91 18.52
CA LYS A 14 10.47 6.95 19.53
C LYS A 14 9.09 6.86 20.16
N ALA A 15 8.24 6.08 19.51
CA ALA A 15 6.86 5.84 19.89
C ALA A 15 6.33 4.80 18.93
N PHE A 16 5.13 4.28 19.18
CA PHE A 16 4.57 3.25 18.31
C PHE A 16 4.02 3.81 17.00
N GLY A 17 4.09 5.10 16.86
CA GLY A 17 3.73 5.73 15.61
C GLY A 17 4.90 5.67 14.65
N LEU A 18 6.07 5.31 15.18
CA LEU A 18 7.31 5.24 14.39
C LEU A 18 7.42 3.96 13.59
N LEU A 19 6.35 3.20 13.50
CA LEU A 19 6.36 2.07 12.59
C LEU A 19 6.40 2.51 11.18
N LYS A 20 5.92 3.73 10.93
CA LYS A 20 6.00 4.30 9.59
C LYS A 20 7.46 4.29 9.12
N ALA A 21 8.37 4.57 10.06
CA ALA A 21 9.81 4.59 9.82
C ALA A 21 10.30 3.20 9.44
N GLN A 22 9.68 2.19 10.02
CA GLN A 22 10.04 0.82 9.74
C GLN A 22 9.50 0.40 8.41
N GLN A 23 8.29 0.83 8.16
CA GLN A 23 7.59 0.44 6.97
C GLN A 23 8.13 1.16 5.75
N GLU A 24 8.77 2.33 5.94
CA GLU A 24 9.45 3.04 4.84
C GLU A 24 10.40 2.10 4.13
N GLU A 25 11.16 1.35 4.91
CA GLU A 25 12.09 0.40 4.35
C GLU A 25 11.31 -0.75 3.72
N ARG A 26 10.40 -1.32 4.50
CA ARG A 26 9.63 -2.52 4.12
C ARG A 26 8.91 -2.35 2.78
N LEU A 27 8.14 -1.29 2.66
CA LEU A 27 7.32 -1.04 1.47
C LEU A 27 8.17 -0.98 0.22
N ASP A 28 9.23 -0.20 0.30
CA ASP A 28 10.13 -0.01 -0.83
C ASP A 28 10.90 -1.30 -1.15
N GLU A 29 11.11 -2.15 -0.15
CA GLU A 29 11.79 -3.41 -0.40
C GLU A 29 10.88 -4.37 -1.12
N ILE A 30 9.61 -4.40 -0.71
CA ILE A 30 8.61 -5.28 -1.30
C ILE A 30 8.48 -5.00 -2.79
N ASN A 31 8.64 -3.74 -3.17
CA ASN A 31 8.58 -3.32 -4.56
C ASN A 31 9.54 -4.09 -5.42
N LYS A 32 10.75 -4.28 -4.92
CA LYS A 32 11.84 -4.88 -5.69
C LYS A 32 11.54 -6.32 -6.13
N GLN A 33 10.74 -7.03 -5.37
CA GLN A 33 10.40 -8.41 -5.71
C GLN A 33 9.39 -8.44 -6.85
N PHE A 34 8.43 -7.55 -6.79
CA PHE A 34 7.41 -7.42 -7.82
C PHE A 34 7.99 -6.78 -9.07
N LEU A 35 8.75 -5.74 -8.86
CA LEU A 35 9.38 -4.95 -9.91
C LEU A 35 10.31 -5.78 -10.79
N ASP A 36 11.11 -6.58 -10.17
CA ASP A 36 12.12 -7.31 -10.89
C ASP A 36 11.62 -8.70 -11.27
N ASP A 37 10.31 -8.86 -11.28
CA ASP A 37 9.79 -10.16 -11.68
C ASP A 37 8.99 -10.08 -12.96
N PRO A 38 9.48 -10.73 -14.02
CA PRO A 38 8.81 -10.77 -15.33
C PRO A 38 7.39 -11.42 -15.33
N LYS A 39 6.93 -11.97 -14.20
CA LYS A 39 5.60 -12.63 -14.15
C LYS A 39 4.50 -11.62 -14.42
N TYR A 40 4.79 -10.36 -14.18
CA TYR A 40 3.81 -9.32 -14.45
C TYR A 40 3.68 -8.97 -15.92
N SER A 41 4.65 -9.46 -16.71
CA SER A 41 4.66 -9.36 -18.19
C SER A 41 4.74 -7.93 -18.78
N SER A 42 4.02 -6.99 -18.18
CA SER A 42 4.01 -5.64 -18.65
C SER A 42 5.39 -4.98 -18.48
N ASP A 43 5.92 -5.01 -17.22
CA ASP A 43 7.29 -4.50 -16.89
C ASP A 43 7.44 -2.99 -16.98
N GLU A 44 6.94 -2.44 -18.04
CA GLU A 44 6.97 -1.02 -18.34
C GLU A 44 6.32 -0.18 -17.23
N ASP A 45 5.25 -0.68 -16.71
CA ASP A 45 4.42 0.02 -15.76
C ASP A 45 4.83 -0.28 -14.33
N LEU A 46 5.66 -1.27 -14.15
CA LEU A 46 6.07 -1.71 -12.81
C LEU A 46 6.79 -0.62 -12.01
N PRO A 47 7.93 -0.02 -12.54
CA PRO A 47 8.68 1.01 -11.79
C PRO A 47 7.81 2.18 -11.46
N SER A 48 6.77 2.30 -12.22
CA SER A 48 5.83 3.37 -12.03
C SER A 48 4.84 3.01 -10.89
N LYS A 49 4.18 1.85 -11.01
CA LYS A 49 3.20 1.41 -10.04
C LYS A 49 3.80 1.21 -8.66
N LEU A 50 4.88 0.47 -8.58
CA LEU A 50 5.50 0.18 -7.29
C LEU A 50 5.96 1.45 -6.56
N GLU A 51 6.66 2.28 -7.26
CA GLU A 51 7.20 3.51 -6.70
C GLU A 51 6.14 4.54 -6.35
N GLY A 52 5.09 4.58 -7.14
CA GLY A 52 4.01 5.47 -6.82
C GLY A 52 3.21 4.95 -5.66
N PHE A 53 2.96 3.65 -5.67
CA PHE A 53 2.17 2.96 -4.67
C PHE A 53 2.76 2.99 -3.28
N LYS A 54 4.08 2.78 -3.16
CA LYS A 54 4.72 2.79 -1.83
C LYS A 54 4.47 4.07 -1.02
N GLU A 55 4.39 5.20 -1.69
CA GLU A 55 4.05 6.46 -1.02
C GLU A 55 2.58 6.47 -0.64
N LYS A 56 1.76 6.04 -1.58
CA LYS A 56 0.32 6.09 -1.41
C LYS A 56 -0.14 5.16 -0.32
N TYR A 57 0.43 3.96 -0.27
CA TYR A 57 0.02 2.94 0.68
C TYR A 57 0.25 3.43 2.09
N MET A 58 1.41 4.02 2.33
CA MET A 58 1.74 4.54 3.64
C MET A 58 0.94 5.79 4.01
N GLU A 59 0.25 6.37 3.03
CA GLU A 59 -0.58 7.53 3.28
C GLU A 59 -1.84 7.05 3.98
N PHE A 60 -2.32 5.87 3.59
CA PHE A 60 -3.45 5.25 4.23
C PHE A 60 -2.98 4.81 5.62
N ASP A 61 -3.89 4.76 6.58
CA ASP A 61 -3.52 4.42 7.94
C ASP A 61 -3.06 2.97 8.07
N LEU A 62 -1.77 2.79 8.35
CA LEU A 62 -1.12 1.50 8.42
C LEU A 62 -1.27 0.88 9.81
N ASN A 63 -1.53 -0.41 9.85
CA ASN A 63 -1.59 -1.17 11.10
C ASN A 63 -0.20 -1.64 11.52
N GLY A 64 -0.15 -2.42 12.59
CA GLY A 64 1.12 -2.88 13.16
C GLY A 64 1.97 -3.72 12.22
N ASN A 65 1.35 -4.52 11.39
CA ASN A 65 2.08 -5.35 10.44
C ASN A 65 2.32 -4.58 9.15
N GLY A 66 1.59 -3.50 9.00
CA GLY A 66 1.67 -2.71 7.81
C GLY A 66 0.56 -3.06 6.86
N ASP A 67 -0.59 -3.26 7.41
CA ASP A 67 -1.78 -3.65 6.66
C ASP A 67 -2.86 -2.61 6.85
N ILE A 68 -3.91 -2.69 6.06
CA ILE A 68 -4.97 -1.70 6.07
C ILE A 68 -6.34 -2.42 6.12
N ASP A 69 -7.29 -1.86 6.86
CA ASP A 69 -8.60 -2.48 6.99
C ASP A 69 -9.65 -1.66 6.26
N ILE A 70 -10.85 -2.22 6.21
CA ILE A 70 -12.03 -1.57 5.68
C ILE A 70 -12.30 -0.27 6.43
N MET A 71 -11.94 -0.26 7.71
CA MET A 71 -12.11 0.91 8.56
C MET A 71 -11.07 1.99 8.31
N SER A 72 -9.79 1.61 8.30
CA SER A 72 -8.73 2.59 8.12
C SER A 72 -8.78 3.22 6.73
N LEU A 73 -9.21 2.44 5.74
CA LEU A 73 -9.41 2.95 4.39
C LEU A 73 -10.62 3.89 4.40
N LYS A 74 -11.68 3.47 5.09
CA LYS A 74 -12.92 4.26 5.19
C LYS A 74 -12.65 5.66 5.79
N ARG A 75 -11.79 5.71 6.81
CA ARG A 75 -11.38 7.00 7.43
C ARG A 75 -10.74 7.92 6.39
N MET A 76 -9.98 7.33 5.50
CA MET A 76 -9.30 8.02 4.43
C MET A 76 -10.31 8.64 3.50
N LEU A 77 -11.26 7.83 3.07
CA LEU A 77 -12.37 8.26 2.21
C LEU A 77 -13.16 9.41 2.82
N GLU A 78 -13.37 9.36 4.14
CA GLU A 78 -14.04 10.46 4.83
C GLU A 78 -13.23 11.73 4.72
N LYS A 79 -11.92 11.60 4.92
CA LYS A 79 -10.98 12.73 4.86
C LYS A 79 -10.91 13.28 3.42
N LEU A 80 -11.06 12.38 2.46
CA LEU A 80 -11.04 12.72 1.05
C LEU A 80 -12.34 13.37 0.60
N GLY A 81 -13.37 13.25 1.42
CA GLY A 81 -14.66 13.82 1.11
C GLY A 81 -15.49 12.90 0.26
N VAL A 82 -15.08 11.66 0.16
CA VAL A 82 -15.78 10.65 -0.62
C VAL A 82 -16.02 9.37 0.20
N PRO A 83 -16.99 9.38 1.11
CA PRO A 83 -17.27 8.25 1.95
C PRO A 83 -18.27 7.28 1.33
N LYS A 84 -17.81 6.09 1.03
CA LYS A 84 -18.68 5.04 0.56
C LYS A 84 -19.22 4.27 1.76
N THR A 85 -20.20 3.44 1.55
CA THR A 85 -20.81 2.72 2.64
C THR A 85 -19.93 1.53 3.01
N HIS A 86 -20.10 1.02 4.22
CA HIS A 86 -19.28 -0.10 4.72
C HIS A 86 -19.35 -1.30 3.79
N LEU A 87 -20.48 -1.45 3.11
CA LEU A 87 -20.68 -2.52 2.14
C LEU A 87 -19.66 -2.41 1.02
N GLU A 88 -19.38 -1.18 0.59
CA GLU A 88 -18.46 -0.94 -0.50
C GLU A 88 -17.04 -1.20 -0.07
N LEU A 89 -16.67 -0.71 1.11
CA LEU A 89 -15.32 -0.92 1.65
C LEU A 89 -14.99 -2.40 1.73
N LYS A 90 -15.90 -3.15 2.32
CA LYS A 90 -15.72 -4.60 2.49
C LYS A 90 -15.62 -5.30 1.12
N LYS A 91 -16.42 -4.81 0.16
CA LYS A 91 -16.45 -5.32 -1.21
C LYS A 91 -15.09 -5.14 -1.85
N LEU A 92 -14.57 -3.94 -1.71
CA LEU A 92 -13.32 -3.57 -2.33
C LEU A 92 -12.15 -4.32 -1.74
N ILE A 93 -12.14 -4.43 -0.44
CA ILE A 93 -11.05 -5.09 0.25
C ILE A 93 -11.03 -6.58 -0.05
N GLY A 94 -12.21 -7.19 -0.17
CA GLY A 94 -12.26 -8.63 -0.41
C GLY A 94 -11.94 -9.00 -1.82
N GLU A 95 -11.77 -8.01 -2.65
CA GLU A 95 -11.37 -8.25 -4.01
C GLU A 95 -9.85 -8.48 -4.00
N VAL A 96 -9.21 -7.89 -3.01
CA VAL A 96 -7.79 -8.02 -2.79
C VAL A 96 -7.56 -9.16 -1.79
N SER A 97 -8.30 -9.15 -0.71
CA SER A 97 -8.19 -10.11 0.32
C SER A 97 -9.51 -10.87 0.47
N SER A 98 -9.65 -11.92 -0.29
CA SER A 98 -10.82 -12.75 -0.27
C SER A 98 -10.69 -13.86 0.79
N GLY A 99 -9.46 -14.12 1.23
CA GLY A 99 -9.21 -15.15 2.20
C GLY A 99 -9.51 -14.69 3.60
N SER A 100 -8.72 -13.76 4.08
CA SER A 100 -8.92 -13.22 5.39
C SER A 100 -10.06 -12.20 5.38
N GLY A 101 -10.02 -11.31 4.42
CA GLY A 101 -11.09 -10.35 4.25
C GLY A 101 -11.00 -9.18 5.20
N GLU A 102 -11.52 -8.05 4.76
CA GLU A 102 -11.58 -6.78 5.53
C GLU A 102 -10.22 -6.12 5.76
N THR A 103 -9.17 -6.88 5.76
CA THR A 103 -7.85 -6.37 5.90
C THR A 103 -7.03 -6.87 4.71
N PHE A 104 -6.32 -5.98 4.04
CA PHE A 104 -5.51 -6.38 2.91
C PHE A 104 -4.06 -6.09 3.20
N SER A 105 -3.20 -6.68 2.44
CA SER A 105 -1.80 -6.50 2.63
C SER A 105 -1.19 -5.88 1.37
N TYR A 106 -0.02 -5.30 1.54
CA TYR A 106 0.73 -4.60 0.49
C TYR A 106 0.95 -5.51 -0.76
N PRO A 107 1.52 -6.76 -0.62
CA PRO A 107 1.73 -7.66 -1.77
C PRO A 107 0.43 -8.08 -2.45
N ASP A 108 -0.68 -8.03 -1.71
CA ASP A 108 -1.97 -8.43 -2.26
C ASP A 108 -2.55 -7.33 -3.08
N PHE A 109 -2.35 -6.09 -2.66
CA PHE A 109 -2.83 -4.95 -3.41
C PHE A 109 -2.08 -4.89 -4.74
N LEU A 110 -0.78 -5.13 -4.67
CA LEU A 110 0.06 -5.18 -5.83
C LEU A 110 -0.36 -6.31 -6.75
N ARG A 111 -0.67 -7.44 -6.17
CA ARG A 111 -1.17 -8.60 -6.92
C ARG A 111 -2.41 -8.19 -7.73
N MET A 112 -3.23 -7.37 -7.12
CA MET A 112 -4.46 -6.88 -7.72
C MET A 112 -4.20 -5.83 -8.82
N MET A 113 -3.45 -4.77 -8.49
CA MET A 113 -3.24 -3.65 -9.44
C MET A 113 -2.19 -3.95 -10.51
N LEU A 114 -1.39 -4.98 -10.30
CA LEU A 114 -0.36 -5.39 -11.26
C LEU A 114 -0.85 -6.53 -12.14
N GLY A 115 -2.14 -6.73 -12.15
CA GLY A 115 -2.66 -7.81 -12.95
C GLY A 115 -4.04 -7.59 -13.50
N LYS A 116 -4.97 -8.38 -13.00
CA LYS A 116 -6.34 -8.49 -13.54
C LYS A 116 -7.28 -7.39 -13.07
N ARG A 117 -6.74 -6.39 -12.37
CA ARG A 117 -7.51 -5.26 -11.83
C ARG A 117 -8.54 -5.74 -10.80
N SER A 118 -9.78 -5.97 -11.27
CA SER A 118 -10.88 -6.45 -10.43
C SER A 118 -11.36 -5.41 -9.38
N ALA A 119 -10.45 -4.96 -8.51
CA ALA A 119 -10.80 -4.01 -7.47
C ALA A 119 -10.82 -2.60 -8.00
N ILE A 120 -11.81 -1.84 -7.57
CA ILE A 120 -11.98 -0.44 -7.96
C ILE A 120 -10.78 0.39 -7.45
N LEU A 121 -10.07 -0.17 -6.48
CA LEU A 121 -8.85 0.41 -5.92
C LEU A 121 -7.81 0.68 -6.97
N LYS A 122 -7.78 -0.13 -8.01
CA LYS A 122 -6.84 0.07 -9.10
C LYS A 122 -7.17 1.41 -9.81
N MET A 123 -8.46 1.69 -9.90
CA MET A 123 -8.95 2.90 -10.55
C MET A 123 -8.71 4.10 -9.65
N ILE A 124 -8.92 3.90 -8.36
CA ILE A 124 -8.79 4.96 -7.35
C ILE A 124 -7.31 5.29 -7.13
N LEU A 125 -6.53 4.25 -6.87
CA LEU A 125 -5.10 4.38 -6.57
C LEU A 125 -4.35 5.02 -7.75
N MET A 126 -4.60 4.52 -8.95
CA MET A 126 -3.90 5.02 -10.13
C MET A 126 -4.47 6.32 -10.67
N TYR A 127 -5.58 6.78 -10.07
CA TYR A 127 -6.15 8.07 -10.44
C TYR A 127 -5.22 9.17 -9.94
N GLU A 128 -4.56 8.91 -8.84
CA GLU A 128 -3.59 9.82 -8.28
C GLU A 128 -2.33 9.66 -9.11
N GLU A 129 -2.19 10.46 -10.14
CA GLU A 129 -1.11 10.28 -11.07
C GLU A 129 0.23 10.76 -10.54
N LYS A 130 0.89 9.84 -9.87
CA LYS A 130 2.22 10.03 -9.35
C LYS A 130 2.91 8.69 -9.41
N ALA A 131 4.07 8.69 -9.98
CA ALA A 131 4.88 7.50 -10.05
C ALA A 131 6.31 7.84 -9.67
N ARG A 132 6.58 9.12 -9.52
CA ARG A 132 7.89 9.59 -9.21
C ARG A 132 8.07 9.82 -7.71
N GLU A 133 8.60 8.84 -7.06
CA GLU A 133 9.01 8.95 -5.69
C GLU A 133 10.06 7.88 -5.54
N LYS A 134 11.26 8.26 -5.20
CA LYS A 134 12.32 7.30 -5.18
C LYS A 134 13.36 7.73 -4.15
N GLU A 135 12.92 8.48 -3.13
CA GLU A 135 13.84 8.91 -2.10
C GLU A 135 14.09 7.77 -1.15
N LYS A 136 15.16 7.08 -1.36
CA LYS A 136 15.48 5.97 -0.55
C LYS A 136 16.97 5.96 -0.30
N PRO A 137 17.41 5.95 0.97
CA PRO A 137 18.82 5.81 1.31
C PRO A 137 19.33 4.44 0.88
N THR A 138 20.60 4.24 0.80
CA THR A 138 21.08 2.96 0.41
C THR A 138 21.87 2.32 1.56
N GLY A 139 21.72 1.04 1.71
CA GLY A 139 22.40 0.33 2.75
C GLY A 139 21.79 -1.02 2.96
N PRO A 140 22.13 -2.00 2.09
CA PRO A 140 21.56 -3.34 2.18
C PRO A 140 22.04 -4.06 3.43
N PRO A 141 21.22 -4.97 3.99
CA PRO A 141 21.58 -5.72 5.17
C PRO A 141 22.76 -6.66 4.91
N ALA A 142 23.90 -6.27 5.41
CA ALA A 142 25.12 -7.01 5.21
C ALA A 142 25.27 -8.07 6.28
N LYS A 143 24.88 -7.73 7.47
CA LYS A 143 25.02 -8.61 8.60
C LYS A 143 23.65 -9.14 8.99
N LYS A 144 23.49 -10.43 8.94
CA LYS A 144 22.26 -11.04 9.37
C LYS A 144 22.53 -11.86 10.60
N ALA A 145 21.81 -11.59 11.66
CA ALA A 145 21.94 -12.32 12.88
C ALA A 145 21.22 -13.65 12.76
N ILE A 146 21.96 -14.71 12.61
CA ILE A 146 21.38 -16.00 12.45
C ILE A 146 21.25 -16.69 13.79
N SER A 147 20.05 -16.71 14.30
CA SER A 147 19.76 -17.36 15.53
C SER A 147 18.98 -18.64 15.25
N GLU A 148 19.62 -19.75 15.37
CA GLU A 148 18.98 -21.01 15.14
C GLU A 148 19.44 -22.03 16.17
N LEU A 149 18.54 -22.48 16.99
CA LEU A 149 18.85 -23.54 17.90
C LEU A 149 18.38 -24.84 17.31
N PRO A 150 19.28 -25.84 17.18
CA PRO A 150 18.92 -27.17 16.69
C PRO A 150 17.96 -27.87 17.64
#